data_8UJA
#
_entry.id   8UJA
#
_cell.length_a   225.630
_cell.length_b   225.630
_cell.length_c   225.630
_cell.angle_alpha   90.000
_cell.angle_beta   90.000
_cell.angle_gamma   90.000
#
_symmetry.space_group_name_H-M   'P 21 3'
#
loop_
_entity.id
_entity.type
_entity.pdbx_description
1 polymer 'T33-fn10: engineered DrsE like sulfur reductase'
2 polymer 'T33-fn10: engineered enoyl-CoA hydratase/isomerase'
#
loop_
_entity_poly.entity_id
_entity_poly.type
_entity_poly.pdbx_seq_one_letter_code
_entity_poly.pdbx_strand_id
1 'polypeptide(L)'
;MKVVVQIKDFDKVPQALQSVLNLFLDLGNAEIEVVLHQSAIKALLLNSPTRSIIEELIKLNILIVGCEHSIRSQNLDHRQ
LIDGIKIVRSGVGEIVRKQSEGWIYLAL
;
A,C,E,G,I,K,M,O
2 'polypeptide(L)'
;MHHHHHHSGMSLRLERDGAVARLLIDRADRRNAFSLDMWQRLPELLAEASGDDALRVLVVKSANGGAFCAGADIAELLAN
KDDAAFHLANQQAINRAQYELARFRLPTVAMVEGDCIGGGCGIALACDMRIAAPAARFGITPAKLGLVYPLHDVKLLVDL
VGPGQARRLMFTGGLIDANEAHRIGLVELLGESEDALVGQLATVSSFSTQAIKSFVRRVLDGQVADDTLSLCVFASATLG
ADFREGTGAFLEKRPPVF
;
B,D,F,H,J,L,N,P
#
# COMPACT_ATOMS: atom_id res chain seq x y z
N MET A 1 -82.77 0.19 -9.18
CA MET A 1 -83.12 0.85 -7.89
C MET A 1 -82.22 2.06 -7.67
N LYS A 2 -82.76 3.24 -7.86
CA LYS A 2 -82.03 4.50 -7.69
C LYS A 2 -82.01 4.96 -6.23
N VAL A 3 -80.81 5.13 -5.67
CA VAL A 3 -80.66 5.56 -4.28
C VAL A 3 -79.72 6.74 -4.16
N VAL A 4 -80.17 7.81 -3.51
CA VAL A 4 -79.32 8.95 -3.28
C VAL A 4 -78.93 8.85 -1.80
N VAL A 5 -77.63 8.67 -1.57
CA VAL A 5 -77.08 8.50 -0.24
C VAL A 5 -76.48 9.78 0.33
N GLN A 6 -76.81 10.10 1.58
CA GLN A 6 -76.28 11.29 2.22
C GLN A 6 -75.29 10.93 3.32
N ILE A 7 -74.17 11.66 3.38
CA ILE A 7 -73.18 11.48 4.43
C ILE A 7 -72.81 12.90 4.86
N LYS A 8 -73.00 13.22 6.14
CA LYS A 8 -72.72 14.57 6.62
C LYS A 8 -71.75 14.67 7.79
N ASP A 9 -71.59 13.59 8.54
CA ASP A 9 -70.70 13.60 9.70
C ASP A 9 -69.36 12.93 9.41
N PHE A 10 -68.29 13.72 9.45
CA PHE A 10 -66.96 13.17 9.19
C PHE A 10 -66.60 11.99 10.08
N ASP A 11 -66.93 12.06 11.36
CA ASP A 11 -66.59 10.99 12.28
C ASP A 11 -67.34 9.69 12.02
N LYS A 12 -68.34 9.73 11.14
CA LYS A 12 -69.12 8.53 10.84
C LYS A 12 -68.91 8.06 9.40
N VAL A 13 -67.98 8.68 8.68
CA VAL A 13 -67.72 8.29 7.31
C VAL A 13 -67.31 6.83 7.14
N PRO A 14 -66.37 6.34 7.98
CA PRO A 14 -66.00 4.93 7.82
C PRO A 14 -67.21 4.00 7.83
N GLN A 15 -68.08 4.15 8.83
CA GLN A 15 -69.26 3.30 8.92
C GLN A 15 -70.23 3.56 7.77
N ALA A 16 -70.33 4.81 7.35
CA ALA A 16 -71.23 5.16 6.26
C ALA A 16 -70.78 4.48 4.98
N LEU A 17 -69.48 4.52 4.71
CA LEU A 17 -68.95 3.89 3.51
C LEU A 17 -69.18 2.37 3.54
N GLN A 18 -69.07 1.76 4.72
CA GLN A 18 -69.31 0.32 4.80
C GLN A 18 -70.78 0.07 4.54
N SER A 19 -71.64 0.99 4.97
CA SER A 19 -73.07 0.86 4.73
C SER A 19 -73.37 0.95 3.24
N VAL A 20 -72.65 1.80 2.52
CA VAL A 20 -72.86 1.90 1.07
C VAL A 20 -72.41 0.60 0.42
N LEU A 21 -71.31 0.04 0.90
CA LEU A 21 -70.83 -1.24 0.38
C LEU A 21 -71.92 -2.29 0.63
N ASN A 22 -72.50 -2.25 1.83
CA ASN A 22 -73.59 -3.17 2.16
C ASN A 22 -74.76 -2.98 1.19
N LEU A 23 -75.12 -1.74 0.92
CA LEU A 23 -76.24 -1.43 0.04
C LEU A 23 -75.97 -2.04 -1.34
N PHE A 24 -74.80 -1.72 -1.88
CA PHE A 24 -74.39 -2.22 -3.19
C PHE A 24 -74.45 -3.75 -3.25
N LEU A 25 -73.86 -4.40 -2.25
CA LEU A 25 -73.86 -5.86 -2.21
C LEU A 25 -75.26 -6.47 -2.10
N ASP A 26 -76.16 -5.78 -1.42
CA ASP A 26 -77.51 -6.31 -1.24
C ASP A 26 -78.52 -6.02 -2.35
N LEU A 27 -78.42 -4.85 -2.97
CA LEU A 27 -79.37 -4.50 -4.03
C LEU A 27 -78.76 -4.64 -5.41
N GLY A 28 -79.23 -5.65 -6.14
CA GLY A 28 -78.72 -5.94 -7.47
C GLY A 28 -78.97 -4.77 -8.42
N ASN A 29 -77.94 -4.42 -9.18
CA ASN A 29 -78.00 -3.31 -10.12
C ASN A 29 -78.44 -1.99 -9.49
N ALA A 30 -78.06 -1.76 -8.24
CA ALA A 30 -78.37 -0.51 -7.59
C ALA A 30 -77.66 0.63 -8.33
N GLU A 31 -78.32 1.77 -8.42
CA GLU A 31 -77.75 2.94 -9.08
C GLU A 31 -77.56 3.89 -7.89
N ILE A 32 -76.32 4.02 -7.44
CA ILE A 32 -76.01 4.82 -6.27
C ILE A 32 -75.21 6.10 -6.48
N GLU A 33 -75.67 7.17 -5.82
CA GLU A 33 -74.97 8.45 -5.83
C GLU A 33 -74.78 8.84 -4.37
N VAL A 34 -73.54 9.08 -3.99
CA VAL A 34 -73.25 9.45 -2.61
C VAL A 34 -72.87 10.93 -2.56
N VAL A 35 -73.62 11.69 -1.76
CA VAL A 35 -73.36 13.11 -1.61
C VAL A 35 -72.77 13.42 -0.23
N LEU A 36 -71.54 13.94 -0.21
CA LEU A 36 -70.91 14.28 1.06
C LEU A 36 -70.90 15.79 1.27
N HIS A 37 -71.41 16.22 2.43
CA HIS A 37 -71.43 17.63 2.76
C HIS A 37 -71.09 17.88 4.22
N GLN A 38 -71.11 19.15 4.62
CA GLN A 38 -70.71 19.52 5.97
C GLN A 38 -69.30 18.96 6.19
N SER A 39 -68.97 18.51 7.40
CA SER A 39 -67.63 18.02 7.67
C SER A 39 -67.21 16.76 6.92
N ALA A 40 -68.19 15.98 6.46
CA ALA A 40 -67.88 14.75 5.75
C ALA A 40 -67.09 15.00 4.45
N ILE A 41 -67.15 16.22 3.94
CA ILE A 41 -66.43 16.55 2.70
C ILE A 41 -64.93 16.24 2.83
N LYS A 42 -64.42 16.31 4.06
CA LYS A 42 -63.00 16.06 4.27
C LYS A 42 -62.58 14.65 3.87
N ALA A 43 -63.54 13.74 3.82
CA ALA A 43 -63.23 12.36 3.46
C ALA A 43 -62.83 12.26 1.98
N LEU A 44 -63.11 13.29 1.19
CA LEU A 44 -62.76 13.25 -0.22
C LEU A 44 -61.38 13.84 -0.53
N LEU A 45 -60.63 14.17 0.50
CA LEU A 45 -59.29 14.71 0.31
C LEU A 45 -58.33 13.61 -0.14
N LEU A 46 -57.33 13.96 -0.94
CA LEU A 46 -56.33 13.00 -1.39
C LEU A 46 -55.63 12.27 -0.26
N ASN A 47 -55.48 12.91 0.90
CA ASN A 47 -54.78 12.31 2.01
C ASN A 47 -55.74 11.64 3.00
N SER A 48 -57.00 11.54 2.59
CA SER A 48 -58.06 10.98 3.44
C SER A 48 -57.78 9.53 3.85
N PRO A 49 -58.11 9.20 5.09
CA PRO A 49 -57.91 7.85 5.58
C PRO A 49 -58.88 6.86 4.93
N THR A 50 -59.97 7.36 4.35
CA THR A 50 -60.91 6.47 3.67
C THR A 50 -60.75 6.50 2.14
N ARG A 51 -59.67 7.10 1.65
CA ARG A 51 -59.47 7.18 0.21
C ARG A 51 -59.59 5.85 -0.53
N SER A 52 -58.93 4.81 -0.02
CA SER A 52 -58.98 3.51 -0.67
C SER A 52 -60.40 2.96 -0.74
N ILE A 53 -61.21 3.23 0.28
CA ILE A 53 -62.58 2.76 0.28
C ILE A 53 -63.39 3.55 -0.77
N ILE A 54 -63.20 4.85 -0.81
CA ILE A 54 -63.89 5.69 -1.78
C ILE A 54 -63.52 5.27 -3.21
N GLU A 55 -62.24 4.99 -3.42
CA GLU A 55 -61.76 4.56 -4.73
C GLU A 55 -62.40 3.23 -5.12
N GLU A 56 -62.62 2.37 -4.14
CA GLU A 56 -63.25 1.08 -4.40
C GLU A 56 -64.72 1.27 -4.78
N LEU A 57 -65.38 2.24 -4.15
CA LEU A 57 -66.77 2.54 -4.48
C LEU A 57 -66.83 3.04 -5.94
N ILE A 58 -65.85 3.83 -6.31
CA ILE A 58 -65.77 4.36 -7.68
C ILE A 58 -65.60 3.19 -8.65
N LYS A 59 -64.77 2.23 -8.25
CA LYS A 59 -64.52 1.05 -9.07
C LYS A 59 -65.84 0.30 -9.28
N LEU A 60 -66.66 0.26 -8.24
CA LEU A 60 -67.95 -0.41 -8.29
C LEU A 60 -69.00 0.42 -9.04
N ASN A 61 -68.53 1.46 -9.72
CA ASN A 61 -69.38 2.35 -10.52
C ASN A 61 -70.35 3.20 -9.70
N ILE A 62 -69.99 3.49 -8.46
CA ILE A 62 -70.81 4.32 -7.60
C ILE A 62 -70.40 5.79 -7.81
N LEU A 63 -71.38 6.67 -7.98
CA LEU A 63 -71.08 8.09 -8.19
C LEU A 63 -70.81 8.79 -6.86
N ILE A 64 -69.59 9.32 -6.71
CA ILE A 64 -69.21 10.02 -5.48
C ILE A 64 -69.26 11.52 -5.73
N VAL A 65 -70.10 12.22 -4.97
CA VAL A 65 -70.29 13.66 -5.14
C VAL A 65 -69.99 14.49 -3.90
N GLY A 66 -69.25 15.58 -4.10
CA GLY A 66 -68.91 16.46 -3.00
C GLY A 66 -69.61 17.81 -3.13
N CYS A 67 -70.04 18.37 -1.99
CA CYS A 67 -70.72 19.66 -1.97
C CYS A 67 -69.75 20.84 -2.04
N GLU A 68 -69.95 21.71 -3.03
CA GLU A 68 -69.10 22.89 -3.21
C GLU A 68 -69.19 23.84 -2.02
N HIS A 69 -70.40 24.07 -1.51
CA HIS A 69 -70.56 24.94 -0.35
C HIS A 69 -69.72 24.43 0.81
N SER A 70 -69.72 23.12 0.99
CA SER A 70 -68.94 22.48 2.04
C SER A 70 -67.44 22.56 1.76
N ILE A 71 -67.06 22.37 0.50
CA ILE A 71 -65.66 22.46 0.13
C ILE A 71 -65.15 23.86 0.52
N ARG A 72 -65.96 24.88 0.22
CA ARG A 72 -65.59 26.26 0.53
C ARG A 72 -65.52 26.57 2.02
N SER A 73 -66.51 26.10 2.79
CA SER A 73 -66.52 26.37 4.22
C SER A 73 -65.40 25.61 4.97
N GLN A 74 -64.90 24.53 4.38
CA GLN A 74 -63.82 23.77 5.00
C GLN A 74 -62.47 24.22 4.44
N ASN A 75 -62.50 25.29 3.66
CA ASN A 75 -61.30 25.88 3.09
C ASN A 75 -60.46 24.89 2.32
N LEU A 76 -61.11 24.07 1.51
CA LEU A 76 -60.41 23.06 0.73
C LEU A 76 -60.37 23.48 -0.73
N ASP A 77 -59.36 23.01 -1.44
CA ASP A 77 -59.17 23.33 -2.86
C ASP A 77 -59.52 22.09 -3.67
N HIS A 78 -60.10 22.29 -4.86
CA HIS A 78 -60.46 21.16 -5.70
C HIS A 78 -59.22 20.35 -6.05
N ARG A 79 -58.07 21.00 -6.01
CA ARG A 79 -56.80 20.36 -6.29
C ARG A 79 -56.49 19.32 -5.21
N GLN A 80 -57.08 19.50 -4.04
CA GLN A 80 -56.87 18.60 -2.91
C GLN A 80 -57.75 17.37 -2.88
N LEU A 81 -58.78 17.35 -3.72
CA LEU A 81 -59.76 16.27 -3.70
C LEU A 81 -59.35 15.06 -4.54
N ILE A 82 -59.92 13.90 -4.20
CA ILE A 82 -59.66 12.67 -4.93
C ILE A 82 -60.07 12.85 -6.40
N ASP A 83 -59.19 12.45 -7.34
CA ASP A 83 -59.52 12.58 -8.76
C ASP A 83 -60.74 11.76 -9.15
N GLY A 84 -61.62 12.34 -9.98
CA GLY A 84 -62.79 11.60 -10.41
C GLY A 84 -64.01 11.89 -9.56
N ILE A 85 -63.87 12.82 -8.64
CA ILE A 85 -64.96 13.22 -7.76
C ILE A 85 -65.79 14.30 -8.46
N LYS A 86 -67.11 14.15 -8.48
CA LYS A 86 -67.96 15.17 -9.09
C LYS A 86 -68.35 16.11 -7.97
N ILE A 87 -68.63 17.36 -8.31
CA ILE A 87 -69.01 18.38 -7.35
C ILE A 87 -70.33 19.02 -7.76
N VAL A 88 -71.16 19.36 -6.77
CA VAL A 88 -72.43 20.03 -7.05
C VAL A 88 -72.41 21.32 -6.24
N ARG A 89 -73.19 22.31 -6.68
CA ARG A 89 -73.24 23.59 -6.00
C ARG A 89 -73.65 23.43 -4.54
N SER A 90 -74.62 22.56 -4.30
CA SER A 90 -75.16 22.33 -2.97
C SER A 90 -75.45 20.85 -2.76
N GLY A 91 -74.88 20.29 -1.69
CA GLY A 91 -75.10 18.89 -1.40
C GLY A 91 -76.56 18.63 -1.07
N VAL A 92 -77.15 19.51 -0.26
CA VAL A 92 -78.54 19.37 0.13
C VAL A 92 -79.46 19.62 -1.06
N GLY A 93 -79.07 20.53 -1.95
CA GLY A 93 -79.88 20.79 -3.14
C GLY A 93 -79.89 19.57 -4.04
N GLU A 94 -78.74 18.89 -4.13
CA GLU A 94 -78.63 17.69 -4.96
C GLU A 94 -79.49 16.57 -4.37
N ILE A 95 -79.40 16.39 -3.05
CA ILE A 95 -80.15 15.36 -2.36
C ILE A 95 -81.65 15.55 -2.59
N VAL A 96 -82.12 16.78 -2.46
CA VAL A 96 -83.53 17.07 -2.66
C VAL A 96 -83.93 16.86 -4.13
N ARG A 97 -83.14 17.38 -5.06
CA ARG A 97 -83.45 17.24 -6.48
C ARG A 97 -83.45 15.78 -6.94
N LYS A 98 -82.46 14.99 -6.51
CA LYS A 98 -82.42 13.59 -6.91
C LYS A 98 -83.69 12.89 -6.40
N GLN A 99 -84.11 13.22 -5.18
CA GLN A 99 -85.34 12.61 -4.66
C GLN A 99 -86.54 12.97 -5.52
N SER A 100 -86.60 14.21 -6.00
CA SER A 100 -87.72 14.63 -6.83
C SER A 100 -87.69 13.89 -8.16
N GLU A 101 -86.52 13.36 -8.51
CA GLU A 101 -86.36 12.62 -9.76
C GLU A 101 -86.65 11.14 -9.54
N GLY A 102 -87.07 10.77 -8.32
CA GLY A 102 -87.40 9.40 -8.03
C GLY A 102 -86.35 8.57 -7.30
N TRP A 103 -85.26 9.20 -6.88
CA TRP A 103 -84.21 8.47 -6.17
C TRP A 103 -84.61 8.28 -4.72
N ILE A 104 -84.37 7.08 -4.20
CA ILE A 104 -84.69 6.78 -2.81
C ILE A 104 -83.58 7.31 -1.89
N TYR A 105 -84.00 8.05 -0.88
CA TYR A 105 -83.12 8.70 0.08
C TYR A 105 -82.68 7.81 1.23
N LEU A 106 -81.37 7.84 1.51
CA LEU A 106 -80.78 7.07 2.61
C LEU A 106 -79.76 7.97 3.32
N ALA A 107 -80.05 8.32 4.57
CA ALA A 107 -79.16 9.18 5.33
C ALA A 107 -78.21 8.34 6.19
N LEU A 108 -76.91 8.53 5.96
CA LEU A 108 -75.90 7.79 6.71
C LEU A 108 -74.98 8.76 7.47
N MET B 10 -34.55 3.49 -30.66
CA MET B 10 -34.35 3.49 -29.17
C MET B 10 -34.02 2.08 -28.72
N SER B 11 -33.22 1.98 -27.67
CA SER B 11 -32.80 0.70 -27.13
C SER B 11 -33.92 -0.04 -26.36
N LEU B 12 -34.96 0.69 -25.98
CA LEU B 12 -36.15 0.11 -25.39
C LEU B 12 -37.36 0.80 -26.00
N ARG B 13 -38.25 0.03 -26.65
CA ARG B 13 -39.41 0.63 -27.31
C ARG B 13 -40.67 -0.23 -27.23
N LEU B 14 -41.80 0.43 -27.42
CA LEU B 14 -43.11 -0.22 -27.33
C LEU B 14 -43.73 -0.31 -28.72
N GLU B 15 -44.22 -1.50 -29.07
CA GLU B 15 -45.02 -1.68 -30.29
C GLU B 15 -46.43 -2.09 -29.90
N ARG B 16 -47.42 -1.36 -30.41
CA ARG B 16 -48.82 -1.64 -30.11
C ARG B 16 -49.51 -2.17 -31.36
N ASP B 17 -50.04 -3.39 -31.27
CA ASP B 17 -50.65 -4.07 -32.39
C ASP B 17 -52.03 -4.60 -31.97
N GLY B 18 -52.94 -3.68 -31.68
CA GLY B 18 -54.31 -4.04 -31.32
C GLY B 18 -54.42 -4.60 -29.93
N ALA B 19 -54.80 -5.87 -29.83
CA ALA B 19 -54.93 -6.54 -28.53
C ALA B 19 -53.57 -6.82 -27.89
N VAL B 20 -52.51 -6.84 -28.69
CA VAL B 20 -51.18 -7.19 -28.20
C VAL B 20 -50.24 -5.98 -28.25
N ALA B 21 -49.49 -5.77 -27.17
CA ALA B 21 -48.38 -4.83 -27.15
C ALA B 21 -47.11 -5.60 -26.88
N ARG B 22 -46.00 -5.07 -27.40
CA ARG B 22 -44.69 -5.68 -27.23
C ARG B 22 -43.74 -4.65 -26.64
N LEU B 23 -43.14 -4.99 -25.50
CA LEU B 23 -42.04 -4.24 -24.94
C LEU B 23 -40.76 -4.90 -25.46
N LEU B 24 -40.05 -4.20 -26.35
CA LEU B 24 -38.92 -4.78 -27.06
C LEU B 24 -37.59 -4.24 -26.53
N ILE B 25 -36.68 -5.14 -26.21
CA ILE B 25 -35.32 -4.79 -25.82
C ILE B 25 -34.41 -4.98 -27.05
N ASP B 26 -33.80 -3.88 -27.51
CA ASP B 26 -33.12 -3.85 -28.79
C ASP B 26 -31.72 -3.24 -28.67
N ARG B 27 -30.81 -4.00 -28.08
CA ARG B 27 -29.43 -3.57 -27.90
C ARG B 27 -28.50 -4.78 -28.05
N ALA B 28 -28.56 -5.42 -29.22
CA ALA B 28 -27.91 -6.70 -29.46
C ALA B 28 -26.39 -6.70 -29.25
N ASP B 29 -25.74 -5.57 -29.53
CA ASP B 29 -24.28 -5.50 -29.38
C ASP B 29 -23.80 -5.44 -27.93
N ARG B 30 -24.71 -5.24 -26.98
CA ARG B 30 -24.39 -5.33 -25.55
C ARG B 30 -25.23 -6.42 -24.88
N ARG B 31 -25.67 -7.40 -25.66
CA ARG B 31 -26.50 -8.50 -25.18
C ARG B 31 -27.72 -8.02 -24.36
N ASN B 32 -28.36 -6.97 -24.88
CA ASN B 32 -29.56 -6.38 -24.28
C ASN B 32 -29.39 -5.87 -22.84
N ALA B 33 -28.17 -5.46 -22.49
CA ALA B 33 -27.89 -4.89 -21.18
C ALA B 33 -28.60 -3.55 -21.00
N PHE B 34 -29.11 -3.32 -19.80
CA PHE B 34 -29.85 -2.10 -19.48
C PHE B 34 -28.93 -1.01 -18.96
N SER B 35 -29.09 0.18 -19.53
CA SER B 35 -28.46 1.38 -19.04
C SER B 35 -29.45 2.10 -18.14
N LEU B 36 -29.00 3.16 -17.47
CA LEU B 36 -29.87 3.93 -16.59
C LEU B 36 -31.05 4.54 -17.36
N ASP B 37 -30.78 5.08 -18.56
CA ASP B 37 -31.85 5.72 -19.33
C ASP B 37 -32.96 4.73 -19.74
N MET B 38 -32.58 3.48 -20.00
CA MET B 38 -33.53 2.44 -20.36
C MET B 38 -34.45 2.12 -19.19
N TRP B 39 -33.87 1.97 -18.00
CA TRP B 39 -34.67 1.77 -16.78
C TRP B 39 -35.66 2.91 -16.56
N GLN B 40 -35.20 4.14 -16.74
CA GLN B 40 -36.05 5.33 -16.60
C GLN B 40 -37.13 5.42 -17.68
N ARG B 41 -36.82 4.88 -18.86
CA ARG B 41 -37.73 4.89 -20.00
C ARG B 41 -38.87 3.87 -19.87
N LEU B 42 -38.62 2.76 -19.19
CA LEU B 42 -39.58 1.64 -19.12
C LEU B 42 -40.97 2.03 -18.58
N PRO B 43 -41.04 2.77 -17.46
CA PRO B 43 -42.35 3.20 -16.96
C PRO B 43 -43.17 4.06 -17.94
N GLU B 44 -42.48 4.87 -18.75
CA GLU B 44 -43.15 5.73 -19.74
C GLU B 44 -43.84 4.86 -20.79
N LEU B 45 -43.15 3.82 -21.21
CA LEU B 45 -43.69 2.89 -22.21
C LEU B 45 -44.86 2.08 -21.64
N LEU B 46 -44.77 1.69 -20.38
CA LEU B 46 -45.88 1.02 -19.70
C LEU B 46 -47.13 1.90 -19.64
N ALA B 47 -46.93 3.19 -19.36
CA ALA B 47 -48.03 4.15 -19.32
C ALA B 47 -48.69 4.30 -20.68
N GLU B 48 -47.88 4.37 -21.74
CA GLU B 48 -48.40 4.42 -23.11
C GLU B 48 -49.25 3.20 -23.45
N ALA B 49 -48.74 2.02 -23.10
CA ALA B 49 -49.47 0.78 -23.35
C ALA B 49 -50.76 0.72 -22.55
N SER B 50 -50.69 1.12 -21.28
CA SER B 50 -51.84 1.04 -20.38
C SER B 50 -52.99 1.95 -20.82
N GLY B 51 -52.68 3.07 -21.46
CA GLY B 51 -53.69 4.01 -21.96
C GLY B 51 -54.49 3.54 -23.16
N ASP B 52 -54.10 2.41 -23.77
CA ASP B 52 -54.78 1.84 -24.93
C ASP B 52 -55.90 0.88 -24.51
N ASP B 53 -57.15 1.29 -24.72
CA ASP B 53 -58.33 0.49 -24.32
C ASP B 53 -58.44 -0.84 -25.07
N ALA B 54 -57.86 -0.93 -26.26
CA ALA B 54 -57.89 -2.16 -27.07
C ALA B 54 -56.94 -3.24 -26.56
N LEU B 55 -55.95 -2.87 -25.76
CA LEU B 55 -54.94 -3.81 -25.30
C LEU B 55 -55.54 -4.93 -24.44
N ARG B 56 -55.04 -6.15 -24.64
CA ARG B 56 -55.43 -7.31 -23.83
C ARG B 56 -54.22 -8.01 -23.17
N VAL B 57 -53.03 -7.87 -23.73
CA VAL B 57 -51.85 -8.54 -23.22
C VAL B 57 -50.58 -7.79 -23.65
N LEU B 58 -49.62 -7.73 -22.74
CA LEU B 58 -48.32 -7.14 -23.00
C LEU B 58 -47.25 -8.23 -23.01
N VAL B 59 -46.51 -8.31 -24.11
CA VAL B 59 -45.41 -9.26 -24.23
C VAL B 59 -44.09 -8.51 -24.06
N VAL B 60 -43.22 -9.03 -23.19
CA VAL B 60 -41.89 -8.51 -23.01
C VAL B 60 -40.91 -9.49 -23.66
N LYS B 61 -40.08 -8.99 -24.57
CA LYS B 61 -39.19 -9.86 -25.34
C LYS B 61 -38.02 -9.10 -25.94
N SER B 62 -37.03 -9.85 -26.40
CA SER B 62 -35.94 -9.30 -27.18
C SER B 62 -36.45 -8.93 -28.57
N ALA B 63 -35.97 -7.81 -29.10
CA ALA B 63 -36.30 -7.41 -30.48
C ALA B 63 -35.64 -8.33 -31.51
N ASN B 64 -34.54 -8.97 -31.13
CA ASN B 64 -33.70 -9.73 -32.07
C ASN B 64 -33.44 -11.18 -31.63
N GLY B 65 -34.35 -11.77 -30.87
CA GLY B 65 -34.09 -13.09 -30.28
C GLY B 65 -32.84 -13.05 -29.42
N GLY B 66 -32.16 -14.20 -29.31
CA GLY B 66 -30.93 -14.30 -28.54
C GLY B 66 -31.16 -13.95 -27.09
N ALA B 67 -30.18 -13.28 -26.47
CA ALA B 67 -30.26 -12.90 -25.06
C ALA B 67 -31.47 -12.04 -24.78
N PHE B 68 -32.16 -12.35 -23.68
CA PHE B 68 -33.30 -11.57 -23.22
C PHE B 68 -32.79 -10.26 -22.64
N CYS B 69 -31.91 -10.37 -21.65
CA CYS B 69 -31.30 -9.20 -21.01
C CYS B 69 -30.18 -9.70 -20.12
N ALA B 70 -28.95 -9.33 -20.46
CA ALA B 70 -27.76 -9.76 -19.73
C ALA B 70 -27.57 -9.00 -18.41
N GLY B 71 -28.49 -8.09 -18.08
CA GLY B 71 -28.48 -7.40 -16.80
C GLY B 71 -27.94 -5.99 -16.92
N ALA B 72 -27.04 -5.63 -16.02
CA ALA B 72 -26.50 -4.27 -15.96
C ALA B 72 -25.49 -4.01 -17.06
N ASP B 73 -25.55 -2.81 -17.63
CA ASP B 73 -24.55 -2.31 -18.57
C ASP B 73 -23.22 -2.23 -17.81
N ILE B 74 -22.29 -3.12 -18.12
CA ILE B 74 -21.05 -3.23 -17.34
C ILE B 74 -20.14 -2.02 -17.47
N ALA B 75 -20.06 -1.44 -18.67
CA ALA B 75 -19.29 -0.22 -18.88
C ALA B 75 -19.84 0.94 -18.03
N GLU B 76 -21.16 1.02 -17.94
CA GLU B 76 -21.82 2.02 -17.10
C GLU B 76 -21.56 1.75 -15.61
N LEU B 77 -21.67 0.49 -15.20
CA LEU B 77 -21.40 0.12 -13.80
C LEU B 77 -19.99 0.51 -13.38
N LEU B 78 -19.00 0.15 -14.19
CA LEU B 78 -17.61 0.40 -13.86
C LEU B 78 -17.24 1.88 -13.91
N ALA B 79 -17.74 2.58 -14.92
CA ALA B 79 -17.50 4.02 -15.04
C ALA B 79 -18.03 4.80 -13.82
N ASN B 80 -19.11 4.32 -13.22
CA ASN B 80 -19.78 5.01 -12.12
C ASN B 80 -19.62 4.35 -10.76
N LYS B 81 -18.68 3.42 -10.65
CA LYS B 81 -18.52 2.64 -9.41
C LYS B 81 -18.23 3.47 -8.15
N ASP B 82 -17.71 4.69 -8.33
CA ASP B 82 -17.46 5.60 -7.20
C ASP B 82 -18.42 6.80 -7.17
N ASP B 83 -19.55 6.71 -7.86
CA ASP B 83 -20.48 7.84 -8.01
C ASP B 83 -21.78 7.60 -7.24
N ALA B 84 -21.84 8.13 -6.02
CA ALA B 84 -22.99 7.91 -5.13
C ALA B 84 -24.32 8.38 -5.74
N ALA B 85 -24.28 9.48 -6.50
CA ALA B 85 -25.46 10.01 -7.15
C ALA B 85 -26.02 9.03 -8.19
N PHE B 86 -25.12 8.43 -8.98
CA PHE B 86 -25.53 7.41 -9.94
C PHE B 86 -26.15 6.19 -9.26
N HIS B 87 -25.52 5.71 -8.19
CA HIS B 87 -26.01 4.52 -7.50
C HIS B 87 -27.41 4.75 -6.92
N LEU B 88 -27.64 5.93 -6.36
CA LEU B 88 -28.95 6.25 -5.78
C LEU B 88 -30.02 6.43 -6.86
N ALA B 89 -29.66 7.12 -7.94
CA ALA B 89 -30.56 7.30 -9.09
C ALA B 89 -30.89 5.97 -9.76
N ASN B 90 -29.86 5.13 -9.92
CA ASN B 90 -30.02 3.84 -10.56
C ASN B 90 -30.90 2.91 -9.71
N GLN B 91 -30.66 2.89 -8.40
CA GLN B 91 -31.47 2.09 -7.46
C GLN B 91 -32.95 2.46 -7.58
N GLN B 92 -33.24 3.75 -7.51
CA GLN B 92 -34.62 4.24 -7.61
C GLN B 92 -35.27 3.92 -8.94
N ALA B 93 -34.54 4.09 -10.04
CA ALA B 93 -35.09 3.85 -11.38
C ALA B 93 -35.46 2.39 -11.58
N ILE B 94 -34.59 1.48 -11.14
CA ILE B 94 -34.86 0.05 -11.25
C ILE B 94 -36.06 -0.33 -10.39
N ASN B 95 -36.11 0.17 -9.16
CA ASN B 95 -37.23 -0.15 -8.27
C ASN B 95 -38.57 0.33 -8.80
N ARG B 96 -38.60 1.52 -9.39
CA ARG B 96 -39.83 2.02 -10.03
C ARG B 96 -40.26 1.10 -11.16
N ALA B 97 -39.31 0.75 -12.04
CA ALA B 97 -39.62 -0.08 -13.21
C ALA B 97 -40.19 -1.42 -12.80
N GLN B 98 -39.54 -2.05 -11.83
CA GLN B 98 -39.96 -3.35 -11.32
C GLN B 98 -41.33 -3.30 -10.68
N TYR B 99 -41.56 -2.27 -9.88
CA TYR B 99 -42.83 -2.09 -9.21
C TYR B 99 -43.98 -1.94 -10.24
N GLU B 100 -43.76 -1.10 -11.25
CA GLU B 100 -44.80 -0.78 -12.23
C GLU B 100 -45.07 -1.95 -13.18
N LEU B 101 -44.00 -2.60 -13.65
CA LEU B 101 -44.18 -3.75 -14.52
C LEU B 101 -44.97 -4.87 -13.84
N ALA B 102 -44.64 -5.15 -12.59
CA ALA B 102 -45.31 -6.22 -11.83
C ALA B 102 -46.79 -5.95 -11.56
N ARG B 103 -47.18 -4.68 -11.60
CA ARG B 103 -48.55 -4.26 -11.35
C ARG B 103 -49.24 -3.69 -12.59
N PHE B 104 -48.73 -4.01 -13.78
CA PHE B 104 -49.37 -3.59 -15.01
C PHE B 104 -50.79 -4.14 -15.03
N ARG B 105 -51.75 -3.34 -15.50
CA ARG B 105 -53.17 -3.69 -15.32
C ARG B 105 -53.60 -4.97 -16.04
N LEU B 106 -52.98 -5.27 -17.18
CA LEU B 106 -53.31 -6.44 -18.00
C LEU B 106 -52.28 -7.57 -17.86
N PRO B 107 -52.65 -8.79 -18.32
CA PRO B 107 -51.67 -9.87 -18.36
C PRO B 107 -50.38 -9.51 -19.09
N THR B 108 -49.26 -9.96 -18.53
CA THR B 108 -47.95 -9.74 -19.11
C THR B 108 -47.21 -11.07 -19.23
N VAL B 109 -46.45 -11.22 -20.32
CA VAL B 109 -45.72 -12.44 -20.60
C VAL B 109 -44.29 -12.10 -21.01
N ALA B 110 -43.31 -12.75 -20.36
CA ALA B 110 -41.92 -12.64 -20.79
C ALA B 110 -41.57 -13.81 -21.72
N MET B 111 -41.10 -13.50 -22.92
CA MET B 111 -40.64 -14.53 -23.88
C MET B 111 -39.14 -14.53 -23.85
N VAL B 112 -38.56 -15.55 -23.22
CA VAL B 112 -37.11 -15.61 -22.98
C VAL B 112 -36.43 -16.61 -23.93
N GLU B 113 -35.52 -16.13 -24.77
CA GLU B 113 -34.88 -16.95 -25.80
C GLU B 113 -33.37 -17.12 -25.61
N GLY B 114 -32.84 -16.56 -24.53
CA GLY B 114 -31.41 -16.61 -24.27
C GLY B 114 -31.13 -16.20 -22.85
N ASP B 115 -29.95 -15.65 -22.63
CA ASP B 115 -29.52 -15.23 -21.29
C ASP B 115 -30.48 -14.21 -20.68
N CYS B 116 -30.85 -14.46 -19.44
CA CYS B 116 -31.73 -13.63 -18.66
C CYS B 116 -31.10 -13.51 -17.28
N ILE B 117 -30.24 -12.50 -17.11
CA ILE B 117 -29.32 -12.41 -15.97
C ILE B 117 -29.52 -11.15 -15.15
N GLY B 118 -29.56 -11.33 -13.83
CA GLY B 118 -29.55 -10.21 -12.87
C GLY B 118 -30.78 -9.32 -12.98
N GLY B 119 -30.56 -8.08 -13.40
CA GLY B 119 -31.65 -7.14 -13.67
C GLY B 119 -32.57 -7.61 -14.79
N GLY B 120 -32.02 -8.38 -15.73
CA GLY B 120 -32.82 -9.01 -16.77
C GLY B 120 -33.78 -10.02 -16.17
N CYS B 121 -33.29 -10.79 -15.20
CA CYS B 121 -34.12 -11.77 -14.52
C CYS B 121 -35.22 -11.08 -13.72
N GLY B 122 -34.89 -9.93 -13.13
CA GLY B 122 -35.88 -9.10 -12.46
C GLY B 122 -37.03 -8.70 -13.36
N ILE B 123 -36.72 -8.28 -14.59
CA ILE B 123 -37.76 -7.93 -15.57
C ILE B 123 -38.67 -9.13 -15.83
N ALA B 124 -38.07 -10.28 -16.10
CA ALA B 124 -38.81 -11.52 -16.33
C ALA B 124 -39.68 -11.90 -15.14
N LEU B 125 -39.12 -11.75 -13.93
CA LEU B 125 -39.84 -12.07 -12.70
C LEU B 125 -41.05 -11.17 -12.47
N ALA B 126 -40.97 -9.95 -12.98
CA ALA B 126 -42.05 -8.98 -12.82
C ALA B 126 -43.22 -9.25 -13.77
N CYS B 127 -43.02 -10.05 -14.81
CA CYS B 127 -44.14 -10.47 -15.68
C CYS B 127 -45.00 -11.54 -14.99
N ASP B 128 -46.24 -11.69 -15.47
CA ASP B 128 -47.18 -12.65 -14.88
C ASP B 128 -46.77 -14.09 -15.13
N MET B 129 -46.20 -14.32 -16.31
CA MET B 129 -45.78 -15.69 -16.69
C MET B 129 -44.59 -15.59 -17.64
N ARG B 130 -43.78 -16.64 -17.71
CA ARG B 130 -42.61 -16.69 -18.57
C ARG B 130 -42.63 -17.95 -19.44
N ILE B 131 -42.27 -17.79 -20.70
CA ILE B 131 -42.05 -18.91 -21.62
C ILE B 131 -40.55 -18.94 -21.94
N ALA B 132 -39.94 -20.12 -21.85
CA ALA B 132 -38.52 -20.27 -22.14
C ALA B 132 -38.31 -21.15 -23.36
N ALA B 133 -37.60 -20.61 -24.35
CA ALA B 133 -37.14 -21.38 -25.50
C ALA B 133 -35.89 -22.18 -25.11
N PRO B 134 -35.49 -23.15 -25.97
CA PRO B 134 -34.42 -24.08 -25.55
C PRO B 134 -33.08 -23.45 -25.17
N ALA B 135 -32.75 -22.28 -25.71
CA ALA B 135 -31.49 -21.60 -25.39
C ALA B 135 -31.58 -20.69 -24.17
N ALA B 136 -32.76 -20.56 -23.55
CA ALA B 136 -32.92 -19.67 -22.40
C ALA B 136 -32.02 -20.06 -21.24
N ARG B 137 -31.40 -19.08 -20.60
CA ARG B 137 -30.63 -19.30 -19.38
C ARG B 137 -30.92 -18.20 -18.37
N PHE B 138 -30.97 -18.59 -17.10
CA PHE B 138 -31.36 -17.69 -16.02
C PHE B 138 -30.33 -17.68 -14.91
N GLY B 139 -30.09 -16.48 -14.37
CA GLY B 139 -29.22 -16.34 -13.23
C GLY B 139 -29.37 -14.98 -12.59
N ILE B 140 -29.06 -14.92 -11.31
CA ILE B 140 -29.09 -13.70 -10.53
C ILE B 140 -27.73 -13.62 -9.84
N THR B 141 -26.92 -12.64 -10.24
CA THR B 141 -25.47 -12.66 -9.98
C THR B 141 -24.84 -11.57 -9.09
N PRO B 142 -25.65 -10.87 -8.26
CA PRO B 142 -25.02 -9.81 -7.47
C PRO B 142 -23.94 -10.31 -6.47
N ALA B 143 -24.08 -11.54 -5.98
CA ALA B 143 -23.11 -12.08 -5.01
C ALA B 143 -21.70 -12.20 -5.60
N LYS B 144 -21.57 -12.20 -6.92
CA LYS B 144 -20.26 -12.23 -7.57
C LYS B 144 -19.58 -10.86 -7.63
N LEU B 145 -20.32 -9.79 -7.30
CA LEU B 145 -19.74 -8.45 -7.20
C LEU B 145 -19.88 -7.80 -5.83
N GLY B 146 -20.32 -8.56 -4.82
CA GLY B 146 -20.50 -7.98 -3.49
C GLY B 146 -21.69 -7.05 -3.37
N LEU B 147 -22.70 -7.28 -4.20
CA LEU B 147 -23.91 -6.48 -4.19
C LEU B 147 -25.08 -7.29 -3.65
N VAL B 148 -26.22 -6.62 -3.48
CA VAL B 148 -27.43 -7.24 -2.93
C VAL B 148 -28.51 -7.19 -4.01
N TYR B 149 -29.59 -7.95 -3.84
CA TYR B 149 -30.75 -7.92 -4.72
C TYR B 149 -31.89 -7.16 -4.00
N PRO B 150 -32.66 -6.31 -4.73
CA PRO B 150 -33.74 -5.60 -4.04
C PRO B 150 -34.77 -6.57 -3.41
N LEU B 151 -35.27 -6.21 -2.23
CA LEU B 151 -36.23 -7.07 -1.53
C LEU B 151 -37.48 -7.33 -2.37
N HIS B 152 -37.95 -6.31 -3.09
CA HIS B 152 -39.08 -6.47 -4.02
C HIS B 152 -38.86 -7.67 -4.95
N ASP B 153 -37.63 -7.79 -5.47
CA ASP B 153 -37.31 -8.84 -6.43
C ASP B 153 -36.96 -10.16 -5.78
N VAL B 154 -36.41 -10.13 -4.57
CA VAL B 154 -36.26 -11.35 -3.78
C VAL B 154 -37.64 -11.98 -3.58
N LYS B 155 -38.64 -11.16 -3.29
CA LYS B 155 -39.99 -11.67 -3.08
C LYS B 155 -40.57 -12.26 -4.38
N LEU B 156 -40.41 -11.58 -5.51
CA LEU B 156 -40.86 -12.12 -6.81
C LEU B 156 -40.27 -13.51 -7.07
N LEU B 157 -39.00 -13.68 -6.72
CA LEU B 157 -38.33 -14.94 -6.93
C LEU B 157 -38.86 -16.01 -5.97
N VAL B 158 -38.95 -15.68 -4.69
CA VAL B 158 -39.40 -16.64 -3.68
C VAL B 158 -40.85 -17.06 -3.94
N ASP B 159 -41.67 -16.10 -4.38
CA ASP B 159 -43.07 -16.37 -4.78
C ASP B 159 -43.17 -17.55 -5.75
N LEU B 160 -42.23 -17.64 -6.69
CA LEU B 160 -42.27 -18.66 -7.73
C LEU B 160 -41.59 -19.97 -7.37
N VAL B 161 -40.40 -19.88 -6.79
CA VAL B 161 -39.55 -21.08 -6.63
C VAL B 161 -39.31 -21.49 -5.17
N GLY B 162 -39.81 -20.71 -4.22
CA GLY B 162 -39.58 -20.97 -2.81
C GLY B 162 -38.19 -20.54 -2.35
N PRO B 163 -37.94 -20.56 -1.02
CA PRO B 163 -36.70 -20.02 -0.46
C PRO B 163 -35.46 -20.87 -0.70
N GLY B 164 -35.63 -22.19 -0.83
CA GLY B 164 -34.51 -23.09 -1.09
C GLY B 164 -33.85 -22.82 -2.42
N GLN B 165 -34.64 -22.79 -3.49
CA GLN B 165 -34.13 -22.52 -4.83
C GLN B 165 -33.72 -21.06 -4.97
N ALA B 166 -34.46 -20.16 -4.33
CA ALA B 166 -34.11 -18.74 -4.37
C ALA B 166 -32.69 -18.53 -3.83
N ARG B 167 -32.39 -19.14 -2.68
CA ARG B 167 -31.06 -19.03 -2.09
C ARG B 167 -30.00 -19.76 -2.93
N ARG B 168 -30.34 -20.91 -3.48
CA ARG B 168 -29.41 -21.63 -4.39
C ARG B 168 -28.95 -20.70 -5.52
N LEU B 169 -29.91 -20.02 -6.14
CA LEU B 169 -29.60 -19.16 -7.29
C LEU B 169 -28.84 -17.91 -6.88
N MET B 170 -29.32 -17.24 -5.83
CA MET B 170 -28.76 -15.95 -5.42
C MET B 170 -27.45 -16.07 -4.68
N PHE B 171 -27.25 -17.14 -3.90
CA PHE B 171 -25.97 -17.33 -3.22
C PHE B 171 -24.84 -17.71 -4.20
N THR B 172 -25.15 -18.54 -5.19
CA THR B 172 -24.10 -19.01 -6.11
C THR B 172 -23.90 -18.09 -7.32
N GLY B 173 -24.97 -17.44 -7.76
CA GLY B 173 -24.92 -16.70 -9.01
C GLY B 173 -24.73 -17.61 -10.22
N GLY B 174 -25.04 -18.89 -10.06
CA GLY B 174 -24.86 -19.86 -11.13
C GLY B 174 -26.05 -19.86 -12.07
N LEU B 175 -25.80 -20.11 -13.34
CA LEU B 175 -26.87 -20.14 -14.34
C LEU B 175 -27.57 -21.48 -14.31
N ILE B 176 -28.86 -21.48 -14.65
CA ILE B 176 -29.61 -22.71 -14.87
C ILE B 176 -30.23 -22.66 -16.25
N ASP B 177 -30.44 -23.83 -16.86
CA ASP B 177 -30.97 -23.90 -18.21
C ASP B 177 -32.51 -23.88 -18.24
N ALA B 178 -33.07 -23.89 -19.45
CA ALA B 178 -34.52 -23.79 -19.63
C ALA B 178 -35.28 -24.89 -18.89
N ASN B 179 -34.83 -26.13 -19.03
CA ASN B 179 -35.49 -27.26 -18.38
C ASN B 179 -35.49 -27.20 -16.86
N GLU B 180 -34.37 -26.76 -16.26
CA GLU B 180 -34.31 -26.61 -14.82
C GLU B 180 -35.20 -25.46 -14.33
N ALA B 181 -35.22 -24.35 -15.08
CA ALA B 181 -36.09 -23.23 -14.75
C ALA B 181 -37.56 -23.63 -14.79
N HIS B 182 -37.91 -24.46 -15.77
CA HIS B 182 -39.27 -25.03 -15.87
C HIS B 182 -39.55 -25.97 -14.69
N ARG B 183 -38.58 -26.82 -14.35
CA ARG B 183 -38.74 -27.79 -13.26
C ARG B 183 -38.98 -27.13 -11.90
N ILE B 184 -38.27 -26.03 -11.62
CA ILE B 184 -38.35 -25.38 -10.31
C ILE B 184 -39.41 -24.29 -10.20
N GLY B 185 -40.13 -24.03 -11.30
CA GLY B 185 -41.22 -23.05 -11.30
C GLY B 185 -40.80 -21.62 -11.62
N LEU B 186 -39.58 -21.44 -12.14
CA LEU B 186 -39.12 -20.11 -12.52
C LEU B 186 -39.80 -19.66 -13.81
N VAL B 187 -40.03 -20.60 -14.71
CA VAL B 187 -40.84 -20.35 -15.91
C VAL B 187 -41.99 -21.35 -15.95
N GLU B 188 -43.12 -20.91 -16.48
CA GLU B 188 -44.35 -21.72 -16.46
C GLU B 188 -44.45 -22.62 -17.67
N LEU B 189 -43.82 -22.23 -18.77
CA LEU B 189 -43.99 -22.89 -20.06
C LEU B 189 -42.68 -23.00 -20.82
N LEU B 190 -42.52 -24.12 -21.52
CA LEU B 190 -41.46 -24.27 -22.51
C LEU B 190 -42.06 -24.16 -23.90
N GLY B 191 -41.39 -23.45 -24.80
CA GLY B 191 -41.90 -23.31 -26.17
C GLY B 191 -41.03 -22.36 -26.99
N GLU B 192 -41.21 -22.40 -28.30
CA GLU B 192 -40.43 -21.59 -29.23
C GLU B 192 -41.03 -20.21 -29.46
N SER B 193 -42.32 -20.06 -29.15
CA SER B 193 -43.06 -18.86 -29.48
C SER B 193 -44.14 -18.53 -28.45
N GLU B 194 -44.42 -17.24 -28.28
CA GLU B 194 -45.48 -16.79 -27.39
C GLU B 194 -46.87 -16.77 -28.06
N ASP B 195 -46.92 -17.04 -29.37
CA ASP B 195 -48.14 -16.84 -30.18
C ASP B 195 -49.38 -17.55 -29.66
N ALA B 196 -49.23 -18.82 -29.29
CA ALA B 196 -50.36 -19.61 -28.81
C ALA B 196 -50.92 -19.06 -27.50
N LEU B 197 -50.05 -18.75 -26.56
CA LEU B 197 -50.50 -18.22 -25.28
C LEU B 197 -51.16 -16.86 -25.46
N VAL B 198 -50.53 -16.00 -26.26
CA VAL B 198 -51.05 -14.66 -26.52
C VAL B 198 -52.42 -14.71 -27.19
N GLY B 199 -52.59 -15.67 -28.10
CA GLY B 199 -53.88 -15.92 -28.71
C GLY B 199 -54.95 -16.24 -27.69
N GLN B 200 -54.62 -17.09 -26.71
CA GLN B 200 -55.57 -17.46 -25.67
C GLN B 200 -55.90 -16.27 -24.77
N LEU B 201 -54.86 -15.55 -24.34
CA LEU B 201 -55.02 -14.39 -23.44
C LEU B 201 -55.82 -13.27 -24.10
N ALA B 202 -55.64 -13.08 -25.40
CA ALA B 202 -56.26 -11.96 -26.12
C ALA B 202 -57.77 -12.12 -26.30
N THR B 203 -58.28 -13.34 -26.23
CA THR B 203 -59.69 -13.63 -26.51
C THR B 203 -60.62 -13.73 -25.28
N VAL B 204 -60.06 -13.76 -24.08
CA VAL B 204 -60.89 -13.81 -22.86
C VAL B 204 -61.28 -12.40 -22.40
N SER B 205 -62.15 -12.32 -21.39
CA SER B 205 -62.60 -11.03 -20.86
C SER B 205 -61.47 -10.26 -20.15
N SER B 206 -61.23 -9.02 -20.60
CA SER B 206 -60.25 -8.15 -19.96
C SER B 206 -60.75 -7.55 -18.64
N PHE B 207 -62.07 -7.54 -18.42
CA PHE B 207 -62.59 -7.29 -17.10
C PHE B 207 -62.10 -8.37 -16.15
N SER B 208 -62.30 -9.62 -16.54
CA SER B 208 -61.92 -10.78 -15.74
C SER B 208 -60.43 -10.82 -15.41
N THR B 209 -59.57 -10.70 -16.43
CA THR B 209 -58.13 -10.84 -16.22
C THR B 209 -57.60 -9.78 -15.28
N GLN B 210 -58.06 -8.54 -15.45
CA GLN B 210 -57.58 -7.45 -14.63
C GLN B 210 -58.02 -7.61 -13.16
N ALA B 211 -59.27 -8.02 -12.97
CA ALA B 211 -59.81 -8.24 -11.61
C ALA B 211 -59.15 -9.44 -10.92
N ILE B 212 -58.97 -10.53 -11.66
CA ILE B 212 -58.31 -11.73 -11.13
C ILE B 212 -56.86 -11.40 -10.81
N LYS B 213 -56.18 -10.68 -11.70
CA LYS B 213 -54.81 -10.25 -11.44
C LYS B 213 -54.69 -9.50 -10.10
N SER B 214 -55.61 -8.57 -9.85
CA SER B 214 -55.64 -7.85 -8.57
C SER B 214 -55.90 -8.77 -7.37
N PHE B 215 -56.81 -9.74 -7.53
CA PHE B 215 -57.03 -10.74 -6.46
C PHE B 215 -55.77 -11.54 -6.12
N VAL B 216 -55.03 -11.98 -7.14
CA VAL B 216 -53.80 -12.73 -6.92
C VAL B 216 -52.79 -11.86 -6.16
N ARG B 217 -52.67 -10.61 -6.55
CA ARG B 217 -51.78 -9.66 -5.87
C ARG B 217 -52.23 -9.46 -4.42
N ARG B 218 -53.52 -9.35 -4.17
CA ARG B 218 -54.01 -9.23 -2.78
C ARG B 218 -53.56 -10.42 -1.92
N VAL B 219 -53.66 -11.63 -2.48
CA VAL B 219 -53.23 -12.85 -1.79
C VAL B 219 -51.71 -12.80 -1.53
N LEU B 220 -50.95 -12.40 -2.53
CA LEU B 220 -49.50 -12.26 -2.37
C LEU B 220 -49.11 -11.20 -1.33
N ASP B 221 -49.95 -10.18 -1.19
CA ASP B 221 -49.73 -9.14 -0.19
C ASP B 221 -50.29 -9.50 1.19
N GLY B 222 -50.82 -10.71 1.36
CA GLY B 222 -51.17 -11.23 2.67
C GLY B 222 -52.65 -11.37 2.97
N GLN B 223 -53.52 -11.09 2.00
CA GLN B 223 -54.96 -11.24 2.22
C GLN B 223 -55.31 -12.74 2.28
N VAL B 224 -56.00 -13.12 3.35
CA VAL B 224 -56.30 -14.51 3.64
C VAL B 224 -57.73 -14.90 3.26
N ALA B 225 -58.70 -14.05 3.55
CA ALA B 225 -60.11 -14.37 3.29
C ALA B 225 -60.75 -13.31 2.39
N ASP B 226 -61.89 -13.66 1.77
CA ASP B 226 -62.73 -12.67 1.10
C ASP B 226 -63.18 -11.63 2.14
N ASP B 227 -63.29 -10.38 1.72
CA ASP B 227 -63.85 -9.31 2.56
C ASP B 227 -64.93 -8.58 1.76
N THR B 228 -65.54 -7.54 2.34
CA THR B 228 -66.66 -6.86 1.67
C THR B 228 -66.26 -6.35 0.27
N LEU B 229 -65.07 -5.78 0.15
CA LEU B 229 -64.63 -5.28 -1.14
C LEU B 229 -64.46 -6.35 -2.21
N SER B 230 -63.86 -7.49 -1.85
CA SER B 230 -63.68 -8.56 -2.84
C SER B 230 -65.01 -9.23 -3.21
N LEU B 231 -65.95 -9.28 -2.25
CA LEU B 231 -67.29 -9.78 -2.53
C LEU B 231 -68.00 -8.86 -3.53
N CYS B 232 -67.81 -7.55 -3.37
CA CYS B 232 -68.41 -6.56 -4.25
C CYS B 232 -67.84 -6.64 -5.67
N VAL B 233 -66.52 -6.74 -5.78
CA VAL B 233 -65.86 -6.88 -7.08
C VAL B 233 -66.38 -8.11 -7.81
N PHE B 234 -66.44 -9.23 -7.09
CA PHE B 234 -66.97 -10.46 -7.64
C PHE B 234 -68.39 -10.27 -8.14
N ALA B 235 -69.24 -9.69 -7.31
CA ALA B 235 -70.64 -9.45 -7.67
C ALA B 235 -70.78 -8.52 -8.89
N SER B 236 -69.96 -7.48 -8.97
CA SER B 236 -70.04 -6.50 -10.05
C SER B 236 -69.89 -7.13 -11.46
N ALA B 237 -69.30 -8.32 -11.51
CA ALA B 237 -69.12 -9.02 -12.79
C ALA B 237 -70.46 -9.27 -13.49
N THR B 238 -71.50 -9.54 -12.71
CA THR B 238 -72.81 -9.89 -13.27
C THR B 238 -73.58 -8.67 -13.81
N LEU B 239 -73.09 -7.48 -13.48
CA LEU B 239 -73.66 -6.23 -13.99
C LEU B 239 -72.87 -5.69 -15.20
N GLY B 240 -71.84 -6.42 -15.62
CA GLY B 240 -70.92 -5.93 -16.63
C GLY B 240 -71.22 -6.37 -18.05
N ALA B 241 -70.77 -5.56 -19.01
CA ALA B 241 -70.96 -5.82 -20.43
C ALA B 241 -70.33 -7.15 -20.88
N ASP B 242 -69.18 -7.52 -20.30
CA ASP B 242 -68.52 -8.76 -20.72
C ASP B 242 -69.36 -9.98 -20.35
N PHE B 243 -69.94 -10.00 -19.15
CA PHE B 243 -70.84 -11.09 -18.75
C PHE B 243 -72.04 -11.19 -19.69
N ARG B 244 -72.59 -10.05 -20.09
CA ARG B 244 -73.73 -10.05 -21.04
C ARG B 244 -73.32 -10.61 -22.40
N GLU B 245 -72.10 -10.29 -22.85
CA GLU B 245 -71.57 -10.87 -24.10
C GLU B 245 -71.33 -12.37 -23.96
N GLY B 246 -70.83 -12.79 -22.80
CA GLY B 246 -70.58 -14.20 -22.53
C GLY B 246 -71.84 -15.05 -22.56
N THR B 247 -72.89 -14.59 -21.88
CA THR B 247 -74.15 -15.32 -21.83
C THR B 247 -74.89 -15.27 -23.17
N GLY B 248 -74.86 -14.12 -23.82
CA GLY B 248 -75.46 -13.95 -25.14
C GLY B 248 -74.84 -14.89 -26.16
N ALA B 249 -73.50 -14.89 -26.19
CA ALA B 249 -72.74 -15.80 -27.05
C ALA B 249 -73.04 -17.26 -26.75
N PHE B 250 -73.16 -17.60 -25.46
CA PHE B 250 -73.46 -18.98 -25.08
C PHE B 250 -74.82 -19.43 -25.61
N LEU B 251 -75.83 -18.58 -25.47
CA LEU B 251 -77.17 -18.89 -25.97
C LEU B 251 -77.20 -19.05 -27.50
N GLU B 252 -76.40 -18.26 -28.20
CA GLU B 252 -76.33 -18.32 -29.67
C GLU B 252 -75.31 -19.36 -30.18
N LYS B 253 -74.64 -20.04 -29.27
CA LYS B 253 -73.65 -21.07 -29.58
C LYS B 253 -72.55 -20.54 -30.50
N ARG B 254 -72.05 -19.35 -30.15
CA ARG B 254 -70.94 -18.73 -30.86
C ARG B 254 -69.88 -18.30 -29.85
N PRO B 255 -68.64 -18.09 -30.31
CA PRO B 255 -67.61 -17.62 -29.39
C PRO B 255 -67.89 -16.20 -28.92
N PRO B 256 -67.62 -15.91 -27.64
CA PRO B 256 -67.81 -14.53 -27.20
C PRO B 256 -66.75 -13.63 -27.83
N VAL B 257 -67.12 -12.39 -28.11
CA VAL B 257 -66.20 -11.39 -28.62
C VAL B 257 -66.04 -10.32 -27.55
N PHE B 258 -64.92 -10.38 -26.83
CA PHE B 258 -64.63 -9.43 -25.77
C PHE B 258 -63.78 -8.30 -26.35
N MET C 1 -67.06 -23.55 58.38
CA MET C 1 -66.09 -23.16 57.33
C MET C 1 -65.45 -21.83 57.68
N LYS C 2 -64.20 -21.87 58.13
CA LYS C 2 -63.46 -20.67 58.51
C LYS C 2 -62.80 -20.00 57.32
N VAL C 3 -63.12 -18.73 57.09
CA VAL C 3 -62.58 -17.97 55.97
C VAL C 3 -61.98 -16.64 56.42
N VAL C 4 -60.72 -16.38 56.07
CA VAL C 4 -60.12 -15.11 56.38
C VAL C 4 -60.11 -14.33 55.07
N VAL C 5 -60.85 -13.24 55.05
CA VAL C 5 -61.00 -12.40 53.87
C VAL C 5 -60.09 -11.18 53.88
N GLN C 6 -59.43 -10.94 52.75
CA GLN C 6 -58.53 -9.78 52.64
C GLN C 6 -59.11 -8.72 51.71
N ILE C 7 -59.01 -7.46 52.10
CA ILE C 7 -59.45 -6.34 51.27
C ILE C 7 -58.33 -5.31 51.40
N LYS C 8 -57.72 -4.93 50.28
CA LYS C 8 -56.61 -3.98 50.32
C LYS C 8 -56.76 -2.73 49.47
N ASP C 9 -57.62 -2.79 48.45
CA ASP C 9 -57.82 -1.65 47.56
C ASP C 9 -59.10 -0.89 47.88
N PHE C 10 -58.94 0.37 48.31
CA PHE C 10 -60.09 1.20 48.65
C PHE C 10 -61.12 1.31 47.51
N ASP C 11 -60.63 1.48 46.28
CA ASP C 11 -61.55 1.62 45.16
C ASP C 11 -62.36 0.37 44.83
N LYS C 12 -62.01 -0.75 45.46
CA LYS C 12 -62.72 -2.01 45.21
C LYS C 12 -63.49 -2.49 46.43
N VAL C 13 -63.54 -1.67 47.47
CA VAL C 13 -64.27 -2.05 48.69
C VAL C 13 -65.74 -2.36 48.45
N PRO C 14 -66.45 -1.49 47.71
CA PRO C 14 -67.87 -1.79 47.49
C PRO C 14 -68.08 -3.21 46.93
N GLN C 15 -67.34 -3.56 45.88
CA GLN C 15 -67.49 -4.88 45.29
C GLN C 15 -67.01 -5.99 46.24
N ALA C 16 -65.97 -5.69 47.02
CA ALA C 16 -65.45 -6.67 47.96
C ALA C 16 -66.49 -6.98 49.02
N LEU C 17 -67.13 -5.93 49.55
CA LEU C 17 -68.16 -6.14 50.55
C LEU C 17 -69.34 -6.94 50.00
N GLN C 18 -69.69 -6.71 48.73
CA GLN C 18 -70.79 -7.47 48.15
C GLN C 18 -70.35 -8.92 48.03
N SER C 19 -69.06 -9.14 47.75
CA SER C 19 -68.54 -10.48 47.63
C SER C 19 -68.60 -11.20 48.99
N VAL C 20 -68.34 -10.47 50.07
CA VAL C 20 -68.43 -11.07 51.40
C VAL C 20 -69.89 -11.43 51.68
N LEU C 21 -70.81 -10.57 51.27
CA LEU C 21 -72.23 -10.85 51.45
C LEU C 21 -72.55 -12.12 50.67
N ASN C 22 -72.02 -12.22 49.45
CA ASN C 22 -72.22 -13.42 48.63
C ASN C 22 -71.68 -14.64 49.36
N LEU C 23 -70.49 -14.54 49.93
CA LEU C 23 -69.85 -15.65 50.62
C LEU C 23 -70.77 -16.12 51.76
N PHE C 24 -71.16 -15.17 52.61
CA PHE C 24 -72.04 -15.44 53.74
C PHE C 24 -73.32 -16.13 53.29
N LEU C 25 -73.98 -15.58 52.28
CA LEU C 25 -75.21 -16.16 51.77
C LEU C 25 -75.05 -17.56 51.20
N ASP C 26 -73.88 -17.84 50.60
CA ASP C 26 -73.66 -19.15 50.01
C ASP C 26 -73.13 -20.24 50.92
N LEU C 27 -72.30 -19.89 51.89
CA LEU C 27 -71.74 -20.89 52.79
C LEU C 27 -72.41 -20.88 54.15
N GLY C 28 -73.20 -21.93 54.41
CA GLY C 28 -73.94 -22.05 55.66
C GLY C 28 -73.00 -22.09 56.85
N ASN C 29 -73.35 -21.32 57.88
CA ASN C 29 -72.54 -21.22 59.09
C ASN C 29 -71.07 -20.85 58.84
N ALA C 30 -70.83 -20.02 57.83
CA ALA C 30 -69.48 -19.56 57.56
C ALA C 30 -69.00 -18.73 58.75
N GLU C 31 -67.71 -18.87 59.07
CA GLU C 31 -67.10 -18.12 60.16
C GLU C 31 -66.16 -17.18 59.41
N ILE C 32 -66.57 -15.91 59.28
CA ILE C 32 -65.82 -14.95 58.50
C ILE C 32 -65.14 -13.82 59.26
N GLU C 33 -63.88 -13.55 58.91
CA GLU C 33 -63.12 -12.44 59.46
C GLU C 33 -62.61 -11.64 58.27
N VAL C 34 -62.92 -10.36 58.24
CA VAL C 34 -62.48 -9.52 57.14
C VAL C 34 -61.40 -8.57 57.63
N VAL C 35 -60.24 -8.65 57.00
CA VAL C 35 -59.11 -7.80 57.35
C VAL C 35 -58.88 -6.71 56.30
N LEU C 36 -59.02 -5.45 56.68
CA LEU C 36 -58.80 -4.36 55.74
C LEU C 36 -57.45 -3.67 56.03
N HIS C 37 -56.62 -3.55 54.99
CA HIS C 37 -55.35 -2.88 55.13
C HIS C 37 -55.02 -2.03 53.92
N GLN C 38 -53.86 -1.38 53.95
CA GLN C 38 -53.47 -0.46 52.90
C GLN C 38 -54.59 0.60 52.80
N SER C 39 -54.90 1.08 51.60
CA SER C 39 -55.91 2.12 51.46
C SER C 39 -57.34 1.71 51.84
N ALA C 40 -57.62 0.41 51.82
CA ALA C 40 -58.96 -0.05 52.15
C ALA C 40 -59.36 0.30 53.59
N ILE C 41 -58.39 0.58 54.45
CA ILE C 41 -58.70 0.92 55.84
C ILE C 41 -59.66 2.12 55.92
N LYS C 42 -59.61 2.98 54.91
CA LYS C 42 -60.46 4.16 54.91
C LYS C 42 -61.95 3.82 54.91
N ALA C 43 -62.28 2.60 54.49
CA ALA C 43 -63.67 2.19 54.45
C ALA C 43 -64.23 2.01 55.85
N LEU C 44 -63.37 1.94 56.87
CA LEU C 44 -63.84 1.75 58.23
C LEU C 44 -64.05 3.08 58.98
N LEU C 45 -63.95 4.20 58.27
CA LEU C 45 -64.15 5.50 58.89
C LEU C 45 -65.64 5.71 59.15
N LEU C 46 -65.98 6.45 60.21
CA LEU C 46 -67.36 6.76 60.52
C LEU C 46 -68.13 7.43 59.39
N ASN C 47 -67.42 8.19 58.55
CA ASN C 47 -68.07 8.91 57.46
C ASN C 47 -67.99 8.14 56.14
N SER C 48 -67.54 6.89 56.22
CA SER C 48 -67.35 6.03 55.05
C SER C 48 -68.64 5.81 54.26
N PRO C 49 -68.53 5.80 52.95
CA PRO C 49 -69.70 5.57 52.10
C PRO C 49 -70.20 4.13 52.20
N THR C 50 -69.36 3.22 52.68
CA THR C 50 -69.80 1.84 52.84
C THR C 50 -70.13 1.48 54.30
N ARG C 51 -70.23 2.49 55.15
CA ARG C 51 -70.53 2.23 56.55
C ARG C 51 -71.75 1.34 56.78
N SER C 52 -72.86 1.66 56.12
CA SER C 52 -74.08 0.86 56.31
C SER C 52 -73.88 -0.60 55.91
N ILE C 53 -73.06 -0.84 54.90
CA ILE C 53 -72.81 -2.21 54.47
C ILE C 53 -71.95 -2.91 55.53
N ILE C 54 -70.92 -2.23 56.02
CA ILE C 54 -70.05 -2.79 57.04
C ILE C 54 -70.87 -3.12 58.30
N GLU C 55 -71.76 -2.20 58.68
CA GLU C 55 -72.61 -2.40 59.84
C GLU C 55 -73.51 -3.61 59.66
N GLU C 56 -73.96 -3.84 58.43
CA GLU C 56 -74.81 -4.98 58.13
C GLU C 56 -74.01 -6.28 58.25
N LEU C 57 -72.75 -6.25 57.84
CA LEU C 57 -71.88 -7.42 57.98
C LEU C 57 -71.70 -7.73 59.46
N ILE C 58 -71.56 -6.69 60.26
CA ILE C 58 -71.41 -6.87 61.71
C ILE C 58 -72.68 -7.49 62.27
N LYS C 59 -73.83 -7.06 61.76
CA LYS C 59 -75.11 -7.59 62.20
C LYS C 59 -75.15 -9.09 61.89
N LEU C 60 -74.59 -9.47 60.75
CA LEU C 60 -74.56 -10.86 60.33
C LEU C 60 -73.47 -11.66 61.07
N ASN C 61 -72.95 -11.06 62.13
CA ASN C 61 -71.93 -11.67 62.98
C ASN C 61 -70.58 -11.90 62.30
N ILE C 62 -70.27 -11.05 61.32
CA ILE C 62 -68.99 -11.14 60.62
C ILE C 62 -67.99 -10.26 61.37
N LEU C 63 -66.78 -10.79 61.60
CA LEU C 63 -65.75 -10.03 62.30
C LEU C 63 -65.04 -9.09 61.36
N ILE C 64 -65.13 -7.79 61.63
CA ILE C 64 -64.49 -6.76 60.79
C ILE C 64 -63.23 -6.28 61.49
N VAL C 65 -62.09 -6.46 60.83
CA VAL C 65 -60.80 -6.10 61.41
C VAL C 65 -59.99 -5.09 60.60
N GLY C 66 -59.46 -4.08 61.27
CA GLY C 66 -58.65 -3.08 60.59
C GLY C 66 -57.19 -3.16 61.01
N CYS C 67 -56.29 -2.93 60.04
CA CYS C 67 -54.85 -2.98 60.30
C CYS C 67 -54.31 -1.69 60.93
N GLU C 68 -53.67 -1.82 62.09
CA GLU C 68 -53.10 -0.68 62.80
C GLU C 68 -52.02 0.02 61.98
N HIS C 69 -51.15 -0.76 61.33
CA HIS C 69 -50.10 -0.16 60.51
C HIS C 69 -50.72 0.73 59.44
N SER C 70 -51.82 0.25 58.86
CA SER C 70 -52.53 0.99 57.83
C SER C 70 -53.25 2.21 58.41
N ILE C 71 -53.82 2.05 59.60
CA ILE C 71 -54.49 3.17 60.26
C ILE C 71 -53.46 4.29 60.44
N ARG C 72 -52.26 3.93 60.89
CA ARG C 72 -51.20 4.91 61.10
C ARG C 72 -50.69 5.58 59.84
N SER C 73 -50.46 4.79 58.78
CA SER C 73 -49.97 5.35 57.53
C SER C 73 -51.01 6.23 56.82
N GLN C 74 -52.29 6.03 57.12
CA GLN C 74 -53.34 6.84 56.52
C GLN C 74 -53.71 7.99 57.46
N ASN C 75 -52.92 8.16 58.51
CA ASN C 75 -53.11 9.25 59.47
C ASN C 75 -54.50 9.31 60.04
N LEU C 76 -55.04 8.14 60.40
CA LEU C 76 -56.40 8.08 60.94
C LEU C 76 -56.33 7.82 62.43
N ASP C 77 -57.36 8.26 63.15
CA ASP C 77 -57.44 8.08 64.59
C ASP C 77 -58.49 7.02 64.89
N HIS C 78 -58.26 6.23 65.93
CA HIS C 78 -59.22 5.18 66.28
C HIS C 78 -60.57 5.79 66.59
N ARG C 79 -60.56 7.05 67.00
CA ARG C 79 -61.78 7.79 67.30
C ARG C 79 -62.61 7.97 66.04
N GLN C 80 -61.95 7.92 64.88
CA GLN C 80 -62.60 8.10 63.59
C GLN C 80 -63.22 6.85 63.00
N LEU C 81 -62.92 5.70 63.58
CA LEU C 81 -63.37 4.43 63.01
C LEU C 81 -64.75 4.01 63.49
N ILE C 82 -65.40 3.16 62.69
CA ILE C 82 -66.72 2.65 63.04
C ILE C 82 -66.65 1.90 64.36
N ASP C 83 -67.59 2.16 65.28
CA ASP C 83 -67.59 1.48 66.57
C ASP C 83 -67.78 -0.02 66.44
N GLY C 84 -67.02 -0.79 67.21
CA GLY C 84 -67.17 -2.25 67.14
C GLY C 84 -66.17 -2.89 66.20
N ILE C 85 -65.26 -2.08 65.67
CA ILE C 85 -64.23 -2.57 64.77
C ILE C 85 -63.04 -3.07 65.60
N LYS C 86 -62.54 -4.26 65.29
CA LYS C 86 -61.37 -4.76 66.01
C LYS C 86 -60.16 -4.35 65.20
N ILE C 87 -59.03 -4.20 65.87
CA ILE C 87 -57.79 -3.79 65.22
C ILE C 87 -56.68 -4.78 65.54
N VAL C 88 -55.80 -5.04 64.56
CA VAL C 88 -54.67 -5.93 64.79
C VAL C 88 -53.43 -5.14 64.44
N ARG C 89 -52.29 -5.53 65.01
CA ARG C 89 -51.04 -4.83 64.78
C ARG C 89 -50.69 -4.77 63.29
N SER C 90 -50.94 -5.88 62.60
CA SER C 90 -50.62 -6.00 61.19
C SER C 90 -51.71 -6.78 60.47
N GLY C 91 -52.26 -6.18 59.41
CA GLY C 91 -53.29 -6.85 58.65
C GLY C 91 -52.75 -8.09 57.96
N VAL C 92 -51.55 -7.97 57.39
CA VAL C 92 -50.93 -9.09 56.70
C VAL C 92 -50.51 -10.15 57.71
N GLY C 93 -50.08 -9.74 58.89
CA GLY C 93 -49.69 -10.71 59.90
C GLY C 93 -50.90 -11.51 60.35
N GLU C 94 -52.05 -10.84 60.46
CA GLU C 94 -53.29 -11.49 60.86
C GLU C 94 -53.72 -12.50 59.79
N ILE C 95 -53.67 -12.06 58.53
CA ILE C 95 -54.06 -12.91 57.41
C ILE C 95 -53.22 -14.19 57.38
N VAL C 96 -51.91 -14.04 57.55
CA VAL C 96 -51.03 -15.20 57.56
C VAL C 96 -51.28 -16.10 58.77
N ARG C 97 -51.40 -15.50 59.96
CA ARG C 97 -51.65 -16.29 61.17
C ARG C 97 -52.98 -17.04 61.12
N LYS C 98 -54.05 -16.37 60.68
CA LYS C 98 -55.34 -17.05 60.60
C LYS C 98 -55.23 -18.24 59.66
N GLN C 99 -54.51 -18.08 58.55
CA GLN C 99 -54.35 -19.20 57.63
C GLN C 99 -53.63 -20.36 58.30
N SER C 100 -52.63 -20.06 59.12
CA SER C 100 -51.88 -21.11 59.80
C SER C 100 -52.79 -21.82 60.81
N GLU C 101 -53.87 -21.15 61.20
CA GLU C 101 -54.82 -21.72 62.15
C GLU C 101 -55.91 -22.51 61.41
N GLY C 102 -55.79 -22.62 60.10
CA GLY C 102 -56.75 -23.37 59.31
C GLY C 102 -57.82 -22.57 58.59
N TRP C 103 -57.72 -21.25 58.62
CA TRP C 103 -58.72 -20.42 57.94
C TRP C 103 -58.42 -20.37 56.45
N ILE C 104 -59.46 -20.48 55.63
CA ILE C 104 -59.31 -20.44 54.19
C ILE C 104 -59.21 -18.97 53.73
N TYR C 105 -58.17 -18.70 52.94
CA TYR C 105 -57.87 -17.37 52.43
C TYR C 105 -58.62 -16.98 51.17
N LEU C 106 -59.17 -15.76 51.18
CA LEU C 106 -59.91 -15.22 50.04
C LEU C 106 -59.49 -13.75 49.88
N ALA C 107 -58.82 -13.45 48.77
CA ALA C 107 -58.37 -12.09 48.50
C ALA C 107 -59.38 -11.34 47.64
N LEU C 108 -59.89 -10.24 48.16
CA LEU C 108 -60.86 -9.43 47.44
C LEU C 108 -60.33 -8.01 47.24
N MET D 10 -90.73 14.09 87.82
CA MET D 10 -90.57 14.67 86.45
C MET D 10 -91.85 14.50 85.68
N SER D 11 -92.15 15.47 84.80
CA SER D 11 -93.37 15.45 84.00
C SER D 11 -93.34 14.40 82.88
N LEU D 12 -92.16 13.89 82.54
CA LEU D 12 -92.02 12.77 81.62
C LEU D 12 -90.95 11.83 82.19
N ARG D 13 -91.33 10.57 82.44
CA ARG D 13 -90.39 9.62 83.03
C ARG D 13 -90.53 8.20 82.49
N LEU D 14 -89.47 7.43 82.66
CA LEU D 14 -89.41 6.05 82.18
C LEU D 14 -89.45 5.09 83.36
N GLU D 15 -90.30 4.08 83.28
CA GLU D 15 -90.31 2.97 84.25
C GLU D 15 -89.95 1.69 83.53
N ARG D 16 -88.94 0.99 84.03
CA ARG D 16 -88.49 -0.27 83.44
C ARG D 16 -88.84 -1.43 84.35
N ASP D 17 -89.64 -2.36 83.83
CA ASP D 17 -90.15 -3.49 84.60
C ASP D 17 -89.91 -4.78 83.82
N GLY D 18 -88.63 -5.12 83.65
CA GLY D 18 -88.23 -6.36 82.98
C GLY D 18 -88.44 -6.29 81.48
N ALA D 19 -89.35 -7.11 80.97
CA ALA D 19 -89.64 -7.14 79.54
C ALA D 19 -90.41 -5.89 79.09
N VAL D 20 -91.05 -5.20 80.02
CA VAL D 20 -91.89 -4.05 79.69
C VAL D 20 -91.29 -2.75 80.23
N ALA D 21 -91.26 -1.73 79.39
CA ALA D 21 -90.96 -0.36 79.83
C ALA D 21 -92.17 0.51 79.57
N ARG D 22 -92.31 1.54 80.40
CA ARG D 22 -93.41 2.48 80.28
C ARG D 22 -92.85 3.89 80.18
N LEU D 23 -93.23 4.58 79.11
CA LEU D 23 -92.99 6.00 78.98
C LEU D 23 -94.24 6.70 79.50
N LEU D 24 -94.12 7.35 80.66
CA LEU D 24 -95.27 7.91 81.37
C LEU D 24 -95.33 9.43 81.24
N ILE D 25 -96.48 9.95 80.84
CA ILE D 25 -96.74 11.38 80.80
C ILE D 25 -97.52 11.76 82.06
N ASP D 26 -96.94 12.61 82.90
CA ASP D 26 -97.45 12.86 84.25
C ASP D 26 -97.54 14.36 84.54
N ARG D 27 -98.53 15.00 83.92
CA ARG D 27 -98.77 16.42 84.12
C ARG D 27 -100.27 16.69 84.08
N ALA D 28 -100.99 16.07 84.99
CA ALA D 28 -102.46 16.03 84.96
C ALA D 28 -103.12 17.42 85.03
N ASP D 29 -102.50 18.36 85.72
CA ASP D 29 -103.09 19.71 85.85
C ASP D 29 -102.99 20.56 84.58
N ARG D 30 -102.23 20.10 83.58
CA ARG D 30 -102.22 20.74 82.27
C ARG D 30 -102.65 19.75 81.17
N ARG D 31 -103.43 18.74 81.57
CA ARG D 31 -103.93 17.72 80.66
C ARG D 31 -102.80 17.09 79.82
N ASN D 32 -101.69 16.82 80.50
CA ASN D 32 -100.51 16.17 79.89
C ASN D 32 -99.91 16.93 78.69
N ALA D 33 -100.05 18.26 78.70
CA ALA D 33 -99.46 19.09 77.65
C ALA D 33 -97.93 19.07 77.75
N PHE D 34 -97.28 19.05 76.57
CA PHE D 34 -95.83 18.99 76.49
C PHE D 34 -95.21 20.39 76.47
N SER D 35 -94.21 20.58 77.31
CA SER D 35 -93.37 21.76 77.28
C SER D 35 -92.12 21.43 76.47
N LEU D 36 -91.31 22.44 76.21
CA LEU D 36 -90.07 22.24 75.46
C LEU D 36 -89.13 21.25 76.15
N ASP D 37 -89.00 21.37 77.46
CA ASP D 37 -88.08 20.48 78.19
C ASP D 37 -88.49 19.02 78.11
N MET D 38 -89.80 18.76 78.08
CA MET D 38 -90.32 17.40 77.97
C MET D 38 -89.98 16.80 76.62
N TRP D 39 -90.17 17.56 75.55
CA TRP D 39 -89.77 17.14 74.20
C TRP D 39 -88.27 16.79 74.14
N GLN D 40 -87.45 17.64 74.74
CA GLN D 40 -86.00 17.43 74.79
C GLN D 40 -85.61 16.23 75.65
N ARG D 41 -86.42 15.95 76.67
CA ARG D 41 -86.19 14.84 77.59
C ARG D 41 -86.52 13.47 76.99
N LEU D 42 -87.49 13.43 76.08
CA LEU D 42 -88.01 12.16 75.54
C LEU D 42 -86.93 11.25 74.91
N PRO D 43 -86.07 11.81 74.04
CA PRO D 43 -84.99 10.98 73.46
C PRO D 43 -84.04 10.34 74.49
N GLU D 44 -83.79 11.06 75.60
CA GLU D 44 -82.91 10.55 76.65
C GLU D 44 -83.52 9.31 77.29
N LEU D 45 -84.83 9.36 77.52
CA LEU D 45 -85.56 8.24 78.10
C LEU D 45 -85.61 7.05 77.15
N LEU D 46 -85.78 7.32 75.85
CA LEU D 46 -85.73 6.26 74.84
C LEU D 46 -84.38 5.56 74.82
N ALA D 47 -83.30 6.33 74.95
CA ALA D 47 -81.95 5.78 75.00
C ALA D 47 -81.75 4.88 76.21
N GLU D 48 -82.25 5.32 77.37
CA GLU D 48 -82.20 4.52 78.59
C GLU D 48 -82.92 3.19 78.42
N ALA D 49 -84.12 3.24 77.85
CA ALA D 49 -84.91 2.03 77.62
C ALA D 49 -84.22 1.10 76.62
N SER D 50 -83.69 1.68 75.55
CA SER D 50 -83.07 0.90 74.48
C SER D 50 -81.82 0.15 74.95
N GLY D 51 -81.11 0.70 75.92
CA GLY D 51 -79.91 0.06 76.49
C GLY D 51 -80.16 -1.17 77.36
N ASP D 52 -81.43 -1.44 77.68
CA ASP D 52 -81.81 -2.59 78.50
C ASP D 52 -82.05 -3.84 77.65
N ASP D 53 -81.16 -4.82 77.74
CA ASP D 53 -81.23 -6.06 76.95
C ASP D 53 -82.47 -6.92 77.26
N ALA D 54 -83.02 -6.76 78.46
CA ALA D 54 -84.21 -7.52 78.87
C ALA D 54 -85.51 -6.99 78.26
N LEU D 55 -85.49 -5.76 77.77
CA LEU D 55 -86.70 -5.14 77.24
C LEU D 55 -87.25 -5.88 76.02
N ARG D 56 -88.57 -6.00 75.95
CA ARG D 56 -89.27 -6.58 74.80
C ARG D 56 -90.32 -5.64 74.18
N VAL D 57 -90.84 -4.70 74.95
CA VAL D 57 -91.89 -3.80 74.48
C VAL D 57 -91.91 -2.52 75.32
N LEU D 58 -92.13 -1.40 74.64
CA LEU D 58 -92.27 -0.11 75.27
C LEU D 58 -93.71 0.38 75.15
N VAL D 59 -94.31 0.69 76.29
CA VAL D 59 -95.67 1.22 76.33
C VAL D 59 -95.61 2.72 76.62
N VAL D 60 -96.31 3.50 75.79
CA VAL D 60 -96.43 4.93 76.00
C VAL D 60 -97.85 5.19 76.50
N LYS D 61 -97.96 5.87 77.64
CA LYS D 61 -99.26 6.08 78.27
C LYS D 61 -99.25 7.24 79.25
N SER D 62 -100.44 7.66 79.64
CA SER D 62 -100.60 8.63 80.72
C SER D 62 -100.28 7.95 82.06
N ALA D 63 -99.62 8.68 82.95
CA ALA D 63 -99.37 8.18 84.30
C ALA D 63 -100.65 8.07 85.13
N ASN D 64 -101.66 8.89 84.79
CA ASN D 64 -102.86 9.03 85.60
C ASN D 64 -104.17 8.79 84.83
N GLY D 65 -104.12 7.97 83.79
CA GLY D 65 -105.28 7.83 82.90
C GLY D 65 -105.69 9.17 82.32
N GLY D 66 -106.98 9.32 82.02
CA GLY D 66 -107.50 10.57 81.47
C GLY D 66 -106.83 10.92 80.14
N ALA D 67 -106.61 12.21 79.92
CA ALA D 67 -106.00 12.68 78.68
C ALA D 67 -104.63 12.06 78.44
N PHE D 68 -104.40 11.65 77.21
CA PHE D 68 -103.12 11.10 76.80
C PHE D 68 -102.11 12.23 76.70
N CYS D 69 -102.44 13.23 75.89
CA CYS D 69 -101.59 14.41 75.71
C CYS D 69 -102.39 15.43 74.92
N ALA D 70 -102.70 16.56 75.56
CA ALA D 70 -103.48 17.62 74.95
C ALA D 70 -102.70 18.46 73.94
N GLY D 71 -101.43 18.12 73.73
CA GLY D 71 -100.60 18.77 72.72
C GLY D 71 -99.64 19.77 73.33
N ALA D 72 -99.60 20.96 72.73
CA ALA D 72 -98.66 22.00 73.14
C ALA D 72 -99.10 22.67 74.42
N ASP D 73 -98.11 22.96 75.27
CA ASP D 73 -98.30 23.77 76.46
C ASP D 73 -98.72 25.18 76.00
N ILE D 74 -99.99 25.54 76.21
CA ILE D 74 -100.52 26.78 75.65
C ILE D 74 -99.90 28.03 76.27
N ALA D 75 -99.65 28.00 77.58
CA ALA D 75 -98.97 29.12 78.25
C ALA D 75 -97.57 29.35 77.68
N GLU D 76 -96.87 28.25 77.39
CA GLU D 76 -95.55 28.33 76.77
C GLU D 76 -95.64 28.85 75.34
N LEU D 77 -96.61 28.35 74.57
CA LEU D 77 -96.83 28.82 73.20
C LEU D 77 -97.06 30.33 73.14
N LEU D 78 -97.97 30.81 73.98
CA LEU D 78 -98.35 32.23 73.96
C LEU D 78 -97.24 33.13 74.49
N ALA D 79 -96.57 32.70 75.55
CA ALA D 79 -95.45 33.47 76.11
C ALA D 79 -94.31 33.66 75.09
N ASN D 80 -94.13 32.68 74.20
CA ASN D 80 -93.04 32.69 73.24
C ASN D 80 -93.45 32.94 71.80
N LYS D 81 -94.66 33.42 71.59
CA LYS D 81 -95.20 33.58 70.23
C LYS D 81 -94.39 34.52 69.32
N ASP D 82 -93.61 35.42 69.92
CA ASP D 82 -92.74 36.31 69.14
C ASP D 82 -91.24 35.99 69.30
N ASP D 83 -90.92 34.78 69.74
CA ASP D 83 -89.54 34.39 70.03
C ASP D 83 -89.01 33.37 69.00
N ALA D 84 -88.30 33.87 68.00
CA ALA D 84 -87.82 33.02 66.90
C ALA D 84 -86.90 31.89 67.38
N ALA D 85 -86.10 32.18 68.41
CA ALA D 85 -85.19 31.17 68.98
C ALA D 85 -85.97 30.01 69.59
N PHE D 86 -87.05 30.31 70.30
CA PHE D 86 -87.90 29.28 70.87
C PHE D 86 -88.55 28.44 69.78
N HIS D 87 -89.09 29.09 68.75
CA HIS D 87 -89.77 28.36 67.67
C HIS D 87 -88.83 27.40 66.96
N LEU D 88 -87.60 27.83 66.71
CA LEU D 88 -86.61 26.98 66.03
C LEU D 88 -86.15 25.83 66.92
N ALA D 89 -85.89 26.13 68.20
CA ALA D 89 -85.52 25.10 69.18
C ALA D 89 -86.65 24.09 69.39
N ASN D 90 -87.88 24.59 69.47
CA ASN D 90 -89.05 23.75 69.69
C ASN D 90 -89.30 22.83 68.48
N GLN D 91 -89.19 23.40 67.28
CA GLN D 91 -89.35 22.63 66.04
C GLN D 91 -88.37 21.46 66.00
N GLN D 92 -87.10 21.75 66.25
CA GLN D 92 -86.05 20.73 66.23
C GLN D 92 -86.25 19.66 67.30
N ALA D 93 -86.64 20.06 68.50
CA ALA D 93 -86.83 19.12 69.61
C ALA D 93 -87.95 18.14 69.32
N ILE D 94 -89.07 18.65 68.81
CA ILE D 94 -90.21 17.81 68.46
C ILE D 94 -89.83 16.83 67.35
N ASN D 95 -89.16 17.33 66.31
CA ASN D 95 -88.76 16.49 65.18
C ASN D 95 -87.82 15.36 65.59
N ARG D 96 -86.88 15.65 66.48
CA ARG D 96 -85.99 14.62 67.02
C ARG D 96 -86.78 13.56 67.76
N ALA D 97 -87.68 13.99 68.64
CA ALA D 97 -88.45 13.07 69.47
C ALA D 97 -89.29 12.14 68.61
N GLN D 98 -89.96 12.71 67.63
CA GLN D 98 -90.83 11.96 66.72
C GLN D 98 -90.03 10.96 65.88
N TYR D 99 -88.88 11.41 65.39
CA TYR D 99 -88.03 10.55 64.58
C TYR D 99 -87.55 9.33 65.40
N GLU D 100 -87.09 9.59 66.64
CA GLU D 100 -86.50 8.54 67.46
C GLU D 100 -87.55 7.58 67.99
N LEU D 101 -88.70 8.09 68.43
CA LEU D 101 -89.77 7.22 68.91
C LEU D 101 -90.25 6.27 67.81
N ALA D 102 -90.44 6.79 66.61
CA ALA D 102 -90.93 6.00 65.48
C ALA D 102 -89.96 4.88 65.05
N ARG D 103 -88.68 5.06 65.38
CA ARG D 103 -87.63 4.10 65.03
C ARG D 103 -87.03 3.39 66.24
N PHE D 104 -87.76 3.38 67.35
CA PHE D 104 -87.32 2.65 68.54
C PHE D 104 -87.13 1.18 68.16
N ARG D 105 -86.08 0.54 68.67
CA ARG D 105 -85.70 -0.78 68.15
C ARG D 105 -86.73 -1.88 68.39
N LEU D 106 -87.48 -1.77 69.49
CA LEU D 106 -88.48 -2.77 69.89
C LEU D 106 -89.92 -2.30 69.61
N PRO D 107 -90.89 -3.23 69.65
CA PRO D 107 -92.29 -2.85 69.54
C PRO D 107 -92.70 -1.78 70.56
N THR D 108 -93.50 -0.83 70.10
CA THR D 108 -94.02 0.24 70.93
C THR D 108 -95.54 0.31 70.80
N VAL D 109 -96.21 0.60 71.91
CA VAL D 109 -97.67 0.67 71.96
C VAL D 109 -98.10 1.94 72.68
N ALA D 110 -99.00 2.69 72.07
CA ALA D 110 -99.63 3.84 72.74
C ALA D 110 -100.96 3.40 73.34
N MET D 111 -101.13 3.60 74.65
CA MET D 111 -102.39 3.32 75.35
C MET D 111 -103.09 4.63 75.57
N VAL D 112 -104.14 4.90 74.79
CA VAL D 112 -104.82 6.20 74.80
C VAL D 112 -106.17 6.12 75.52
N GLU D 113 -106.30 6.87 76.61
CA GLU D 113 -107.50 6.81 77.46
C GLU D 113 -108.30 8.10 77.49
N GLY D 114 -107.89 9.10 76.71
CA GLY D 114 -108.55 10.39 76.71
C GLY D 114 -108.07 11.19 75.52
N ASP D 115 -108.11 12.51 75.67
CA ASP D 115 -107.71 13.42 74.60
C ASP D 115 -106.27 13.18 74.15
N CYS D 116 -106.11 13.09 72.83
CA CYS D 116 -104.83 12.88 72.18
C CYS D 116 -104.79 13.87 71.02
N ILE D 117 -104.27 15.07 71.28
CA ILE D 117 -104.43 16.21 70.39
C ILE D 117 -103.10 16.79 69.93
N GLY D 118 -102.99 17.06 68.63
CA GLY D 118 -101.87 17.78 68.03
C GLY D 118 -100.55 17.04 68.18
N GLY D 119 -99.64 17.62 68.95
CA GLY D 119 -98.37 16.99 69.30
C GLY D 119 -98.54 15.69 70.07
N GLY D 120 -99.63 15.59 70.83
CA GLY D 120 -99.98 14.35 71.50
C GLY D 120 -100.32 13.27 70.49
N CYS D 121 -101.04 13.64 69.44
CA CYS D 121 -101.40 12.72 68.37
C CYS D 121 -100.15 12.26 67.63
N GLY D 122 -99.20 13.17 67.45
CA GLY D 122 -97.89 12.85 66.87
C GLY D 122 -97.17 11.75 67.65
N ILE D 123 -97.17 11.85 68.98
CA ILE D 123 -96.55 10.82 69.83
C ILE D 123 -97.22 9.47 69.59
N ALA D 124 -98.55 9.45 69.62
CA ALA D 124 -99.31 8.23 69.36
C ALA D 124 -99.04 7.65 67.98
N LEU D 125 -98.96 8.53 66.98
CA LEU D 125 -98.69 8.12 65.60
C LEU D 125 -97.31 7.50 65.43
N ALA D 126 -96.37 7.92 66.26
CA ALA D 126 -95.01 7.42 66.21
C ALA D 126 -94.86 6.02 66.82
N CYS D 127 -95.83 5.58 67.63
CA CYS D 127 -95.82 4.21 68.13
C CYS D 127 -96.23 3.21 67.04
N ASP D 128 -95.87 1.94 67.23
CA ASP D 128 -96.18 0.89 66.25
C ASP D 128 -97.66 0.60 66.15
N MET D 129 -98.33 0.67 67.30
CA MET D 129 -99.78 0.37 67.35
C MET D 129 -100.40 1.18 68.48
N ARG D 130 -101.71 1.44 68.39
CA ARG D 130 -102.45 2.20 69.39
C ARG D 130 -103.67 1.42 69.84
N ILE D 131 -103.94 1.46 71.16
CA ILE D 131 -105.16 0.94 71.74
C ILE D 131 -105.94 2.13 72.28
N ALA D 132 -107.22 2.21 71.98
CA ALA D 132 -108.07 3.30 72.44
C ALA D 132 -109.14 2.79 73.40
N ALA D 133 -109.17 3.36 74.60
CA ALA D 133 -110.25 3.12 75.56
C ALA D 133 -111.46 3.98 75.18
N PRO D 134 -112.65 3.70 75.78
CA PRO D 134 -113.87 4.37 75.31
C PRO D 134 -113.87 5.90 75.36
N ALA D 135 -113.10 6.50 76.26
CA ALA D 135 -113.04 7.97 76.36
C ALA D 135 -112.00 8.61 75.43
N ALA D 136 -111.24 7.81 74.69
CA ALA D 136 -110.18 8.34 73.83
C ALA D 136 -110.74 9.29 72.77
N ARG D 137 -110.06 10.42 72.55
CA ARG D 137 -110.40 11.33 71.46
C ARG D 137 -109.14 11.80 70.76
N PHE D 138 -109.23 11.96 69.45
CA PHE D 138 -108.08 12.28 68.61
C PHE D 138 -108.35 13.49 67.74
N GLY D 139 -107.33 14.33 67.60
CA GLY D 139 -107.41 15.48 66.71
C GLY D 139 -106.05 16.07 66.47
N ILE D 140 -105.92 16.72 65.33
CA ILE D 140 -104.71 17.40 64.93
C ILE D 140 -105.15 18.81 64.53
N THR D 141 -104.75 19.81 65.31
CA THR D 141 -105.39 21.13 65.32
C THR D 141 -104.58 22.36 64.88
N PRO D 142 -103.45 22.18 64.16
CA PRO D 142 -102.68 23.38 63.81
C PRO D 142 -103.44 24.39 62.92
N ALA D 143 -104.36 23.91 62.08
CA ALA D 143 -105.11 24.80 61.19
C ALA D 143 -105.96 25.82 61.94
N LYS D 144 -106.25 25.56 63.21
CA LYS D 144 -107.00 26.50 64.04
C LYS D 144 -106.14 27.64 64.60
N LEU D 145 -104.82 27.53 64.44
CA LEU D 145 -103.90 28.61 64.84
C LEU D 145 -103.03 29.12 63.70
N GLY D 146 -103.31 28.72 62.46
CA GLY D 146 -102.50 29.17 61.33
C GLY D 146 -101.11 28.54 61.28
N LEU D 147 -100.98 27.33 61.84
CA LEU D 147 -99.72 26.62 61.83
C LEU D 147 -99.80 25.42 60.90
N VAL D 148 -98.66 24.75 60.72
CA VAL D 148 -98.54 23.60 59.83
C VAL D 148 -98.18 22.37 60.69
N TYR D 149 -98.32 21.18 60.13
CA TYR D 149 -97.90 19.93 60.78
C TYR D 149 -96.60 19.45 60.12
N PRO D 150 -95.64 18.92 60.90
CA PRO D 150 -94.39 18.46 60.26
C PRO D 150 -94.64 17.35 59.23
N LEU D 151 -93.90 17.38 58.12
CA LEU D 151 -94.08 16.40 57.06
C LEU D 151 -93.87 14.97 57.57
N HIS D 152 -92.89 14.78 58.45
CA HIS D 152 -92.67 13.48 59.09
C HIS D 152 -93.98 12.92 59.68
N ASP D 153 -94.73 13.78 60.34
CA ASP D 153 -95.95 13.37 61.01
C ASP D 153 -97.17 13.33 60.08
N VAL D 154 -97.18 14.15 59.04
CA VAL D 154 -98.17 14.01 57.97
C VAL D 154 -98.05 12.60 57.39
N LYS D 155 -96.82 12.15 57.16
CA LYS D 155 -96.60 10.82 56.60
C LYS D 155 -97.07 9.71 57.56
N LEU D 156 -96.75 9.82 58.85
CA LEU D 156 -97.24 8.85 59.84
C LEU D 156 -98.77 8.72 59.80
N LEU D 157 -99.44 9.85 59.64
CA LEU D 157 -100.89 9.85 59.60
C LEU D 157 -101.41 9.23 58.32
N VAL D 158 -100.86 9.65 57.18
CA VAL D 158 -101.31 9.14 55.87
C VAL D 158 -101.04 7.63 55.76
N ASP D 159 -99.90 7.18 56.30
CA ASP D 159 -99.56 5.75 56.37
C ASP D 159 -100.71 4.91 56.94
N LEU D 160 -101.39 5.43 57.96
CA LEU D 160 -102.43 4.69 58.65
C LEU D 160 -103.82 4.85 58.06
N VAL D 161 -104.20 6.09 57.74
CA VAL D 161 -105.59 6.38 57.40
C VAL D 161 -105.82 6.81 55.95
N GLY D 162 -104.75 6.97 55.18
CA GLY D 162 -104.83 7.47 53.82
C GLY D 162 -105.02 8.97 53.74
N PRO D 163 -104.92 9.54 52.52
CA PRO D 163 -104.93 11.00 52.35
C PRO D 163 -106.29 11.66 52.55
N GLY D 164 -107.38 10.94 52.28
CA GLY D 164 -108.72 11.48 52.46
C GLY D 164 -109.03 11.80 53.91
N GLN D 165 -108.82 10.81 54.79
CA GLN D 165 -109.05 11.00 56.21
C GLN D 165 -108.00 11.92 56.83
N ALA D 166 -106.77 11.82 56.35
CA ALA D 166 -105.69 12.70 56.84
C ALA D 166 -106.07 14.16 56.63
N ARG D 167 -106.54 14.49 55.43
CA ARG D 167 -106.97 15.85 55.12
C ARG D 167 -108.23 16.25 55.89
N ARG D 168 -109.18 15.33 56.04
CA ARG D 168 -110.38 15.59 56.85
C ARG D 168 -109.99 16.06 58.25
N LEU D 169 -109.07 15.33 58.88
CA LEU D 169 -108.66 15.64 60.26
C LEU D 169 -107.84 16.92 60.34
N MET D 170 -106.86 17.07 59.45
CA MET D 170 -105.92 18.19 59.51
C MET D 170 -106.51 19.49 59.01
N PHE D 171 -107.40 19.44 58.01
CA PHE D 171 -108.04 20.67 57.53
C PHE D 171 -109.05 21.22 58.54
N THR D 172 -109.81 20.35 59.20
CA THR D 172 -110.87 20.81 60.12
C THR D 172 -110.37 21.03 61.54
N GLY D 173 -109.39 20.23 61.96
CA GLY D 173 -108.98 20.23 63.36
C GLY D 173 -110.06 19.69 64.28
N GLY D 174 -111.01 18.94 63.73
CA GLY D 174 -112.13 18.41 64.49
C GLY D 174 -111.74 17.11 65.17
N LEU D 175 -112.29 16.87 66.36
CA LEU D 175 -112.00 15.65 67.09
C LEU D 175 -112.83 14.50 66.59
N ILE D 176 -112.29 13.30 66.68
CA ILE D 176 -113.06 12.07 66.42
C ILE D 176 -112.96 11.17 67.64
N ASP D 177 -113.98 10.34 67.84
CA ASP D 177 -114.04 9.48 69.02
C ASP D 177 -113.31 8.14 68.79
N ALA D 178 -113.27 7.31 69.83
CA ALA D 178 -112.54 6.05 69.77
C ALA D 178 -113.01 5.13 68.65
N ASN D 179 -114.33 4.99 68.50
CA ASN D 179 -114.90 4.13 67.46
C ASN D 179 -114.58 4.58 66.04
N GLU D 180 -114.62 5.89 65.80
CA GLU D 180 -114.26 6.41 64.48
C GLU D 180 -112.76 6.25 64.19
N ALA D 181 -111.92 6.47 65.21
CA ALA D 181 -110.48 6.26 65.06
C ALA D 181 -110.17 4.80 64.74
N HIS D 182 -110.88 3.88 65.37
CA HIS D 182 -110.77 2.45 65.08
C HIS D 182 -111.26 2.15 63.64
N ARG D 183 -112.39 2.74 63.25
CA ARG D 183 -112.96 2.51 61.92
C ARG D 183 -112.04 2.95 60.78
N ILE D 184 -111.36 4.09 60.95
CA ILE D 184 -110.54 4.65 59.88
C ILE D 184 -109.07 4.19 59.91
N GLY D 185 -108.71 3.37 60.88
CA GLY D 185 -107.36 2.83 60.98
C GLY D 185 -106.37 3.70 61.75
N LEU D 186 -106.86 4.68 62.49
CA LEU D 186 -105.98 5.51 63.30
C LEU D 186 -105.50 4.76 64.54
N VAL D 187 -106.37 3.91 65.09
CA VAL D 187 -105.99 2.97 66.16
C VAL D 187 -106.32 1.56 65.71
N GLU D 188 -105.51 0.60 66.15
CA GLU D 188 -105.64 -0.78 65.69
C GLU D 188 -106.59 -1.58 66.55
N LEU D 189 -106.74 -1.17 67.81
CA LEU D 189 -107.45 -1.96 68.83
C LEU D 189 -108.28 -1.07 69.73
N LEU D 190 -109.45 -1.57 70.12
CA LEU D 190 -110.26 -0.99 71.19
C LEU D 190 -110.12 -1.86 72.43
N GLY D 191 -109.97 -1.23 73.59
CA GLY D 191 -109.85 -1.98 74.85
C GLY D 191 -109.56 -1.09 76.02
N GLU D 192 -109.74 -1.62 77.23
CA GLU D 192 -109.56 -0.86 78.46
C GLU D 192 -108.12 -0.89 78.96
N SER D 193 -107.34 -1.86 78.50
CA SER D 193 -106.01 -2.11 79.02
C SER D 193 -105.05 -2.62 77.96
N GLU D 194 -103.77 -2.29 78.10
CA GLU D 194 -102.73 -2.79 77.20
C GLU D 194 -102.19 -4.19 77.61
N ASP D 195 -102.63 -4.70 78.76
CA ASP D 195 -102.03 -5.89 79.38
C ASP D 195 -101.98 -7.12 78.46
N ALA D 196 -103.09 -7.40 77.79
CA ALA D 196 -103.17 -8.58 76.93
C ALA D 196 -102.21 -8.48 75.75
N LEU D 197 -102.18 -7.33 75.10
CA LEU D 197 -101.29 -7.15 73.96
C LEU D 197 -99.83 -7.22 74.40
N VAL D 198 -99.51 -6.54 75.49
CA VAL D 198 -98.15 -6.52 76.03
C VAL D 198 -97.68 -7.92 76.41
N GLY D 199 -98.58 -8.72 76.98
CA GLY D 199 -98.31 -10.11 77.27
C GLY D 199 -97.91 -10.88 76.02
N GLN D 200 -98.64 -10.67 74.92
CA GLN D 200 -98.33 -11.36 73.67
C GLN D 200 -97.00 -10.91 73.10
N LEU D 201 -96.79 -9.59 73.08
CA LEU D 201 -95.55 -9.02 72.53
C LEU D 201 -94.31 -9.43 73.32
N ALA D 202 -94.45 -9.56 74.63
CA ALA D 202 -93.32 -9.84 75.52
C ALA D 202 -92.79 -11.27 75.38
N THR D 203 -93.61 -12.19 74.89
CA THR D 203 -93.26 -13.62 74.84
C THR D 203 -92.69 -14.11 73.50
N VAL D 204 -92.78 -13.31 72.44
CA VAL D 204 -92.22 -13.71 71.12
C VAL D 204 -90.73 -13.35 71.02
N SER D 205 -90.09 -13.79 69.95
CA SER D 205 -88.67 -13.51 69.72
C SER D 205 -88.39 -12.03 69.47
N SER D 206 -87.51 -11.43 70.28
CA SER D 206 -87.09 -10.05 70.09
C SER D 206 -86.12 -9.88 68.91
N PHE D 207 -85.46 -10.96 68.49
CA PHE D 207 -84.76 -10.94 67.21
C PHE D 207 -85.77 -10.69 66.09
N SER D 208 -86.83 -11.49 66.10
CA SER D 208 -87.87 -11.41 65.07
C SER D 208 -88.55 -10.03 65.01
N THR D 209 -89.02 -9.53 66.15
CA THR D 209 -89.77 -8.27 66.16
C THR D 209 -88.92 -7.11 65.65
N GLN D 210 -87.67 -7.06 66.09
CA GLN D 210 -86.80 -5.97 65.69
C GLN D 210 -86.48 -6.00 64.19
N ALA D 211 -86.22 -7.21 63.67
CA ALA D 211 -85.93 -7.39 62.24
C ALA D 211 -87.15 -7.12 61.37
N ILE D 212 -88.32 -7.61 61.79
CA ILE D 212 -89.57 -7.37 61.07
C ILE D 212 -89.90 -5.88 61.10
N LYS D 213 -89.74 -5.25 62.26
CA LYS D 213 -89.96 -3.81 62.36
C LYS D 213 -89.13 -3.03 61.33
N SER D 214 -87.85 -3.39 61.21
CA SER D 214 -86.99 -2.75 60.19
C SER D 214 -87.46 -3.03 58.76
N PHE D 215 -87.91 -4.24 58.47
CA PHE D 215 -88.49 -4.55 57.15
C PHE D 215 -89.72 -3.69 56.81
N VAL D 216 -90.60 -3.52 57.79
CA VAL D 216 -91.79 -2.69 57.58
C VAL D 216 -91.38 -1.24 57.27
N ARG D 217 -90.41 -0.74 58.01
CA ARG D 217 -89.88 0.60 57.78
C ARG D 217 -89.25 0.72 56.39
N ARG D 218 -88.51 -0.31 55.96
CA ARG D 218 -87.95 -0.30 54.61
C ARG D 218 -89.04 -0.16 53.53
N VAL D 219 -90.13 -0.89 53.71
CA VAL D 219 -91.28 -0.81 52.80
C VAL D 219 -91.89 0.59 52.81
N LEU D 220 -92.06 1.14 54.00
CA LEU D 220 -92.60 2.51 54.14
C LEU D 220 -91.67 3.56 53.52
N ASP D 221 -90.38 3.29 53.54
CA ASP D 221 -89.39 4.18 52.92
C ASP D 221 -89.20 3.93 51.41
N GLY D 222 -89.99 3.02 50.83
CA GLY D 222 -90.05 2.86 49.38
C GLY D 222 -89.43 1.61 48.80
N GLN D 223 -88.96 0.69 49.65
CA GLN D 223 -88.39 -0.56 49.15
C GLN D 223 -89.51 -1.45 48.63
N VAL D 224 -89.33 -1.91 47.39
CA VAL D 224 -90.37 -2.66 46.68
C VAL D 224 -90.10 -4.18 46.68
N ALA D 225 -88.86 -4.59 46.48
CA ALA D 225 -88.53 -6.02 46.40
C ALA D 225 -87.47 -6.39 47.43
N ASP D 226 -87.36 -7.69 47.73
CA ASP D 226 -86.22 -8.20 48.49
C ASP D 226 -84.93 -7.89 47.73
N ASP D 227 -83.86 -7.60 48.46
CA ASP D 227 -82.53 -7.41 47.86
C ASP D 227 -81.53 -8.27 48.64
N THR D 228 -80.24 -8.22 48.27
CA THR D 228 -79.25 -9.10 48.91
C THR D 228 -79.24 -8.93 50.44
N LEU D 229 -79.32 -7.70 50.91
CA LEU D 229 -79.29 -7.47 52.35
C LEU D 229 -80.51 -8.05 53.08
N SER D 230 -81.72 -7.90 52.54
CA SER D 230 -82.90 -8.45 53.19
C SER D 230 -82.92 -9.98 53.13
N LEU D 231 -82.36 -10.56 52.06
CA LEU D 231 -82.22 -12.00 51.96
C LEU D 231 -81.27 -12.53 53.04
N CYS D 232 -80.19 -11.78 53.28
CA CYS D 232 -79.21 -12.14 54.29
C CYS D 232 -79.79 -12.08 55.71
N VAL D 233 -80.51 -10.99 56.01
CA VAL D 233 -81.16 -10.84 57.32
C VAL D 233 -82.11 -11.99 57.56
N PHE D 234 -82.93 -12.30 56.56
CA PHE D 234 -83.85 -13.42 56.65
C PHE D 234 -83.11 -14.72 56.95
N ALA D 235 -82.07 -14.99 56.16
CA ALA D 235 -81.29 -16.21 56.34
C ALA D 235 -80.63 -16.29 57.72
N SER D 236 -80.11 -15.17 58.22
CA SER D 236 -79.41 -15.14 59.51
C SER D 236 -80.26 -15.65 60.68
N ALA D 237 -81.59 -15.64 60.52
CA ALA D 237 -82.50 -16.13 61.55
C ALA D 237 -82.22 -17.59 61.92
N THR D 238 -81.84 -18.39 60.93
CA THR D 238 -81.62 -19.83 61.13
C THR D 238 -80.31 -20.15 61.85
N LEU D 239 -79.43 -19.15 61.96
CA LEU D 239 -78.18 -19.27 62.69
C LEU D 239 -78.29 -18.71 64.13
N GLY D 240 -79.47 -18.22 64.49
CA GLY D 240 -79.65 -17.50 65.74
C GLY D 240 -80.13 -18.34 66.91
N ALA D 241 -79.81 -17.87 68.11
CA ALA D 241 -80.20 -18.54 69.35
C ALA D 241 -81.72 -18.67 69.52
N ASP D 242 -82.47 -17.66 69.07
CA ASP D 242 -83.92 -17.72 69.22
C ASP D 242 -84.53 -18.84 68.38
N PHE D 243 -84.07 -19.01 67.15
CA PHE D 243 -84.54 -20.12 66.32
C PHE D 243 -84.24 -21.47 66.98
N ARG D 244 -83.05 -21.59 67.58
CA ARG D 244 -82.69 -22.84 68.27
C ARG D 244 -83.61 -23.10 69.47
N GLU D 245 -83.98 -22.03 70.20
CA GLU D 245 -84.94 -22.16 71.30
C GLU D 245 -86.33 -22.51 70.79
N GLY D 246 -86.73 -21.92 69.66
CA GLY D 246 -88.02 -22.22 69.06
C GLY D 246 -88.18 -23.66 68.64
N THR D 247 -87.17 -24.20 67.95
CA THR D 247 -87.22 -25.59 67.48
C THR D 247 -87.06 -26.58 68.63
N GLY D 248 -86.18 -26.26 69.57
CA GLY D 248 -86.00 -27.10 70.77
C GLY D 248 -87.27 -27.20 71.58
N ALA D 249 -87.90 -26.05 71.83
CA ALA D 249 -89.19 -25.99 72.53
C ALA D 249 -90.26 -26.77 71.77
N PHE D 250 -90.28 -26.66 70.44
CA PHE D 250 -91.28 -27.38 69.65
C PHE D 250 -91.14 -28.89 69.78
N LEU D 251 -89.90 -29.38 69.72
CA LEU D 251 -89.64 -30.82 69.87
C LEU D 251 -90.03 -31.33 71.27
N GLU D 252 -89.83 -30.51 72.30
CA GLU D 252 -90.17 -30.87 73.68
C GLU D 252 -91.63 -30.57 74.05
N LYS D 253 -92.39 -30.00 73.10
CA LYS D 253 -93.79 -29.64 73.29
C LYS D 253 -93.99 -28.73 74.49
N ARG D 254 -93.15 -27.70 74.57
CA ARG D 254 -93.23 -26.69 75.61
C ARG D 254 -93.18 -25.31 74.95
N PRO D 255 -93.64 -24.27 75.66
CA PRO D 255 -93.55 -22.93 75.09
C PRO D 255 -92.11 -22.46 75.00
N PRO D 256 -91.76 -21.76 73.92
CA PRO D 256 -90.39 -21.24 73.86
C PRO D 256 -90.22 -20.12 74.88
N VAL D 257 -89.01 -20.02 75.44
CA VAL D 257 -88.67 -18.95 76.35
C VAL D 257 -87.62 -18.08 75.66
N PHE D 258 -88.07 -16.93 75.16
CA PHE D 258 -87.18 -15.99 74.47
C PHE D 258 -86.69 -14.96 75.47
N MET E 1 -52.25 -31.97 40.28
CA MET E 1 -52.18 -30.69 41.02
C MET E 1 -53.46 -29.89 40.79
N LYS E 2 -54.32 -29.86 41.80
CA LYS E 2 -55.59 -29.14 41.73
C LYS E 2 -55.43 -27.66 42.09
N VAL E 3 -55.83 -26.78 41.18
CA VAL E 3 -55.71 -25.34 41.39
C VAL E 3 -57.03 -24.62 41.11
N VAL E 4 -57.50 -23.84 42.06
CA VAL E 4 -58.71 -23.06 41.86
C VAL E 4 -58.22 -21.63 41.62
N VAL E 5 -58.47 -21.13 40.43
CA VAL E 5 -58.03 -19.81 40.01
C VAL E 5 -59.13 -18.75 40.13
N GLN E 6 -58.79 -17.61 40.71
CA GLN E 6 -59.76 -16.51 40.85
C GLN E 6 -59.42 -15.35 39.93
N ILE E 7 -60.44 -14.78 39.29
CA ILE E 7 -60.27 -13.60 38.44
C ILE E 7 -61.44 -12.70 38.81
N LYS E 8 -61.15 -11.49 39.27
CA LYS E 8 -62.21 -10.57 39.69
C LYS E 8 -62.23 -9.21 39.00
N ASP E 9 -61.09 -8.79 38.46
CA ASP E 9 -61.01 -7.49 37.81
C ASP E 9 -61.06 -7.59 36.29
N PHE E 10 -62.12 -7.04 35.70
CA PHE E 10 -62.28 -7.09 34.25
C PHE E 10 -61.08 -6.52 33.48
N ASP E 11 -60.53 -5.40 33.96
CA ASP E 11 -59.40 -4.79 33.28
C ASP E 11 -58.12 -5.61 33.31
N LYS E 12 -58.11 -6.66 34.13
CA LYS E 12 -56.92 -7.51 34.23
C LYS E 12 -57.14 -8.91 33.67
N VAL E 13 -58.28 -9.14 33.05
CA VAL E 13 -58.59 -10.44 32.49
C VAL E 13 -57.59 -10.91 31.44
N PRO E 14 -57.21 -10.04 30.48
CA PRO E 14 -56.24 -10.50 29.50
C PRO E 14 -54.98 -11.08 30.14
N GLN E 15 -54.39 -10.35 31.09
CA GLN E 15 -53.18 -10.84 31.77
C GLN E 15 -53.46 -12.07 32.61
N ALA E 16 -54.64 -12.12 33.23
CA ALA E 16 -55.01 -13.26 34.06
C ALA E 16 -55.09 -14.51 33.20
N LEU E 17 -55.73 -14.40 32.04
CA LEU E 17 -55.85 -15.55 31.15
C LEU E 17 -54.48 -16.01 30.67
N GLN E 18 -53.56 -15.09 30.42
CA GLN E 18 -52.23 -15.50 30.00
C GLN E 18 -51.55 -16.21 31.14
N SER E 19 -51.83 -15.77 32.37
CA SER E 19 -51.26 -16.41 33.55
C SER E 19 -51.78 -17.84 33.69
N VAL E 20 -53.05 -18.05 33.37
CA VAL E 20 -53.60 -19.40 33.43
C VAL E 20 -52.92 -20.27 32.37
N LEU E 21 -52.69 -19.69 31.20
CA LEU E 21 -52.01 -20.42 30.14
C LEU E 21 -50.60 -20.79 30.65
N ASN E 22 -49.96 -19.83 31.31
CA ASN E 22 -48.64 -20.09 31.90
C ASN E 22 -48.72 -21.23 32.90
N LEU E 23 -49.73 -21.22 33.76
CA LEU E 23 -49.90 -22.24 34.79
C LEU E 23 -50.00 -23.60 34.13
N PHE E 24 -50.93 -23.71 33.18
CA PHE E 24 -51.17 -24.93 32.43
C PHE E 24 -49.88 -25.45 31.78
N LEU E 25 -49.18 -24.57 31.08
CA LEU E 25 -47.93 -24.96 30.43
C LEU E 25 -46.83 -25.40 31.39
N ASP E 26 -46.81 -24.82 32.58
CA ASP E 26 -45.79 -25.17 33.56
C ASP E 26 -46.06 -26.37 34.45
N LEU E 27 -47.32 -26.59 34.83
CA LEU E 27 -47.66 -27.69 35.71
C LEU E 27 -48.29 -28.85 34.95
N GLY E 28 -47.54 -29.94 34.83
CA GLY E 28 -48.00 -31.12 34.10
C GLY E 28 -49.24 -31.71 34.74
N ASN E 29 -50.21 -32.04 33.91
CA ASN E 29 -51.48 -32.58 34.37
C ASN E 29 -52.20 -31.73 35.41
N ALA E 30 -52.07 -30.41 35.32
CA ALA E 30 -52.75 -29.53 36.25
C ALA E 30 -54.25 -29.70 36.04
N GLU E 31 -55.00 -29.63 37.15
CA GLU E 31 -56.46 -29.73 37.10
C GLU E 31 -56.87 -28.32 37.49
N ILE E 32 -57.30 -27.53 36.49
CA ILE E 32 -57.64 -26.14 36.73
C ILE E 32 -59.09 -25.74 36.58
N GLU E 33 -59.57 -24.95 37.53
CA GLU E 33 -60.92 -24.40 37.51
C GLU E 33 -60.76 -22.89 37.67
N VAL E 34 -61.31 -22.14 36.72
CA VAL E 34 -61.21 -20.70 36.80
C VAL E 34 -62.56 -20.11 37.13
N VAL E 35 -62.63 -19.36 38.23
CA VAL E 35 -63.86 -18.73 38.67
C VAL E 35 -63.83 -17.22 38.44
N LEU E 36 -64.73 -16.72 37.59
CA LEU E 36 -64.78 -15.29 37.32
C LEU E 36 -65.96 -14.64 38.03
N HIS E 37 -65.70 -13.59 38.81
CA HIS E 37 -66.75 -12.88 39.50
C HIS E 37 -66.54 -11.37 39.48
N GLN E 38 -67.45 -10.65 40.11
CA GLN E 38 -67.40 -9.18 40.09
C GLN E 38 -67.39 -8.78 38.60
N SER E 39 -66.68 -7.71 38.25
CA SER E 39 -66.68 -7.24 36.87
C SER E 39 -66.06 -8.19 35.84
N ALA E 40 -65.21 -9.10 36.29
CA ALA E 40 -64.55 -10.02 35.38
C ALA E 40 -65.56 -10.93 34.66
N ILE E 41 -66.77 -11.07 35.21
CA ILE E 41 -67.78 -11.92 34.58
C ILE E 41 -68.05 -11.49 33.13
N LYS E 42 -67.85 -10.21 32.85
CA LYS E 42 -68.09 -9.70 31.51
C LYS E 42 -67.22 -10.37 30.45
N ALA E 43 -66.10 -10.95 30.88
CA ALA E 43 -65.20 -11.60 29.94
C ALA E 43 -65.82 -12.87 29.37
N LEU E 44 -66.89 -13.37 30.00
CA LEU E 44 -67.53 -14.59 29.51
C LEU E 44 -68.68 -14.33 28.53
N LEU E 45 -68.84 -13.08 28.12
CA LEU E 45 -69.89 -12.74 27.17
C LEU E 45 -69.49 -13.23 25.77
N LEU E 46 -70.48 -13.59 24.96
CA LEU E 46 -70.23 -14.02 23.60
C LEU E 46 -69.45 -13.01 22.75
N ASN E 47 -69.61 -11.73 23.06
CA ASN E 47 -68.95 -10.69 22.28
C ASN E 47 -67.65 -10.23 22.93
N SER E 48 -67.23 -10.97 23.96
CA SER E 48 -66.04 -10.64 24.74
C SER E 48 -64.77 -10.61 23.89
N PRO E 49 -63.89 -9.65 24.16
CA PRO E 49 -62.64 -9.54 23.43
C PRO E 49 -61.68 -10.69 23.75
N THR E 50 -61.91 -11.37 24.88
CA THR E 50 -61.05 -12.50 25.23
C THR E 50 -61.72 -13.85 24.94
N ARG E 51 -62.82 -13.84 24.20
CA ARG E 51 -63.52 -15.09 23.90
C ARG E 51 -62.63 -16.18 23.32
N SER E 52 -61.82 -15.84 22.31
CA SER E 52 -60.96 -16.84 21.70
C SER E 52 -59.97 -17.45 22.69
N ILE E 53 -59.51 -16.64 23.65
CA ILE E 53 -58.57 -17.15 24.64
C ILE E 53 -59.32 -18.10 25.60
N ILE E 54 -60.52 -17.70 26.02
CA ILE E 54 -61.33 -18.52 26.90
C ILE E 54 -61.64 -19.86 26.23
N GLU E 55 -61.99 -19.81 24.95
CA GLU E 55 -62.31 -21.01 24.19
C GLU E 55 -61.09 -21.92 24.10
N GLU E 56 -59.91 -21.33 24.01
CA GLU E 56 -58.67 -22.11 23.95
C GLU E 56 -58.42 -22.79 25.30
N LEU E 57 -58.74 -22.12 26.40
CA LEU E 57 -58.59 -22.71 27.72
C LEU E 57 -59.54 -23.91 27.83
N ILE E 58 -60.74 -23.76 27.29
CA ILE E 58 -61.72 -24.84 27.30
C ILE E 58 -61.17 -26.02 26.51
N LYS E 59 -60.52 -25.72 25.39
CA LYS E 59 -59.94 -26.74 24.54
C LYS E 59 -58.88 -27.52 25.34
N LEU E 60 -58.14 -26.78 26.17
CA LEU E 60 -57.10 -27.37 26.99
C LEU E 60 -57.68 -28.10 28.21
N ASN E 61 -59.00 -28.30 28.19
CA ASN E 61 -59.71 -29.00 29.27
C ASN E 61 -59.75 -28.26 30.60
N ILE E 62 -59.67 -26.94 30.55
CA ILE E 62 -59.72 -26.13 31.75
C ILE E 62 -61.19 -25.78 32.02
N LEU E 63 -61.62 -25.92 33.27
CA LEU E 63 -63.01 -25.63 33.64
C LEU E 63 -63.20 -24.13 33.86
N ILE E 64 -64.06 -23.52 33.05
CA ILE E 64 -64.32 -22.09 33.16
C ILE E 64 -65.67 -21.89 33.86
N VAL E 65 -65.64 -21.21 35.00
CA VAL E 65 -66.83 -21.00 35.80
C VAL E 65 -67.20 -19.53 36.05
N GLY E 66 -68.46 -19.19 35.87
CA GLY E 66 -68.92 -17.84 36.10
C GLY E 66 -69.83 -17.74 37.32
N CYS E 67 -69.71 -16.65 38.07
CA CYS E 67 -70.52 -16.44 39.26
C CYS E 67 -71.92 -15.90 38.94
N GLU E 68 -72.95 -16.61 39.40
CA GLU E 68 -74.34 -16.20 39.16
C GLU E 68 -74.65 -14.85 39.81
N HIS E 69 -74.18 -14.64 41.03
CA HIS E 69 -74.42 -13.36 41.70
C HIS E 69 -73.87 -12.23 40.86
N SER E 70 -72.70 -12.45 40.27
CA SER E 70 -72.07 -11.45 39.42
C SER E 70 -72.80 -11.29 38.10
N ILE E 71 -73.27 -12.40 37.53
CA ILE E 71 -74.04 -12.34 36.29
C ILE E 71 -75.26 -11.44 36.53
N ARG E 72 -75.92 -11.64 37.67
CA ARG E 72 -77.11 -10.85 38.01
C ARG E 72 -76.82 -9.37 38.25
N SER E 73 -75.77 -9.07 39.01
CA SER E 73 -75.43 -7.68 39.29
C SER E 73 -74.95 -6.92 38.04
N GLN E 74 -74.46 -7.63 37.05
CA GLN E 74 -73.99 -7.01 35.81
C GLN E 74 -75.10 -7.03 34.76
N ASN E 75 -76.28 -7.43 35.19
CA ASN E 75 -77.47 -7.45 34.33
C ASN E 75 -77.24 -8.23 33.05
N LEU E 76 -76.61 -9.40 33.16
CA LEU E 76 -76.32 -10.23 32.00
C LEU E 76 -77.25 -11.42 31.99
N ASP E 77 -77.51 -11.95 30.80
CA ASP E 77 -78.39 -13.10 30.62
C ASP E 77 -77.52 -14.31 30.28
N HIS E 78 -77.92 -15.49 30.75
CA HIS E 78 -77.14 -16.69 30.45
C HIS E 78 -77.07 -16.92 28.96
N ARG E 79 -78.05 -16.39 28.24
CA ARG E 79 -78.10 -16.49 26.79
C ARG E 79 -76.93 -15.73 26.17
N GLN E 80 -76.42 -14.75 26.91
CA GLN E 80 -75.31 -13.91 26.44
C GLN E 80 -73.93 -14.49 26.66
N LEU E 81 -73.83 -15.54 27.46
CA LEU E 81 -72.53 -16.10 27.83
C LEU E 81 -72.00 -17.12 26.84
N ILE E 82 -70.67 -17.29 26.85
CA ILE E 82 -70.03 -18.26 25.98
C ILE E 82 -70.57 -19.66 26.26
N ASP E 83 -70.92 -20.40 25.20
CA ASP E 83 -71.45 -21.76 25.40
C ASP E 83 -70.44 -22.69 26.05
N GLY E 84 -70.90 -23.51 27.00
CA GLY E 84 -70.00 -24.43 27.65
C GLY E 84 -69.45 -23.90 28.95
N ILE E 85 -69.93 -22.73 29.36
CA ILE E 85 -69.52 -22.11 30.60
C ILE E 85 -70.37 -22.66 31.74
N LYS E 86 -69.74 -23.06 32.84
CA LYS E 86 -70.51 -23.55 33.98
C LYS E 86 -70.72 -22.35 34.89
N ILE E 87 -71.80 -22.39 35.67
CA ILE E 87 -72.14 -21.30 36.57
C ILE E 87 -72.34 -21.84 37.99
N VAL E 88 -71.92 -21.07 38.98
CA VAL E 88 -72.11 -21.45 40.37
C VAL E 88 -72.89 -20.33 41.04
N ARG E 89 -73.59 -20.66 42.12
CA ARG E 89 -74.39 -19.66 42.82
C ARG E 89 -73.55 -18.48 43.29
N SER E 90 -72.35 -18.78 43.76
CA SER E 90 -71.45 -17.76 44.29
C SER E 90 -70.02 -18.08 43.89
N GLY E 91 -69.35 -17.11 43.26
CA GLY E 91 -67.97 -17.31 42.85
C GLY E 91 -67.07 -17.47 44.06
N VAL E 92 -67.28 -16.63 45.06
CA VAL E 92 -66.48 -16.69 46.28
C VAL E 92 -66.79 -17.95 47.07
N GLY E 93 -68.04 -18.40 47.04
CA GLY E 93 -68.40 -19.62 47.75
C GLY E 93 -67.72 -20.81 47.09
N GLU E 94 -67.62 -20.80 45.77
CA GLU E 94 -66.96 -21.87 45.03
C GLU E 94 -65.47 -21.89 45.34
N ILE E 95 -64.86 -20.71 45.33
CA ILE E 95 -63.43 -20.57 45.61
C ILE E 95 -63.10 -21.13 46.99
N VAL E 96 -63.90 -20.77 47.98
CA VAL E 96 -63.68 -21.25 49.34
C VAL E 96 -63.91 -22.76 49.43
N ARG E 97 -65.01 -23.25 48.86
CA ARG E 97 -65.30 -24.69 48.91
C ARG E 97 -64.25 -25.53 48.20
N LYS E 98 -63.81 -25.11 47.01
CA LYS E 98 -62.79 -25.87 46.30
C LYS E 98 -61.53 -25.94 47.16
N GLN E 99 -61.18 -24.84 47.82
CA GLN E 99 -60.00 -24.87 48.69
C GLN E 99 -60.16 -25.88 49.81
N SER E 100 -61.37 -25.96 50.37
CA SER E 100 -61.61 -26.90 51.47
C SER E 100 -61.50 -28.34 50.95
N GLU E 101 -61.64 -28.50 49.64
CA GLU E 101 -61.55 -29.81 49.01
C GLU E 101 -60.10 -30.13 48.63
N GLY E 102 -59.17 -29.23 48.96
CA GLY E 102 -57.78 -29.46 48.67
C GLY E 102 -57.21 -28.75 47.45
N TRP E 103 -58.00 -27.89 46.82
CA TRP E 103 -57.52 -27.17 45.64
C TRP E 103 -56.65 -26.00 46.06
N ILE E 104 -55.54 -25.80 45.37
CA ILE E 104 -54.64 -24.70 45.67
C ILE E 104 -55.16 -23.41 45.04
N TYR E 105 -55.24 -22.38 45.86
CA TYR E 105 -55.76 -21.07 45.47
C TYR E 105 -54.74 -20.14 44.81
N LEU E 106 -55.16 -19.53 43.70
CA LEU E 106 -54.33 -18.60 42.95
C LEU E 106 -55.21 -17.41 42.54
N ALA E 107 -54.91 -16.24 43.09
CA ALA E 107 -55.69 -15.04 42.78
C ALA E 107 -55.03 -14.25 41.66
N LEU E 108 -55.77 -14.06 40.57
CA LEU E 108 -55.26 -13.31 39.42
C LEU E 108 -56.14 -12.11 39.14
N MET F 10 -80.60 -38.08 -4.25
CA MET F 10 -80.14 -36.65 -4.26
C MET F 10 -78.91 -36.51 -5.11
N SER F 11 -78.76 -35.35 -5.74
CA SER F 11 -77.62 -35.08 -6.62
C SER F 11 -76.31 -34.85 -5.86
N LEU F 12 -76.40 -34.57 -4.57
CA LEU F 12 -75.24 -34.49 -3.69
C LEU F 12 -75.59 -35.19 -2.38
N ARG F 13 -74.83 -36.22 -2.01
CA ARG F 13 -75.13 -36.98 -0.80
C ARG F 13 -73.88 -37.45 -0.06
N LEU F 14 -74.08 -37.75 1.23
CA LEU F 14 -73.00 -38.19 2.11
C LEU F 14 -73.17 -39.66 2.45
N GLU F 15 -72.09 -40.42 2.32
CA GLU F 15 -72.05 -41.82 2.80
C GLU F 15 -71.04 -41.93 3.91
N ARG F 16 -71.47 -42.46 5.06
CA ARG F 16 -70.58 -42.62 6.21
C ARG F 16 -70.31 -44.10 6.44
N ASP F 17 -69.04 -44.47 6.37
CA ASP F 17 -68.61 -45.86 6.49
C ASP F 17 -67.48 -45.96 7.51
N GLY F 18 -67.82 -45.69 8.77
CA GLY F 18 -66.88 -45.80 9.88
C GLY F 18 -65.87 -44.69 9.90
N ALA F 19 -64.60 -45.02 9.68
CA ALA F 19 -63.53 -44.03 9.66
C ALA F 19 -63.57 -43.16 8.40
N VAL F 20 -64.24 -43.63 7.35
CA VAL F 20 -64.28 -42.92 6.07
C VAL F 20 -65.68 -42.41 5.77
N ALA F 21 -65.76 -41.16 5.34
CA ALA F 21 -66.98 -40.61 4.77
C ALA F 21 -66.72 -40.22 3.33
N ARG F 22 -67.77 -40.28 2.51
CA ARG F 22 -67.69 -39.94 1.11
C ARG F 22 -68.73 -38.87 0.79
N LEU F 23 -68.26 -37.75 0.25
CA LEU F 23 -69.12 -36.74 -0.34
C LEU F 23 -69.23 -37.07 -1.82
N LEU F 24 -70.40 -37.54 -2.25
CA LEU F 24 -70.60 -38.05 -3.60
C LEU F 24 -71.38 -37.08 -4.48
N ILE F 25 -70.83 -36.78 -5.65
CA ILE F 25 -71.51 -35.97 -6.66
C ILE F 25 -72.13 -36.92 -7.69
N ASP F 26 -73.46 -36.89 -7.81
CA ASP F 26 -74.20 -37.91 -8.56
C ASP F 26 -75.21 -37.27 -9.50
N ARG F 27 -74.69 -36.69 -10.57
CA ARG F 27 -75.52 -36.06 -11.60
C ARG F 27 -74.88 -36.27 -12.97
N ALA F 28 -74.74 -37.54 -13.35
CA ALA F 28 -73.95 -37.93 -14.53
C ALA F 28 -74.46 -37.34 -15.84
N ASP F 29 -75.77 -37.13 -15.97
CA ASP F 29 -76.34 -36.60 -17.21
C ASP F 29 -76.07 -35.10 -17.43
N ARG F 30 -75.57 -34.41 -16.40
CA ARG F 30 -75.10 -33.03 -16.56
C ARG F 30 -73.61 -32.90 -16.22
N ARG F 31 -72.89 -34.01 -16.35
CA ARG F 31 -71.45 -34.06 -16.05
C ARG F 31 -71.13 -33.50 -14.66
N ASN F 32 -71.96 -33.86 -13.69
CA ASN F 32 -71.81 -33.46 -12.29
C ASN F 32 -71.80 -31.94 -12.04
N ALA F 33 -72.49 -31.20 -12.90
CA ALA F 33 -72.63 -29.76 -12.73
C ALA F 33 -73.45 -29.42 -11.48
N PHE F 34 -73.02 -28.38 -10.78
CA PHE F 34 -73.68 -27.95 -9.55
C PHE F 34 -74.78 -26.94 -9.81
N SER F 35 -75.94 -27.20 -9.23
CA SER F 35 -77.03 -26.25 -9.19
C SER F 35 -76.96 -25.50 -7.87
N LEU F 36 -77.80 -24.48 -7.72
CA LEU F 36 -77.83 -23.68 -6.50
C LEU F 36 -78.18 -24.54 -5.29
N ASP F 37 -79.15 -25.44 -5.42
CA ASP F 37 -79.57 -26.26 -4.28
C ASP F 37 -78.44 -27.19 -3.79
N MET F 38 -77.61 -27.67 -4.72
CA MET F 38 -76.47 -28.52 -4.37
C MET F 38 -75.45 -27.76 -3.56
N TRP F 39 -75.12 -26.55 -3.99
CA TRP F 39 -74.22 -25.67 -3.22
C TRP F 39 -74.74 -25.42 -1.81
N GLN F 40 -76.04 -25.15 -1.70
CA GLN F 40 -76.69 -24.92 -0.40
C GLN F 40 -76.74 -26.18 0.47
N ARG F 41 -76.80 -27.34 -0.18
CA ARG F 41 -76.85 -28.63 0.49
C ARG F 41 -75.51 -29.08 1.07
N LEU F 42 -74.41 -28.67 0.43
CA LEU F 42 -73.07 -29.15 0.80
C LEU F 42 -72.68 -28.90 2.27
N PRO F 43 -72.90 -27.69 2.80
CA PRO F 43 -72.59 -27.44 4.22
C PRO F 43 -73.36 -28.34 5.20
N GLU F 44 -74.61 -28.70 4.86
CA GLU F 44 -75.43 -29.56 5.71
C GLU F 44 -74.80 -30.95 5.81
N LEU F 45 -74.30 -31.45 4.68
CA LEU F 45 -73.65 -32.75 4.63
C LEU F 45 -72.33 -32.74 5.38
N LEU F 46 -71.57 -31.65 5.27
CA LEU F 46 -70.34 -31.49 6.04
C LEU F 46 -70.61 -31.52 7.55
N ALA F 47 -71.69 -30.87 7.98
CA ALA F 47 -72.08 -30.86 9.39
C ALA F 47 -72.44 -32.27 9.88
N GLU F 48 -73.17 -33.01 9.07
CA GLU F 48 -73.51 -34.41 9.38
C GLU F 48 -72.25 -35.25 9.55
N ALA F 49 -71.31 -35.12 8.62
CA ALA F 49 -70.06 -35.87 8.69
C ALA F 49 -69.24 -35.48 9.90
N SER F 50 -69.15 -34.17 10.17
CA SER F 50 -68.34 -33.66 11.26
C SER F 50 -68.83 -34.12 12.64
N GLY F 51 -70.14 -34.34 12.78
CA GLY F 51 -70.74 -34.82 14.04
C GLY F 51 -70.45 -36.28 14.39
N ASP F 52 -69.84 -37.03 13.46
CA ASP F 52 -69.50 -38.44 13.67
C ASP F 52 -68.10 -38.60 14.30
N ASP F 53 -68.05 -39.00 15.56
CA ASP F 53 -66.78 -39.16 16.30
C ASP F 53 -65.87 -40.23 15.72
N ALA F 54 -66.43 -41.20 15.02
CA ALA F 54 -65.64 -42.29 14.41
C ALA F 54 -64.89 -41.85 13.14
N LEU F 55 -65.31 -40.75 12.53
CA LEU F 55 -64.73 -40.32 11.27
C LEU F 55 -63.24 -39.96 11.42
N ARG F 56 -62.45 -40.35 10.41
CA ARG F 56 -61.04 -40.00 10.33
C ARG F 56 -60.66 -39.25 9.04
N VAL F 57 -61.43 -39.43 7.97
CA VAL F 57 -61.13 -38.83 6.69
C VAL F 57 -62.38 -38.71 5.83
N LEU F 58 -62.50 -37.59 5.13
CA LEU F 58 -63.58 -37.34 4.19
C LEU F 58 -63.06 -37.36 2.77
N VAL F 59 -63.65 -38.21 1.94
CA VAL F 59 -63.30 -38.28 0.53
C VAL F 59 -64.38 -37.59 -0.30
N VAL F 60 -63.96 -36.70 -1.20
CA VAL F 60 -64.86 -36.04 -2.12
C VAL F 60 -64.62 -36.66 -3.50
N LYS F 61 -65.68 -37.15 -4.13
CA LYS F 61 -65.53 -37.86 -5.41
C LYS F 61 -66.83 -37.92 -6.18
N SER F 62 -66.73 -38.29 -7.45
CA SER F 62 -67.89 -38.58 -8.26
C SER F 62 -68.50 -39.90 -7.82
N ALA F 63 -69.83 -39.98 -7.81
CA ALA F 63 -70.53 -41.23 -7.51
C ALA F 63 -70.34 -42.26 -8.63
N ASN F 64 -70.08 -41.81 -9.85
CA ASN F 64 -70.07 -42.66 -11.03
C ASN F 64 -68.78 -42.57 -11.87
N GLY F 65 -67.66 -42.24 -11.22
CA GLY F 65 -66.43 -41.97 -11.96
C GLY F 65 -66.63 -40.84 -12.96
N GLY F 66 -65.86 -40.87 -14.05
CA GLY F 66 -65.98 -39.87 -15.10
C GLY F 66 -65.69 -38.48 -14.56
N ALA F 67 -66.42 -37.48 -15.06
CA ALA F 67 -66.22 -36.09 -14.65
C ALA F 67 -66.40 -35.91 -13.16
N PHE F 68 -65.49 -35.16 -12.55
CA PHE F 68 -65.56 -34.82 -11.14
C PHE F 68 -66.68 -33.80 -10.93
N CYS F 69 -66.57 -32.68 -11.65
CA CYS F 69 -67.58 -31.62 -11.59
C CYS F 69 -67.27 -30.62 -12.70
N ALA F 70 -68.17 -30.53 -13.66
CA ALA F 70 -68.00 -29.65 -14.82
C ALA F 70 -68.26 -28.17 -14.50
N GLY F 71 -68.57 -27.87 -13.24
CA GLY F 71 -68.72 -26.49 -12.78
C GLY F 71 -70.18 -26.11 -12.64
N ALA F 72 -70.52 -24.94 -13.19
CA ALA F 72 -71.86 -24.39 -13.05
C ALA F 72 -72.85 -25.08 -13.98
N ASP F 73 -74.05 -25.30 -13.45
CA ASP F 73 -75.19 -25.77 -14.24
C ASP F 73 -75.51 -24.71 -15.29
N ILE F 74 -75.20 -25.00 -16.55
CA ILE F 74 -75.29 -23.97 -17.60
C ILE F 74 -76.74 -23.54 -17.88
N ALA F 75 -77.67 -24.47 -17.86
CA ALA F 75 -79.09 -24.16 -18.01
C ALA F 75 -79.57 -23.20 -16.92
N GLU F 76 -79.11 -23.44 -15.69
CA GLU F 76 -79.42 -22.57 -14.56
C GLU F 76 -78.78 -21.19 -14.72
N LEU F 77 -77.51 -21.17 -15.14
CA LEU F 77 -76.80 -19.90 -15.37
C LEU F 77 -77.53 -19.04 -16.40
N LEU F 78 -77.88 -19.63 -17.54
CA LEU F 78 -78.50 -18.89 -18.63
C LEU F 78 -79.93 -18.45 -18.31
N ALA F 79 -80.69 -19.33 -17.66
CA ALA F 79 -82.06 -18.99 -17.25
C ALA F 79 -82.10 -17.80 -16.29
N ASN F 80 -81.06 -17.66 -15.47
CA ASN F 80 -81.01 -16.63 -14.44
C ASN F 80 -80.04 -15.49 -14.70
N LYS F 81 -79.56 -15.37 -15.95
CA LYS F 81 -78.52 -14.39 -16.28
C LYS F 81 -78.91 -12.94 -16.01
N ASP F 82 -80.21 -12.64 -15.96
CA ASP F 82 -80.68 -11.29 -15.63
C ASP F 82 -81.34 -11.20 -14.24
N ASP F 83 -81.08 -12.16 -13.37
CA ASP F 83 -81.75 -12.24 -12.06
C ASP F 83 -80.77 -11.91 -10.92
N ALA F 84 -80.79 -10.66 -10.48
CA ALA F 84 -79.84 -10.20 -9.44
C ALA F 84 -79.96 -10.98 -8.13
N ALA F 85 -81.18 -11.38 -7.78
CA ALA F 85 -81.41 -12.16 -6.57
C ALA F 85 -80.73 -13.53 -6.64
N PHE F 86 -80.81 -14.18 -7.79
CA PHE F 86 -80.14 -15.46 -8.00
C PHE F 86 -78.62 -15.30 -7.91
N HIS F 87 -78.07 -14.27 -8.56
CA HIS F 87 -76.62 -14.08 -8.56
C HIS F 87 -76.08 -13.84 -7.14
N LEU F 88 -76.81 -13.08 -6.35
CA LEU F 88 -76.38 -12.78 -4.97
C LEU F 88 -76.51 -14.02 -4.08
N ALA F 89 -77.63 -14.75 -4.22
CA ALA F 89 -77.84 -16.00 -3.48
C ALA F 89 -76.80 -17.06 -3.87
N ASN F 90 -76.53 -17.16 -5.16
CA ASN F 90 -75.59 -18.13 -5.68
C ASN F 90 -74.16 -17.82 -5.20
N GLN F 91 -73.77 -16.56 -5.26
CA GLN F 91 -72.46 -16.10 -4.78
C GLN F 91 -72.25 -16.49 -3.32
N GLN F 92 -73.23 -16.16 -2.48
CA GLN F 92 -73.15 -16.47 -1.05
C GLN F 92 -73.09 -17.97 -0.77
N ALA F 93 -73.91 -18.76 -1.50
CA ALA F 93 -73.96 -20.20 -1.27
C ALA F 93 -72.63 -20.88 -1.61
N ILE F 94 -72.03 -20.48 -2.73
CA ILE F 94 -70.75 -21.03 -3.14
C ILE F 94 -69.66 -20.65 -2.14
N ASN F 95 -69.64 -19.39 -1.72
CA ASN F 95 -68.64 -18.93 -0.76
C ASN F 95 -68.72 -19.65 0.59
N ARG F 96 -69.94 -19.89 1.07
CA ARG F 96 -70.13 -20.66 2.29
C ARG F 96 -69.57 -22.08 2.14
N ALA F 97 -69.93 -22.73 1.04
CA ALA F 97 -69.52 -24.12 0.79
C ALA F 97 -68.00 -24.24 0.75
N GLN F 98 -67.37 -23.33 0.02
CA GLN F 98 -65.93 -23.32 -0.14
C GLN F 98 -65.22 -23.07 1.20
N TYR F 99 -65.74 -22.11 1.95
CA TYR F 99 -65.18 -21.78 3.25
C TYR F 99 -65.23 -22.99 4.20
N GLU F 100 -66.38 -23.65 4.25
CA GLU F 100 -66.60 -24.74 5.20
C GLU F 100 -65.83 -26.00 4.81
N LEU F 101 -65.84 -26.33 3.53
CA LEU F 101 -65.09 -27.50 3.05
C LEU F 101 -63.60 -27.36 3.35
N ALA F 102 -63.05 -26.19 3.08
CA ALA F 102 -61.61 -25.94 3.29
C ALA F 102 -61.18 -26.00 4.76
N ARG F 103 -62.15 -25.80 5.67
CA ARG F 103 -61.89 -25.82 7.10
C ARG F 103 -62.56 -26.99 7.82
N PHE F 104 -62.89 -28.04 7.07
CA PHE F 104 -63.44 -29.26 7.67
C PHE F 104 -62.43 -29.79 8.70
N ARG F 105 -62.91 -30.26 9.85
CA ARG F 105 -62.02 -30.55 10.97
C ARG F 105 -61.00 -31.66 10.69
N LEU F 106 -61.39 -32.65 9.87
CA LEU F 106 -60.54 -33.80 9.54
C LEU F 106 -59.91 -33.70 8.15
N PRO F 107 -58.90 -34.55 7.88
CA PRO F 107 -58.35 -34.62 6.53
C PRO F 107 -59.40 -34.87 5.46
N THR F 108 -59.25 -34.17 4.34
CA THR F 108 -60.14 -34.31 3.19
C THR F 108 -59.32 -34.59 1.92
N VAL F 109 -59.86 -35.44 1.06
CA VAL F 109 -59.19 -35.84 -0.18
C VAL F 109 -60.17 -35.76 -1.34
N ALA F 110 -59.76 -35.07 -2.42
CA ALA F 110 -60.53 -35.08 -3.66
C ALA F 110 -59.98 -36.16 -4.59
N MET F 111 -60.85 -37.07 -5.03
CA MET F 111 -60.47 -38.12 -6.00
C MET F 111 -61.03 -37.70 -7.34
N VAL F 112 -60.16 -37.24 -8.23
CA VAL F 112 -60.58 -36.65 -9.51
C VAL F 112 -60.30 -37.61 -10.67
N GLU F 113 -61.35 -38.03 -11.36
CA GLU F 113 -61.26 -39.04 -12.42
C GLU F 113 -61.62 -38.52 -13.81
N GLY F 114 -61.92 -37.23 -13.91
CA GLY F 114 -62.33 -36.64 -15.18
C GLY F 114 -62.28 -35.13 -15.07
N ASP F 115 -63.13 -34.47 -15.85
CA ASP F 115 -63.19 -33.01 -15.88
C ASP F 115 -63.49 -32.43 -14.50
N CYS F 116 -62.69 -31.43 -14.13
CA CYS F 116 -62.81 -30.72 -12.88
C CYS F 116 -62.66 -29.24 -13.22
N ILE F 117 -63.79 -28.60 -13.51
CA ILE F 117 -63.81 -27.28 -14.16
C ILE F 117 -64.53 -26.22 -13.31
N GLY F 118 -63.92 -25.05 -13.20
CA GLY F 118 -64.54 -23.88 -12.59
C GLY F 118 -64.87 -24.06 -11.12
N GLY F 119 -66.17 -24.06 -10.82
CA GLY F 119 -66.66 -24.35 -9.47
C GLY F 119 -66.29 -25.75 -9.00
N GLY F 120 -66.17 -26.68 -9.94
CA GLY F 120 -65.68 -28.02 -9.63
C GLY F 120 -64.25 -27.99 -9.15
N CYS F 121 -63.44 -27.16 -9.81
CA CYS F 121 -62.04 -26.99 -9.44
C CYS F 121 -61.93 -26.36 -8.05
N GLY F 122 -62.83 -25.43 -7.76
CA GLY F 122 -62.94 -24.84 -6.43
C GLY F 122 -63.16 -25.87 -5.34
N ILE F 123 -64.06 -26.82 -5.58
CA ILE F 123 -64.32 -27.90 -4.62
C ILE F 123 -63.03 -28.70 -4.38
N ALA F 124 -62.37 -29.10 -5.46
CA ALA F 124 -61.11 -29.84 -5.37
C ALA F 124 -60.04 -29.05 -4.63
N LEU F 125 -59.95 -27.75 -4.91
CA LEU F 125 -58.98 -26.87 -4.26
C LEU F 125 -59.21 -26.72 -2.77
N ALA F 126 -60.47 -26.86 -2.35
CA ALA F 126 -60.83 -26.75 -0.95
C ALA F 126 -60.48 -28.00 -0.14
N CYS F 127 -60.24 -29.13 -0.80
CA CYS F 127 -59.76 -30.33 -0.10
C CYS F 127 -58.27 -30.20 0.29
N ASP F 128 -57.84 -31.01 1.25
CA ASP F 128 -56.46 -30.95 1.74
C ASP F 128 -55.46 -31.46 0.70
N MET F 129 -55.90 -32.47 -0.06
CA MET F 129 -55.02 -33.06 -1.08
C MET F 129 -55.89 -33.62 -2.21
N ARG F 130 -55.32 -33.76 -3.40
CA ARG F 130 -56.03 -34.27 -4.58
C ARG F 130 -55.23 -35.41 -5.20
N ILE F 131 -55.95 -36.44 -5.62
CA ILE F 131 -55.40 -37.53 -6.43
C ILE F 131 -56.05 -37.46 -7.80
N ALA F 132 -55.24 -37.52 -8.86
CA ALA F 132 -55.74 -37.46 -10.22
C ALA F 132 -55.51 -38.78 -10.94
N ALA F 133 -56.59 -39.36 -11.45
CA ALA F 133 -56.50 -40.52 -12.35
C ALA F 133 -56.15 -40.05 -13.76
N PRO F 134 -55.77 -40.99 -14.65
CA PRO F 134 -55.24 -40.57 -15.96
C PRO F 134 -56.15 -39.70 -16.83
N ALA F 135 -57.47 -39.82 -16.67
CA ALA F 135 -58.42 -39.02 -17.44
C ALA F 135 -58.73 -37.65 -16.81
N ALA F 136 -58.18 -37.36 -15.64
CA ALA F 136 -58.48 -36.10 -14.96
C ALA F 136 -58.08 -34.89 -15.79
N ARG F 137 -58.94 -33.87 -15.83
CA ARG F 137 -58.61 -32.60 -16.46
C ARG F 137 -59.09 -31.44 -15.59
N PHE F 138 -58.30 -30.38 -15.56
CA PHE F 138 -58.54 -29.24 -14.69
C PHE F 138 -58.56 -27.94 -15.46
N GLY F 139 -59.47 -27.06 -15.08
CA GLY F 139 -59.54 -25.73 -15.65
C GLY F 139 -60.43 -24.83 -14.83
N ILE F 140 -60.14 -23.53 -14.93
CA ILE F 140 -60.90 -22.50 -14.26
C ILE F 140 -61.25 -21.49 -15.36
N THR F 141 -62.53 -21.38 -15.69
CA THR F 141 -62.97 -20.79 -16.96
C THR F 141 -63.83 -19.50 -16.92
N PRO F 142 -63.84 -18.75 -15.79
CA PRO F 142 -64.70 -17.56 -15.79
C PRO F 142 -64.35 -16.51 -16.83
N ALA F 143 -63.07 -16.40 -17.20
CA ALA F 143 -62.64 -15.40 -18.19
C ALA F 143 -63.27 -15.60 -19.56
N LYS F 144 -63.78 -16.80 -19.84
CA LYS F 144 -64.47 -17.07 -21.09
C LYS F 144 -65.92 -16.59 -21.10
N LEU F 145 -66.44 -16.19 -19.93
CA LEU F 145 -67.78 -15.60 -19.84
C LEU F 145 -67.81 -14.19 -19.25
N GLY F 146 -66.65 -13.55 -19.08
CA GLY F 146 -66.61 -12.22 -18.51
C GLY F 146 -66.91 -12.18 -17.01
N LEU F 147 -66.62 -13.27 -16.32
CA LEU F 147 -66.84 -13.36 -14.89
C LEU F 147 -65.51 -13.37 -14.14
N VAL F 148 -65.59 -13.34 -12.82
CA VAL F 148 -64.41 -13.30 -11.95
C VAL F 148 -64.43 -14.58 -11.09
N TYR F 149 -63.30 -14.89 -10.46
CA TYR F 149 -63.20 -16.00 -9.51
C TYR F 149 -63.17 -15.44 -8.08
N PRO F 150 -63.84 -16.09 -7.12
CA PRO F 150 -63.80 -15.54 -5.75
C PRO F 150 -62.38 -15.48 -5.20
N LEU F 151 -62.08 -14.42 -4.44
CA LEU F 151 -60.74 -14.24 -3.89
C LEU F 151 -60.33 -15.42 -3.00
N HIS F 152 -61.27 -15.94 -2.21
CA HIS F 152 -61.03 -17.13 -1.40
C HIS F 152 -60.42 -18.26 -2.24
N ASP F 153 -60.96 -18.45 -3.44
CA ASP F 153 -60.52 -19.54 -4.31
C ASP F 153 -59.29 -19.19 -5.13
N VAL F 154 -59.10 -17.91 -5.46
CA VAL F 154 -57.84 -17.46 -6.03
C VAL F 154 -56.71 -17.81 -5.06
N LYS F 155 -56.92 -17.57 -3.78
CA LYS F 155 -55.90 -17.87 -2.78
C LYS F 155 -55.62 -19.38 -2.68
N LEU F 156 -56.67 -20.21 -2.67
CA LEU F 156 -56.50 -21.67 -2.65
C LEU F 156 -55.62 -22.13 -3.83
N LEU F 157 -55.83 -21.52 -4.99
CA LEU F 157 -55.07 -21.88 -6.17
C LEU F 157 -53.62 -21.41 -6.06
N VAL F 158 -53.42 -20.15 -5.68
CA VAL F 158 -52.08 -19.58 -5.57
C VAL F 158 -51.26 -20.31 -4.51
N ASP F 159 -51.92 -20.68 -3.40
CA ASP F 159 -51.30 -21.48 -2.33
C ASP F 159 -50.59 -22.72 -2.88
N LEU F 160 -51.20 -23.38 -3.87
CA LEU F 160 -50.66 -24.63 -4.41
C LEU F 160 -49.69 -24.46 -5.56
N VAL F 161 -50.01 -23.59 -6.51
CA VAL F 161 -49.26 -23.53 -7.76
C VAL F 161 -48.48 -22.24 -7.98
N GLY F 162 -48.62 -21.27 -7.08
CA GLY F 162 -48.00 -19.96 -7.23
C GLY F 162 -48.73 -19.06 -8.23
N PRO F 163 -48.35 -17.77 -8.28
CA PRO F 163 -49.07 -16.78 -9.08
C PRO F 163 -48.91 -16.91 -10.59
N GLY F 164 -47.75 -17.43 -11.04
CA GLY F 164 -47.50 -17.62 -12.46
C GLY F 164 -48.45 -18.60 -13.10
N GLN F 165 -48.54 -19.80 -12.50
CA GLN F 165 -49.44 -20.83 -12.99
C GLN F 165 -50.91 -20.48 -12.73
N ALA F 166 -51.17 -19.84 -11.61
CA ALA F 166 -52.52 -19.40 -11.29
C ALA F 166 -53.06 -18.47 -12.38
N ARG F 167 -52.25 -17.50 -12.78
CA ARG F 167 -52.63 -16.58 -13.85
C ARG F 167 -52.71 -17.26 -15.21
N ARG F 168 -51.78 -18.17 -15.50
CA ARG F 168 -51.85 -18.97 -16.74
C ARG F 168 -53.21 -19.65 -16.88
N LEU F 169 -53.65 -20.31 -15.80
CA LEU F 169 -54.90 -21.06 -15.84
C LEU F 169 -56.12 -20.15 -15.90
N MET F 170 -56.14 -19.12 -15.05
CA MET F 170 -57.31 -18.26 -14.92
C MET F 170 -57.44 -17.26 -16.05
N PHE F 171 -56.34 -16.77 -16.61
CA PHE F 171 -56.43 -15.85 -17.75
C PHE F 171 -56.87 -16.56 -19.04
N THR F 172 -56.40 -17.79 -19.27
CA THR F 172 -56.70 -18.51 -20.51
C THR F 172 -57.99 -19.32 -20.44
N GLY F 173 -58.29 -19.85 -19.25
CA GLY F 173 -59.38 -20.80 -19.11
C GLY F 173 -59.10 -22.11 -19.83
N GLY F 174 -57.83 -22.39 -20.11
CA GLY F 174 -57.43 -23.58 -20.84
C GLY F 174 -57.32 -24.77 -19.88
N LEU F 175 -57.64 -25.96 -20.37
CA LEU F 175 -57.56 -27.16 -19.56
C LEU F 175 -56.14 -27.67 -19.52
N ILE F 176 -55.76 -28.32 -18.42
CA ILE F 176 -54.50 -29.04 -18.33
C ILE F 176 -54.79 -30.48 -17.93
N ASP F 177 -53.92 -31.39 -18.32
CA ASP F 177 -54.13 -32.81 -18.06
C ASP F 177 -53.57 -33.24 -16.68
N ALA F 178 -53.77 -34.51 -16.34
CA ALA F 178 -53.37 -35.02 -15.02
C ALA F 178 -51.89 -34.82 -14.74
N ASN F 179 -51.04 -35.15 -15.72
CA ASN F 179 -49.59 -35.03 -15.55
C ASN F 179 -49.13 -33.59 -15.35
N GLU F 180 -49.71 -32.65 -16.06
CA GLU F 180 -49.36 -31.23 -15.88
C GLU F 180 -49.84 -30.72 -14.51
N ALA F 181 -51.04 -31.12 -14.10
CA ALA F 181 -51.56 -30.75 -12.78
C ALA F 181 -50.67 -31.28 -11.66
N HIS F 182 -50.16 -32.50 -11.84
CA HIS F 182 -49.20 -33.09 -10.90
C HIS F 182 -47.88 -32.32 -10.92
N ARG F 183 -47.39 -31.96 -12.12
CA ARG F 183 -46.13 -31.26 -12.27
C ARG F 183 -46.12 -29.87 -11.61
N ILE F 184 -47.24 -29.15 -11.71
CA ILE F 184 -47.31 -27.77 -11.19
C ILE F 184 -47.80 -27.67 -9.75
N GLY F 185 -48.13 -28.80 -9.13
CA GLY F 185 -48.57 -28.83 -7.73
C GLY F 185 -50.05 -28.64 -7.51
N LEU F 186 -50.85 -28.75 -8.58
CA LEU F 186 -52.30 -28.63 -8.44
C LEU F 186 -52.88 -29.90 -7.79
N VAL F 187 -52.30 -31.05 -8.12
CA VAL F 187 -52.62 -32.30 -7.42
C VAL F 187 -51.35 -32.90 -6.86
N GLU F 188 -51.48 -33.58 -5.72
CA GLU F 188 -50.32 -34.07 -4.99
C GLU F 188 -49.91 -35.47 -5.45
N LEU F 189 -50.88 -36.22 -5.98
CA LEU F 189 -50.70 -37.64 -6.26
C LEU F 189 -51.37 -38.04 -7.57
N LEU F 190 -50.72 -38.94 -8.30
CA LEU F 190 -51.34 -39.63 -9.43
C LEU F 190 -51.69 -41.05 -9.01
N GLY F 191 -52.86 -41.52 -9.41
CA GLY F 191 -53.28 -42.88 -9.06
C GLY F 191 -54.71 -43.17 -9.50
N GLU F 192 -55.06 -44.45 -9.53
CA GLU F 192 -56.38 -44.89 -9.98
C GLU F 192 -57.41 -44.89 -8.86
N SER F 193 -56.93 -44.90 -7.61
CA SER F 193 -57.81 -45.09 -6.46
C SER F 193 -57.31 -44.32 -5.23
N GLU F 194 -58.25 -43.90 -4.39
CA GLU F 194 -57.92 -43.23 -3.13
C GLU F 194 -57.65 -44.21 -1.97
N ASP F 195 -57.86 -45.51 -2.21
CA ASP F 195 -57.86 -46.53 -1.14
C ASP F 195 -56.59 -46.54 -0.29
N ALA F 196 -55.42 -46.49 -0.93
CA ALA F 196 -54.16 -46.56 -0.22
C ALA F 196 -53.96 -45.35 0.67
N LEU F 197 -54.22 -44.16 0.15
CA LEU F 197 -54.06 -42.94 0.94
C LEU F 197 -55.04 -42.93 2.12
N VAL F 198 -56.29 -43.28 1.84
CA VAL F 198 -57.33 -43.30 2.86
C VAL F 198 -57.00 -44.29 3.98
N GLY F 199 -56.45 -45.43 3.59
CA GLY F 199 -55.95 -46.40 4.55
C GLY F 199 -54.91 -45.81 5.49
N GLN F 200 -53.97 -45.04 4.93
CA GLN F 200 -52.93 -44.42 5.74
C GLN F 200 -53.51 -43.35 6.67
N LEU F 201 -54.37 -42.50 6.11
CA LEU F 201 -54.99 -41.41 6.88
C LEU F 201 -55.87 -41.93 8.01
N ALA F 202 -56.56 -43.04 7.77
CA ALA F 202 -57.53 -43.57 8.73
C ALA F 202 -56.88 -44.17 9.98
N THR F 203 -55.61 -44.56 9.90
CA THR F 203 -54.94 -45.27 10.99
C THR F 203 -54.08 -44.39 11.92
N VAL F 204 -53.83 -43.13 11.55
CA VAL F 204 -53.05 -42.22 12.42
C VAL F 204 -53.94 -41.53 13.45
N SER F 205 -53.34 -40.80 14.38
CA SER F 205 -54.08 -40.07 15.41
C SER F 205 -54.93 -38.93 14.84
N SER F 206 -56.23 -38.96 15.12
CA SER F 206 -57.14 -37.88 14.71
C SER F 206 -56.98 -36.63 15.58
N PHE F 207 -56.42 -36.77 16.78
CA PHE F 207 -55.98 -35.60 17.53
C PHE F 207 -54.90 -34.87 16.72
N SER F 208 -53.89 -35.63 16.30
CA SER F 208 -52.76 -35.08 15.55
C SER F 208 -53.18 -34.40 14.25
N THR F 209 -53.97 -35.10 13.42
CA THR F 209 -54.32 -34.57 12.10
C THR F 209 -55.11 -33.27 12.22
N GLN F 210 -56.05 -33.22 13.14
CA GLN F 210 -56.87 -32.05 13.31
C GLN F 210 -56.06 -30.85 13.80
N ALA F 211 -55.17 -31.09 14.75
CA ALA F 211 -54.31 -30.04 15.30
C ALA F 211 -53.28 -29.54 14.27
N ILE F 212 -52.67 -30.47 13.54
CA ILE F 212 -51.72 -30.11 12.49
C ILE F 212 -52.44 -29.35 11.38
N LYS F 213 -53.62 -29.81 10.99
CA LYS F 213 -54.41 -29.10 9.99
C LYS F 213 -54.64 -27.63 10.38
N SER F 214 -55.00 -27.40 11.64
CA SER F 214 -55.17 -26.03 12.14
C SER F 214 -53.85 -25.21 12.12
N PHE F 215 -52.73 -25.85 12.47
CA PHE F 215 -51.42 -25.18 12.36
C PHE F 215 -51.08 -24.75 10.92
N VAL F 216 -51.36 -25.62 9.95
CA VAL F 216 -51.11 -25.30 8.55
C VAL F 216 -51.95 -24.10 8.12
N ARG F 217 -53.22 -24.10 8.54
CA ARG F 217 -54.12 -22.99 8.24
C ARG F 217 -53.62 -21.69 8.91
N ARG F 218 -53.13 -21.77 10.15
CA ARG F 218 -52.56 -20.58 10.79
C ARG F 218 -51.42 -19.98 9.97
N VAL F 219 -50.54 -20.84 9.45
CA VAL F 219 -49.43 -20.42 8.61
C VAL F 219 -49.94 -19.76 7.34
N LEU F 220 -50.93 -20.38 6.70
CA LEU F 220 -51.54 -19.83 5.49
C LEU F 220 -52.23 -18.49 5.75
N ASP F 221 -52.74 -18.30 6.96
CA ASP F 221 -53.37 -17.04 7.35
C ASP F 221 -52.36 -16.00 7.86
N GLY F 222 -51.07 -16.30 7.81
CA GLY F 222 -50.02 -15.30 8.05
C GLY F 222 -49.24 -15.45 9.33
N GLN F 223 -49.50 -16.51 10.11
CA GLN F 223 -48.74 -16.72 11.35
C GLN F 223 -47.31 -17.14 11.01
N VAL F 224 -46.35 -16.42 11.58
CA VAL F 224 -44.94 -16.61 11.27
C VAL F 224 -44.19 -17.44 12.31
N ALA F 225 -44.44 -17.19 13.59
CA ALA F 225 -43.74 -17.88 14.68
C ALA F 225 -44.71 -18.61 15.61
N ASP F 226 -44.20 -19.56 16.38
CA ASP F 226 -44.96 -20.14 17.48
C ASP F 226 -45.31 -19.02 18.48
N ASP F 227 -46.49 -19.11 19.08
CA ASP F 227 -46.90 -18.19 20.15
C ASP F 227 -47.40 -19.01 21.34
N THR F 228 -47.85 -18.37 22.41
CA THR F 228 -48.25 -19.10 23.62
C THR F 228 -49.31 -20.16 23.32
N LEU F 229 -50.31 -19.81 22.50
CA LEU F 229 -51.36 -20.76 22.18
C LEU F 229 -50.87 -22.00 21.41
N SER F 230 -50.00 -21.82 20.43
CA SER F 230 -49.48 -22.96 19.67
C SER F 230 -48.54 -23.82 20.51
N LEU F 231 -47.81 -23.20 21.45
CA LEU F 231 -46.98 -23.94 22.37
C LEU F 231 -47.84 -24.81 23.29
N CYS F 232 -48.97 -24.27 23.72
CA CYS F 232 -49.92 -24.99 24.58
C CYS F 232 -50.55 -26.18 23.87
N VAL F 233 -51.01 -25.96 22.64
CA VAL F 233 -51.59 -27.03 21.84
C VAL F 233 -50.60 -28.17 21.65
N PHE F 234 -49.36 -27.80 21.31
CA PHE F 234 -48.29 -28.77 21.16
C PHE F 234 -48.10 -29.57 22.45
N ALA F 235 -47.98 -28.86 23.57
CA ALA F 235 -47.78 -29.50 24.87
C ALA F 235 -48.94 -30.43 25.25
N SER F 236 -50.18 -30.00 24.97
CA SER F 236 -51.37 -30.78 25.36
C SER F 236 -51.38 -32.20 24.77
N ALA F 237 -50.61 -32.42 23.70
CA ALA F 237 -50.51 -33.75 23.08
C ALA F 237 -50.04 -34.81 24.07
N THR F 238 -49.14 -34.43 24.98
CA THR F 238 -48.54 -35.38 25.92
C THR F 238 -49.47 -35.75 27.06
N LEU F 239 -50.57 -35.01 27.21
CA LEU F 239 -51.61 -35.30 28.20
C LEU F 239 -52.79 -36.08 27.60
N GLY F 240 -52.70 -36.39 26.30
CA GLY F 240 -53.82 -36.97 25.57
C GLY F 240 -53.82 -38.48 25.48
N ALA F 241 -55.02 -39.03 25.32
CA ALA F 241 -55.21 -40.47 25.19
C ALA F 241 -54.49 -41.09 24.00
N ASP F 242 -54.40 -40.36 22.89
CA ASP F 242 -53.74 -40.89 21.70
C ASP F 242 -52.23 -41.09 21.95
N PHE F 243 -51.59 -40.12 22.60
CA PHE F 243 -50.17 -40.28 22.97
C PHE F 243 -49.96 -41.49 23.87
N ARG F 244 -50.86 -41.70 24.82
CA ARG F 244 -50.77 -42.87 25.71
C ARG F 244 -50.91 -44.19 24.92
N GLU F 245 -51.81 -44.21 23.94
CA GLU F 245 -51.94 -45.38 23.07
C GLU F 245 -50.70 -45.58 22.19
N GLY F 246 -50.13 -44.48 21.70
CA GLY F 246 -48.92 -44.54 20.90
C GLY F 246 -47.73 -45.12 21.64
N THR F 247 -47.48 -44.63 22.85
CA THR F 247 -46.36 -45.12 23.65
C THR F 247 -46.59 -46.53 24.18
N GLY F 248 -47.82 -46.82 24.58
CA GLY F 248 -48.19 -48.17 25.02
C GLY F 248 -48.00 -49.20 23.93
N ALA F 249 -48.50 -48.88 22.74
CA ALA F 249 -48.32 -49.72 21.55
C ALA F 249 -46.84 -49.90 21.21
N PHE F 250 -46.06 -48.83 21.32
CA PHE F 250 -44.64 -48.92 21.02
C PHE F 250 -43.91 -49.88 21.97
N LEU F 251 -44.21 -49.79 23.26
CA LEU F 251 -43.60 -50.69 24.25
C LEU F 251 -43.98 -52.15 24.02
N GLU F 252 -45.22 -52.39 23.58
CA GLU F 252 -45.71 -53.75 23.31
C GLU F 252 -45.39 -54.24 21.88
N LYS F 253 -44.73 -53.39 21.09
CA LYS F 253 -44.34 -53.70 19.72
C LYS F 253 -45.54 -54.12 18.87
N ARG F 254 -46.62 -53.36 18.98
CA ARG F 254 -47.81 -53.57 18.19
C ARG F 254 -48.23 -52.24 17.56
N PRO F 255 -49.05 -52.30 16.50
CA PRO F 255 -49.51 -51.04 15.90
C PRO F 255 -50.47 -50.30 16.84
N PRO F 256 -50.37 -48.97 16.90
CA PRO F 256 -51.33 -48.25 17.72
C PRO F 256 -52.72 -48.33 17.10
N VAL F 257 -53.74 -48.36 17.95
CA VAL F 257 -55.12 -48.32 17.50
C VAL F 257 -55.72 -47.00 17.97
N PHE F 258 -55.84 -46.06 17.03
CA PHE F 258 -56.40 -44.74 17.34
C PHE F 258 -57.90 -44.76 17.01
N MET G 1 -19.28 12.41 3.72
CA MET G 1 -20.11 13.45 4.39
C MET G 1 -20.30 13.07 5.85
N LYS G 2 -19.59 13.77 6.75
CA LYS G 2 -19.68 13.52 8.18
C LYS G 2 -20.84 14.27 8.83
N VAL G 3 -21.72 13.52 9.49
CA VAL G 3 -22.91 14.11 10.13
C VAL G 3 -23.03 13.66 11.58
N VAL G 4 -23.14 14.60 12.49
CA VAL G 4 -23.34 14.27 13.90
C VAL G 4 -24.83 14.54 14.16
N VAL G 5 -25.56 13.48 14.47
CA VAL G 5 -27.00 13.56 14.70
C VAL G 5 -27.36 13.62 16.18
N GLN G 6 -28.24 14.53 16.53
CA GLN G 6 -28.69 14.66 17.92
C GLN G 6 -30.13 14.20 18.09
N ILE G 7 -30.39 13.45 19.17
CA ILE G 7 -31.74 13.01 19.50
C ILE G 7 -31.86 13.24 21.00
N LYS G 8 -32.83 14.06 21.42
CA LYS G 8 -32.98 14.38 22.83
C LYS G 8 -34.35 14.07 23.44
N ASP G 9 -35.39 13.99 22.60
CA ASP G 9 -36.73 13.74 23.10
C ASP G 9 -37.16 12.29 22.89
N PHE G 10 -37.38 11.59 24.00
CA PHE G 10 -37.78 10.19 23.93
C PHE G 10 -39.04 9.96 23.09
N ASP G 11 -40.04 10.84 23.23
CA ASP G 11 -41.27 10.68 22.48
C ASP G 11 -41.13 10.87 20.98
N LYS G 12 -39.97 11.36 20.54
CA LYS G 12 -39.74 11.59 19.11
C LYS G 12 -38.68 10.66 18.54
N VAL G 13 -38.22 9.70 19.34
CA VAL G 13 -37.20 8.77 18.87
C VAL G 13 -37.62 7.96 17.64
N PRO G 14 -38.84 7.40 17.63
CA PRO G 14 -39.23 6.65 16.43
C PRO G 14 -39.06 7.47 15.15
N GLN G 15 -39.57 8.69 15.13
CA GLN G 15 -39.45 9.53 13.95
C GLN G 15 -38.01 9.93 13.68
N ALA G 16 -37.24 10.16 14.74
CA ALA G 16 -35.84 10.53 14.59
C ALA G 16 -35.07 9.41 13.93
N LEU G 17 -35.30 8.17 14.38
CA LEU G 17 -34.60 7.03 13.80
C LEU G 17 -34.98 6.86 12.33
N GLN G 18 -36.23 7.12 11.97
CA GLN G 18 -36.61 6.99 10.57
C GLN G 18 -35.91 8.09 9.78
N SER G 19 -35.72 9.25 10.40
CA SER G 19 -35.01 10.34 9.74
C SER G 19 -33.55 9.97 9.49
N VAL G 20 -32.94 9.26 10.43
CA VAL G 20 -31.56 8.82 10.26
C VAL G 20 -31.51 7.82 9.10
N LEU G 21 -32.50 6.93 9.04
CA LEU G 21 -32.56 5.97 7.95
C LEU G 21 -32.69 6.75 6.63
N ASN G 22 -33.52 7.78 6.63
CA ASN G 22 -33.67 8.64 5.46
C ASN G 22 -32.32 9.26 5.08
N LEU G 23 -31.60 9.76 6.07
CA LEU G 23 -30.31 10.43 5.83
C LEU G 23 -29.37 9.44 5.17
N PHE G 24 -29.22 8.27 5.78
CA PHE G 24 -28.36 7.20 5.28
C PHE G 24 -28.72 6.85 3.83
N LEU G 25 -30.00 6.61 3.58
CA LEU G 25 -30.44 6.27 2.23
C LEU G 25 -30.20 7.35 1.19
N ASP G 26 -30.27 8.61 1.62
CA ASP G 26 -30.07 9.71 0.69
C ASP G 26 -28.64 10.17 0.45
N LEU G 27 -27.80 10.10 1.47
CA LEU G 27 -26.41 10.55 1.31
C LEU G 27 -25.45 9.38 1.19
N GLY G 28 -24.91 9.21 -0.01
CA GLY G 28 -24.00 8.11 -0.30
C GLY G 28 -22.74 8.21 0.56
N ASN G 29 -22.35 7.07 1.12
CA ASN G 29 -21.19 7.00 2.00
C ASN G 29 -21.22 7.98 3.17
N ALA G 30 -22.41 8.26 3.69
CA ALA G 30 -22.51 9.14 4.84
C ALA G 30 -21.80 8.49 6.02
N GLU G 31 -21.15 9.31 6.85
CA GLU G 31 -20.46 8.83 8.03
C GLU G 31 -21.31 9.43 9.15
N ILE G 32 -22.14 8.59 9.77
CA ILE G 32 -23.06 9.06 10.78
C ILE G 32 -22.82 8.60 12.21
N GLU G 33 -22.94 9.54 13.14
CA GLU G 33 -22.83 9.28 14.57
C GLU G 33 -24.08 9.84 15.21
N VAL G 34 -24.82 9.00 15.92
CA VAL G 34 -26.04 9.46 16.56
C VAL G 34 -25.82 9.52 18.06
N VAL G 35 -26.03 10.72 18.63
CA VAL G 35 -25.86 10.93 20.06
C VAL G 35 -27.22 11.10 20.75
N LEU G 36 -27.55 10.18 21.66
CA LEU G 36 -28.81 10.28 22.38
C LEU G 36 -28.58 10.76 23.82
N HIS G 37 -29.30 11.82 24.21
CA HIS G 37 -29.19 12.34 25.56
C HIS G 37 -30.54 12.76 26.12
N GLN G 38 -30.53 13.26 27.34
CA GLN G 38 -31.78 13.61 28.03
C GLN G 38 -32.65 12.35 28.03
N SER G 39 -33.96 12.49 27.90
CA SER G 39 -34.84 11.32 27.96
C SER G 39 -34.69 10.32 26.83
N ALA G 40 -34.13 10.75 25.70
CA ALA G 40 -33.97 9.85 24.57
C ALA G 40 -33.04 8.67 24.88
N ILE G 41 -32.21 8.81 25.92
CA ILE G 41 -31.30 7.73 26.28
C ILE G 41 -32.05 6.42 26.53
N LYS G 42 -33.30 6.53 26.96
CA LYS G 42 -34.10 5.35 27.26
C LYS G 42 -34.29 4.45 26.04
N ALA G 43 -34.14 5.02 24.85
CA ALA G 43 -34.31 4.24 23.64
C ALA G 43 -33.19 3.22 23.46
N LEU G 44 -32.10 3.37 24.21
CA LEU G 44 -30.97 2.44 24.09
C LEU G 44 -31.05 1.27 25.07
N LEU G 45 -32.17 1.16 25.79
CA LEU G 45 -32.34 0.06 26.72
C LEU G 45 -32.60 -1.24 25.98
N LEU G 46 -32.16 -2.36 26.53
CA LEU G 46 -32.39 -3.66 25.92
C LEU G 46 -33.86 -3.97 25.66
N ASN G 47 -34.76 -3.41 26.48
CA ASN G 47 -36.18 -3.70 26.32
C ASN G 47 -36.88 -2.59 25.51
N SER G 48 -36.08 -1.71 24.92
CA SER G 48 -36.60 -0.57 24.16
C SER G 48 -37.47 -0.99 22.98
N PRO G 49 -38.54 -0.25 22.74
CA PRO G 49 -39.43 -0.55 21.62
C PRO G 49 -38.77 -0.26 20.27
N THR G 50 -37.71 0.54 20.27
CA THR G 50 -37.01 0.83 19.02
C THR G 50 -35.71 0.03 18.88
N ARG G 51 -35.50 -0.96 19.74
CA ARG G 51 -34.28 -1.74 19.68
C ARG G 51 -33.95 -2.30 18.30
N SER G 52 -34.94 -2.92 17.64
CA SER G 52 -34.69 -3.49 16.32
C SER G 52 -34.27 -2.44 15.30
N ILE G 53 -34.79 -1.23 15.43
CA ILE G 53 -34.42 -0.16 14.50
C ILE G 53 -32.98 0.27 14.79
N ILE G 54 -32.65 0.42 16.08
CA ILE G 54 -31.30 0.81 16.47
C ILE G 54 -30.29 -0.24 16.00
N GLU G 55 -30.64 -1.51 16.15
CA GLU G 55 -29.78 -2.61 15.73
C GLU G 55 -29.57 -2.57 14.22
N GLU G 56 -30.61 -2.17 13.49
CA GLU G 56 -30.51 -2.07 12.04
C GLU G 56 -29.56 -0.92 11.65
N LEU G 57 -29.61 0.17 12.41
CA LEU G 57 -28.70 1.29 12.15
C LEU G 57 -27.26 0.83 12.38
N ILE G 58 -27.07 0.02 13.41
CA ILE G 58 -25.74 -0.51 13.71
C ILE G 58 -25.27 -1.39 12.56
N LYS G 59 -26.20 -2.16 12.01
CA LYS G 59 -25.90 -3.04 10.89
C LYS G 59 -25.43 -2.19 9.70
N LEU G 60 -26.06 -1.03 9.54
CA LEU G 60 -25.72 -0.12 8.45
C LEU G 60 -24.44 0.66 8.75
N ASN G 61 -23.72 0.23 9.78
CA ASN G 61 -22.45 0.83 10.19
C ASN G 61 -22.57 2.26 10.75
N ILE G 62 -23.72 2.55 11.33
CA ILE G 62 -23.95 3.86 11.94
C ILE G 62 -23.51 3.77 13.41
N LEU G 63 -22.76 4.77 13.87
CA LEU G 63 -22.28 4.80 15.25
C LEU G 63 -23.37 5.32 16.19
N ILE G 64 -23.80 4.48 17.12
CA ILE G 64 -24.83 4.86 18.08
C ILE G 64 -24.17 5.18 19.42
N VAL G 65 -24.35 6.41 19.88
CA VAL G 65 -23.72 6.87 21.12
C VAL G 65 -24.69 7.36 22.18
N GLY G 66 -24.49 6.92 23.42
CA GLY G 66 -25.35 7.34 24.51
C GLY G 66 -24.61 8.23 25.49
N CYS G 67 -25.29 9.23 26.04
CA CYS G 67 -24.70 10.17 26.99
C CYS G 67 -24.66 9.60 28.41
N GLU G 68 -23.47 9.56 29.01
CA GLU G 68 -23.29 9.04 30.37
C GLU G 68 -24.05 9.89 31.39
N HIS G 69 -24.00 11.21 31.25
CA HIS G 69 -24.72 12.09 32.17
C HIS G 69 -26.20 11.74 32.17
N SER G 70 -26.72 11.48 30.97
CA SER G 70 -28.13 11.12 30.82
C SER G 70 -28.41 9.72 31.36
N ILE G 71 -27.48 8.79 31.13
CA ILE G 71 -27.66 7.43 31.66
C ILE G 71 -27.79 7.54 33.19
N ARG G 72 -26.94 8.35 33.80
CA ARG G 72 -26.97 8.53 35.26
C ARG G 72 -28.24 9.21 35.78
N SER G 73 -28.67 10.27 35.12
CA SER G 73 -29.87 10.98 35.56
C SER G 73 -31.15 10.15 35.36
N GLN G 74 -31.12 9.18 34.46
CA GLN G 74 -32.28 8.34 34.21
C GLN G 74 -32.16 7.04 35.01
N ASN G 75 -31.16 7.00 35.90
CA ASN G 75 -30.94 5.86 36.78
C ASN G 75 -30.84 4.55 36.03
N LEU G 76 -30.10 4.55 34.93
CA LEU G 76 -29.96 3.34 34.12
C LEU G 76 -28.57 2.77 34.31
N ASP G 77 -28.43 1.46 34.13
CA ASP G 77 -27.16 0.76 34.28
C ASP G 77 -26.65 0.39 32.90
N HIS G 78 -25.35 0.42 32.71
CA HIS G 78 -24.78 0.07 31.41
C HIS G 78 -25.15 -1.36 31.04
N ARG G 79 -25.42 -2.16 32.06
CA ARG G 79 -25.83 -3.55 31.86
C ARG G 79 -27.18 -3.60 31.16
N GLN G 80 -27.96 -2.53 31.29
CA GLN G 80 -29.29 -2.44 30.71
C GLN G 80 -29.33 -1.98 29.26
N LEU G 81 -28.22 -1.49 28.76
CA LEU G 81 -28.18 -0.90 27.42
C LEU G 81 -27.92 -1.93 26.32
N ILE G 82 -28.32 -1.59 25.11
CA ILE G 82 -28.12 -2.45 23.95
C ILE G 82 -26.62 -2.70 23.75
N ASP G 83 -26.22 -3.96 23.55
CA ASP G 83 -24.80 -4.27 23.35
C ASP G 83 -24.23 -3.60 22.11
N GLY G 84 -23.01 -3.06 22.22
CA GLY G 84 -22.41 -2.43 21.06
C GLY G 84 -22.62 -0.93 21.03
N ILE G 85 -23.23 -0.41 22.08
CA ILE G 85 -23.50 1.01 22.20
C ILE G 85 -22.26 1.69 22.80
N LYS G 86 -21.81 2.79 22.20
CA LYS G 86 -20.68 3.51 22.76
C LYS G 86 -21.25 4.59 23.66
N ILE G 87 -20.48 4.99 24.67
CA ILE G 87 -20.92 6.00 25.62
C ILE G 87 -19.89 7.12 25.70
N VAL G 88 -20.36 8.35 25.85
CA VAL G 88 -19.45 9.49 26.01
C VAL G 88 -19.82 10.17 27.31
N ARG G 89 -18.87 10.89 27.89
CA ARG G 89 -19.10 11.56 29.17
C ARG G 89 -20.29 12.52 29.09
N SER G 90 -20.38 13.23 27.98
CA SER G 90 -21.43 14.22 27.77
C SER G 90 -21.92 14.18 26.33
N GLY G 91 -23.23 14.03 26.16
CA GLY G 91 -23.79 13.99 24.84
C GLY G 91 -23.63 15.33 24.13
N VAL G 92 -23.87 16.41 24.87
CA VAL G 92 -23.74 17.74 24.30
C VAL G 92 -22.27 18.08 24.04
N GLY G 93 -21.38 17.58 24.90
CA GLY G 93 -19.96 17.82 24.69
C GLY G 93 -19.50 17.12 23.42
N GLU G 94 -20.02 15.92 23.17
CA GLU G 94 -19.67 15.16 21.98
C GLU G 94 -20.19 15.87 20.73
N ILE G 95 -21.43 16.33 20.79
CA ILE G 95 -22.06 17.02 19.67
C ILE G 95 -21.25 18.26 19.28
N VAL G 96 -20.85 19.03 20.28
CA VAL G 96 -20.06 20.22 20.02
C VAL G 96 -18.68 19.88 19.48
N ARG G 97 -18.00 18.91 20.11
CA ARG G 97 -16.67 18.52 19.65
C ARG G 97 -16.67 17.95 18.24
N LYS G 98 -17.63 17.08 17.92
CA LYS G 98 -17.69 16.53 16.58
C LYS G 98 -17.86 17.66 15.56
N GLN G 99 -18.68 18.65 15.90
CA GLN G 99 -18.86 19.77 14.98
C GLN G 99 -17.55 20.52 14.77
N SER G 100 -16.77 20.68 15.82
CA SER G 100 -15.50 21.38 15.71
C SER G 100 -14.53 20.58 14.83
N GLU G 101 -14.81 19.29 14.71
CA GLU G 101 -13.98 18.41 13.89
C GLU G 101 -14.47 18.38 12.44
N GLY G 102 -15.49 19.18 12.15
CA GLY G 102 -16.02 19.25 10.79
C GLY G 102 -17.29 18.45 10.50
N TRP G 103 -17.88 17.86 11.53
CA TRP G 103 -19.10 17.09 11.31
C TRP G 103 -20.29 18.02 11.21
N ILE G 104 -21.18 17.74 10.27
CA ILE G 104 -22.37 18.54 10.07
C ILE G 104 -23.45 18.12 11.09
N TYR G 105 -23.99 19.12 11.78
CA TYR G 105 -24.98 18.94 12.83
C TYR G 105 -26.42 18.85 12.33
N LEU G 106 -27.13 17.85 12.85
CA LEU G 106 -28.55 17.64 12.50
C LEU G 106 -29.29 17.31 13.79
N ALA G 107 -30.20 18.19 14.19
CA ALA G 107 -30.98 17.97 15.42
C ALA G 107 -32.31 17.31 15.10
N LEU G 108 -32.54 16.14 15.68
CA LEU G 108 -33.79 15.42 15.46
C LEU G 108 -34.52 15.20 16.79
N MET H 10 -18.35 -36.39 21.55
CA MET H 10 -19.74 -35.87 21.76
C MET H 10 -20.62 -36.32 20.63
N SER H 11 -21.90 -36.55 20.94
CA SER H 11 -22.87 -37.02 19.95
C SER H 11 -23.28 -35.93 18.94
N LEU H 12 -23.01 -34.68 19.26
CA LEU H 12 -23.20 -33.57 18.34
C LEU H 12 -22.00 -32.63 18.47
N ARG H 13 -21.27 -32.41 17.38
CA ARG H 13 -20.07 -31.58 17.44
C ARG H 13 -19.84 -30.73 16.19
N LEU H 14 -19.06 -29.68 16.36
CA LEU H 14 -18.77 -28.73 15.28
C LEU H 14 -17.33 -28.88 14.84
N GLU H 15 -17.11 -28.96 13.53
CA GLU H 15 -15.76 -28.92 12.94
C GLU H 15 -15.64 -27.68 12.09
N ARG H 16 -14.62 -26.87 12.35
CA ARG H 16 -14.39 -25.64 11.60
C ARG H 16 -13.14 -25.79 10.74
N ASP H 17 -13.32 -25.65 9.43
CA ASP H 17 -12.25 -25.85 8.46
C ASP H 17 -12.21 -24.67 7.50
N GLY H 18 -11.86 -23.50 8.04
CA GLY H 18 -11.72 -22.28 7.25
C GLY H 18 -13.04 -21.71 6.82
N ALA H 19 -13.30 -21.71 5.52
CA ALA H 19 -14.55 -21.19 4.98
C ALA H 19 -15.74 -22.11 5.26
N VAL H 20 -15.46 -23.38 5.58
CA VAL H 20 -16.51 -24.36 5.78
C VAL H 20 -16.54 -24.84 7.24
N ALA H 21 -17.74 -24.89 7.82
CA ALA H 21 -17.98 -25.55 9.09
C ALA H 21 -18.92 -26.71 8.88
N ARG H 22 -18.78 -27.73 9.72
CA ARG H 22 -19.60 -28.92 9.66
C ARG H 22 -20.24 -29.15 11.02
N LEU H 23 -21.57 -29.22 11.03
CA LEU H 23 -22.31 -29.67 12.19
C LEU H 23 -22.55 -31.17 12.00
N LEU H 24 -21.86 -31.97 12.81
CA LEU H 24 -21.84 -33.42 12.64
C LEU H 24 -22.70 -34.13 13.68
N ILE H 25 -23.58 -35.01 13.20
CA ILE H 25 -24.38 -35.88 14.07
C ILE H 25 -23.71 -37.25 14.13
N ASP H 26 -23.29 -37.66 15.32
CA ASP H 26 -22.41 -38.82 15.48
C ASP H 26 -22.92 -39.76 16.56
N ARG H 27 -24.01 -40.47 16.25
CA ARG H 27 -24.61 -41.42 17.17
C ARG H 27 -25.15 -42.61 16.38
N ALA H 28 -24.26 -43.29 15.66
CA ALA H 28 -24.64 -44.32 14.69
C ALA H 28 -25.43 -45.49 15.27
N ASP H 29 -25.17 -45.85 16.52
CA ASP H 29 -25.86 -46.98 17.15
C ASP H 29 -27.32 -46.70 17.52
N ARG H 30 -27.73 -45.42 17.46
CA ARG H 30 -29.14 -45.05 17.62
C ARG H 30 -29.67 -44.35 16.37
N ARG H 31 -29.04 -44.62 15.23
CA ARG H 31 -29.43 -44.01 13.95
C ARG H 31 -29.53 -42.49 14.03
N ASN H 32 -28.56 -41.89 14.72
CA ASN H 32 -28.45 -40.44 14.88
C ASN H 32 -29.67 -39.77 15.55
N ALA H 33 -30.35 -40.51 16.41
CA ALA H 33 -31.48 -39.97 17.16
C ALA H 33 -31.02 -38.91 18.16
N PHE H 34 -31.81 -37.85 18.30
CA PHE H 34 -31.49 -36.73 19.18
C PHE H 34 -32.04 -36.96 20.58
N SER H 35 -31.17 -36.76 21.56
CA SER H 35 -31.57 -36.70 22.97
C SER H 35 -31.77 -35.24 23.35
N LEU H 36 -32.27 -35.01 24.55
CA LEU H 36 -32.50 -33.65 25.03
C LEU H 36 -31.20 -32.85 25.09
N ASP H 37 -30.12 -33.47 25.56
CA ASP H 37 -28.86 -32.75 25.69
C ASP H 37 -28.30 -32.30 24.33
N MET H 38 -28.53 -33.11 23.29
CA MET H 38 -28.09 -32.76 21.93
C MET H 38 -28.83 -31.54 21.42
N TRP H 39 -30.15 -31.52 21.60
CA TRP H 39 -30.96 -30.35 21.24
C TRP H 39 -30.47 -29.08 21.95
N GLN H 40 -30.19 -29.20 23.24
CA GLN H 40 -29.67 -28.08 24.04
C GLN H 40 -28.26 -27.66 23.63
N ARG H 41 -27.48 -28.61 23.12
CA ARG H 41 -26.11 -28.37 22.69
C ARG H 41 -26.02 -27.64 21.35
N LEU H 42 -27.00 -27.85 20.47
CA LEU H 42 -26.95 -27.35 19.09
C LEU H 42 -26.77 -25.81 18.98
N PRO H 43 -27.54 -25.03 19.76
CA PRO H 43 -27.35 -23.57 19.73
C PRO H 43 -25.95 -23.10 20.11
N GLU H 44 -25.30 -23.81 21.04
CA GLU H 44 -23.95 -23.47 21.50
C GLU H 44 -22.97 -23.62 20.34
N LEU H 45 -23.13 -24.71 19.58
CA LEU H 45 -22.28 -24.98 18.44
C LEU H 45 -22.50 -23.97 17.32
N LEU H 46 -23.76 -23.56 17.11
CA LEU H 46 -24.07 -22.51 16.13
C LEU H 46 -23.40 -21.19 16.50
N ALA H 47 -23.40 -20.85 17.79
CA ALA H 47 -22.76 -19.63 18.28
C ALA H 47 -21.25 -19.68 18.05
N GLU H 48 -20.62 -20.83 18.31
CA GLU H 48 -19.19 -21.02 18.04
C GLU H 48 -18.86 -20.80 16.56
N ALA H 49 -19.67 -21.40 15.68
CA ALA H 49 -19.47 -21.26 14.24
C ALA H 49 -19.67 -19.83 13.80
N SER H 50 -20.72 -19.18 14.30
CA SER H 50 -21.07 -17.82 13.90
C SER H 50 -19.99 -16.80 14.28
N GLY H 51 -19.27 -17.05 15.37
CA GLY H 51 -18.18 -16.16 15.81
C GLY H 51 -16.92 -16.19 14.96
N ASP H 52 -16.84 -17.11 14.01
CA ASP H 52 -15.68 -17.25 13.12
C ASP H 52 -15.84 -16.39 11.85
N ASP H 53 -15.05 -15.31 11.76
CA ASP H 53 -15.12 -14.38 10.62
C ASP H 53 -14.75 -15.01 9.27
N ALA H 54 -13.97 -16.08 9.30
CA ALA H 54 -13.55 -16.77 8.08
C ALA H 54 -14.65 -17.65 7.47
N LEU H 55 -15.66 -17.99 8.25
CA LEU H 55 -16.70 -18.89 7.80
C LEU H 55 -17.51 -18.31 6.62
N ARG H 56 -17.83 -19.17 5.67
CA ARG H 56 -18.68 -18.81 4.52
C ARG H 56 -19.93 -19.71 4.38
N VAL H 57 -19.87 -20.93 4.90
CA VAL H 57 -20.97 -21.88 4.76
C VAL H 57 -20.91 -22.93 5.88
N LEU H 58 -22.09 -23.29 6.38
CA LEU H 58 -22.23 -24.34 7.38
C LEU H 58 -22.92 -25.54 6.76
N VAL H 59 -22.28 -26.69 6.85
CA VAL H 59 -22.85 -27.95 6.37
C VAL H 59 -23.34 -28.77 7.57
N VAL H 60 -24.59 -29.24 7.49
CA VAL H 60 -25.15 -30.13 8.49
C VAL H 60 -25.21 -31.52 7.87
N LYS H 61 -24.63 -32.50 8.56
CA LYS H 61 -24.54 -33.85 8.00
C LYS H 61 -24.27 -34.89 9.08
N SER H 62 -24.46 -36.15 8.71
CA SER H 62 -24.07 -37.26 9.55
C SER H 62 -22.54 -37.38 9.57
N ALA H 63 -21.99 -37.71 10.73
CA ALA H 63 -20.55 -37.96 10.85
C ALA H 63 -20.14 -39.24 10.13
N ASN H 64 -21.07 -40.19 9.99
CA ASN H 64 -20.77 -41.54 9.50
C ASN H 64 -21.63 -41.97 8.30
N GLY H 65 -22.08 -41.01 7.49
CA GLY H 65 -23.03 -41.33 6.43
C GLY H 65 -24.28 -41.99 7.00
N GLY H 66 -24.94 -42.83 6.21
CA GLY H 66 -26.14 -43.53 6.64
C GLY H 66 -27.24 -42.56 7.02
N ALA H 67 -28.01 -42.90 8.06
CA ALA H 67 -29.13 -42.08 8.51
C ALA H 67 -28.68 -40.68 8.89
N PHE H 68 -29.43 -39.68 8.45
CA PHE H 68 -29.19 -38.30 8.79
C PHE H 68 -29.57 -38.07 10.25
N CYS H 69 -30.82 -38.39 10.57
CA CYS H 69 -31.34 -38.27 11.93
C CYS H 69 -32.71 -38.94 11.98
N ALA H 70 -32.80 -40.01 12.74
CA ALA H 70 -34.03 -40.80 12.85
C ALA H 70 -35.09 -40.13 13.75
N GLY H 71 -34.77 -38.95 14.28
CA GLY H 71 -35.74 -38.16 15.05
C GLY H 71 -35.48 -38.26 16.53
N ALA H 72 -36.56 -38.42 17.32
CA ALA H 72 -36.40 -38.42 18.78
C ALA H 72 -35.83 -39.76 19.26
N ASP H 73 -35.08 -39.74 20.36
CA ASP H 73 -34.58 -41.02 20.94
C ASP H 73 -35.77 -41.73 21.59
N ILE H 74 -36.51 -42.52 20.80
CA ILE H 74 -37.73 -43.20 21.31
C ILE H 74 -37.49 -43.67 22.74
N ALA H 75 -36.30 -44.19 23.03
CA ALA H 75 -36.01 -44.70 24.39
C ALA H 75 -36.26 -43.57 25.40
N GLU H 76 -35.57 -42.43 25.23
CA GLU H 76 -35.72 -41.29 26.15
C GLU H 76 -37.19 -40.86 26.20
N LEU H 77 -37.84 -40.79 25.03
CA LEU H 77 -39.26 -40.34 24.97
C LEU H 77 -40.11 -41.21 25.90
N LEU H 78 -40.01 -42.54 25.77
CA LEU H 78 -40.84 -43.45 26.59
C LEU H 78 -40.44 -43.31 28.06
N ALA H 79 -39.13 -43.28 28.33
CA ALA H 79 -38.64 -43.18 29.73
C ALA H 79 -39.29 -41.97 30.40
N ASN H 80 -39.67 -40.96 29.61
CA ASN H 80 -40.20 -39.71 30.22
C ASN H 80 -41.60 -39.43 29.67
N LYS H 81 -42.31 -40.48 29.24
CA LYS H 81 -43.68 -40.31 28.70
C LYS H 81 -44.56 -39.64 29.76
N ASP H 82 -44.33 -39.95 31.03
CA ASP H 82 -45.16 -39.38 32.13
C ASP H 82 -44.33 -38.36 32.93
N ASP H 83 -43.64 -37.46 32.24
CA ASP H 83 -42.86 -36.42 32.93
C ASP H 83 -43.07 -35.05 32.30
N ALA H 84 -43.99 -34.27 32.88
CA ALA H 84 -44.36 -32.96 32.33
C ALA H 84 -43.18 -31.99 32.23
N ALA H 85 -42.25 -32.08 33.19
CA ALA H 85 -41.06 -31.23 33.18
C ALA H 85 -40.17 -31.52 31.97
N PHE H 86 -39.99 -32.81 31.66
CA PHE H 86 -39.24 -33.20 30.48
C PHE H 86 -39.90 -32.72 29.20
N HIS H 87 -41.21 -32.90 29.09
CA HIS H 87 -41.91 -32.50 27.87
C HIS H 87 -41.80 -31.00 27.61
N LEU H 88 -41.91 -30.20 28.67
CA LEU H 88 -41.82 -28.74 28.54
C LEU H 88 -40.39 -28.30 28.21
N ALA H 89 -39.41 -28.90 28.88
CA ALA H 89 -37.99 -28.63 28.62
C ALA H 89 -37.60 -29.05 27.19
N ASN H 90 -38.09 -30.22 26.79
CA ASN H 90 -37.79 -30.76 25.46
C ASN H 90 -38.41 -29.89 24.36
N GLN H 91 -39.67 -29.48 24.55
CA GLN H 91 -40.37 -28.60 23.62
C GLN H 91 -39.57 -27.31 23.39
N GLN H 92 -39.20 -26.67 24.48
CA GLN H 92 -38.44 -25.41 24.43
C GLN H 92 -37.07 -25.57 23.76
N ALA H 93 -36.37 -26.65 24.08
CA ALA H 93 -35.03 -26.89 23.54
C ALA H 93 -35.06 -27.08 22.02
N ILE H 94 -36.03 -27.87 21.54
CA ILE H 94 -36.19 -28.11 20.11
C ILE H 94 -36.55 -26.81 19.39
N ASN H 95 -37.48 -26.05 19.96
CA ASN H 95 -37.91 -24.79 19.34
C ASN H 95 -36.77 -23.78 19.23
N ARG H 96 -35.94 -23.68 20.27
CA ARG H 96 -34.77 -22.81 20.22
C ARG H 96 -33.83 -23.23 19.10
N ALA H 97 -33.52 -24.53 19.04
CA ALA H 97 -32.57 -25.05 18.06
C ALA H 97 -33.04 -24.77 16.64
N GLN H 98 -34.33 -25.05 16.39
CA GLN H 98 -34.92 -24.85 15.08
C GLN H 98 -34.92 -23.37 14.68
N TYR H 99 -35.28 -22.52 15.63
CA TYR H 99 -35.30 -21.09 15.39
C TYR H 99 -33.90 -20.56 15.00
N GLU H 100 -32.89 -20.98 15.76
CA GLU H 100 -31.54 -20.46 15.58
C GLU H 100 -30.88 -21.01 14.32
N LEU H 101 -31.06 -22.30 14.06
CA LEU H 101 -30.50 -22.90 12.85
C LEU H 101 -31.07 -22.23 11.58
N ALA H 102 -32.38 -22.01 11.57
CA ALA H 102 -33.05 -21.41 10.41
C ALA H 102 -32.61 -19.96 10.13
N ARG H 103 -32.11 -19.29 11.17
CA ARG H 103 -31.68 -17.90 11.07
C ARG H 103 -30.16 -17.74 11.23
N PHE H 104 -29.40 -18.81 11.01
CA PHE H 104 -27.94 -18.74 11.03
C PHE H 104 -27.50 -17.70 10.01
N ARG H 105 -26.50 -16.89 10.34
CA ARG H 105 -26.18 -15.72 9.52
C ARG H 105 -25.70 -16.06 8.10
N LEU H 106 -25.02 -17.19 7.95
CA LEU H 106 -24.46 -17.63 6.66
C LEU H 106 -25.28 -18.75 6.01
N PRO H 107 -25.03 -19.01 4.71
CA PRO H 107 -25.66 -20.14 4.06
C PRO H 107 -25.44 -21.46 4.80
N THR H 108 -26.49 -22.27 4.85
CA THR H 108 -26.46 -23.58 5.49
C THR H 108 -26.99 -24.64 4.51
N VAL H 109 -26.36 -25.82 4.55
CA VAL H 109 -26.73 -26.92 3.66
C VAL H 109 -26.85 -28.20 4.47
N ALA H 110 -27.96 -28.91 4.29
CA ALA H 110 -28.13 -30.26 4.87
C ALA H 110 -27.75 -31.30 3.82
N MET H 111 -26.80 -32.17 4.17
CA MET H 111 -26.39 -33.29 3.29
C MET H 111 -27.03 -34.53 3.85
N VAL H 112 -28.07 -35.03 3.17
CA VAL H 112 -28.88 -36.15 3.69
C VAL H 112 -28.58 -37.44 2.92
N GLU H 113 -28.07 -38.45 3.62
CA GLU H 113 -27.63 -39.70 2.99
C GLU H 113 -28.44 -40.92 3.41
N GLY H 114 -29.47 -40.72 4.23
CA GLY H 114 -30.28 -41.80 4.73
C GLY H 114 -31.55 -41.26 5.34
N ASP H 115 -32.08 -42.00 6.32
CA ASP H 115 -33.32 -41.61 6.98
C ASP H 115 -33.22 -40.24 7.64
N CYS H 116 -34.23 -39.42 7.39
CA CYS H 116 -34.34 -38.08 7.91
C CYS H 116 -35.79 -37.94 8.38
N ILE H 117 -36.02 -38.27 9.65
CA ILE H 117 -37.38 -38.51 10.17
C ILE H 117 -37.71 -37.59 11.35
N GLY H 118 -38.90 -37.00 11.30
CA GLY H 118 -39.46 -36.24 12.43
C GLY H 118 -38.65 -35.00 12.78
N GLY H 119 -38.06 -35.02 13.97
CA GLY H 119 -37.14 -33.98 14.41
C GLY H 119 -35.91 -33.85 13.54
N GLY H 120 -35.50 -34.97 12.94
CA GLY H 120 -34.41 -34.96 11.96
C GLY H 120 -34.81 -34.18 10.73
N CYS H 121 -36.05 -34.35 10.29
CA CYS H 121 -36.57 -33.63 9.14
C CYS H 121 -36.66 -32.13 9.45
N GLY H 122 -37.02 -31.80 10.69
CA GLY H 122 -37.01 -30.43 11.17
C GLY H 122 -35.65 -29.76 11.02
N ILE H 123 -34.59 -30.47 11.40
CA ILE H 123 -33.22 -29.96 11.25
C ILE H 123 -32.92 -29.66 9.79
N ALA H 124 -33.22 -30.63 8.91
CA ALA H 124 -33.01 -30.46 7.47
C ALA H 124 -33.82 -29.29 6.92
N LEU H 125 -35.07 -29.16 7.37
CA LEU H 125 -35.95 -28.07 6.93
C LEU H 125 -35.45 -26.69 7.34
N ALA H 126 -34.72 -26.64 8.44
CA ALA H 126 -34.18 -25.39 8.96
C ALA H 126 -32.94 -24.92 8.18
N CYS H 127 -32.29 -25.81 7.42
CA CYS H 127 -31.20 -25.39 6.54
C CYS H 127 -31.71 -24.65 5.30
N ASP H 128 -30.84 -23.88 4.66
CA ASP H 128 -31.22 -23.10 3.48
C ASP H 128 -31.54 -23.97 2.27
N MET H 129 -30.78 -25.06 2.16
CA MET H 129 -30.96 -25.98 1.02
C MET H 129 -30.58 -27.39 1.46
N ARG H 130 -31.10 -28.40 0.77
CA ARG H 130 -30.82 -29.80 1.08
C ARG H 130 -30.37 -30.54 -0.18
N ILE H 131 -29.36 -31.39 -0.02
CA ILE H 131 -28.94 -32.32 -1.06
C ILE H 131 -29.25 -33.73 -0.57
N ALA H 132 -29.87 -34.53 -1.43
CA ALA H 132 -30.23 -35.90 -1.08
C ALA H 132 -29.45 -36.89 -1.91
N ALA H 133 -28.74 -37.79 -1.25
CA ALA H 133 -28.09 -38.94 -1.91
C ALA H 133 -29.15 -40.03 -2.15
N PRO H 134 -28.81 -41.05 -2.98
CA PRO H 134 -29.83 -42.02 -3.40
C PRO H 134 -30.55 -42.78 -2.29
N ALA H 135 -29.90 -42.97 -1.14
CA ALA H 135 -30.52 -43.69 -0.02
C ALA H 135 -31.34 -42.78 0.91
N ALA H 136 -31.38 -41.47 0.65
CA ALA H 136 -32.08 -40.55 1.53
C ALA H 136 -33.57 -40.88 1.60
N ARG H 137 -34.14 -40.82 2.80
CA ARG H 137 -35.59 -40.96 2.99
C ARG H 137 -36.08 -39.93 4.00
N PHE H 138 -37.27 -39.41 3.75
CA PHE H 138 -37.85 -38.32 4.54
C PHE H 138 -39.23 -38.66 5.04
N GLY H 139 -39.50 -38.28 6.28
CA GLY H 139 -40.83 -38.43 6.85
C GLY H 139 -40.98 -37.63 8.11
N ILE H 140 -42.22 -37.28 8.40
CA ILE H 140 -42.59 -36.54 9.60
C ILE H 140 -43.72 -37.34 10.23
N THR H 141 -43.45 -37.92 11.39
CA THR H 141 -44.26 -39.02 11.93
C THR H 141 -45.02 -38.82 13.26
N PRO H 142 -45.26 -37.56 13.69
CA PRO H 142 -45.95 -37.41 14.98
C PRO H 142 -47.37 -37.99 15.01
N ALA H 143 -48.06 -38.01 13.87
CA ALA H 143 -49.44 -38.53 13.82
C ALA H 143 -49.52 -40.01 14.18
N LYS H 144 -48.41 -40.73 14.10
CA LYS H 144 -48.37 -42.14 14.48
C LYS H 144 -48.25 -42.35 16.00
N LEU H 145 -47.99 -41.27 16.74
CA LEU H 145 -47.96 -41.33 18.21
C LEU H 145 -48.94 -40.38 18.89
N GLY H 146 -49.85 -39.77 18.13
CA GLY H 146 -50.80 -38.84 18.73
C GLY H 146 -50.19 -37.51 19.15
N LEU H 147 -49.11 -37.12 18.49
CA LEU H 147 -48.45 -35.86 18.79
C LEU H 147 -48.65 -34.87 17.65
N VAL H 148 -48.17 -33.65 17.86
CA VAL H 148 -48.33 -32.56 16.90
C VAL H 148 -46.92 -32.13 16.45
N TYR H 149 -46.84 -31.37 15.37
CA TYR H 149 -45.58 -30.79 14.88
C TYR H 149 -45.56 -29.29 15.23
N PRO H 150 -44.41 -28.74 15.65
CA PRO H 150 -44.39 -27.30 15.98
C PRO H 150 -44.78 -26.44 14.78
N LEU H 151 -45.53 -25.36 15.03
CA LEU H 151 -45.97 -24.48 13.96
C LEU H 151 -44.79 -23.91 13.17
N HIS H 152 -43.72 -23.54 13.87
CA HIS H 152 -42.49 -23.08 13.21
C HIS H 152 -42.06 -24.04 12.10
N ASP H 153 -42.13 -25.33 12.40
CA ASP H 153 -41.66 -26.35 11.45
C ASP H 153 -42.73 -26.73 10.42
N VAL H 154 -44.01 -26.61 10.77
CA VAL H 154 -45.06 -26.72 9.77
C VAL H 154 -44.83 -25.66 8.70
N LYS H 155 -44.49 -24.45 9.12
CA LYS H 155 -44.25 -23.37 8.16
C LYS H 155 -43.03 -23.64 7.28
N LEU H 156 -41.93 -24.11 7.86
CA LEU H 156 -40.74 -24.49 7.07
C LEU H 156 -41.10 -25.50 5.98
N LEU H 157 -41.95 -26.45 6.32
CA LEU H 157 -42.36 -27.48 5.38
C LEU H 157 -43.25 -26.90 4.29
N VAL H 158 -44.26 -26.14 4.69
CA VAL H 158 -45.22 -25.56 3.73
C VAL H 158 -44.51 -24.59 2.78
N ASP H 159 -43.55 -23.82 3.32
CA ASP H 159 -42.70 -22.92 2.52
C ASP H 159 -42.11 -23.62 1.30
N LEU H 160 -41.68 -24.87 1.47
CA LEU H 160 -41.00 -25.60 0.41
C LEU H 160 -41.93 -26.39 -0.50
N VAL H 161 -42.89 -27.10 0.07
CA VAL H 161 -43.67 -28.06 -0.70
C VAL H 161 -45.15 -27.71 -0.87
N GLY H 162 -45.59 -26.64 -0.24
CA GLY H 162 -47.01 -26.25 -0.26
C GLY H 162 -47.86 -27.07 0.70
N PRO H 163 -49.12 -26.67 0.90
CA PRO H 163 -49.98 -27.30 1.90
C PRO H 163 -50.48 -28.69 1.55
N GLY H 164 -50.63 -28.98 0.26
CA GLY H 164 -51.09 -30.30 -0.19
C GLY H 164 -50.10 -31.40 0.18
N GLN H 165 -48.83 -31.22 -0.19
CA GLN H 165 -47.79 -32.19 0.12
C GLN H 165 -47.47 -32.18 1.61
N ALA H 166 -47.51 -31.01 2.23
CA ALA H 166 -47.26 -30.91 3.67
C ALA H 166 -48.26 -31.78 4.44
N ARG H 167 -49.53 -31.68 4.09
CA ARG H 167 -50.56 -32.49 4.73
C ARG H 167 -50.44 -33.98 4.39
N ARG H 168 -50.11 -34.30 3.13
CA ARG H 168 -49.85 -35.68 2.73
C ARG H 168 -48.82 -36.33 3.65
N LEU H 169 -47.71 -35.63 3.86
CA LEU H 169 -46.61 -36.17 4.66
C LEU H 169 -46.97 -36.26 6.15
N MET H 170 -47.53 -35.18 6.68
CA MET H 170 -47.80 -35.08 8.12
C MET H 170 -49.00 -35.87 8.57
N PHE H 171 -50.03 -35.98 7.73
CA PHE H 171 -51.20 -36.80 8.09
C PHE H 171 -50.88 -38.30 8.06
N THR H 172 -50.09 -38.76 7.08
CA THR H 172 -49.82 -40.19 6.94
C THR H 172 -48.61 -40.65 7.76
N GLY H 173 -47.62 -39.78 7.92
CA GLY H 173 -46.35 -40.18 8.50
C GLY H 173 -45.58 -41.17 7.62
N GLY H 174 -45.93 -41.20 6.34
CA GLY H 174 -45.31 -42.13 5.39
C GLY H 174 -44.01 -41.56 4.87
N LEU H 175 -43.04 -42.44 4.61
CA LEU H 175 -41.75 -42.01 4.09
C LEU H 175 -41.81 -41.80 2.60
N ILE H 176 -41.01 -40.87 2.09
CA ILE H 176 -40.83 -40.70 0.66
C ILE H 176 -39.34 -40.81 0.34
N ASP H 177 -39.02 -41.24 -0.88
CA ASP H 177 -37.62 -41.45 -1.27
C ASP H 177 -36.98 -40.17 -1.81
N ALA H 178 -35.70 -40.26 -2.16
CA ALA H 178 -34.93 -39.10 -2.61
C ALA H 178 -35.54 -38.43 -3.84
N ASN H 179 -35.93 -39.23 -4.82
CA ASN H 179 -36.51 -38.70 -6.06
C ASN H 179 -37.84 -37.98 -5.85
N GLU H 180 -38.69 -38.51 -4.98
CA GLU H 180 -39.96 -37.85 -4.67
C GLU H 180 -39.73 -36.55 -3.89
N ALA H 181 -38.80 -36.56 -2.95
CA ALA H 181 -38.45 -35.35 -2.20
C ALA H 181 -37.92 -34.26 -3.13
N HIS H 182 -37.12 -34.65 -4.12
CA HIS H 182 -36.64 -33.73 -5.15
C HIS H 182 -37.81 -33.21 -6.00
N ARG H 183 -38.71 -34.12 -6.40
CA ARG H 183 -39.85 -33.76 -7.25
C ARG H 183 -40.78 -32.73 -6.59
N ILE H 184 -41.02 -32.88 -5.29
CA ILE H 184 -42.00 -32.02 -4.60
C ILE H 184 -41.38 -30.76 -3.97
N GLY H 185 -40.07 -30.59 -4.11
CA GLY H 185 -39.39 -29.41 -3.60
C GLY H 185 -38.92 -29.51 -2.16
N LEU H 186 -38.90 -30.70 -1.59
CA LEU H 186 -38.42 -30.89 -0.22
C LEU H 186 -36.89 -30.80 -0.18
N VAL H 187 -36.23 -31.29 -1.22
CA VAL H 187 -34.79 -31.09 -1.41
C VAL H 187 -34.55 -30.43 -2.75
N GLU H 188 -33.51 -29.60 -2.82
CA GLU H 188 -33.25 -28.80 -4.01
C GLU H 188 -32.38 -29.52 -5.00
N LEU H 189 -31.57 -30.47 -4.52
CA LEU H 189 -30.52 -31.10 -5.32
C LEU H 189 -30.40 -32.59 -5.00
N LEU H 190 -30.13 -33.37 -6.04
CA LEU H 190 -29.72 -34.76 -5.89
C LEU H 190 -28.22 -34.86 -6.15
N GLY H 191 -27.54 -35.64 -5.33
CA GLY H 191 -26.09 -35.82 -5.50
C GLY H 191 -25.47 -36.64 -4.39
N GLU H 192 -24.25 -37.12 -4.62
CA GLU H 192 -23.54 -37.98 -3.66
C GLU H 192 -22.76 -37.17 -2.64
N SER H 193 -22.48 -35.91 -2.94
CA SER H 193 -21.58 -35.10 -2.13
C SER H 193 -21.97 -33.63 -2.14
N GLU H 194 -21.69 -32.94 -1.02
CA GLU H 194 -21.93 -31.50 -0.92
C GLU H 194 -20.77 -30.66 -1.48
N ASP H 195 -19.66 -31.30 -1.86
CA ASP H 195 -18.41 -30.60 -2.20
C ASP H 195 -18.56 -29.51 -3.28
N ALA H 196 -19.27 -29.82 -4.35
CA ALA H 196 -19.43 -28.89 -5.46
C ALA H 196 -20.21 -27.65 -5.03
N LEU H 197 -21.32 -27.86 -4.34
CA LEU H 197 -22.13 -26.74 -3.89
C LEU H 197 -21.37 -25.87 -2.89
N VAL H 198 -20.70 -26.53 -1.94
CA VAL H 198 -19.92 -25.83 -0.91
C VAL H 198 -18.80 -25.01 -1.54
N GLY H 199 -18.16 -25.57 -2.56
CA GLY H 199 -17.17 -24.83 -3.33
C GLY H 199 -17.72 -23.55 -3.93
N GLN H 200 -18.93 -23.62 -4.49
CA GLN H 200 -19.56 -22.44 -5.09
C GLN H 200 -19.92 -21.41 -4.02
N LEU H 201 -20.54 -21.88 -2.94
CA LEU H 201 -20.96 -21.00 -1.84
C LEU H 201 -19.79 -20.31 -1.15
N ALA H 202 -18.66 -21.02 -1.03
CA ALA H 202 -17.51 -20.50 -0.30
C ALA H 202 -16.78 -19.37 -1.02
N THR H 203 -16.94 -19.26 -2.34
CA THR H 203 -16.20 -18.29 -3.15
C THR H 203 -16.94 -16.97 -3.45
N VAL H 204 -18.23 -16.89 -3.17
CA VAL H 204 -18.98 -15.64 -3.41
C VAL H 204 -18.88 -14.69 -2.21
N SER H 205 -19.39 -13.48 -2.35
CA SER H 205 -19.36 -12.48 -1.27
C SER H 205 -20.23 -12.87 -0.08
N SER H 206 -19.62 -12.94 1.11
CA SER H 206 -20.37 -13.22 2.34
C SER H 206 -21.17 -12.01 2.83
N PHE H 207 -20.83 -10.80 2.37
CA PHE H 207 -21.73 -9.66 2.54
C PHE H 207 -23.04 -9.95 1.81
N SER H 208 -22.92 -10.33 0.54
CA SER H 208 -24.08 -10.60 -0.30
C SER H 208 -24.97 -11.72 0.24
N THR H 209 -24.39 -12.87 0.56
CA THR H 209 -25.18 -14.03 0.99
C THR H 209 -25.96 -13.72 2.26
N GLN H 210 -25.32 -13.07 3.21
CA GLN H 210 -25.96 -12.77 4.48
C GLN H 210 -27.11 -11.77 4.31
N ALA H 211 -26.89 -10.75 3.48
CA ALA H 211 -27.91 -9.73 3.22
C ALA H 211 -29.09 -10.31 2.41
N ILE H 212 -28.79 -11.11 1.39
CA ILE H 212 -29.82 -11.76 0.59
C ILE H 212 -30.61 -12.74 1.46
N LYS H 213 -29.91 -13.50 2.29
CA LYS H 213 -30.59 -14.42 3.21
C LYS H 213 -31.62 -13.68 4.09
N SER H 214 -31.24 -12.52 4.62
CA SER H 214 -32.17 -11.71 5.40
C SER H 214 -33.35 -11.19 4.57
N PHE H 215 -33.10 -10.79 3.33
CA PHE H 215 -34.20 -10.38 2.42
C PHE H 215 -35.20 -11.51 2.18
N VAL H 216 -34.71 -12.73 1.95
CA VAL H 216 -35.59 -13.87 1.73
C VAL H 216 -36.45 -14.12 2.97
N ARG H 217 -35.83 -14.04 4.14
CA ARG H 217 -36.55 -14.19 5.40
C ARG H 217 -37.61 -13.10 5.57
N ARG H 218 -37.28 -11.86 5.21
CA ARG H 218 -38.27 -10.78 5.27
C ARG H 218 -39.51 -11.10 4.42
N VAL H 219 -39.28 -11.61 3.22
CA VAL H 219 -40.37 -12.01 2.32
C VAL H 219 -41.20 -13.13 2.94
N LEU H 220 -40.52 -14.13 3.51
CA LEU H 220 -41.21 -15.24 4.18
C LEU H 220 -42.01 -14.77 5.41
N ASP H 221 -41.55 -13.71 6.05
CA ASP H 221 -42.24 -13.13 7.19
C ASP H 221 -43.33 -12.12 6.78
N GLY H 222 -43.57 -11.96 5.48
CA GLY H 222 -44.72 -11.19 5.00
C GLY H 222 -44.42 -9.86 4.35
N GLN H 223 -43.14 -9.50 4.20
CA GLN H 223 -42.80 -8.24 3.55
C GLN H 223 -43.09 -8.34 2.05
N VAL H 224 -43.85 -7.38 1.55
CA VAL H 224 -44.33 -7.39 0.16
C VAL H 224 -43.52 -6.48 -0.76
N ALA H 225 -43.17 -5.27 -0.30
CA ALA H 225 -42.45 -4.32 -1.14
C ALA H 225 -41.14 -3.90 -0.48
N ASP H 226 -40.23 -3.33 -1.28
CA ASP H 226 -39.05 -2.65 -0.74
C ASP H 226 -39.52 -1.49 0.14
N ASP H 227 -38.79 -1.23 1.23
CA ASP H 227 -39.04 -0.06 2.08
C ASP H 227 -37.72 0.68 2.29
N THR H 228 -37.73 1.75 3.09
CA THR H 228 -36.51 2.57 3.24
C THR H 228 -35.31 1.74 3.71
N LEU H 229 -35.55 0.85 4.67
CA LEU H 229 -34.45 0.02 5.18
C LEU H 229 -33.86 -0.93 4.14
N SER H 230 -34.69 -1.59 3.34
CA SER H 230 -34.17 -2.50 2.33
C SER H 230 -33.48 -1.75 1.18
N LEU H 231 -33.95 -0.53 0.89
CA LEU H 231 -33.29 0.32 -0.10
C LEU H 231 -31.89 0.71 0.39
N CYS H 232 -31.78 1.01 1.69
CA CYS H 232 -30.51 1.38 2.30
C CYS H 232 -29.52 0.22 2.29
N VAL H 233 -29.98 -0.97 2.68
CA VAL H 233 -29.13 -2.17 2.68
C VAL H 233 -28.59 -2.42 1.27
N PHE H 234 -29.48 -2.35 0.29
CA PHE H 234 -29.10 -2.52 -1.10
C PHE H 234 -28.02 -1.51 -1.49
N ALA H 235 -28.28 -0.24 -1.19
CA ALA H 235 -27.34 0.83 -1.52
C ALA H 235 -25.98 0.65 -0.84
N SER H 236 -25.98 0.22 0.43
CA SER H 236 -24.73 0.07 1.20
C SER H 236 -23.73 -0.88 0.55
N ALA H 237 -24.21 -1.75 -0.35
CA ALA H 237 -23.33 -2.70 -1.04
C ALA H 237 -22.24 -1.98 -1.84
N THR H 238 -22.58 -0.82 -2.40
CA THR H 238 -21.65 -0.07 -3.26
C THR H 238 -20.56 0.67 -2.47
N LEU H 239 -20.73 0.75 -1.15
CA LEU H 239 -19.75 1.35 -0.25
C LEU H 239 -18.86 0.28 0.41
N GLY H 240 -19.09 -0.99 0.08
CA GLY H 240 -18.46 -2.10 0.78
C GLY H 240 -17.18 -2.61 0.12
N ALA H 241 -16.33 -3.21 0.94
CA ALA H 241 -15.07 -3.79 0.49
C ALA H 241 -15.25 -4.89 -0.54
N ASP H 242 -16.31 -5.70 -0.40
CA ASP H 242 -16.52 -6.80 -1.35
C ASP H 242 -16.82 -6.27 -2.75
N PHE H 243 -17.65 -5.24 -2.86
CA PHE H 243 -17.91 -4.62 -4.17
C PHE H 243 -16.62 -4.08 -4.79
N ARG H 244 -15.77 -3.47 -3.98
CA ARG H 244 -14.48 -2.96 -4.48
C ARG H 244 -13.58 -4.10 -4.99
N GLU H 245 -13.60 -5.23 -4.29
CA GLU H 245 -12.86 -6.41 -4.75
C GLU H 245 -13.45 -6.99 -6.03
N GLY H 246 -14.78 -7.00 -6.12
CA GLY H 246 -15.47 -7.47 -7.31
C GLY H 246 -15.15 -6.68 -8.56
N THR H 247 -15.22 -5.35 -8.46
CA THR H 247 -14.94 -4.48 -9.59
C THR H 247 -13.44 -4.46 -9.96
N GLY H 248 -12.59 -4.46 -8.93
CA GLY H 248 -11.14 -4.52 -9.13
C GLY H 248 -10.73 -5.79 -9.86
N ALA H 249 -11.24 -6.93 -9.37
CA ALA H 249 -11.03 -8.22 -10.01
C ALA H 249 -11.54 -8.24 -11.44
N PHE H 250 -12.71 -7.64 -11.68
CA PHE H 250 -13.26 -7.62 -13.03
C PHE H 250 -12.37 -6.84 -14.00
N LEU H 251 -11.87 -5.69 -13.58
CA LEU H 251 -10.97 -4.89 -14.41
C LEU H 251 -9.66 -5.62 -14.72
N GLU H 252 -9.16 -6.39 -13.75
CA GLU H 252 -7.91 -7.15 -13.92
C GLU H 252 -8.13 -8.54 -14.56
N LYS H 253 -9.38 -8.86 -14.86
CA LYS H 253 -9.75 -10.14 -15.46
C LYS H 253 -9.25 -11.33 -14.66
N ARG H 254 -9.47 -11.26 -13.35
CA ARG H 254 -9.13 -12.33 -12.43
C ARG H 254 -10.34 -12.64 -11.55
N PRO H 255 -10.37 -13.83 -10.93
CA PRO H 255 -11.49 -14.13 -10.03
C PRO H 255 -11.43 -13.27 -8.78
N PRO H 256 -12.59 -12.81 -8.29
CA PRO H 256 -12.55 -12.06 -7.04
C PRO H 256 -12.20 -12.98 -5.88
N VAL H 257 -11.48 -12.45 -4.90
CA VAL H 257 -11.16 -13.17 -3.68
C VAL H 257 -11.91 -12.50 -2.54
N PHE H 258 -13.00 -13.12 -2.10
CA PHE H 258 -13.81 -12.60 -1.02
C PHE H 258 -13.36 -13.26 0.29
N MET I 1 91.38 41.19 -39.40
CA MET I 1 90.17 42.01 -39.65
C MET I 1 89.63 42.54 -38.32
N LYS I 2 89.85 43.81 -38.05
CA LYS I 2 89.39 44.45 -36.82
C LYS I 2 87.94 44.92 -36.93
N VAL I 3 87.09 44.44 -36.02
CA VAL I 3 85.67 44.80 -36.02
C VAL I 3 85.21 45.28 -34.65
N VAL I 4 84.61 46.46 -34.59
CA VAL I 4 84.07 46.95 -33.34
C VAL I 4 82.56 46.75 -33.46
N VAL I 5 82.03 45.90 -32.59
CA VAL I 5 80.61 45.54 -32.60
C VAL I 5 79.80 46.32 -31.55
N GLN I 6 78.67 46.86 -31.97
CA GLN I 6 77.81 47.59 -31.05
C GLN I 6 76.52 46.82 -30.74
N ILE I 7 76.13 46.82 -29.47
CA ILE I 7 74.87 46.19 -29.05
C ILE I 7 74.25 47.19 -28.08
N LYS I 8 73.03 47.65 -28.39
CA LYS I 8 72.38 48.66 -27.55
C LYS I 8 71.01 48.28 -27.01
N ASP I 9 70.33 47.35 -27.68
CA ASP I 9 68.99 46.95 -27.27
C ASP I 9 68.99 45.62 -26.51
N PHE I 10 68.61 45.68 -25.24
CA PHE I 10 68.58 44.47 -24.41
C PHE I 10 67.73 43.36 -25.01
N ASP I 11 66.56 43.70 -25.55
CA ASP I 11 65.69 42.69 -26.12
C ASP I 11 66.24 42.00 -27.37
N LYS I 12 67.34 42.53 -27.91
CA LYS I 12 67.93 41.95 -29.11
C LYS I 12 69.31 41.33 -28.84
N VAL I 13 69.71 41.28 -27.58
CA VAL I 13 71.00 40.72 -27.23
C VAL I 13 71.18 39.27 -27.67
N PRO I 14 70.18 38.41 -27.42
CA PRO I 14 70.36 37.01 -27.85
C PRO I 14 70.73 36.91 -29.34
N GLN I 15 69.97 37.60 -30.19
CA GLN I 15 70.27 37.56 -31.62
C GLN I 15 71.59 38.22 -31.96
N ALA I 16 71.91 39.29 -31.24
CA ALA I 16 73.17 40.01 -31.47
C ALA I 16 74.34 39.09 -31.17
N LEU I 17 74.27 38.39 -30.04
CA LEU I 17 75.35 37.47 -29.67
C LEU I 17 75.50 36.36 -30.70
N GLN I 18 74.39 35.87 -31.24
CA GLN I 18 74.50 34.82 -32.25
C GLN I 18 75.15 35.41 -33.49
N SER I 19 74.86 36.68 -33.77
CA SER I 19 75.47 37.35 -34.92
C SER I 19 76.98 37.48 -34.73
N VAL I 20 77.41 37.75 -33.51
CA VAL I 20 78.84 37.83 -33.24
C VAL I 20 79.48 36.46 -33.45
N LEU I 21 78.79 35.41 -32.99
CA LEU I 21 79.28 34.05 -33.19
C LEU I 21 79.39 33.81 -34.69
N ASN I 22 78.39 34.24 -35.45
CA ASN I 22 78.42 34.11 -36.90
C ASN I 22 79.64 34.85 -37.47
N LEU I 23 79.88 36.06 -37.00
CA LEU I 23 80.99 36.88 -37.49
C LEU I 23 82.30 36.12 -37.27
N PHE I 24 82.51 35.70 -36.02
CA PHE I 24 83.71 34.95 -35.64
C PHE I 24 83.90 33.72 -36.52
N LEU I 25 82.85 32.92 -36.66
CA LEU I 25 82.93 31.72 -37.49
C LEU I 25 83.22 31.99 -38.96
N ASP I 26 82.74 33.12 -39.47
CA ASP I 26 82.96 33.45 -40.88
C ASP I 26 84.26 34.17 -41.23
N LEU I 27 84.73 35.03 -40.34
CA LEU I 27 85.96 35.78 -40.63
C LEU I 27 87.16 35.22 -39.87
N GLY I 28 88.06 34.59 -40.61
CA GLY I 28 89.24 33.98 -40.03
C GLY I 28 90.11 35.01 -39.34
N ASN I 29 90.57 34.68 -38.13
CA ASN I 29 91.38 35.57 -37.33
C ASN I 29 90.77 36.95 -37.10
N ALA I 30 89.46 37.01 -36.99
CA ALA I 30 88.79 38.27 -36.71
C ALA I 30 89.24 38.77 -35.34
N GLU I 31 89.40 40.08 -35.20
CA GLU I 31 89.78 40.69 -33.93
C GLU I 31 88.51 41.45 -33.56
N ILE I 32 87.75 40.90 -32.62
CA ILE I 32 86.48 41.48 -32.25
C ILE I 32 86.36 42.08 -30.85
N GLU I 33 85.76 43.26 -30.78
CA GLU I 33 85.49 43.94 -29.53
C GLU I 33 83.99 44.26 -29.53
N VAL I 34 83.29 43.79 -28.50
CA VAL I 34 81.86 44.04 -28.43
C VAL I 34 81.58 45.04 -27.32
N VAL I 35 80.95 46.15 -27.69
CA VAL I 35 80.60 47.21 -26.74
C VAL I 35 79.11 47.23 -26.46
N LEU I 36 78.73 46.97 -25.21
CA LEU I 36 77.32 47.00 -24.84
C LEU I 36 76.98 48.27 -24.05
N HIS I 37 75.96 48.99 -24.51
CA HIS I 37 75.52 50.19 -23.84
C HIS I 37 74.01 50.31 -23.80
N GLN I 38 73.53 51.40 -23.22
CA GLN I 38 72.09 51.59 -23.04
C GLN I 38 71.57 50.35 -22.28
N SER I 39 70.36 49.89 -22.59
CA SER I 39 69.80 48.75 -21.87
C SER I 39 70.52 47.42 -22.05
N ALA I 40 71.28 47.29 -23.13
CA ALA I 40 71.98 46.04 -23.37
C ALA I 40 73.01 45.72 -22.28
N ILE I 41 73.43 46.73 -21.52
CA ILE I 41 74.41 46.51 -20.46
C ILE I 41 73.93 45.43 -19.48
N LYS I 42 72.61 45.29 -19.34
CA LYS I 42 72.06 44.32 -18.42
C LYS I 42 72.46 42.89 -18.76
N ALA I 43 72.85 42.66 -20.01
CA ALA I 43 73.24 41.33 -20.43
C ALA I 43 74.55 40.91 -19.79
N LEU I 44 75.30 41.86 -19.23
CA LEU I 44 76.59 41.53 -18.62
C LEU I 44 76.47 41.24 -17.13
N LEU I 45 75.26 41.15 -16.61
CA LEU I 45 75.06 40.85 -15.20
C LEU I 45 75.35 39.37 -14.93
N LEU I 46 75.84 39.07 -13.74
CA LEU I 46 76.11 37.67 -13.37
C LEU I 46 74.90 36.74 -13.50
N ASN I 47 73.70 37.29 -13.33
CA ASN I 47 72.50 36.47 -13.39
C ASN I 47 71.84 36.53 -14.78
N SER I 48 72.57 37.12 -15.72
CA SER I 48 72.06 37.30 -17.09
C SER I 48 71.72 35.99 -17.78
N PRO I 49 70.63 35.97 -18.54
CA PRO I 49 70.22 34.78 -19.27
C PRO I 49 71.18 34.45 -20.41
N THR I 50 71.98 35.43 -20.84
CA THR I 50 72.94 35.16 -21.90
C THR I 50 74.37 34.99 -21.38
N ARG I 51 74.53 34.86 -20.07
CA ARG I 51 75.85 34.71 -19.48
C ARG I 51 76.71 33.62 -20.14
N SER I 52 76.14 32.43 -20.30
CA SER I 52 76.90 31.33 -20.91
C SER I 52 77.37 31.65 -22.31
N ILE I 53 76.57 32.41 -23.06
CA ILE I 53 76.96 32.78 -24.41
C ILE I 53 78.10 33.80 -24.36
N ILE I 54 77.97 34.77 -23.46
CA ILE I 54 79.01 35.78 -23.30
C ILE I 54 80.33 35.13 -22.88
N GLU I 55 80.24 34.17 -21.96
CA GLU I 55 81.42 33.47 -21.48
C GLU I 55 82.07 32.68 -22.62
N GLU I 56 81.25 32.15 -23.53
CA GLU I 56 81.77 31.41 -24.67
C GLU I 56 82.49 32.36 -25.64
N LEU I 57 81.97 33.58 -25.79
CA LEU I 57 82.62 34.59 -26.64
C LEU I 57 83.99 34.92 -26.04
N ILE I 58 84.03 35.02 -24.71
CA ILE I 58 85.29 35.30 -24.02
C ILE I 58 86.28 34.17 -24.27
N LYS I 59 85.77 32.93 -24.26
CA LYS I 59 86.60 31.77 -24.50
C LYS I 59 87.19 31.86 -25.91
N LEU I 60 86.40 32.36 -26.85
CA LEU I 60 86.84 32.52 -28.23
C LEU I 60 87.75 33.74 -28.40
N ASN I 61 88.20 34.29 -27.28
CA ASN I 61 89.11 35.44 -27.26
C ASN I 61 88.49 36.74 -27.78
N ILE I 62 87.19 36.87 -27.63
CA ILE I 62 86.49 38.08 -28.05
C ILE I 62 86.47 39.04 -26.86
N LEU I 63 86.79 40.31 -27.10
CA LEU I 63 86.79 41.31 -26.03
C LEU I 63 85.39 41.83 -25.77
N ILE I 64 84.89 41.61 -24.56
CA ILE I 64 83.56 42.06 -24.17
C ILE I 64 83.68 43.32 -23.32
N VAL I 65 83.10 44.42 -23.79
CA VAL I 65 83.19 45.69 -23.10
C VAL I 65 81.85 46.31 -22.72
N GLY I 66 81.76 46.78 -21.48
CA GLY I 66 80.53 47.41 -21.01
C GLY I 66 80.72 48.90 -20.79
N CYS I 67 79.69 49.69 -21.10
CA CYS I 67 79.72 51.14 -20.93
C CYS I 67 79.45 51.58 -19.51
N GLU I 68 80.38 52.33 -18.92
CA GLU I 68 80.24 52.83 -17.55
C GLU I 68 79.04 53.75 -17.40
N HIS I 69 78.82 54.64 -18.37
CA HIS I 69 77.67 55.54 -18.31
C HIS I 69 76.38 54.74 -18.22
N SER I 70 76.32 53.66 -18.98
CA SER I 70 75.16 52.78 -18.99
C SER I 70 75.06 51.98 -17.69
N ILE I 71 76.19 51.53 -17.17
CA ILE I 71 76.18 50.80 -15.91
C ILE I 71 75.57 51.71 -14.84
N ARG I 72 75.97 52.98 -14.83
CA ARG I 72 75.46 53.95 -13.86
C ARG I 72 73.97 54.26 -14.02
N SER I 73 73.53 54.49 -15.25
CA SER I 73 72.13 54.80 -15.49
C SER I 73 71.19 53.61 -15.21
N GLN I 74 71.72 52.40 -15.26
CA GLN I 74 70.92 51.21 -14.99
C GLN I 74 71.09 50.79 -13.53
N ASN I 75 71.74 51.65 -12.75
CA ASN I 75 71.94 51.43 -11.32
C ASN I 75 72.55 50.08 -11.01
N LEU I 76 73.58 49.71 -11.77
CA LEU I 76 74.24 48.42 -11.58
C LEU I 76 75.59 48.65 -10.94
N ASP I 77 76.07 47.65 -10.21
CA ASP I 77 77.35 47.71 -9.53
C ASP I 77 78.34 46.81 -10.28
N HIS I 78 79.60 47.21 -10.33
CA HIS I 78 80.61 46.41 -11.02
C HIS I 78 80.69 45.03 -10.40
N ARG I 79 80.32 44.94 -9.14
CA ARG I 79 80.31 43.68 -8.42
C ARG I 79 79.29 42.72 -9.02
N GLN I 80 78.29 43.28 -9.68
CA GLN I 80 77.22 42.51 -10.30
C GLN I 80 77.52 41.98 -11.70
N LEU I 81 78.60 42.47 -12.30
CA LEU I 81 78.92 42.11 -13.68
C LEU I 81 79.73 40.82 -13.82
N ILE I 82 79.64 40.22 -14.98
CA ILE I 82 80.39 38.98 -15.28
C ILE I 82 81.89 39.26 -15.12
N ASP I 83 82.61 38.38 -14.42
CA ASP I 83 84.05 38.57 -14.23
C ASP I 83 84.81 38.53 -15.56
N GLY I 84 85.77 39.44 -15.72
CA GLY I 84 86.55 39.45 -16.95
C GLY I 84 86.02 40.43 -17.97
N ILE I 85 85.01 41.19 -17.57
CA ILE I 85 84.41 42.19 -18.45
C ILE I 85 85.21 43.49 -18.33
N LYS I 86 85.56 44.10 -19.45
CA LYS I 86 86.27 45.37 -19.41
C LYS I 86 85.20 46.46 -19.49
N ILE I 87 85.51 47.61 -18.92
CA ILE I 87 84.59 48.74 -18.91
C ILE I 87 85.26 49.99 -19.49
N VAL I 88 84.50 50.79 -20.23
CA VAL I 88 85.02 52.03 -20.78
C VAL I 88 84.13 53.14 -20.26
N ARG I 89 84.67 54.37 -20.22
CA ARG I 89 83.91 55.50 -19.72
C ARG I 89 82.62 55.71 -20.51
N SER I 90 82.71 55.54 -21.82
CA SER I 90 81.58 55.74 -22.71
C SER I 90 81.58 54.68 -23.82
N GLY I 91 80.46 53.99 -23.96
CA GLY I 91 80.34 52.98 -24.99
C GLY I 91 80.42 53.60 -26.36
N VAL I 92 79.71 54.70 -26.55
CA VAL I 92 79.71 55.39 -27.84
C VAL I 92 81.06 56.02 -28.12
N GLY I 93 81.74 56.49 -27.07
CA GLY I 93 83.06 57.08 -27.27
C GLY I 93 84.04 56.01 -27.73
N GLU I 94 83.90 54.80 -27.16
CA GLU I 94 84.77 53.69 -27.52
C GLU I 94 84.52 53.28 -28.98
N ILE I 95 83.24 53.18 -29.34
CA ILE I 95 82.85 52.78 -30.70
C ILE I 95 83.44 53.76 -31.71
N VAL I 96 83.32 55.05 -31.44
CA VAL I 96 83.85 56.05 -32.34
C VAL I 96 85.39 56.00 -32.40
N ARG I 97 86.03 55.92 -31.24
CA ARG I 97 87.50 55.87 -31.21
C ARG I 97 88.06 54.63 -31.89
N LYS I 98 87.46 53.47 -31.65
CA LYS I 98 87.96 52.25 -32.31
C LYS I 98 87.84 52.42 -33.82
N GLN I 99 86.75 53.02 -34.29
CA GLN I 99 86.61 53.23 -35.73
C GLN I 99 87.72 54.13 -36.26
N SER I 100 88.09 55.15 -35.49
CA SER I 100 89.13 56.06 -35.94
C SER I 100 90.47 55.33 -35.98
N GLU I 101 90.56 54.22 -35.26
CA GLU I 101 91.77 53.43 -35.22
C GLU I 101 91.77 52.38 -36.33
N GLY I 102 90.73 52.39 -37.17
CA GLY I 102 90.66 51.46 -38.28
C GLY I 102 89.75 50.25 -38.09
N TRP I 103 89.02 50.19 -36.98
CA TRP I 103 88.14 49.06 -36.75
C TRP I 103 86.86 49.22 -37.54
N ILE I 104 86.39 48.14 -38.14
CA ILE I 104 85.17 48.16 -38.92
C ILE I 104 83.96 48.06 -37.98
N TYR I 105 83.02 48.97 -38.17
CA TYR I 105 81.82 49.09 -37.35
C TYR I 105 80.67 48.18 -37.79
N LEU I 106 80.06 47.51 -36.81
CA LEU I 106 78.93 46.63 -37.05
C LEU I 106 77.91 46.85 -35.93
N ALA I 107 76.75 47.38 -36.29
CA ALA I 107 75.71 47.66 -35.30
C ALA I 107 74.73 46.51 -35.22
N LEU I 108 74.60 45.92 -34.03
CA LEU I 108 73.67 44.81 -33.83
C LEU I 108 72.64 45.15 -32.77
N MET J 10 98.81 15.09 6.28
CA MET J 10 97.33 15.08 6.05
C MET J 10 96.93 13.78 5.39
N SER J 11 95.72 13.31 5.71
CA SER J 11 95.21 12.06 5.17
C SER J 11 94.81 12.15 3.68
N LEU J 12 94.65 13.36 3.18
CA LEU J 12 94.43 13.60 1.76
C LEU J 12 95.27 14.82 1.35
N ARG J 13 96.17 14.64 0.39
CA ARG J 13 97.05 15.74 -0.01
C ARG J 13 97.36 15.76 -1.50
N LEU J 14 97.78 16.93 -1.98
CA LEU J 14 98.07 17.14 -3.39
C LEU J 14 99.57 17.32 -3.58
N GLU J 15 100.15 16.60 -4.54
CA GLU J 15 101.53 16.81 -4.96
C GLU J 15 101.56 17.29 -6.39
N ARG J 16 102.22 18.42 -6.62
CA ARG J 16 102.31 19.00 -7.97
C ARG J 16 103.74 18.86 -8.49
N ASP J 17 103.88 18.18 -9.61
CA ASP J 17 105.19 17.88 -10.20
C ASP J 17 105.18 18.24 -11.68
N GLY J 18 105.04 19.55 -11.95
CA GLY J 18 105.08 20.06 -13.31
C GLY J 18 103.81 19.76 -14.07
N ALA J 19 103.91 18.94 -15.12
CA ALA J 19 102.76 18.57 -15.92
C ALA J 19 101.82 17.61 -15.19
N VAL J 20 102.32 16.93 -14.15
CA VAL J 20 101.55 15.93 -13.43
C VAL J 20 101.26 16.38 -12.00
N ALA J 21 100.00 16.21 -11.58
CA ALA J 21 99.63 16.35 -10.18
C ALA J 21 99.12 15.02 -9.68
N ARG J 22 99.30 14.79 -8.39
CA ARG J 22 98.85 13.56 -7.74
C ARG J 22 97.95 13.92 -6.56
N LEU J 23 96.74 13.37 -6.58
CA LEU J 23 95.85 13.41 -5.43
C LEU J 23 96.09 12.10 -4.67
N LEU J 24 96.71 12.21 -3.50
CA LEU J 24 97.16 11.05 -2.74
C LEU J 24 96.28 10.78 -1.53
N ILE J 25 95.82 9.53 -1.42
CA ILE J 25 95.06 9.08 -0.25
C ILE J 25 96.03 8.33 0.68
N ASP J 26 96.21 8.84 1.89
CA ASP J 26 97.29 8.39 2.77
C ASP J 26 96.77 8.11 4.18
N ARG J 27 96.05 7.01 4.31
CA ARG J 27 95.49 6.59 5.59
C ARG J 27 95.50 5.06 5.67
N ALA J 28 96.70 4.50 5.57
CA ALA J 28 96.88 3.05 5.42
C ALA J 28 96.29 2.20 6.55
N ASP J 29 96.30 2.74 7.78
CA ASP J 29 95.79 1.98 8.93
C ASP J 29 94.26 1.87 8.97
N ARG J 30 93.56 2.63 8.12
CA ARG J 30 92.10 2.47 7.95
C ARG J 30 91.76 2.10 6.51
N ARG J 31 92.72 1.49 5.80
CA ARG J 31 92.54 1.09 4.41
C ARG J 31 92.03 2.23 3.53
N ASN J 32 92.59 3.42 3.75
CA ASN J 32 92.27 4.63 2.98
C ASN J 32 90.79 5.05 3.04
N ALA J 33 90.12 4.73 4.14
CA ALA J 33 88.73 5.13 4.34
C ALA J 33 88.62 6.65 4.50
N PHE J 34 87.57 7.22 3.92
CA PHE J 34 87.34 8.66 3.95
C PHE J 34 86.51 9.07 5.15
N SER J 35 87.00 10.09 5.84
CA SER J 35 86.25 10.75 6.89
C SER J 35 85.58 11.98 6.29
N LEU J 36 84.73 12.63 7.06
CA LEU J 36 84.04 13.83 6.59
C LEU J 36 85.02 14.94 6.21
N ASP J 37 86.06 15.14 7.03
CA ASP J 37 87.01 16.22 6.75
C ASP J 37 87.77 16.00 5.42
N MET J 38 88.04 14.75 5.09
CA MET J 38 88.72 14.40 3.84
C MET J 38 87.85 14.75 2.65
N TRP J 39 86.57 14.38 2.71
CA TRP J 39 85.61 14.76 1.66
C TRP J 39 85.55 16.27 1.46
N GLN J 40 85.50 17.01 2.57
CA GLN J 40 85.47 18.48 2.53
C GLN J 40 86.78 19.09 2.02
N ARG J 41 87.89 18.38 2.26
CA ARG J 41 89.22 18.82 1.84
C ARG J 41 89.47 18.64 0.33
N LEU J 42 88.83 17.63 -0.27
CA LEU J 42 89.11 17.26 -1.67
C LEU J 42 88.91 18.41 -2.69
N PRO J 43 87.78 19.14 -2.60
CA PRO J 43 87.59 20.28 -3.52
C PRO J 43 88.67 21.37 -3.43
N GLU J 44 89.20 21.59 -2.22
CA GLU J 44 90.24 22.60 -2.01
C GLU J 44 91.51 22.20 -2.76
N LEU J 45 91.84 20.92 -2.71
CA LEU J 45 93.01 20.40 -3.40
C LEU J 45 92.83 20.44 -4.91
N LEU J 46 91.62 20.15 -5.40
CA LEU J 46 91.31 20.28 -6.82
C LEU J 46 91.48 21.72 -7.32
N ALA J 47 91.05 22.69 -6.51
CA ALA J 47 91.21 24.11 -6.83
C ALA J 47 92.68 24.50 -6.92
N GLU J 48 93.49 24.02 -5.97
CA GLU J 48 94.93 24.25 -6.00
C GLU J 48 95.57 23.71 -7.26
N ALA J 49 95.22 22.48 -7.63
CA ALA J 49 95.75 21.86 -8.83
C ALA J 49 95.30 22.61 -10.09
N SER J 50 94.03 22.97 -10.13
CA SER J 50 93.47 23.62 -11.31
C SER J 50 94.09 24.99 -11.59
N GLY J 51 94.54 25.69 -10.54
CA GLY J 51 95.19 27.00 -10.68
C GLY J 51 96.60 26.97 -11.26
N ASP J 52 97.17 25.78 -11.43
CA ASP J 52 98.52 25.62 -12.00
C ASP J 52 98.48 25.49 -13.54
N ASP J 53 98.96 26.52 -14.22
CA ASP J 53 98.94 26.56 -15.70
C ASP J 53 99.81 25.48 -16.35
N ALA J 54 100.81 24.99 -15.63
CA ALA J 54 101.70 23.95 -16.15
C ALA J 54 101.08 22.54 -16.14
N LEU J 55 100.03 22.36 -15.36
CA LEU J 55 99.41 21.05 -15.22
C LEU J 55 98.83 20.53 -16.54
N ARG J 56 99.00 19.24 -16.79
CA ARG J 56 98.42 18.55 -17.96
C ARG J 56 97.54 17.35 -17.58
N VAL J 57 97.77 16.76 -16.41
CA VAL J 57 97.04 15.56 -16.00
C VAL J 57 97.07 15.43 -14.47
N LEU J 58 95.95 15.00 -13.92
CA LEU J 58 95.81 14.73 -12.49
C LEU J 58 95.65 13.23 -12.27
N VAL J 59 96.53 12.66 -11.46
CA VAL J 59 96.46 11.25 -11.10
C VAL J 59 95.89 11.12 -9.68
N VAL J 60 94.89 10.27 -9.52
CA VAL J 60 94.33 9.96 -8.22
C VAL J 60 94.81 8.56 -7.84
N LYS J 61 95.43 8.43 -6.67
CA LYS J 61 96.01 7.15 -6.27
C LYS J 61 96.24 7.07 -4.77
N SER J 62 96.49 5.86 -4.30
CA SER J 62 96.92 5.65 -2.93
C SER J 62 98.36 6.13 -2.77
N ALA J 63 98.65 6.74 -1.62
CA ALA J 63 100.02 7.15 -1.30
C ALA J 63 100.93 5.94 -1.05
N ASN J 64 100.35 4.82 -0.63
CA ASN J 64 101.11 3.66 -0.17
C ASN J 64 100.75 2.35 -0.90
N GLY J 65 100.29 2.44 -2.14
CA GLY J 65 99.77 1.25 -2.83
C GLY J 65 98.63 0.62 -2.04
N GLY J 66 98.46 -0.69 -2.19
CA GLY J 66 97.41 -1.41 -1.48
C GLY J 66 96.04 -0.88 -1.83
N ALA J 67 95.14 -0.85 -0.84
CA ALA J 67 93.76 -0.39 -1.04
C ALA J 67 93.72 1.04 -1.59
N PHE J 68 92.87 1.24 -2.58
CA PHE J 68 92.64 2.56 -3.15
C PHE J 68 91.84 3.40 -2.16
N CYS J 69 90.67 2.88 -1.78
CA CYS J 69 89.81 3.53 -0.81
C CYS J 69 88.70 2.56 -0.44
N ALA J 70 88.69 2.15 0.82
CA ALA J 70 87.72 1.18 1.33
C ALA J 70 86.33 1.78 1.56
N GLY J 71 86.17 3.07 1.27
CA GLY J 71 84.87 3.72 1.34
C GLY J 71 84.74 4.57 2.59
N ALA J 72 83.62 4.42 3.27
CA ALA J 72 83.30 5.23 4.45
C ALA J 72 84.09 4.78 5.67
N ASP J 73 84.54 5.77 6.44
CA ASP J 73 85.14 5.54 7.75
C ASP J 73 84.07 4.92 8.64
N ILE J 74 84.22 3.63 8.95
CA ILE J 74 83.16 2.90 9.66
C ILE J 74 82.95 3.38 11.09
N ALA J 75 84.04 3.70 11.79
CA ALA J 75 83.94 4.27 13.14
C ALA J 75 83.16 5.58 13.14
N GLU J 76 83.40 6.40 12.12
CA GLU J 76 82.67 7.66 11.96
C GLU J 76 81.19 7.41 11.64
N LEU J 77 80.93 6.47 10.73
CA LEU J 77 79.56 6.10 10.37
C LEU J 77 78.76 5.66 11.59
N LEU J 78 79.33 4.75 12.38
CA LEU J 78 78.63 4.18 13.53
C LEU J 78 78.45 5.17 14.66
N ALA J 79 79.49 5.98 14.92
CA ALA J 79 79.41 7.02 15.96
C ALA J 79 78.31 8.05 15.67
N ASN J 80 78.05 8.30 14.39
CA ASN J 80 77.09 9.33 13.98
C ASN J 80 75.80 8.79 13.38
N LYS J 81 75.53 7.50 13.57
CA LYS J 81 74.37 6.87 12.93
C LYS J 81 73.02 7.48 13.32
N ASP J 82 72.94 8.17 14.45
CA ASP J 82 71.71 8.86 14.87
C ASP J 82 71.83 10.39 14.79
N ASP J 83 72.79 10.91 14.04
CA ASP J 83 73.06 12.35 13.98
C ASP J 83 72.66 12.94 12.63
N ALA J 84 71.46 13.51 12.56
CA ALA J 84 70.91 14.04 11.31
C ALA J 84 71.79 15.13 10.69
N ALA J 85 72.42 15.95 11.54
CA ALA J 85 73.30 17.01 11.07
C ALA J 85 74.52 16.44 10.35
N PHE J 86 75.10 15.39 10.91
CA PHE J 86 76.22 14.72 10.26
C PHE J 86 75.83 14.12 8.92
N HIS J 87 74.68 13.44 8.87
CA HIS J 87 74.25 12.79 7.64
C HIS J 87 74.03 13.82 6.52
N LEU J 88 73.44 14.96 6.85
CA LEU J 88 73.18 16.00 5.86
C LEU J 88 74.48 16.67 5.39
N ALA J 89 75.37 16.97 6.35
CA ALA J 89 76.68 17.54 6.04
C ALA J 89 77.52 16.57 5.20
N ASN J 90 77.49 15.30 5.57
CA ASN J 90 78.26 14.28 4.88
C ASN J 90 77.75 14.08 3.45
N GLN J 91 76.43 14.02 3.29
CA GLN J 91 75.80 13.89 1.97
C GLN J 91 76.25 15.03 1.04
N GLN J 92 76.14 16.25 1.52
CA GLN J 92 76.53 17.43 0.74
C GLN J 92 78.02 17.44 0.39
N ALA J 93 78.88 17.08 1.35
CA ALA J 93 80.32 17.10 1.13
C ALA J 93 80.74 16.10 0.06
N ILE J 94 80.17 14.89 0.11
CA ILE J 94 80.48 13.86 -0.88
C ILE J 94 79.99 14.30 -2.26
N ASN J 95 78.78 14.82 -2.33
CA ASN J 95 78.21 15.27 -3.61
C ASN J 95 79.03 16.38 -4.26
N ARG J 96 79.50 17.33 -3.46
CA ARG J 96 80.38 18.39 -3.98
C ARG J 96 81.66 17.79 -4.54
N ALA J 97 82.30 16.91 -3.78
CA ALA J 97 83.57 16.32 -4.18
C ALA J 97 83.44 15.56 -5.49
N GLN J 98 82.39 14.75 -5.59
CA GLN J 98 82.13 13.95 -6.78
C GLN J 98 81.85 14.82 -8.00
N TYR J 99 81.04 15.86 -7.79
CA TYR J 99 80.71 16.78 -8.87
C TYR J 99 81.97 17.47 -9.42
N GLU J 100 82.82 17.96 -8.51
CA GLU J 100 83.99 18.74 -8.90
C GLU J 100 85.08 17.87 -9.52
N LEU J 101 85.33 16.69 -8.95
CA LEU J 101 86.31 15.78 -9.51
C LEU J 101 85.95 15.37 -10.93
N ALA J 102 84.68 15.04 -11.16
CA ALA J 102 84.21 14.59 -12.47
C ALA J 102 84.30 15.67 -13.55
N ARG J 103 84.32 16.94 -13.12
CA ARG J 103 84.39 18.08 -14.03
C ARG J 103 85.71 18.85 -13.92
N PHE J 104 86.75 18.21 -13.40
CA PHE J 104 88.07 18.81 -13.35
C PHE J 104 88.50 19.18 -14.78
N ARG J 105 89.12 20.34 -14.96
CA ARG J 105 89.33 20.87 -16.31
C ARG J 105 90.24 20.00 -17.19
N LEU J 106 91.22 19.32 -16.57
CA LEU J 106 92.18 18.49 -17.30
C LEU J 106 91.89 16.99 -17.17
N PRO J 107 92.53 16.17 -18.01
CA PRO J 107 92.42 14.73 -17.86
C PRO J 107 92.77 14.24 -16.46
N THR J 108 91.99 13.28 -15.97
CA THR J 108 92.20 12.67 -14.66
C THR J 108 92.24 11.15 -14.80
N VAL J 109 93.12 10.52 -14.02
CA VAL J 109 93.31 9.07 -14.06
C VAL J 109 93.32 8.52 -12.64
N ALA J 110 92.51 7.48 -12.41
CA ALA J 110 92.56 6.75 -11.14
C ALA J 110 93.47 5.52 -11.29
N MET J 111 94.49 5.42 -10.44
CA MET J 111 95.39 4.25 -10.41
C MET J 111 94.97 3.41 -9.24
N VAL J 112 94.31 2.27 -9.53
CA VAL J 112 93.72 1.43 -8.48
C VAL J 112 94.55 0.15 -8.28
N GLU J 113 95.09 -0.02 -7.07
CA GLU J 113 95.99 -1.14 -6.77
C GLU J 113 95.45 -2.12 -5.73
N GLY J 114 94.23 -1.90 -5.28
CA GLY J 114 93.62 -2.72 -4.24
C GLY J 114 92.15 -2.43 -4.16
N ASP J 115 91.59 -2.64 -2.97
CA ASP J 115 90.15 -2.44 -2.75
C ASP J 115 89.72 -1.01 -3.08
N CYS J 116 88.63 -0.93 -3.83
CA CYS J 116 88.04 0.33 -4.25
C CYS J 116 86.53 0.16 -4.03
N ILE J 117 86.06 0.53 -2.85
CA ILE J 117 84.73 0.15 -2.37
C ILE J 117 83.88 1.36 -2.02
N GLY J 118 82.62 1.34 -2.49
CA GLY J 118 81.61 2.32 -2.09
C GLY J 118 81.94 3.73 -2.53
N GLY J 119 82.17 4.60 -1.54
CA GLY J 119 82.63 5.97 -1.80
C GLY J 119 83.99 6.02 -2.50
N GLY J 120 84.82 5.01 -2.26
CA GLY J 120 86.08 4.87 -2.98
C GLY J 120 85.84 4.63 -4.46
N CYS J 121 84.85 3.79 -4.75
CA CYS J 121 84.47 3.50 -6.14
C CYS J 121 83.93 4.75 -6.81
N GLY J 122 83.17 5.55 -6.06
CA GLY J 122 82.70 6.85 -6.53
C GLY J 122 83.83 7.77 -6.98
N ILE J 123 84.90 7.84 -6.19
CA ILE J 123 86.07 8.64 -6.55
C ILE J 123 86.65 8.15 -7.88
N ALA J 124 86.85 6.84 -7.99
CA ALA J 124 87.39 6.23 -9.21
C ALA J 124 86.48 6.50 -10.41
N LEU J 125 85.18 6.39 -10.20
CA LEU J 125 84.19 6.63 -11.26
C LEU J 125 84.18 8.07 -11.76
N ALA J 126 84.55 9.00 -10.88
CA ALA J 126 84.59 10.41 -11.22
C ALA J 126 85.82 10.79 -12.05
N CYS J 127 86.85 9.94 -12.08
CA CYS J 127 88.00 10.16 -12.96
C CYS J 127 87.66 9.84 -14.43
N ASP J 128 88.43 10.37 -15.36
CA ASP J 128 88.18 10.15 -16.79
C ASP J 128 88.44 8.72 -17.22
N MET J 129 89.46 8.12 -16.60
CA MET J 129 89.84 6.74 -16.94
C MET J 129 90.45 6.07 -15.70
N ARG J 130 90.41 4.74 -15.65
CA ARG J 130 90.94 3.98 -14.53
C ARG J 130 91.89 2.90 -15.05
N ILE J 131 93.01 2.72 -14.34
CA ILE J 131 93.93 1.61 -14.57
C ILE J 131 93.87 0.72 -13.34
N ALA J 132 93.73 -0.58 -13.55
CA ALA J 132 93.66 -1.54 -12.44
C ALA J 132 94.87 -2.47 -12.45
N ALA J 133 95.60 -2.50 -11.34
CA ALA J 133 96.66 -3.47 -11.12
C ALA J 133 96.05 -4.81 -10.69
N PRO J 134 96.85 -5.91 -10.71
CA PRO J 134 96.26 -7.23 -10.50
C PRO J 134 95.50 -7.45 -9.18
N ALA J 135 95.84 -6.72 -8.13
CA ALA J 135 95.16 -6.85 -6.85
C ALA J 135 93.92 -5.96 -6.71
N ALA J 136 93.61 -5.15 -7.72
CA ALA J 136 92.47 -4.23 -7.64
C ALA J 136 91.15 -4.99 -7.46
N ARG J 137 90.29 -4.48 -6.58
CA ARG J 137 88.94 -5.01 -6.41
C ARG J 137 87.95 -3.87 -6.28
N PHE J 138 86.76 -4.06 -6.85
CA PHE J 138 85.75 -3.03 -6.93
C PHE J 138 84.42 -3.52 -6.40
N GLY J 139 83.74 -2.64 -5.68
CA GLY J 139 82.40 -2.93 -5.20
C GLY J 139 81.71 -1.68 -4.71
N ILE J 140 80.39 -1.71 -4.77
CA ILE J 140 79.54 -0.63 -4.30
C ILE J 140 78.53 -1.30 -3.36
N THR J 141 78.62 -0.98 -2.07
CA THR J 141 78.01 -1.81 -1.02
C THR J 141 76.90 -1.18 -0.13
N PRO J 142 76.24 -0.10 -0.58
CA PRO J 142 75.21 0.47 0.31
C PRO J 142 74.03 -0.47 0.62
N ALA J 143 73.70 -1.37 -0.31
CA ALA J 143 72.58 -2.30 -0.10
C ALA J 143 72.78 -3.23 1.09
N LYS J 144 74.04 -3.39 1.53
CA LYS J 144 74.33 -4.21 2.70
C LYS J 144 74.10 -3.48 4.02
N LEU J 145 73.87 -2.17 3.96
CA LEU J 145 73.53 -1.38 5.15
C LEU J 145 72.18 -0.66 5.05
N GLY J 146 71.37 -0.96 4.03
CA GLY J 146 70.09 -0.30 3.88
C GLY J 146 70.20 1.15 3.43
N LEU J 147 71.28 1.47 2.73
CA LEU J 147 71.48 2.83 2.22
C LEU J 147 71.33 2.85 0.70
N VAL J 148 71.40 4.06 0.14
CA VAL J 148 71.23 4.28 -1.29
C VAL J 148 72.54 4.86 -1.84
N TYR J 149 72.70 4.86 -3.16
CA TYR J 149 73.85 5.48 -3.82
C TYR J 149 73.38 6.80 -4.47
N PRO J 150 74.20 7.87 -4.42
CA PRO J 150 73.75 9.12 -5.04
C PRO J 150 73.48 8.97 -6.55
N LEU J 151 72.44 9.62 -7.04
CA LEU J 151 72.07 9.51 -8.46
C LEU J 151 73.23 9.94 -9.36
N HIS J 152 73.95 10.99 -8.98
CA HIS J 152 75.13 11.43 -9.72
C HIS J 152 76.09 10.26 -9.98
N ASP J 153 76.29 9.43 -8.96
CA ASP J 153 77.23 8.32 -9.06
C ASP J 153 76.63 7.06 -9.69
N VAL J 154 75.30 6.88 -9.56
CA VAL J 154 74.62 5.86 -10.33
C VAL J 154 74.84 6.12 -11.82
N LYS J 155 74.73 7.39 -12.21
CA LYS J 155 74.92 7.76 -13.61
C LYS J 155 76.37 7.50 -14.08
N LEU J 156 77.35 7.88 -13.26
CA LEU J 156 78.76 7.61 -13.60
C LEU J 156 78.99 6.12 -13.85
N LEU J 157 78.35 5.28 -13.05
CA LEU J 157 78.51 3.84 -13.18
C LEU J 157 77.80 3.34 -14.43
N VAL J 158 76.55 3.76 -14.65
CA VAL J 158 75.79 3.29 -15.80
C VAL J 158 76.44 3.75 -17.11
N ASP J 159 76.98 4.97 -17.10
CA ASP J 159 77.74 5.52 -18.25
C ASP J 159 78.80 4.53 -18.75
N LEU J 160 79.48 3.85 -17.82
CA LEU J 160 80.58 2.97 -18.16
C LEU J 160 80.17 1.54 -18.45
N VAL J 161 79.32 0.97 -17.62
CA VAL J 161 79.05 -0.47 -17.67
C VAL J 161 77.63 -0.85 -18.09
N GLY J 162 76.76 0.15 -18.28
CA GLY J 162 75.36 -0.10 -18.60
C GLY J 162 74.53 -0.50 -17.39
N PRO J 163 73.19 -0.55 -17.55
CA PRO J 163 72.29 -0.77 -16.42
C PRO J 163 72.29 -2.20 -15.86
N GLY J 164 72.57 -3.19 -16.71
CA GLY J 164 72.62 -4.58 -16.28
C GLY J 164 73.71 -4.83 -15.25
N GLN J 165 74.94 -4.44 -15.60
CA GLN J 165 76.08 -4.60 -14.70
C GLN J 165 75.99 -3.65 -13.51
N ALA J 166 75.47 -2.45 -13.74
CA ALA J 166 75.30 -1.48 -12.66
C ALA J 166 74.40 -2.06 -11.57
N ARG J 167 73.28 -2.65 -11.97
CA ARG J 167 72.36 -3.28 -11.02
C ARG J 167 72.96 -4.53 -10.38
N ARG J 168 73.68 -5.33 -11.16
CA ARG J 168 74.39 -6.51 -10.60
C ARG J 168 75.27 -6.09 -9.43
N LEU J 169 76.07 -5.05 -9.63
CA LEU J 169 77.02 -4.59 -8.61
C LEU J 169 76.32 -3.96 -7.42
N MET J 170 75.37 -3.07 -7.69
CA MET J 170 74.72 -2.29 -6.62
C MET J 170 73.69 -3.08 -5.85
N PHE J 171 72.98 -4.01 -6.49
CA PHE J 171 72.02 -4.85 -5.77
C PHE J 171 72.71 -5.86 -4.85
N THR J 172 73.82 -6.45 -5.29
CA THR J 172 74.49 -7.50 -4.52
C THR J 172 75.51 -6.94 -3.52
N GLY J 173 76.16 -5.85 -3.88
CA GLY J 173 77.29 -5.35 -3.11
C GLY J 173 78.48 -6.29 -3.16
N GLY J 174 78.52 -7.15 -4.17
CA GLY J 174 79.59 -8.14 -4.30
C GLY J 174 80.79 -7.53 -5.00
N LEU J 175 81.99 -7.97 -4.61
CA LEU J 175 83.21 -7.46 -5.22
C LEU J 175 83.48 -8.16 -6.53
N ILE J 176 84.13 -7.45 -7.46
CA ILE J 176 84.63 -8.06 -8.68
C ILE J 176 86.12 -7.77 -8.79
N ASP J 177 86.86 -8.65 -9.46
CA ASP J 177 88.31 -8.51 -9.57
C ASP J 177 88.72 -7.63 -10.75
N ALA J 178 90.03 -7.41 -10.90
CA ALA J 178 90.54 -6.51 -11.93
C ALA J 178 90.13 -6.92 -13.34
N ASN J 179 90.25 -8.21 -13.65
CA ASN J 179 89.90 -8.72 -14.98
C ASN J 179 88.42 -8.55 -15.32
N GLU J 180 87.53 -8.79 -14.35
CA GLU J 180 86.10 -8.59 -14.58
C GLU J 180 85.76 -7.10 -14.76
N ALA J 181 86.40 -6.25 -13.95
CA ALA J 181 86.20 -4.80 -14.09
C ALA J 181 86.64 -4.31 -15.47
N HIS J 182 87.75 -4.85 -15.97
CA HIS J 182 88.24 -4.56 -17.32
C HIS J 182 87.24 -5.09 -18.38
N ARG J 183 86.76 -6.31 -18.18
CA ARG J 183 85.83 -6.94 -19.12
C ARG J 183 84.51 -6.16 -19.28
N ILE J 184 83.98 -5.63 -18.19
CA ILE J 184 82.67 -4.96 -18.21
C ILE J 184 82.74 -3.45 -18.46
N GLY J 185 83.96 -2.91 -18.60
CA GLY J 185 84.15 -1.51 -18.89
C GLY J 185 84.22 -0.59 -17.68
N LEU J 186 84.40 -1.16 -16.50
CA LEU J 186 84.53 -0.35 -15.28
C LEU J 186 85.91 0.30 -15.22
N VAL J 187 86.93 -0.40 -15.71
CA VAL J 187 88.26 0.17 -15.90
C VAL J 187 88.67 -0.01 -17.36
N GLU J 188 89.44 0.96 -17.86
CA GLU J 188 89.78 0.99 -19.28
C GLU J 188 91.06 0.22 -19.58
N LEU J 189 91.92 0.10 -18.56
CA LEU J 189 93.27 -0.44 -18.75
C LEU J 189 93.69 -1.32 -17.59
N LEU J 190 94.42 -2.39 -17.90
CA LEU J 190 95.12 -3.19 -16.91
C LEU J 190 96.60 -2.85 -16.97
N GLY J 191 97.24 -2.72 -15.82
CA GLY J 191 98.67 -2.41 -15.77
C GLY J 191 99.16 -2.18 -14.36
N GLU J 192 100.48 -2.21 -14.18
CA GLU J 192 101.10 -2.06 -12.86
C GLU J 192 101.35 -0.60 -12.50
N SER J 193 101.37 0.28 -13.51
CA SER J 193 101.77 1.66 -13.33
C SER J 193 101.02 2.61 -14.25
N GLU J 194 100.81 3.83 -13.78
CA GLU J 194 100.18 4.88 -14.60
C GLU J 194 101.18 5.63 -15.50
N ASP J 195 102.48 5.35 -15.35
CA ASP J 195 103.55 6.14 -15.99
C ASP J 195 103.41 6.29 -17.50
N ALA J 196 103.13 5.20 -18.19
CA ALA J 196 103.03 5.22 -19.65
C ALA J 196 101.86 6.09 -20.11
N LEU J 197 100.70 5.91 -19.50
CA LEU J 197 99.53 6.70 -19.88
C LEU J 197 99.75 8.17 -19.58
N VAL J 198 100.28 8.48 -18.41
CA VAL J 198 100.55 9.85 -17.99
C VAL J 198 101.54 10.53 -18.92
N GLY J 199 102.55 9.78 -19.35
CA GLY J 199 103.49 10.26 -20.35
C GLY J 199 102.79 10.68 -21.63
N GLN J 200 101.85 9.86 -22.11
CA GLN J 200 101.11 10.18 -23.33
C GLN J 200 100.22 11.41 -23.14
N LEU J 201 99.49 11.44 -22.03
CA LEU J 201 98.57 12.54 -21.74
C LEU J 201 99.30 13.87 -21.56
N ALA J 202 100.49 13.83 -20.98
CA ALA J 202 101.25 15.04 -20.65
C ALA J 202 101.81 15.76 -21.87
N THR J 203 101.98 15.04 -22.99
CA THR J 203 102.63 15.59 -24.19
C THR J 203 101.68 16.12 -25.28
N VAL J 204 100.39 15.87 -25.16
CA VAL J 204 99.42 16.39 -26.15
C VAL J 204 98.95 17.80 -25.79
N SER J 205 98.19 18.44 -26.68
CA SER J 205 97.68 19.79 -26.44
C SER J 205 96.65 19.84 -25.30
N SER J 206 96.92 20.67 -24.30
CA SER J 206 95.98 20.88 -23.20
C SER J 206 94.78 21.74 -23.61
N PHE J 207 94.91 22.52 -24.68
CA PHE J 207 93.73 23.13 -25.29
C PHE J 207 92.78 22.03 -25.76
N SER J 208 93.33 21.08 -26.53
CA SER J 208 92.55 19.98 -27.08
C SER J 208 91.87 19.12 -26.02
N THR J 209 92.63 18.66 -25.02
CA THR J 209 92.08 17.75 -24.02
C THR J 209 90.93 18.39 -23.24
N GLN J 210 91.11 19.65 -22.86
CA GLN J 210 90.10 20.33 -22.09
C GLN J 210 88.82 20.56 -22.89
N ALA J 211 88.97 20.94 -24.16
CA ALA J 211 87.83 21.17 -25.05
C ALA J 211 87.10 19.86 -25.38
N ILE J 212 87.86 18.81 -25.67
CA ILE J 212 87.29 17.50 -25.96
C ILE J 212 86.58 16.96 -24.72
N LYS J 213 87.21 17.11 -23.55
CA LYS J 213 86.57 16.69 -22.30
C LYS J 213 85.19 17.34 -22.13
N SER J 214 85.11 18.65 -22.39
CA SER J 214 83.81 19.35 -22.32
C SER J 214 82.81 18.83 -23.36
N PHE J 215 83.25 18.54 -24.58
CA PHE J 215 82.37 17.92 -25.59
C PHE J 215 81.81 16.58 -25.15
N VAL J 216 82.64 15.73 -24.55
CA VAL J 216 82.18 14.43 -24.06
C VAL J 216 81.12 14.62 -22.98
N ARG J 217 81.36 15.56 -22.07
CA ARG J 217 80.40 15.87 -21.02
C ARG J 217 79.08 16.41 -21.62
N ARG J 218 79.16 17.24 -22.64
CA ARG J 218 77.94 17.71 -23.32
C ARG J 218 77.11 16.55 -23.86
N VAL J 219 77.77 15.57 -24.46
CA VAL J 219 77.11 14.37 -24.99
C VAL J 219 76.46 13.59 -23.85
N LEU J 220 77.20 13.41 -22.76
CA LEU J 220 76.67 12.70 -21.59
C LEU J 220 75.49 13.43 -20.95
N ASP J 221 75.47 14.75 -21.07
CA ASP J 221 74.36 15.56 -20.56
C ASP J 221 73.20 15.68 -21.57
N GLY J 222 73.28 15.00 -22.71
CA GLY J 222 72.14 14.87 -23.61
C GLY J 222 72.24 15.61 -24.93
N GLN J 223 73.37 16.27 -25.20
CA GLN J 223 73.53 16.97 -26.47
C GLN J 223 73.69 15.96 -27.60
N VAL J 224 72.87 16.11 -28.63
CA VAL J 224 72.79 15.15 -29.73
C VAL J 224 73.56 15.61 -30.97
N ALA J 225 73.44 16.88 -31.34
CA ALA J 225 74.07 17.41 -32.55
C ALA J 225 75.00 18.57 -32.23
N ASP J 226 75.91 18.87 -33.16
CA ASP J 226 76.68 20.12 -33.09
C ASP J 226 75.71 21.30 -33.13
N ASP J 227 76.03 22.37 -32.40
CA ASP J 227 75.27 23.63 -32.46
C ASP J 227 76.25 24.78 -32.68
N THR J 228 75.75 26.02 -32.72
CA THR J 228 76.62 27.16 -33.03
C THR J 228 77.82 27.24 -32.09
N LEU J 229 77.59 27.04 -30.80
CA LEU J 229 78.69 27.11 -29.83
C LEU J 229 79.76 26.04 -30.04
N SER J 230 79.37 24.80 -30.30
CA SER J 230 80.36 23.74 -30.52
C SER J 230 81.10 23.92 -31.84
N LEU J 231 80.43 24.48 -32.85
CA LEU J 231 81.09 24.81 -34.10
C LEU J 231 82.14 25.89 -33.89
N CYS J 232 81.83 26.87 -33.05
CA CYS J 232 82.75 27.97 -32.72
C CYS J 232 83.97 27.47 -31.97
N VAL J 233 83.75 26.63 -30.95
CA VAL J 233 84.85 26.05 -30.18
C VAL J 233 85.79 25.28 -31.10
N PHE J 234 85.21 24.45 -31.97
CA PHE J 234 85.97 23.70 -32.94
C PHE J 234 86.82 24.63 -33.80
N ALA J 235 86.17 25.64 -34.36
CA ALA J 235 86.85 26.60 -35.24
C ALA J 235 87.98 27.35 -34.51
N SER J 236 87.76 27.73 -33.26
CA SER J 236 88.74 28.50 -32.49
C SER J 236 90.10 27.81 -32.37
N ALA J 237 90.12 26.49 -32.56
CA ALA J 237 91.37 25.72 -32.49
C ALA J 237 92.41 26.22 -33.49
N THR J 238 91.93 26.64 -34.67
CA THR J 238 92.83 27.07 -35.76
C THR J 238 93.43 28.45 -35.53
N LEU J 239 92.90 29.19 -34.56
CA LEU J 239 93.42 30.49 -34.16
C LEU J 239 94.35 30.40 -32.94
N GLY J 240 94.55 29.19 -32.43
CA GLY J 240 95.24 28.99 -31.17
C GLY J 240 96.73 28.70 -31.29
N ALA J 241 97.46 29.04 -30.24
CA ALA J 241 98.91 28.83 -30.17
C ALA J 241 99.31 27.35 -30.31
N ASP J 242 98.50 26.44 -29.77
CA ASP J 242 98.84 25.01 -29.85
C ASP J 242 98.80 24.52 -31.30
N PHE J 243 97.79 24.92 -32.06
CA PHE J 243 97.73 24.56 -33.48
C PHE J 243 98.95 25.09 -34.24
N ARG J 244 99.37 26.31 -33.93
CA ARG J 244 100.56 26.88 -34.57
C ARG J 244 101.82 26.08 -34.22
N GLU J 245 101.93 25.61 -32.97
CA GLU J 245 103.05 24.76 -32.57
C GLU J 245 102.98 23.40 -33.26
N GLY J 246 101.77 22.86 -33.39
CA GLY J 246 101.58 21.58 -34.08
C GLY J 246 101.99 21.60 -35.53
N THR J 247 101.56 22.62 -36.27
CA THR J 247 101.90 22.74 -37.68
C THR J 247 103.37 23.10 -37.90
N GLY J 248 103.89 23.99 -37.05
CA GLY J 248 105.30 24.36 -37.10
C GLY J 248 106.20 23.16 -36.87
N ALA J 249 105.90 22.40 -35.82
CA ALA J 249 106.62 21.17 -35.50
C ALA J 249 106.53 20.16 -36.65
N PHE J 250 105.34 20.04 -37.26
CA PHE J 250 105.18 19.10 -38.37
C PHE J 250 106.07 19.46 -39.56
N LEU J 251 106.12 20.75 -39.90
CA LEU J 251 106.96 21.21 -41.01
C LEU J 251 108.45 20.98 -40.73
N GLU J 252 108.86 21.14 -39.48
CA GLU J 252 110.26 20.93 -39.09
C GLU J 252 110.59 19.48 -38.74
N LYS J 253 109.60 18.59 -38.84
CA LYS J 253 109.75 17.17 -38.55
C LYS J 253 110.31 16.91 -37.15
N ARG J 254 109.73 17.62 -36.19
CA ARG J 254 110.09 17.46 -34.78
C ARG J 254 108.82 17.28 -33.96
N PRO J 255 108.93 16.72 -32.75
CA PRO J 255 107.74 16.59 -31.92
C PRO J 255 107.24 17.94 -31.45
N PRO J 256 105.91 18.13 -31.41
CA PRO J 256 105.41 19.41 -30.88
C PRO J 256 105.68 19.50 -29.38
N VAL J 257 105.94 20.70 -28.90
CA VAL J 257 106.11 20.95 -27.48
C VAL J 257 104.94 21.82 -27.03
N PHE J 258 103.96 21.20 -26.38
CA PHE J 258 102.79 21.89 -25.88
C PHE J 258 103.03 22.30 -24.42
N MET K 1 60.92 18.07 15.26
CA MET K 1 60.46 19.45 14.98
C MET K 1 59.15 19.41 14.22
N LYS K 2 58.05 19.70 14.90
CA LYS K 2 56.72 19.70 14.29
C LYS K 2 56.40 21.02 13.60
N VAL K 3 56.09 20.95 12.30
CA VAL K 3 55.78 22.15 11.53
C VAL K 3 54.47 22.00 10.76
N VAL K 4 53.56 22.96 10.94
CA VAL K 4 52.31 22.93 10.19
C VAL K 4 52.48 23.99 9.11
N VAL K 5 52.48 23.55 7.86
CA VAL K 5 52.69 24.42 6.71
C VAL K 5 51.38 24.82 6.03
N GLN K 6 51.24 26.10 5.74
CA GLN K 6 50.04 26.60 5.07
C GLN K 6 50.33 27.02 3.64
N ILE K 7 49.43 26.65 2.72
CA ILE K 7 49.55 27.06 1.31
C ILE K 7 48.14 27.49 0.92
N LYS K 8 47.97 28.73 0.49
CA LYS K 8 46.65 29.24 0.14
C LYS K 8 46.49 29.79 -1.28
N ASP K 9 47.60 30.19 -1.89
CA ASP K 9 47.55 30.77 -3.23
C ASP K 9 47.97 29.78 -4.30
N PHE K 10 47.03 29.42 -5.17
CA PHE K 10 47.32 28.47 -6.25
C PHE K 10 48.50 28.87 -7.11
N ASP K 11 48.60 30.15 -7.46
CA ASP K 11 49.69 30.61 -8.31
C ASP K 11 51.07 30.52 -7.66
N LYS K 12 51.11 30.26 -6.36
CA LYS K 12 52.38 30.17 -5.65
C LYS K 12 52.68 28.76 -5.16
N VAL K 13 51.85 27.80 -5.55
CA VAL K 13 52.06 26.41 -5.13
C VAL K 13 53.41 25.84 -5.55
N PRO K 14 53.82 26.03 -6.81
CA PRO K 14 55.12 25.49 -7.20
C PRO K 14 56.25 25.93 -6.24
N GLN K 15 56.33 27.23 -5.98
CA GLN K 15 57.36 27.73 -5.08
C GLN K 15 57.17 27.25 -3.65
N ALA K 16 55.90 27.14 -3.23
CA ALA K 16 55.60 26.68 -1.88
C ALA K 16 56.09 25.24 -1.70
N LEU K 17 55.80 24.40 -2.68
CA LEU K 17 56.23 23.00 -2.61
C LEU K 17 57.76 22.91 -2.57
N GLN K 18 58.45 23.76 -3.32
CA GLN K 18 59.91 23.72 -3.28
C GLN K 18 60.38 24.15 -1.90
N SER K 19 59.65 25.09 -1.29
CA SER K 19 59.99 25.54 0.05
C SER K 19 59.82 24.42 1.06
N VAL K 20 58.79 23.59 0.88
CA VAL K 20 58.59 22.46 1.78
C VAL K 20 59.74 21.47 1.59
N LEU K 21 60.15 21.26 0.35
CA LEU K 21 61.28 20.37 0.08
C LEU K 21 62.50 20.95 0.79
N ASN K 22 62.69 22.26 0.70
CA ASN K 22 63.80 22.92 1.39
C ASN K 22 63.71 22.67 2.89
N LEU K 23 62.52 22.81 3.46
CA LEU K 23 62.32 22.64 4.90
C LEU K 23 62.75 21.23 5.28
N PHE K 24 62.19 20.25 4.58
CA PHE K 24 62.50 18.83 4.82
C PHE K 24 64.00 18.58 4.75
N LEU K 25 64.64 19.04 3.68
CA LEU K 25 66.07 18.85 3.53
C LEU K 25 66.91 19.50 4.61
N ASP K 26 66.44 20.64 5.13
CA ASP K 26 67.20 21.35 6.15
C ASP K 26 66.98 20.92 7.60
N LEU K 27 65.75 20.53 7.94
CA LEU K 27 65.46 20.12 9.31
C LEU K 27 65.37 18.62 9.47
N GLY K 28 66.37 18.05 10.13
CA GLY K 28 66.44 16.61 10.33
C GLY K 28 65.25 16.10 11.12
N ASN K 29 64.68 15.00 10.65
CA ASN K 29 63.50 14.41 11.28
C ASN K 29 62.34 15.37 11.46
N ALA K 30 62.17 16.30 10.53
CA ALA K 30 61.04 17.22 10.60
C ALA K 30 59.75 16.42 10.47
N GLU K 31 58.73 16.84 11.20
CA GLU K 31 57.41 16.21 11.15
C GLU K 31 56.57 17.28 10.48
N ILE K 32 56.27 17.10 9.20
CA ILE K 32 55.56 18.10 8.43
C ILE K 32 54.15 17.74 7.97
N GLU K 33 53.23 18.70 8.14
CA GLU K 33 51.86 18.57 7.67
C GLU K 33 51.58 19.79 6.81
N VAL K 34 51.17 19.57 5.57
CA VAL K 34 50.89 20.68 4.69
C VAL K 34 49.40 20.78 4.46
N VAL K 35 48.84 21.95 4.79
CA VAL K 35 47.41 22.19 4.63
C VAL K 35 47.15 23.15 3.46
N LEU K 36 46.44 22.66 2.45
CA LEU K 36 46.12 23.51 1.31
C LEU K 36 44.65 23.94 1.34
N HIS K 37 44.42 25.25 1.25
CA HIS K 37 43.06 25.78 1.23
C HIS K 37 42.91 26.91 0.24
N GLN K 38 41.70 27.47 0.17
CA GLN K 38 41.40 28.50 -0.80
C GLN K 38 41.74 27.92 -2.18
N SER K 39 42.23 28.74 -3.10
CA SER K 39 42.53 28.26 -4.45
C SER K 39 43.62 27.21 -4.55
N ALA K 40 44.50 27.15 -3.57
CA ALA K 40 45.59 26.19 -3.60
C ALA K 40 45.10 24.74 -3.61
N ILE K 41 43.86 24.51 -3.18
CA ILE K 41 43.31 23.16 -3.16
C ILE K 41 43.38 22.50 -4.54
N LYS K 42 43.34 23.32 -5.59
CA LYS K 42 43.38 22.80 -6.95
C LYS K 42 44.65 22.02 -7.25
N ALA K 43 45.71 22.29 -6.47
CA ALA K 43 46.96 21.60 -6.69
C ALA K 43 46.87 20.12 -6.33
N LEU K 44 45.82 19.74 -5.59
CA LEU K 44 45.68 18.34 -5.19
C LEU K 44 44.83 17.52 -6.17
N LEU K 45 44.49 18.11 -7.31
CA LEU K 45 43.72 17.39 -8.32
C LEU K 45 44.60 16.36 -9.03
N LEU K 46 44.01 15.25 -9.45
CA LEU K 46 44.76 14.23 -10.18
C LEU K 46 45.47 14.74 -11.43
N ASN K 47 44.92 15.77 -12.06
CA ASN K 47 45.50 16.30 -13.28
C ASN K 47 46.40 17.51 -13.01
N SER K 48 46.67 17.75 -11.72
CA SER K 48 47.47 18.89 -11.29
C SER K 48 48.89 18.88 -11.87
N PRO K 49 49.38 20.06 -12.23
CA PRO K 49 50.73 20.17 -12.78
C PRO K 49 51.80 19.90 -11.71
N THR K 50 51.43 20.00 -10.45
CA THR K 50 52.39 19.72 -9.38
C THR K 50 52.20 18.34 -8.74
N ARG K 51 51.39 17.49 -9.39
CA ARG K 51 51.13 16.17 -8.84
C ARG K 51 52.39 15.37 -8.50
N SER K 52 53.35 15.32 -9.43
CA SER K 52 54.58 14.57 -9.18
C SER K 52 55.35 15.10 -7.97
N ILE K 53 55.30 16.41 -7.75
CA ILE K 53 56.00 16.99 -6.61
C ILE K 53 55.26 16.61 -5.32
N ILE K 54 53.93 16.69 -5.35
CA ILE K 54 53.12 16.32 -4.18
C ILE K 54 53.35 14.84 -3.82
N GLU K 55 53.40 14.00 -4.85
CA GLU K 55 53.61 12.57 -4.65
C GLU K 55 55.00 12.32 -4.04
N GLU K 56 55.97 13.14 -4.43
CA GLU K 56 57.31 13.01 -3.88
C GLU K 56 57.33 13.41 -2.40
N LEU K 57 56.55 14.43 -2.04
CA LEU K 57 56.45 14.85 -0.64
C LEU K 57 55.83 13.70 0.17
N ILE K 58 54.85 13.04 -0.42
CA ILE K 58 54.20 11.91 0.25
C ILE K 58 55.22 10.80 0.46
N LYS K 59 56.08 10.59 -0.54
CA LYS K 59 57.11 9.57 -0.46
C LYS K 59 58.04 9.90 0.71
N LEU K 60 58.32 11.18 0.89
CA LEU K 60 59.18 11.65 1.97
C LEU K 60 58.46 11.64 3.32
N ASN K 61 57.30 10.99 3.36
CA ASN K 61 56.49 10.86 4.57
C ASN K 61 55.90 12.17 5.10
N ILE K 62 55.67 13.11 4.19
CA ILE K 62 55.06 14.38 4.55
C ILE K 62 53.54 14.24 4.44
N LEU K 63 52.81 14.70 5.44
CA LEU K 63 51.36 14.61 5.44
C LEU K 63 50.75 15.74 4.62
N ILE K 64 50.04 15.38 3.55
CA ILE K 64 49.41 16.36 2.66
C ILE K 64 47.92 16.42 2.99
N VAL K 65 47.44 17.58 3.40
CA VAL K 65 46.04 17.76 3.78
C VAL K 65 45.29 18.82 2.99
N GLY K 66 44.08 18.47 2.55
CA GLY K 66 43.27 19.41 1.80
C GLY K 66 42.04 19.85 2.60
N CYS K 67 41.67 21.13 2.45
CA CYS K 67 40.51 21.68 3.16
C CYS K 67 39.19 21.36 2.48
N GLU K 68 38.28 20.73 3.22
CA GLU K 68 36.96 20.35 2.69
C GLU K 68 36.16 21.58 2.26
N HIS K 69 36.19 22.64 3.08
CA HIS K 69 35.46 23.86 2.73
C HIS K 69 35.93 24.38 1.38
N SER K 70 37.24 24.31 1.16
CA SER K 70 37.83 24.76 -0.10
C SER K 70 37.48 23.81 -1.24
N ILE K 71 37.49 22.50 -0.96
CA ILE K 71 37.13 21.52 -1.98
C ILE K 71 35.72 21.85 -2.47
N ARG K 72 34.82 22.14 -1.53
CA ARG K 72 33.43 22.47 -1.87
C ARG K 72 33.26 23.76 -2.64
N SER K 73 33.94 24.82 -2.21
CA SER K 73 33.82 26.11 -2.89
C SER K 73 34.45 26.10 -4.29
N GLN K 74 35.38 25.17 -4.54
CA GLN K 74 36.02 25.07 -5.85
C GLN K 74 35.30 24.00 -6.69
N ASN K 75 34.16 23.53 -6.18
CA ASN K 75 33.33 22.55 -6.89
C ASN K 75 34.10 21.33 -7.32
N LEU K 76 34.94 20.80 -6.43
CA LEU K 76 35.75 19.63 -6.74
C LEU K 76 35.19 18.42 -6.02
N ASP K 77 35.42 17.25 -6.59
CA ASP K 77 34.95 15.99 -6.01
C ASP K 77 36.13 15.24 -5.42
N HIS K 78 35.92 14.54 -4.32
CA HIS K 78 37.02 13.80 -3.70
C HIS K 78 37.58 12.77 -4.67
N ARG K 79 36.74 12.37 -5.61
CA ARG K 79 37.15 11.41 -6.64
C ARG K 79 38.22 12.02 -7.54
N GLN K 80 38.25 13.35 -7.60
CA GLN K 80 39.19 14.08 -8.43
C GLN K 80 40.55 14.33 -7.80
N LEU K 81 40.67 14.09 -6.50
CA LEU K 81 41.90 14.40 -5.77
C LEU K 81 42.94 13.28 -5.82
N ILE K 82 44.19 13.66 -5.61
CA ILE K 82 45.30 12.70 -5.60
C ILE K 82 45.05 11.67 -4.49
N ASP K 83 45.21 10.36 -4.82
CA ASP K 83 44.99 9.32 -3.82
C ASP K 83 45.97 9.43 -2.65
N GLY K 84 45.47 9.23 -1.43
CA GLY K 84 46.35 9.30 -0.27
C GLY K 84 46.35 10.66 0.39
N ILE K 85 45.49 11.54 -0.10
CA ILE K 85 45.35 12.89 0.44
C ILE K 85 44.38 12.85 1.61
N LYS K 86 44.73 13.45 2.74
CA LYS K 86 43.82 13.49 3.87
C LYS K 86 43.05 14.80 3.75
N ILE K 87 41.83 14.83 4.29
CA ILE K 87 40.99 16.02 4.23
C ILE K 87 40.53 16.40 5.63
N VAL K 88 40.44 17.69 5.91
CA VAL K 88 39.95 18.17 7.19
C VAL K 88 38.76 19.07 6.91
N ARG K 89 37.88 19.23 7.88
CA ARG K 89 36.70 20.04 7.70
C ARG K 89 37.05 21.48 7.34
N SER K 90 38.10 22.00 7.96
CA SER K 90 38.52 23.38 7.75
C SER K 90 40.05 23.45 7.75
N GLY K 91 40.60 24.01 6.68
CA GLY K 91 42.05 24.15 6.58
C GLY K 91 42.57 25.09 7.65
N VAL K 92 41.88 26.20 7.84
CA VAL K 92 42.28 27.18 8.85
C VAL K 92 42.07 26.63 10.25
N GLY K 93 41.02 25.83 10.44
CA GLY K 93 40.79 25.23 11.74
C GLY K 93 41.91 24.27 12.09
N GLU K 94 42.38 23.52 11.08
CA GLU K 94 43.47 22.57 11.27
C GLU K 94 44.76 23.30 11.62
N ILE K 95 45.04 24.37 10.87
CA ILE K 95 46.25 25.16 11.08
C ILE K 95 46.29 25.71 12.51
N VAL K 96 45.16 26.25 12.96
CA VAL K 96 45.10 26.78 14.32
C VAL K 96 45.22 25.67 15.36
N ARG K 97 44.49 24.58 15.19
CA ARG K 97 44.56 23.48 16.14
C ARG K 97 45.95 22.84 16.23
N LYS K 98 46.60 22.62 15.09
CA LYS K 98 47.93 22.03 15.13
C LYS K 98 48.87 22.97 15.89
N GLN K 99 48.74 24.27 15.70
CA GLN K 99 49.57 25.21 16.43
C GLN K 99 49.34 25.09 17.93
N SER K 100 48.09 24.91 18.34
CA SER K 100 47.77 24.80 19.76
C SER K 100 48.38 23.51 20.32
N GLU K 101 48.67 22.57 19.44
CA GLU K 101 49.26 21.30 19.83
C GLU K 101 50.78 21.38 19.84
N GLY K 102 51.32 22.57 19.55
CA GLY K 102 52.76 22.76 19.57
C GLY K 102 53.47 22.76 18.22
N TRP K 103 52.71 22.70 17.13
CA TRP K 103 53.31 22.69 15.81
C TRP K 103 53.71 24.11 15.41
N ILE K 104 54.90 24.24 14.83
CA ILE K 104 55.38 25.54 14.39
C ILE K 104 54.75 25.89 13.03
N TYR K 105 54.20 27.10 12.96
CA TYR K 105 53.50 27.61 11.78
C TYR K 105 54.41 28.24 10.74
N LEU K 106 54.19 27.87 9.48
CA LEU K 106 54.95 28.40 8.36
C LEU K 106 53.97 28.68 7.22
N ALA K 107 53.80 29.95 6.87
CA ALA K 107 52.88 30.32 5.80
C ALA K 107 53.62 30.47 4.48
N LEU K 108 53.21 29.69 3.49
CA LEU K 108 53.83 29.73 2.17
C LEU K 108 52.80 30.09 1.11
N MET L 10 47.60 -22.83 -16.70
CA MET L 10 47.71 -21.62 -17.60
C MET L 10 49.07 -21.59 -18.25
N SER L 11 49.12 -21.06 -19.47
CA SER L 11 50.36 -20.99 -20.23
C SER L 11 51.34 -19.92 -19.71
N LEU L 12 50.84 -19.00 -18.90
CA LEU L 12 51.67 -18.03 -18.20
C LEU L 12 51.16 -17.90 -16.77
N ARG L 13 52.00 -18.19 -15.78
CA ARG L 13 51.56 -18.15 -14.39
C ARG L 13 52.63 -17.63 -13.42
N LEU L 14 52.17 -17.17 -12.27
CA LEU L 14 53.04 -16.60 -11.24
C LEU L 14 53.12 -17.55 -10.05
N GLU L 15 54.33 -17.82 -9.58
CA GLU L 15 54.54 -18.55 -8.33
C GLU L 15 55.22 -17.65 -7.33
N ARG L 16 54.63 -17.51 -6.15
CA ARG L 16 55.19 -16.66 -5.10
C ARG L 16 55.72 -17.51 -3.96
N ASP L 17 57.01 -17.39 -3.69
CA ASP L 17 57.68 -18.21 -2.68
C ASP L 17 58.49 -17.30 -1.76
N GLY L 18 57.77 -16.47 -0.98
CA GLY L 18 58.38 -15.60 -0.01
C GLY L 18 59.09 -14.41 -0.63
N ALA L 19 60.40 -14.36 -0.50
CA ALA L 19 61.19 -13.27 -1.08
C ALA L 19 61.30 -13.37 -2.60
N VAL L 20 61.05 -14.57 -3.15
CA VAL L 20 61.21 -14.81 -4.58
C VAL L 20 59.86 -15.08 -5.24
N ALA L 21 59.62 -14.44 -6.38
CA ALA L 21 58.50 -14.78 -7.25
C ALA L 21 59.06 -15.25 -8.58
N ARG L 22 58.30 -16.13 -9.24
CA ARG L 22 58.68 -16.67 -10.52
C ARG L 22 57.56 -16.43 -11.52
N LEU L 23 57.89 -15.76 -12.62
CA LEU L 23 57.01 -15.65 -13.77
C LEU L 23 57.39 -16.79 -14.71
N LEU L 24 56.50 -17.79 -14.82
CA LEU L 24 56.80 -19.02 -15.54
C LEU L 24 56.08 -19.07 -16.89
N ILE L 25 56.84 -19.36 -17.94
CA ILE L 25 56.29 -19.58 -19.27
C ILE L 25 56.20 -21.10 -19.50
N ASP L 26 54.99 -21.60 -19.70
CA ASP L 26 54.71 -23.03 -19.66
C ASP L 26 53.89 -23.47 -20.88
N ARG L 27 54.53 -23.49 -22.04
CA ARG L 27 53.88 -23.89 -23.28
C ARG L 27 54.89 -24.64 -24.15
N ALA L 28 55.42 -25.74 -23.61
CA ALA L 28 56.55 -26.46 -24.21
C ALA L 28 56.30 -26.96 -25.64
N ASP L 29 55.06 -27.33 -25.95
CA ASP L 29 54.74 -27.85 -27.28
C ASP L 29 54.72 -26.79 -28.39
N ARG L 30 54.77 -25.52 -28.01
CA ARG L 30 54.94 -24.43 -28.98
C ARG L 30 56.21 -23.62 -28.70
N ARG L 31 57.18 -24.27 -28.04
CA ARG L 31 58.45 -23.63 -27.68
C ARG L 31 58.25 -22.30 -26.96
N ASN L 32 57.29 -22.29 -26.04
CA ASN L 32 56.98 -21.12 -25.21
C ASN L 32 56.58 -19.86 -25.99
N ALA L 33 56.00 -20.04 -27.17
CA ALA L 33 55.51 -18.93 -27.97
C ALA L 33 54.33 -18.24 -27.29
N PHE L 34 54.30 -16.90 -27.39
CA PHE L 34 53.27 -16.10 -26.76
C PHE L 34 52.08 -15.89 -27.68
N SER L 35 50.89 -16.13 -27.15
CA SER L 35 49.64 -15.78 -27.79
C SER L 35 49.19 -14.43 -27.27
N LEU L 36 48.15 -13.88 -27.86
CA LEU L 36 47.61 -12.60 -27.44
C LEU L 36 47.15 -12.63 -25.97
N ASP L 37 46.47 -13.70 -25.58
CA ASP L 37 45.96 -13.80 -24.20
C ASP L 37 47.09 -13.80 -23.16
N MET L 38 48.22 -14.42 -23.51
CA MET L 38 49.39 -14.45 -22.61
C MET L 38 49.95 -13.07 -22.41
N TRP L 39 50.11 -12.31 -23.50
CA TRP L 39 50.56 -10.91 -23.41
C TRP L 39 49.63 -10.09 -22.52
N GLN L 40 48.33 -10.26 -22.69
CA GLN L 40 47.32 -9.54 -21.88
C GLN L 40 47.32 -9.99 -20.42
N ARG L 41 47.69 -11.24 -20.19
CA ARG L 41 47.75 -11.82 -18.85
C ARG L 41 48.96 -11.35 -18.03
N LEU L 42 50.06 -11.05 -18.70
CA LEU L 42 51.33 -10.74 -18.03
C LEU L 42 51.24 -9.56 -17.02
N PRO L 43 50.63 -8.43 -17.41
CA PRO L 43 50.48 -7.32 -16.46
C PRO L 43 49.70 -7.67 -15.18
N GLU L 44 48.71 -8.56 -15.30
CA GLU L 44 47.89 -8.98 -14.16
C GLU L 44 48.77 -9.73 -13.15
N LEU L 45 49.64 -10.58 -13.67
CA LEU L 45 50.55 -11.36 -12.83
C LEU L 45 51.60 -10.46 -12.16
N LEU L 46 52.08 -9.45 -12.89
CA LEU L 46 52.99 -8.47 -12.33
C LEU L 46 52.35 -7.69 -11.16
N ALA L 47 51.08 -7.33 -11.32
CA ALA L 47 50.33 -6.64 -10.28
C ALA L 47 50.18 -7.52 -9.04
N GLU L 48 49.87 -8.80 -9.23
CA GLU L 48 49.79 -9.75 -8.12
C GLU L 48 51.10 -9.85 -7.36
N ALA L 49 52.20 -9.97 -8.09
CA ALA L 49 53.53 -10.06 -7.48
C ALA L 49 53.88 -8.77 -6.74
N SER L 50 53.60 -7.63 -7.37
CA SER L 50 53.95 -6.34 -6.79
C SER L 50 53.22 -6.04 -5.48
N GLY L 51 52.01 -6.57 -5.32
CA GLY L 51 51.22 -6.39 -4.09
C GLY L 51 51.73 -7.15 -2.88
N ASP L 52 52.70 -8.04 -3.07
CA ASP L 52 53.28 -8.84 -1.97
C ASP L 52 54.46 -8.12 -1.30
N ASP L 53 54.26 -7.66 -0.07
CA ASP L 53 55.28 -6.91 0.68
C ASP L 53 56.54 -7.72 0.99
N ALA L 54 56.41 -9.05 1.02
CA ALA L 54 57.54 -9.93 1.30
C ALA L 54 58.50 -10.10 0.11
N LEU L 55 58.02 -9.78 -1.09
CA LEU L 55 58.81 -10.01 -2.29
C LEU L 55 60.09 -9.16 -2.31
N ARG L 56 61.19 -9.75 -2.79
CA ARG L 56 62.46 -9.06 -2.97
C ARG L 56 63.00 -9.13 -4.41
N VAL L 57 62.59 -10.16 -5.16
CA VAL L 57 63.09 -10.36 -6.51
C VAL L 57 62.10 -11.20 -7.33
N LEU L 58 61.95 -10.82 -8.60
CA LEU L 58 61.13 -11.55 -9.53
C LEU L 58 62.01 -12.22 -10.58
N VAL L 59 61.86 -13.53 -10.72
CA VAL L 59 62.59 -14.29 -11.73
C VAL L 59 61.64 -14.64 -12.88
N VAL L 60 62.08 -14.36 -14.11
CA VAL L 60 61.34 -14.73 -15.30
C VAL L 60 62.07 -15.89 -15.94
N LYS L 61 61.35 -16.99 -16.18
CA LYS L 61 61.99 -18.19 -16.70
C LYS L 61 60.99 -19.14 -17.34
N SER L 62 61.51 -20.12 -18.07
CA SER L 62 60.69 -21.21 -18.59
C SER L 62 60.30 -22.13 -17.44
N ALA L 63 59.07 -22.64 -17.48
CA ALA L 63 58.62 -23.62 -16.51
C ALA L 63 59.32 -24.97 -16.67
N ASN L 64 59.79 -25.26 -17.89
CA ASN L 64 60.30 -26.58 -18.26
C ASN L 64 61.72 -26.55 -18.86
N GLY L 65 62.52 -25.56 -18.50
CA GLY L 65 63.81 -25.37 -19.15
C GLY L 65 63.64 -25.20 -20.66
N GLY L 66 64.66 -25.58 -21.42
CA GLY L 66 64.61 -25.50 -22.87
C GLY L 66 64.43 -24.06 -23.33
N ALA L 67 63.66 -23.86 -24.40
CA ALA L 67 63.43 -22.53 -24.97
C ALA L 67 62.82 -21.59 -23.94
N PHE L 68 63.35 -20.37 -23.90
CA PHE L 68 62.82 -19.33 -23.03
C PHE L 68 61.50 -18.83 -23.61
N CYS L 69 61.54 -18.39 -24.86
CA CYS L 69 60.35 -17.91 -25.56
C CYS L 69 60.72 -17.73 -27.03
N ALA L 70 60.11 -18.53 -27.89
CA ALA L 70 60.38 -18.50 -29.32
C ALA L 70 59.73 -17.31 -30.04
N GLY L 71 59.02 -16.46 -29.29
CA GLY L 71 58.46 -15.23 -29.82
C GLY L 71 56.97 -15.36 -30.08
N ALA L 72 56.54 -14.93 -31.25
CA ALA L 72 55.13 -14.90 -31.60
C ALA L 72 54.60 -16.29 -31.92
N ASP L 73 53.38 -16.55 -31.47
CA ASP L 73 52.63 -17.75 -31.85
C ASP L 73 52.37 -17.68 -33.35
N ILE L 74 53.06 -18.52 -34.12
CA ILE L 74 53.03 -18.42 -35.59
C ILE L 74 51.66 -18.76 -36.17
N ALA L 75 50.98 -19.75 -35.61
CA ALA L 75 49.62 -20.09 -36.04
C ALA L 75 48.67 -18.91 -35.84
N GLU L 76 48.82 -18.22 -34.72
CA GLU L 76 48.03 -17.02 -34.42
C GLU L 76 48.37 -15.88 -35.39
N LEU L 77 49.67 -15.67 -35.63
CA LEU L 77 50.12 -14.64 -36.57
C LEU L 77 49.52 -14.85 -37.97
N LEU L 78 49.63 -16.07 -38.47
CA LEU L 78 49.18 -16.37 -39.83
C LEU L 78 47.65 -16.35 -39.96
N ALA L 79 46.96 -16.88 -38.96
CA ALA L 79 45.49 -16.86 -38.96
C ALA L 79 44.92 -15.43 -38.98
N ASN L 80 45.64 -14.49 -38.38
CA ASN L 80 45.19 -13.11 -38.24
C ASN L 80 45.93 -12.10 -39.10
N LYS L 81 46.68 -12.58 -40.10
CA LYS L 81 47.53 -11.69 -40.90
C LYS L 81 46.77 -10.60 -41.66
N ASP L 82 45.47 -10.79 -41.89
CA ASP L 82 44.64 -9.77 -42.54
C ASP L 82 43.63 -9.11 -41.59
N ASP L 83 43.85 -9.22 -40.28
CA ASP L 83 42.89 -8.74 -39.28
C ASP L 83 43.43 -7.51 -38.54
N ALA L 84 43.03 -6.32 -39.00
CA ALA L 84 43.53 -5.07 -38.45
C ALA L 84 43.24 -4.91 -36.94
N ALA L 85 42.09 -5.42 -36.50
CA ALA L 85 41.72 -5.37 -35.09
C ALA L 85 42.68 -6.18 -34.22
N PHE L 86 43.05 -7.36 -34.70
CA PHE L 86 44.03 -8.18 -34.00
C PHE L 86 45.39 -7.51 -33.92
N HIS L 87 45.85 -6.95 -35.04
CA HIS L 87 47.17 -6.30 -35.06
C HIS L 87 47.24 -5.12 -34.09
N LEU L 88 46.18 -4.33 -34.03
CA LEU L 88 46.15 -3.18 -33.13
C LEU L 88 46.06 -3.61 -31.66
N ALA L 89 45.21 -4.60 -31.38
CA ALA L 89 45.09 -5.17 -30.03
C ALA L 89 46.40 -5.83 -29.57
N ASN L 90 47.02 -6.56 -30.49
CA ASN L 90 48.27 -7.25 -30.20
C ASN L 90 49.41 -6.26 -29.93
N GLN L 91 49.50 -5.23 -30.76
CA GLN L 91 50.51 -4.17 -30.60
C GLN L 91 50.40 -3.53 -29.21
N GLN L 92 49.19 -3.14 -28.84
CA GLN L 92 48.94 -2.51 -27.55
C GLN L 92 49.25 -3.43 -26.36
N ALA L 93 48.86 -4.70 -26.47
CA ALA L 93 49.06 -5.66 -25.38
C ALA L 93 50.55 -5.90 -25.12
N ILE L 94 51.33 -6.05 -26.19
CA ILE L 94 52.77 -6.26 -26.07
C ILE L 94 53.43 -5.02 -25.46
N ASN L 95 53.06 -3.84 -25.95
CA ASN L 95 53.64 -2.59 -25.44
C ASN L 95 53.36 -2.38 -23.96
N ARG L 96 52.14 -2.70 -23.52
CA ARG L 96 51.82 -2.61 -22.10
C ARG L 96 52.69 -3.55 -21.28
N ALA L 97 52.79 -4.81 -21.72
CA ALA L 97 53.54 -5.82 -20.99
C ALA L 97 55.01 -5.42 -20.85
N GLN L 98 55.59 -4.96 -21.95
CA GLN L 98 56.99 -4.55 -21.97
C GLN L 98 57.24 -3.34 -21.07
N TYR L 99 56.33 -2.38 -21.13
CA TYR L 99 56.45 -1.19 -20.32
C TYR L 99 56.40 -1.53 -18.81
N GLU L 100 55.46 -2.39 -18.44
CA GLU L 100 55.23 -2.71 -17.03
C GLU L 100 56.33 -3.61 -16.47
N LEU L 101 56.75 -4.61 -17.24
CA LEU L 101 57.84 -5.49 -16.81
C LEU L 101 59.12 -4.70 -16.56
N ALA L 102 59.46 -3.80 -17.48
CA ALA L 102 60.69 -3.01 -17.38
C ALA L 102 60.71 -2.05 -16.19
N ARG L 103 59.52 -1.71 -15.68
CA ARG L 103 59.39 -0.79 -14.56
C ARG L 103 58.83 -1.46 -13.31
N PHE L 104 58.95 -2.79 -13.23
CA PHE L 104 58.55 -3.52 -12.03
C PHE L 104 59.32 -2.97 -10.84
N ARG L 105 58.67 -2.81 -9.68
CA ARG L 105 59.27 -2.06 -8.58
C ARG L 105 60.55 -2.70 -8.01
N LEU L 106 60.63 -4.03 -8.04
CA LEU L 106 61.76 -4.79 -7.50
C LEU L 106 62.70 -5.31 -8.59
N PRO L 107 63.91 -5.75 -8.18
CA PRO L 107 64.81 -6.39 -9.13
C PRO L 107 64.16 -7.56 -9.87
N THR L 108 64.46 -7.66 -11.16
CA THR L 108 63.95 -8.73 -12.01
C THR L 108 65.12 -9.40 -12.74
N VAL L 109 65.04 -10.71 -12.90
CA VAL L 109 66.08 -11.50 -13.55
C VAL L 109 65.47 -12.45 -14.56
N ALA L 110 65.98 -12.44 -15.79
CA ALA L 110 65.59 -13.43 -16.80
C ALA L 110 66.60 -14.59 -16.78
N MET L 111 66.10 -15.81 -16.59
CA MET L 111 66.95 -17.02 -16.64
C MET L 111 66.69 -17.68 -17.98
N VAL L 112 67.64 -17.56 -18.89
CA VAL L 112 67.47 -18.02 -20.28
C VAL L 112 68.25 -19.31 -20.53
N GLU L 113 67.54 -20.39 -20.86
CA GLU L 113 68.14 -21.72 -21.03
C GLU L 113 68.05 -22.27 -22.45
N GLY L 114 67.53 -21.48 -23.38
CA GLY L 114 67.34 -21.92 -24.75
C GLY L 114 67.02 -20.73 -25.62
N ASP L 115 66.29 -20.99 -26.70
CA ASP L 115 65.93 -19.95 -27.66
C ASP L 115 65.14 -18.82 -27.00
N CYS L 116 65.57 -17.59 -27.30
CA CYS L 116 64.97 -16.38 -26.80
C CYS L 116 64.86 -15.45 -28.00
N ILE L 117 63.74 -15.51 -28.70
CA ILE L 117 63.60 -14.93 -30.04
C ILE L 117 62.47 -13.91 -30.12
N GLY L 118 62.76 -12.77 -30.74
CA GLY L 118 61.75 -11.76 -31.07
C GLY L 118 61.09 -11.15 -29.85
N GLY L 119 59.79 -11.41 -29.70
CA GLY L 119 59.04 -11.01 -28.52
C GLY L 119 59.56 -11.64 -27.24
N GLY L 120 60.13 -12.83 -27.36
CA GLY L 120 60.79 -13.48 -26.23
C GLY L 120 62.01 -12.69 -25.80
N CYS L 121 62.76 -12.18 -26.77
CA CYS L 121 63.94 -11.36 -26.49
C CYS L 121 63.52 -10.05 -25.83
N GLY L 122 62.40 -9.50 -26.26
CA GLY L 122 61.81 -8.33 -25.63
C GLY L 122 61.54 -8.53 -24.15
N ILE L 123 60.96 -9.67 -23.79
CA ILE L 123 60.71 -10.00 -22.38
C ILE L 123 62.03 -10.00 -21.60
N ALA L 124 63.03 -10.70 -22.13
CA ALA L 124 64.35 -10.77 -21.49
C ALA L 124 64.98 -9.39 -21.36
N LEU L 125 64.85 -8.57 -22.40
CA LEU L 125 65.39 -7.21 -22.40
C LEU L 125 64.74 -6.31 -21.35
N ALA L 126 63.49 -6.60 -21.03
CA ALA L 126 62.73 -5.81 -20.06
C ALA L 126 63.13 -6.15 -18.62
N CYS L 127 63.79 -7.28 -18.38
CA CYS L 127 64.31 -7.59 -17.04
C CYS L 127 65.57 -6.77 -16.73
N ASP L 128 65.89 -6.65 -15.45
CA ASP L 128 67.05 -5.86 -15.02
C ASP L 128 68.38 -6.49 -15.43
N MET L 129 68.40 -7.82 -15.38
CA MET L 129 69.62 -8.56 -15.73
C MET L 129 69.23 -9.93 -16.29
N ARG L 130 70.11 -10.53 -17.08
CA ARG L 130 69.88 -11.83 -17.71
C ARG L 130 71.05 -12.76 -17.41
N ILE L 131 70.71 -14.02 -17.11
CA ILE L 131 71.69 -15.10 -17.00
C ILE L 131 71.43 -16.07 -18.14
N ALA L 132 72.49 -16.45 -18.85
CA ALA L 132 72.37 -17.39 -19.97
C ALA L 132 73.07 -18.70 -19.67
N ALA L 133 72.33 -19.80 -19.77
CA ALA L 133 72.90 -21.14 -19.70
C ALA L 133 73.52 -21.50 -21.06
N PRO L 134 74.32 -22.59 -21.12
CA PRO L 134 75.07 -22.86 -22.35
C PRO L 134 74.25 -23.04 -23.63
N ALA L 135 73.00 -23.48 -23.52
CA ALA L 135 72.14 -23.67 -24.70
C ALA L 135 71.37 -22.40 -25.11
N ALA L 136 71.52 -21.31 -24.37
CA ALA L 136 70.77 -20.09 -24.66
C ALA L 136 71.10 -19.54 -26.05
N ARG L 137 70.08 -19.10 -26.78
CA ARG L 137 70.28 -18.43 -28.06
C ARG L 137 69.34 -17.23 -28.16
N PHE L 138 69.84 -16.15 -28.77
CA PHE L 138 69.12 -14.89 -28.83
C PHE L 138 69.03 -14.38 -30.26
N GLY L 139 67.86 -13.83 -30.60
CA GLY L 139 67.68 -13.21 -31.88
C GLY L 139 66.42 -12.36 -31.91
N ILE L 140 66.42 -11.37 -32.78
CA ILE L 140 65.30 -10.48 -32.99
C ILE L 140 65.05 -10.49 -34.49
N THR L 141 63.91 -11.05 -34.90
CA THR L 141 63.70 -11.49 -36.29
C THR L 141 62.59 -10.82 -37.13
N PRO L 142 62.12 -9.62 -36.74
CA PRO L 142 61.06 -9.03 -37.56
C PRO L 142 61.43 -8.74 -39.02
N ALA L 143 62.72 -8.45 -39.28
CA ALA L 143 63.16 -8.13 -40.65
C ALA L 143 62.97 -9.30 -41.61
N LYS L 144 62.84 -10.52 -41.09
CA LYS L 144 62.58 -11.68 -41.93
C LYS L 144 61.11 -11.83 -42.34
N LEU L 145 60.23 -11.03 -41.74
CA LEU L 145 58.81 -11.00 -42.13
C LEU L 145 58.32 -9.63 -42.59
N GLY L 146 59.23 -8.66 -42.78
CA GLY L 146 58.82 -7.32 -43.19
C GLY L 146 58.12 -6.53 -42.10
N LEU L 147 58.45 -6.84 -40.85
CA LEU L 147 57.87 -6.13 -39.72
C LEU L 147 58.94 -5.26 -39.04
N VAL L 148 58.49 -4.48 -38.06
CA VAL L 148 59.36 -3.55 -37.33
C VAL L 148 59.39 -3.99 -35.85
N TYR L 149 60.35 -3.48 -35.10
CA TYR L 149 60.44 -3.71 -33.66
C TYR L 149 59.97 -2.44 -32.91
N PRO L 150 59.21 -2.59 -31.80
CA PRO L 150 58.76 -1.37 -31.10
C PRO L 150 59.93 -0.51 -30.62
N LEU L 151 59.78 0.81 -30.70
CA LEU L 151 60.86 1.72 -30.30
C LEU L 151 61.25 1.51 -28.83
N HIS L 152 60.27 1.27 -27.97
CA HIS L 152 60.55 0.95 -26.56
C HIS L 152 61.59 -0.17 -26.45
N ASP L 153 61.45 -1.20 -27.28
CA ASP L 153 62.33 -2.35 -27.22
C ASP L 153 63.64 -2.16 -28.00
N VAL L 154 63.61 -1.34 -29.04
CA VAL L 154 64.86 -0.92 -29.68
C VAL L 154 65.73 -0.23 -28.65
N LYS L 155 65.13 0.63 -27.83
CA LYS L 155 65.88 1.33 -26.80
C LYS L 155 66.45 0.38 -25.73
N LEU L 156 65.65 -0.58 -25.27
CA LEU L 156 66.14 -1.59 -24.31
C LEU L 156 67.37 -2.31 -24.85
N LEU L 157 67.37 -2.61 -26.16
CA LEU L 157 68.46 -3.31 -26.78
C LEU L 157 69.68 -2.41 -26.89
N VAL L 158 69.49 -1.19 -27.39
CA VAL L 158 70.60 -0.26 -27.59
C VAL L 158 71.24 0.11 -26.24
N ASP L 159 70.41 0.26 -25.21
CA ASP L 159 70.88 0.51 -23.83
C ASP L 159 71.98 -0.48 -23.41
N LEU L 160 71.81 -1.76 -23.80
CA LEU L 160 72.72 -2.81 -23.37
C LEU L 160 73.92 -3.02 -24.29
N VAL L 161 73.68 -3.04 -25.60
CA VAL L 161 74.71 -3.47 -26.55
C VAL L 161 75.21 -2.38 -27.49
N GLY L 162 74.62 -1.20 -27.42
CA GLY L 162 74.95 -0.11 -28.34
C GLY L 162 74.33 -0.27 -29.72
N PRO L 163 74.42 0.77 -30.56
CA PRO L 163 73.74 0.78 -31.85
C PRO L 163 74.33 -0.13 -32.91
N GLY L 164 75.64 -0.37 -32.86
CA GLY L 164 76.31 -1.26 -33.80
C GLY L 164 75.80 -2.69 -33.73
N GLN L 165 75.83 -3.24 -32.51
CA GLN L 165 75.34 -4.61 -32.30
C GLN L 165 73.82 -4.69 -32.42
N ALA L 166 73.13 -3.64 -31.99
CA ALA L 166 71.67 -3.61 -32.11
C ALA L 166 71.26 -3.75 -33.58
N ARG L 167 71.91 -2.98 -34.45
CA ARG L 167 71.63 -3.05 -35.89
C ARG L 167 72.08 -4.39 -36.49
N ARG L 168 73.23 -4.91 -36.07
CA ARG L 168 73.68 -6.24 -36.51
C ARG L 168 72.59 -7.28 -36.28
N LEU L 169 72.04 -7.29 -35.07
CA LEU L 169 71.03 -8.30 -34.70
C LEU L 169 69.71 -8.08 -35.42
N MET L 170 69.23 -6.83 -35.42
CA MET L 170 67.91 -6.51 -35.96
C MET L 170 67.86 -6.49 -37.47
N PHE L 171 68.94 -6.08 -38.13
CA PHE L 171 68.96 -6.09 -39.60
C PHE L 171 69.05 -7.52 -40.15
N THR L 172 69.83 -8.40 -39.51
CA THR L 172 70.04 -9.75 -40.03
C THR L 172 68.98 -10.75 -39.54
N GLY L 173 68.49 -10.54 -38.33
CA GLY L 173 67.65 -11.54 -37.68
C GLY L 173 68.40 -12.83 -37.37
N GLY L 174 69.73 -12.76 -37.32
CA GLY L 174 70.56 -13.94 -37.09
C GLY L 174 70.68 -14.21 -35.60
N LEU L 175 70.76 -15.49 -35.24
CA LEU L 175 70.89 -15.86 -33.83
C LEU L 175 72.33 -15.75 -33.38
N ILE L 176 72.52 -15.44 -32.10
CA ILE L 176 73.84 -15.48 -31.49
C ILE L 176 73.77 -16.42 -30.27
N ASP L 177 74.91 -17.03 -29.93
CA ASP L 177 74.96 -17.99 -28.84
C ASP L 177 75.19 -17.31 -27.48
N ALA L 178 75.21 -18.10 -26.41
CA ALA L 178 75.33 -17.58 -25.06
C ALA L 178 76.61 -16.76 -24.86
N ASN L 179 77.74 -17.29 -25.34
CA ASN L 179 79.03 -16.61 -25.19
C ASN L 179 79.09 -15.27 -25.92
N GLU L 180 78.52 -15.19 -27.12
CA GLU L 180 78.50 -13.93 -27.85
C GLU L 180 77.56 -12.91 -27.17
N ALA L 181 76.41 -13.38 -26.68
CA ALA L 181 75.49 -12.51 -25.95
C ALA L 181 76.16 -11.94 -24.68
N HIS L 182 76.93 -12.77 -24.00
CA HIS L 182 77.72 -12.33 -22.84
C HIS L 182 78.79 -11.32 -23.26
N ARG L 183 79.49 -11.61 -24.36
CA ARG L 183 80.56 -10.73 -24.86
C ARG L 183 80.08 -9.32 -25.22
N ILE L 184 78.90 -9.23 -25.84
CA ILE L 184 78.40 -7.94 -26.33
C ILE L 184 77.52 -7.19 -25.32
N GLY L 185 77.30 -7.77 -24.15
CA GLY L 185 76.52 -7.13 -23.09
C GLY L 185 75.03 -7.37 -23.16
N LEU L 186 74.59 -8.33 -23.94
CA LEU L 186 73.17 -8.66 -24.01
C LEU L 186 72.72 -9.43 -22.76
N VAL L 187 73.62 -10.26 -22.22
CA VAL L 187 73.40 -10.90 -20.92
C VAL L 187 74.58 -10.56 -20.01
N GLU L 188 74.30 -10.44 -18.72
CA GLU L 188 75.30 -9.98 -17.76
C GLU L 188 76.10 -11.14 -17.19
N LEU L 189 75.51 -12.33 -17.19
CA LEU L 189 76.08 -13.49 -16.48
C LEU L 189 75.89 -14.77 -17.27
N LEU L 190 76.89 -15.64 -17.21
CA LEU L 190 76.77 -17.02 -17.68
C LEU L 190 76.64 -17.93 -16.48
N GLY L 191 75.75 -18.92 -16.55
CA GLY L 191 75.57 -19.87 -15.46
C GLY L 191 74.42 -20.82 -15.71
N GLU L 192 74.37 -21.89 -14.93
CA GLU L 192 73.35 -22.94 -15.08
C GLU L 192 72.09 -22.63 -14.29
N SER L 193 72.20 -21.76 -13.30
CA SER L 193 71.11 -21.52 -12.35
C SER L 193 71.07 -20.06 -11.87
N GLU L 194 69.88 -19.59 -11.57
CA GLU L 194 69.70 -18.24 -11.00
C GLU L 194 69.87 -18.19 -9.47
N ASP L 195 70.02 -19.36 -8.84
CA ASP L 195 69.96 -19.48 -7.37
C ASP L 195 70.93 -18.57 -6.62
N ALA L 196 72.17 -18.51 -7.07
CA ALA L 196 73.19 -17.72 -6.39
C ALA L 196 72.86 -16.23 -6.47
N LEU L 197 72.49 -15.74 -7.64
CA LEU L 197 72.17 -14.34 -7.80
C LEU L 197 70.93 -13.97 -6.98
N VAL L 198 69.90 -14.81 -7.06
CA VAL L 198 68.66 -14.59 -6.33
C VAL L 198 68.89 -14.56 -4.82
N GLY L 199 69.77 -15.43 -4.34
CA GLY L 199 70.20 -15.42 -2.95
C GLY L 199 70.79 -14.09 -2.55
N GLN L 200 71.65 -13.52 -3.40
CA GLN L 200 72.28 -12.23 -3.10
C GLN L 200 71.24 -11.11 -3.12
N LEU L 201 70.39 -11.09 -4.14
CA LEU L 201 69.38 -10.06 -4.30
C LEU L 201 68.35 -10.07 -3.17
N ALA L 202 68.01 -11.26 -2.68
CA ALA L 202 66.97 -11.43 -1.68
C ALA L 202 67.36 -10.92 -0.29
N THR L 203 68.67 -10.83 -0.01
CA THR L 203 69.17 -10.48 1.33
C THR L 203 69.53 -8.99 1.53
N VAL L 204 69.57 -8.20 0.46
CA VAL L 204 69.88 -6.76 0.60
C VAL L 204 68.60 -5.94 0.89
N SER L 205 68.76 -4.66 1.18
CA SER L 205 67.63 -3.78 1.45
C SER L 205 66.73 -3.55 0.22
N SER L 206 65.44 -3.86 0.37
CA SER L 206 64.47 -3.61 -0.69
C SER L 206 64.10 -2.13 -0.82
N PHE L 207 64.34 -1.34 0.23
CA PHE L 207 64.30 0.11 0.09
C PHE L 207 65.36 0.54 -0.92
N SER L 208 66.59 0.08 -0.70
CA SER L 208 67.73 0.43 -1.54
C SER L 208 67.53 0.03 -3.00
N THR L 209 67.17 -1.24 -3.25
CA THR L 209 67.08 -1.74 -4.62
C THR L 209 66.02 -0.98 -5.42
N GLN L 210 64.88 -0.72 -4.80
CA GLN L 210 63.80 -0.04 -5.48
C GLN L 210 64.16 1.41 -5.81
N ALA L 211 64.80 2.09 -4.87
CA ALA L 211 65.23 3.48 -5.07
C ALA L 211 66.36 3.59 -6.10
N ILE L 212 67.32 2.69 -6.03
CA ILE L 212 68.42 2.66 -6.99
C ILE L 212 67.88 2.33 -8.38
N LYS L 213 66.98 1.36 -8.46
CA LYS L 213 66.34 1.04 -9.74
C LYS L 213 65.70 2.27 -10.39
N SER L 214 64.98 3.05 -9.60
CA SER L 214 64.38 4.29 -10.11
C SER L 214 65.44 5.32 -10.55
N PHE L 215 66.53 5.45 -9.81
CA PHE L 215 67.65 6.32 -10.22
C PHE L 215 68.24 5.91 -11.57
N VAL L 216 68.45 4.61 -11.78
CA VAL L 216 68.99 4.12 -13.04
C VAL L 216 68.05 4.46 -14.19
N ARG L 217 66.75 4.27 -13.96
CA ARG L 217 65.74 4.61 -14.95
C ARG L 217 65.73 6.12 -15.24
N ARG L 218 65.88 6.95 -14.21
CA ARG L 218 65.98 8.40 -14.44
C ARG L 218 67.14 8.75 -15.37
N VAL L 219 68.29 8.12 -15.16
CA VAL L 219 69.47 8.33 -16.00
C VAL L 219 69.18 7.88 -17.44
N LEU L 220 68.57 6.72 -17.59
CA LEU L 220 68.19 6.22 -18.91
C LEU L 220 67.17 7.11 -19.62
N ASP L 221 66.33 7.78 -18.84
CA ASP L 221 65.36 8.73 -19.39
C ASP L 221 65.95 10.14 -19.60
N GLY L 222 67.24 10.32 -19.36
CA GLY L 222 67.92 11.56 -19.74
C GLY L 222 68.35 12.46 -18.60
N GLN L 223 68.14 12.05 -17.35
CA GLN L 223 68.56 12.88 -16.22
C GLN L 223 70.09 12.86 -16.11
N VAL L 224 70.68 14.05 -16.06
CA VAL L 224 72.13 14.21 -16.10
C VAL L 224 72.73 14.46 -14.71
N ALA L 225 72.09 15.31 -13.90
CA ALA L 225 72.62 15.67 -12.58
C ALA L 225 71.62 15.35 -11.48
N ASP L 226 72.11 15.26 -10.24
CA ASP L 226 71.21 15.23 -9.08
C ASP L 226 70.38 16.51 -9.05
N ASP L 227 69.12 16.40 -8.61
CA ASP L 227 68.25 17.56 -8.40
C ASP L 227 67.65 17.47 -7.00
N THR L 228 66.79 18.42 -6.63
CA THR L 228 66.26 18.45 -5.26
C THR L 228 65.58 17.13 -4.88
N LEU L 229 64.79 16.58 -5.80
CA LEU L 229 64.10 15.33 -5.50
C LEU L 229 65.03 14.14 -5.28
N SER L 230 66.08 13.99 -6.09
CA SER L 230 67.01 12.88 -5.91
C SER L 230 67.86 13.06 -4.64
N LEU L 231 68.16 14.31 -4.28
CA LEU L 231 68.85 14.60 -3.04
C LEU L 231 67.99 14.20 -1.84
N CYS L 232 66.69 14.47 -1.93
CA CYS L 232 65.74 14.12 -0.87
C CYS L 232 65.61 12.60 -0.71
N VAL L 233 65.46 11.90 -1.82
CA VAL L 233 65.35 10.43 -1.79
C VAL L 233 66.59 9.83 -1.13
N PHE L 234 67.76 10.31 -1.55
CA PHE L 234 69.02 9.88 -0.96
C PHE L 234 69.03 10.11 0.54
N ALA L 235 68.69 11.32 0.96
CA ALA L 235 68.66 11.68 2.37
C ALA L 235 67.67 10.83 3.18
N SER L 236 66.50 10.55 2.61
CA SER L 236 65.45 9.80 3.31
C SER L 236 65.92 8.41 3.77
N ALA L 237 66.98 7.89 3.15
CA ALA L 237 67.52 6.58 3.53
C ALA L 237 67.94 6.54 5.00
N THR L 238 68.45 7.65 5.51
CA THR L 238 68.97 7.71 6.88
C THR L 238 67.87 7.79 7.94
N LEU L 239 66.64 8.04 7.50
CA LEU L 239 65.46 8.05 8.37
C LEU L 239 64.70 6.72 8.33
N GLY L 240 65.19 5.76 7.54
CA GLY L 240 64.46 4.53 7.26
C GLY L 240 64.82 3.36 8.16
N ALA L 241 63.86 2.46 8.31
CA ALA L 241 64.03 1.25 9.13
C ALA L 241 65.17 0.35 8.65
N ASP L 242 65.39 0.28 7.33
CA ASP L 242 66.45 -0.59 6.81
C ASP L 242 67.82 -0.07 7.24
N PHE L 243 68.05 1.24 7.16
CA PHE L 243 69.31 1.82 7.63
C PHE L 243 69.54 1.52 9.12
N ARG L 244 68.49 1.62 9.92
CA ARG L 244 68.60 1.30 11.35
C ARG L 244 68.96 -0.17 11.59
N GLU L 245 68.40 -1.07 10.78
CA GLU L 245 68.76 -2.49 10.85
C GLU L 245 70.19 -2.73 10.39
N GLY L 246 70.62 -2.01 9.35
CA GLY L 246 71.99 -2.11 8.86
C GLY L 246 73.03 -1.69 9.88
N THR L 247 72.83 -0.55 10.52
CA THR L 247 73.78 -0.04 11.51
C THR L 247 73.74 -0.86 12.80
N GLY L 248 72.54 -1.27 13.21
CA GLY L 248 72.37 -2.12 14.39
C GLY L 248 73.08 -3.46 14.22
N ALA L 249 72.85 -4.09 13.07
CA ALA L 249 73.52 -5.34 12.71
C ALA L 249 75.04 -5.16 12.67
N PHE L 250 75.51 -4.04 12.12
CA PHE L 250 76.95 -3.79 12.05
C PHE L 250 77.58 -3.71 13.44
N LEU L 251 76.94 -2.99 14.35
CA LEU L 251 77.43 -2.87 15.71
C LEU L 251 77.46 -4.21 16.45
N GLU L 252 76.48 -5.07 16.18
CA GLU L 252 76.39 -6.39 16.81
C GLU L 252 77.19 -7.47 16.06
N LYS L 253 77.83 -7.09 14.94
CA LYS L 253 78.63 -7.99 14.12
C LYS L 253 77.83 -9.20 13.66
N ARG L 254 76.62 -8.93 13.18
CA ARG L 254 75.74 -9.96 12.63
C ARG L 254 75.24 -9.50 11.27
N PRO L 255 74.76 -10.42 10.44
CA PRO L 255 74.21 -10.01 9.15
C PRO L 255 72.90 -9.25 9.32
N PRO L 256 72.68 -8.20 8.52
CA PRO L 256 71.40 -7.52 8.63
C PRO L 256 70.28 -8.41 8.11
N VAL L 257 69.11 -8.28 8.71
CA VAL L 257 67.92 -9.00 8.25
C VAL L 257 66.94 -7.95 7.72
N PHE L 258 66.87 -7.84 6.40
CA PHE L 258 65.97 -6.89 5.75
C PHE L 258 64.67 -7.61 5.41
N MET M 1 38.12 1.35 -45.48
CA MET M 1 37.30 2.47 -44.94
C MET M 1 37.83 3.80 -45.46
N LYS M 2 37.12 4.39 -46.42
CA LYS M 2 37.50 5.67 -47.01
C LYS M 2 37.01 6.86 -46.19
N VAL M 3 37.95 7.71 -45.77
CA VAL M 3 37.61 8.87 -44.95
C VAL M 3 38.21 10.16 -45.53
N VAL M 4 37.38 11.17 -45.75
CA VAL M 4 37.88 12.44 -46.23
C VAL M 4 37.86 13.35 -45.00
N VAL M 5 39.05 13.79 -44.59
CA VAL M 5 39.22 14.62 -43.41
C VAL M 5 39.36 16.10 -43.75
N GLN M 6 38.64 16.94 -43.02
CA GLN M 6 38.70 18.38 -43.23
C GLN M 6 39.41 19.08 -42.08
N ILE M 7 40.28 20.04 -42.40
CA ILE M 7 40.95 20.85 -41.40
C ILE M 7 40.88 22.27 -41.94
N LYS M 8 40.28 23.19 -41.18
CA LYS M 8 40.12 24.56 -41.64
C LYS M 8 40.69 25.64 -40.73
N ASP M 9 40.85 25.33 -39.45
CA ASP M 9 41.35 26.31 -38.50
C ASP M 9 42.84 26.09 -38.18
N PHE M 10 43.66 27.06 -38.55
CA PHE M 10 45.09 26.96 -38.30
C PHE M 10 45.44 26.72 -36.82
N ASP M 11 44.75 27.41 -35.91
CA ASP M 11 45.04 27.25 -34.50
C ASP M 11 44.69 25.87 -33.94
N LYS M 12 43.97 25.07 -34.72
CA LYS M 12 43.59 23.74 -34.27
C LYS M 12 44.28 22.62 -35.05
N VAL M 13 45.23 22.99 -35.91
CA VAL M 13 45.94 21.99 -36.69
C VAL M 13 46.67 20.95 -35.86
N PRO M 14 47.42 21.38 -34.83
CA PRO M 14 48.12 20.38 -34.02
C PRO M 14 47.17 19.28 -33.52
N GLN M 15 46.05 19.68 -32.92
CA GLN M 15 45.09 18.69 -32.42
C GLN M 15 44.44 17.89 -33.55
N ALA M 16 44.20 18.55 -34.68
CA ALA M 16 43.60 17.88 -35.82
C ALA M 16 44.52 16.77 -36.32
N LEU M 17 45.80 17.09 -36.44
CA LEU M 17 46.77 16.10 -36.92
C LEU M 17 46.86 14.93 -35.94
N GLN M 18 46.76 15.19 -34.64
CA GLN M 18 46.82 14.09 -33.69
C GLN M 18 45.57 13.25 -33.86
N SER M 19 44.45 13.89 -34.18
CA SER M 19 43.20 13.17 -34.40
C SER M 19 43.32 12.27 -35.63
N VAL M 20 44.00 12.74 -36.66
CA VAL M 20 44.19 11.91 -37.86
C VAL M 20 45.07 10.71 -37.48
N LEU M 21 46.09 10.94 -36.67
CA LEU M 21 46.95 9.86 -36.23
C LEU M 21 46.08 8.85 -35.45
N ASN M 22 45.20 9.38 -34.60
CA ASN M 22 44.27 8.52 -33.86
C ASN M 22 43.42 7.69 -34.82
N LEU M 23 42.89 8.36 -35.85
CA LEU M 23 42.01 7.69 -36.82
C LEU M 23 42.78 6.53 -37.46
N PHE M 24 43.95 6.85 -37.98
CA PHE M 24 44.82 5.86 -38.63
C PHE M 24 45.10 4.67 -37.71
N LEU M 25 45.51 4.96 -36.48
CA LEU M 25 45.79 3.90 -35.52
C LEU M 25 44.60 3.05 -35.16
N ASP M 26 43.40 3.64 -35.16
CA ASP M 26 42.21 2.89 -34.81
C ASP M 26 41.51 2.13 -35.93
N LEU M 27 41.53 2.67 -37.15
CA LEU M 27 40.86 2.00 -38.26
C LEU M 27 41.85 1.29 -39.17
N GLY M 28 41.83 -0.03 -39.14
CA GLY M 28 42.73 -0.84 -39.93
C GLY M 28 42.51 -0.61 -41.42
N ASN M 29 43.62 -0.45 -42.14
CA ASN M 29 43.59 -0.17 -43.57
C ASN M 29 42.73 1.02 -43.97
N ALA M 30 42.70 2.05 -43.11
CA ALA M 30 41.96 3.24 -43.44
C ALA M 30 42.58 3.90 -44.67
N GLU M 31 41.75 4.47 -45.54
CA GLU M 31 42.22 5.16 -46.72
C GLU M 31 41.88 6.61 -46.41
N ILE M 32 42.89 7.38 -46.03
CA ILE M 32 42.67 8.76 -45.61
C ILE M 32 43.21 9.86 -46.51
N GLU M 33 42.38 10.88 -46.73
CA GLU M 33 42.76 12.06 -47.50
C GLU M 33 42.46 13.25 -46.61
N VAL M 34 43.46 14.08 -46.37
CA VAL M 34 43.27 15.25 -45.53
C VAL M 34 43.31 16.49 -46.38
N VAL M 35 42.24 17.27 -46.33
CA VAL M 35 42.12 18.50 -47.09
C VAL M 35 42.24 19.73 -46.18
N LEU M 36 43.26 20.54 -46.38
CA LEU M 36 43.43 21.74 -45.57
C LEU M 36 43.06 22.99 -46.36
N HIS M 37 42.18 23.81 -45.79
CA HIS M 37 41.76 25.04 -46.45
C HIS M 37 41.62 26.18 -45.45
N GLN M 38 41.24 27.35 -45.95
CA GLN M 38 41.15 28.54 -45.12
C GLN M 38 42.53 28.73 -44.47
N SER M 39 42.59 29.21 -43.23
CA SER M 39 43.88 29.45 -42.59
C SER M 39 44.74 28.23 -42.33
N ALA M 40 44.12 27.05 -42.28
CA ALA M 40 44.88 25.84 -42.01
C ALA M 40 45.92 25.54 -43.09
N ILE M 41 45.75 26.13 -44.28
CA ILE M 41 46.69 25.89 -45.37
C ILE M 41 48.13 26.25 -44.94
N LYS M 42 48.26 27.18 -44.00
CA LYS M 42 49.58 27.60 -43.56
C LYS M 42 50.37 26.47 -42.93
N ALA M 43 49.68 25.43 -42.47
CA ALA M 43 50.36 24.31 -41.86
C ALA M 43 51.17 23.51 -42.88
N LEU M 44 50.92 23.73 -44.17
CA LEU M 44 51.65 22.99 -45.20
C LEU M 44 52.90 23.73 -45.70
N LEU M 45 53.25 24.82 -45.04
CA LEU M 45 54.44 25.57 -45.42
C LEU M 45 55.69 24.81 -44.99
N LEU M 46 56.78 24.95 -45.74
CA LEU M 46 58.05 24.31 -45.39
C LEU M 46 58.55 24.65 -43.99
N ASN M 47 58.22 25.84 -43.50
CA ASN M 47 58.70 26.28 -42.20
C ASN M 47 57.66 26.04 -41.10
N SER M 48 56.61 25.30 -41.46
CA SER M 48 55.51 25.01 -40.55
C SER M 48 55.95 24.27 -39.29
N PRO M 49 55.36 24.63 -38.15
CA PRO M 49 55.70 23.98 -36.89
C PRO M 49 55.19 22.54 -36.85
N THR M 50 54.23 22.20 -37.70
CA THR M 50 53.72 20.84 -37.74
C THR M 50 54.28 20.02 -38.92
N ARG M 51 55.30 20.55 -39.58
CA ARG M 51 55.89 19.86 -40.73
C ARG M 51 56.25 18.40 -40.45
N SER M 52 56.95 18.14 -39.35
CA SER M 52 57.36 16.78 -39.02
C SER M 52 56.16 15.85 -38.85
N ILE M 53 55.06 16.37 -38.31
CA ILE M 53 53.88 15.55 -38.13
C ILE M 53 53.24 15.26 -39.50
N ILE M 54 53.16 16.27 -40.34
CA ILE M 54 52.60 16.11 -41.68
C ILE M 54 53.44 15.09 -42.48
N GLU M 55 54.75 15.19 -42.36
CA GLU M 55 55.65 14.27 -43.05
C GLU M 55 55.45 12.85 -42.55
N GLU M 56 55.15 12.70 -41.26
CA GLU M 56 54.90 11.38 -40.70
C GLU M 56 53.58 10.80 -41.23
N LEU M 57 52.59 11.66 -41.43
CA LEU M 57 51.32 11.22 -42.01
C LEU M 57 51.56 10.73 -43.43
N ILE M 58 52.42 11.45 -44.15
CA ILE M 58 52.76 11.06 -45.52
C ILE M 58 53.44 9.70 -45.50
N LYS M 59 54.31 9.50 -44.52
CA LYS M 59 55.01 8.22 -44.37
C LYS M 59 54.01 7.10 -44.17
N LEU M 60 52.95 7.40 -43.42
CA LEU M 60 51.89 6.43 -43.14
C LEU M 60 50.95 6.27 -44.34
N ASN M 61 51.35 6.80 -45.49
CA ASN M 61 50.60 6.71 -46.73
C ASN M 61 49.26 7.48 -46.73
N ILE M 62 49.21 8.54 -45.94
CA ILE M 62 48.03 9.38 -45.87
C ILE M 62 48.17 10.49 -46.93
N LEU M 63 47.11 10.72 -47.70
CA LEU M 63 47.14 11.74 -48.75
C LEU M 63 46.89 13.12 -48.15
N ILE M 64 47.86 14.01 -48.27
CA ILE M 64 47.74 15.37 -47.73
C ILE M 64 47.45 16.33 -48.88
N VAL M 65 46.31 17.00 -48.81
CA VAL M 65 45.87 17.90 -49.87
C VAL M 65 45.63 19.35 -49.44
N GLY M 66 46.16 20.29 -50.21
CA GLY M 66 45.98 21.70 -49.89
C GLY M 66 45.07 22.39 -50.91
N CYS M 67 44.24 23.32 -50.43
CA CYS M 67 43.32 24.05 -51.29
C CYS M 67 44.00 25.22 -52.02
N GLU M 68 43.92 25.23 -53.36
CA GLU M 68 44.51 26.28 -54.17
C GLU M 68 43.89 27.65 -53.87
N HIS M 69 42.57 27.70 -53.71
CA HIS M 69 41.92 28.97 -53.40
C HIS M 69 42.48 29.54 -52.12
N SER M 70 42.72 28.66 -51.15
CA SER M 70 43.28 29.08 -49.86
C SER M 70 44.75 29.47 -50.00
N ILE M 71 45.50 28.73 -50.82
CA ILE M 71 46.91 29.07 -51.04
C ILE M 71 46.97 30.49 -51.58
N ARG M 72 46.08 30.81 -52.53
CA ARG M 72 46.05 32.14 -53.14
C ARG M 72 45.64 33.25 -52.18
N SER M 73 44.60 33.02 -51.39
CA SER M 73 44.12 34.03 -50.45
C SER M 73 45.12 34.28 -49.31
N GLN M 74 45.99 33.31 -49.03
CA GLN M 74 46.98 33.47 -47.97
C GLN M 74 48.31 33.93 -48.57
N ASN M 75 48.28 34.28 -49.85
CA ASN M 75 49.44 34.79 -50.57
C ASN M 75 50.66 33.89 -50.45
N LEU M 76 50.44 32.59 -50.62
CA LEU M 76 51.52 31.62 -50.50
C LEU M 76 51.88 31.11 -51.88
N ASP M 77 53.13 30.69 -52.05
CA ASP M 77 53.63 30.17 -53.32
C ASP M 77 53.79 28.66 -53.19
N HIS M 78 53.53 27.93 -54.27
CA HIS M 78 53.67 26.48 -54.24
C HIS M 78 55.09 26.09 -53.88
N ARG M 79 56.02 27.00 -54.17
CA ARG M 79 57.43 26.79 -53.86
C ARG M 79 57.63 26.74 -52.35
N GLN M 80 56.71 27.36 -51.61
CA GLN M 80 56.78 27.41 -50.15
C GLN M 80 56.21 26.21 -49.42
N LEU M 81 55.49 25.36 -50.15
CA LEU M 81 54.80 24.24 -49.52
C LEU M 81 55.66 23.00 -49.37
N ILE M 82 55.27 22.14 -48.43
CA ILE M 82 55.98 20.89 -48.18
C ILE M 82 55.98 20.05 -49.45
N ASP M 83 57.13 19.49 -49.84
CA ASP M 83 57.20 18.66 -51.05
C ASP M 83 56.34 17.41 -50.93
N GLY M 84 55.62 17.07 -52.00
CA GLY M 84 54.80 15.87 -51.96
C GLY M 84 53.36 16.16 -51.61
N ILE M 85 53.04 17.44 -51.47
CA ILE M 85 51.69 17.88 -51.15
C ILE M 85 50.88 17.98 -52.45
N LYS M 86 49.68 17.42 -52.47
CA LYS M 86 48.84 17.54 -53.66
C LYS M 86 47.96 18.76 -53.44
N ILE M 87 47.54 19.38 -54.53
CA ILE M 87 46.70 20.57 -54.46
C ILE M 87 45.43 20.38 -55.30
N VAL M 88 44.31 20.90 -54.82
CA VAL M 88 43.06 20.82 -55.58
C VAL M 88 42.58 22.24 -55.78
N ARG M 89 41.78 22.46 -56.81
CA ARG M 89 41.27 23.80 -57.10
C ARG M 89 40.51 24.38 -55.92
N SER M 90 39.71 23.54 -55.26
CA SER M 90 38.88 23.96 -54.14
C SER M 90 38.87 22.88 -53.07
N GLY M 91 39.22 23.28 -51.85
CA GLY M 91 39.22 22.33 -50.75
C GLY M 91 37.81 21.84 -50.45
N VAL M 92 36.86 22.76 -50.45
CA VAL M 92 35.48 22.40 -50.17
C VAL M 92 34.89 21.60 -51.33
N GLY M 93 35.31 21.89 -52.56
CA GLY M 93 34.83 21.13 -53.70
C GLY M 93 35.33 19.69 -53.62
N GLU M 94 36.57 19.52 -53.16
CA GLU M 94 37.16 18.19 -53.02
C GLU M 94 36.42 17.41 -51.93
N ILE M 95 36.17 18.07 -50.80
CA ILE M 95 35.50 17.45 -49.67
C ILE M 95 34.12 16.94 -50.10
N VAL M 96 33.38 17.78 -50.82
CA VAL M 96 32.06 17.39 -51.28
C VAL M 96 32.14 16.26 -52.31
N ARG M 97 33.03 16.39 -53.28
CA ARG M 97 33.16 15.34 -54.30
C ARG M 97 33.60 14.00 -53.72
N LYS M 98 34.57 13.99 -52.82
CA LYS M 98 35.00 12.74 -52.22
C LYS M 98 33.82 12.08 -51.51
N GLN M 99 33.01 12.89 -50.81
CA GLN M 99 31.85 12.32 -50.13
C GLN M 99 30.89 11.68 -51.12
N SER M 100 30.71 12.31 -52.29
CA SER M 100 29.80 11.76 -53.29
C SER M 100 30.37 10.45 -53.84
N GLU M 101 31.66 10.25 -53.67
CA GLU M 101 32.32 9.04 -54.13
C GLU M 101 32.29 7.96 -53.06
N GLY M 102 31.64 8.25 -51.92
CA GLY M 102 31.53 7.29 -50.85
C GLY M 102 32.49 7.45 -49.67
N TRP M 103 33.26 8.53 -49.67
CA TRP M 103 34.20 8.75 -48.56
C TRP M 103 33.46 9.31 -47.36
N ILE M 104 33.79 8.81 -46.18
CA ILE M 104 33.17 9.28 -44.95
C ILE M 104 33.84 10.58 -44.49
N TYR M 105 33.01 11.57 -44.21
CA TYR M 105 33.43 12.91 -43.82
C TYR M 105 33.72 13.07 -42.33
N LEU M 106 34.86 13.69 -42.03
CA LEU M 106 35.26 13.95 -40.65
C LEU M 106 35.83 15.37 -40.59
N ALA M 107 35.13 16.25 -39.87
CA ALA M 107 35.58 17.64 -39.75
C ALA M 107 36.41 17.84 -38.49
N LEU M 108 37.65 18.28 -38.66
CA LEU M 108 38.54 18.51 -37.53
C LEU M 108 38.99 19.97 -37.50
N MET N 10 88.62 9.08 -60.07
CA MET N 10 88.38 9.99 -58.90
C MET N 10 88.88 9.34 -57.64
N SER N 11 89.35 10.15 -56.70
CA SER N 11 89.88 9.65 -55.43
C SER N 11 88.80 9.15 -54.47
N LEU N 12 87.55 9.52 -54.72
CA LEU N 12 86.41 8.99 -53.99
C LEU N 12 85.30 8.71 -55.00
N ARG N 13 84.84 7.46 -55.09
CA ARG N 13 83.82 7.10 -56.06
C ARG N 13 82.83 6.06 -55.56
N LEU N 14 81.67 6.02 -56.21
CA LEU N 14 80.59 5.12 -55.84
C LEU N 14 80.44 4.04 -56.90
N GLU N 15 80.35 2.78 -56.46
CA GLU N 15 80.00 1.66 -57.35
C GLU N 15 78.69 1.06 -56.90
N ARG N 16 77.74 0.96 -57.83
CA ARG N 16 76.43 0.41 -57.53
C ARG N 16 76.27 -0.94 -58.22
N ASP N 17 76.04 -1.97 -57.42
CA ASP N 17 75.95 -3.35 -57.90
C ASP N 17 74.68 -4.00 -57.35
N GLY N 18 73.53 -3.49 -57.78
CA GLY N 18 72.24 -4.04 -57.39
C GLY N 18 71.87 -3.70 -55.97
N ALA N 19 71.79 -4.73 -55.12
CA ALA N 19 71.45 -4.52 -53.71
C ALA N 19 72.59 -3.88 -52.92
N VAL N 20 73.81 -3.96 -53.45
CA VAL N 20 74.99 -3.45 -52.75
C VAL N 20 75.59 -2.25 -53.47
N ALA N 21 75.91 -1.21 -52.71
CA ALA N 21 76.73 -0.10 -53.20
C ALA N 21 78.01 -0.06 -52.40
N ARG N 22 79.07 0.45 -53.05
CA ARG N 22 80.37 0.57 -52.42
C ARG N 22 80.85 2.01 -52.55
N LEU N 23 81.15 2.62 -51.42
CA LEU N 23 81.83 3.90 -51.37
C LEU N 23 83.32 3.58 -51.24
N LEU N 24 84.07 3.84 -52.32
CA LEU N 24 85.47 3.43 -52.42
C LEU N 24 86.42 4.60 -52.24
N ILE N 25 87.39 4.46 -51.35
CA ILE N 25 88.46 5.43 -51.16
C ILE N 25 89.70 4.94 -51.92
N ASP N 26 90.14 5.71 -52.90
CA ASP N 26 91.14 5.24 -53.88
C ASP N 26 92.25 6.27 -54.06
N ARG N 27 93.11 6.37 -53.05
CA ARG N 27 94.24 7.29 -53.06
C ARG N 27 95.41 6.65 -52.34
N ALA N 28 95.86 5.50 -52.85
CA ALA N 28 96.83 4.65 -52.17
C ALA N 28 98.18 5.33 -51.88
N ASP N 29 98.61 6.23 -52.75
CA ASP N 29 99.90 6.90 -52.57
C ASP N 29 99.91 7.96 -51.45
N ARG N 30 98.74 8.30 -50.93
CA ARG N 30 98.64 9.16 -49.73
C ARG N 30 97.92 8.44 -48.60
N ARG N 31 97.97 7.10 -48.62
CA ARG N 31 97.31 6.27 -47.61
C ARG N 31 95.85 6.65 -47.39
N ASN N 32 95.16 6.90 -48.50
CA ASN N 32 93.73 7.24 -48.51
C ASN N 32 93.36 8.49 -47.70
N ALA N 33 94.29 9.44 -47.60
CA ALA N 33 94.04 10.70 -46.92
C ALA N 33 93.01 11.54 -47.69
N PHE N 34 92.13 12.20 -46.95
CA PHE N 34 91.06 13.01 -47.53
C PHE N 34 91.51 14.44 -47.76
N SER N 35 91.26 14.94 -48.97
CA SER N 35 91.42 16.35 -49.29
C SER N 35 90.06 17.02 -49.13
N LEU N 36 90.04 18.33 -49.25
CA LEU N 36 88.80 19.10 -49.13
C LEU N 36 87.79 18.68 -50.21
N ASP N 37 88.25 18.49 -51.45
CA ASP N 37 87.33 18.15 -52.53
C ASP N 37 86.65 16.77 -52.30
N MET N 38 87.38 15.85 -51.69
CA MET N 38 86.84 14.52 -51.38
C MET N 38 85.73 14.62 -50.36
N TRP N 39 85.96 15.39 -49.30
CA TRP N 39 84.91 15.65 -48.29
C TRP N 39 83.65 16.25 -48.92
N GLN N 40 83.85 17.22 -49.80
CA GLN N 40 82.73 17.88 -50.51
C GLN N 40 82.03 16.94 -51.49
N ARG N 41 82.78 15.99 -52.03
CA ARG N 41 82.27 15.01 -52.99
C ARG N 41 81.41 13.91 -52.34
N LEU N 42 81.70 13.58 -51.09
CA LEU N 42 81.06 12.44 -50.41
C LEU N 42 79.52 12.53 -50.34
N PRO N 43 78.96 13.68 -49.96
CA PRO N 43 77.49 13.82 -49.95
C PRO N 43 76.81 13.59 -51.32
N GLU N 44 77.49 13.97 -52.39
CA GLU N 44 76.96 13.81 -53.75
C GLU N 44 76.83 12.32 -54.08
N LEU N 45 77.84 11.55 -53.68
CA LEU N 45 77.84 10.12 -53.90
C LEU N 45 76.79 9.42 -53.06
N LEU N 46 76.59 9.88 -51.82
CA LEU N 46 75.52 9.36 -50.96
C LEU N 46 74.14 9.59 -51.57
N ALA N 47 73.93 10.77 -52.15
CA ALA N 47 72.68 11.11 -52.83
C ALA N 47 72.43 10.20 -54.02
N GLU N 48 73.47 9.95 -54.81
CA GLU N 48 73.38 9.02 -55.95
C GLU N 48 72.97 7.62 -55.50
N ALA N 49 73.61 7.13 -54.45
CA ALA N 49 73.30 5.80 -53.91
C ALA N 49 71.88 5.75 -53.37
N SER N 50 71.49 6.79 -52.63
CA SER N 50 70.19 6.82 -51.98
C SER N 50 69.02 6.83 -52.98
N GLY N 51 69.25 7.40 -54.16
CA GLY N 51 68.23 7.44 -55.22
C GLY N 51 67.94 6.11 -55.92
N ASP N 52 68.74 5.09 -55.63
CA ASP N 52 68.58 3.76 -56.22
C ASP N 52 67.64 2.87 -55.37
N ASP N 53 66.44 2.61 -55.90
CA ASP N 53 65.43 1.81 -55.19
C ASP N 53 65.85 0.36 -54.93
N ALA N 54 66.76 -0.16 -55.74
CA ALA N 54 67.25 -1.53 -55.59
C ALA N 54 68.24 -1.70 -54.44
N LEU N 55 68.83 -0.62 -53.98
CA LEU N 55 69.86 -0.69 -52.95
C LEU N 55 69.32 -1.24 -51.63
N ARG N 56 70.13 -2.07 -50.97
CA ARG N 56 69.81 -2.60 -49.64
C ARG N 56 70.89 -2.31 -48.58
N VAL N 57 72.14 -2.09 -49.03
CA VAL N 57 73.24 -1.86 -48.10
C VAL N 57 74.37 -1.10 -48.80
N LEU N 58 74.98 -0.18 -48.07
CA LEU N 58 76.13 0.58 -48.54
C LEU N 58 77.37 0.15 -47.77
N VAL N 59 78.40 -0.26 -48.51
CA VAL N 59 79.67 -0.63 -47.91
C VAL N 59 80.69 0.50 -48.15
N VAL N 60 81.36 0.92 -47.08
CA VAL N 60 82.42 1.89 -47.17
C VAL N 60 83.73 1.16 -46.97
N LYS N 61 84.66 1.31 -47.92
CA LYS N 61 85.91 0.57 -47.88
C LYS N 61 86.99 1.20 -48.74
N SER N 62 88.22 0.74 -48.54
CA SER N 62 89.33 1.11 -49.41
C SER N 62 89.17 0.40 -50.75
N ALA N 63 89.51 1.11 -51.83
CA ALA N 63 89.51 0.50 -53.16
C ALA N 63 90.62 -0.54 -53.32
N ASN N 64 91.70 -0.39 -52.54
CA ASN N 64 92.92 -1.18 -52.71
C ASN N 64 93.37 -1.90 -51.44
N GLY N 65 92.46 -2.24 -50.55
CA GLY N 65 92.83 -2.77 -49.25
C GLY N 65 93.74 -1.80 -48.50
N GLY N 66 94.60 -2.35 -47.64
CA GLY N 66 95.55 -1.54 -46.89
C GLY N 66 94.83 -0.53 -46.00
N ALA N 67 95.40 0.67 -45.88
CA ALA N 67 94.84 1.72 -45.03
C ALA N 67 93.42 2.08 -45.46
N PHE N 68 92.54 2.23 -44.48
CA PHE N 68 91.17 2.64 -44.71
C PHE N 68 91.16 4.13 -45.05
N CYS N 69 91.72 4.92 -44.15
CA CYS N 69 91.84 6.37 -44.34
C CYS N 69 92.73 6.92 -43.25
N ALA N 70 93.88 7.45 -43.65
CA ALA N 70 94.87 7.98 -42.72
C ALA N 70 94.49 9.36 -42.16
N GLY N 71 93.34 9.88 -42.56
CA GLY N 71 92.81 11.13 -42.02
C GLY N 71 93.01 12.29 -42.96
N ALA N 72 93.51 13.40 -42.43
CA ALA N 72 93.67 14.62 -43.19
C ALA N 72 94.86 14.56 -44.13
N ASP N 73 94.73 15.17 -45.31
CA ASP N 73 95.90 15.27 -46.20
C ASP N 73 96.85 16.28 -45.57
N ILE N 74 97.86 15.81 -44.81
CA ILE N 74 98.76 16.73 -44.06
C ILE N 74 99.22 17.88 -44.96
N ALA N 75 99.70 17.56 -46.17
CA ALA N 75 100.18 18.60 -47.10
C ALA N 75 99.19 19.77 -47.12
N GLU N 76 98.06 19.60 -47.78
CA GLU N 76 97.01 20.65 -47.83
C GLU N 76 96.86 21.28 -46.44
N LEU N 77 96.82 20.45 -45.39
CA LEU N 77 96.62 20.97 -44.01
C LEU N 77 97.73 21.96 -43.65
N LEU N 78 98.99 21.53 -43.75
CA LEU N 78 100.12 22.42 -43.36
C LEU N 78 100.03 23.70 -44.20
N ALA N 79 99.68 23.57 -45.48
CA ALA N 79 99.60 24.74 -46.38
C ALA N 79 98.57 25.76 -45.88
N ASN N 80 97.32 25.31 -45.66
CA ASN N 80 96.24 26.27 -45.28
C ASN N 80 96.21 26.42 -43.75
N LYS N 81 97.37 26.31 -43.11
CA LYS N 81 97.44 26.45 -41.62
C LYS N 81 96.96 27.84 -41.22
N ASP N 82 97.22 28.86 -42.05
CA ASP N 82 96.85 30.25 -41.71
C ASP N 82 95.62 30.67 -42.53
N ASP N 83 95.20 29.84 -43.47
CA ASP N 83 94.04 30.19 -44.34
C ASP N 83 92.73 30.03 -43.54
N ALA N 84 92.20 31.12 -43.00
CA ALA N 84 90.94 31.05 -42.27
C ALA N 84 89.77 30.57 -43.14
N ALA N 85 89.78 30.97 -44.42
CA ALA N 85 88.74 30.55 -45.36
C ALA N 85 88.75 29.03 -45.58
N PHE N 86 89.94 28.47 -45.73
CA PHE N 86 90.09 27.03 -45.87
C PHE N 86 89.61 26.29 -44.62
N HIS N 87 90.00 26.77 -43.44
CA HIS N 87 89.61 26.10 -42.19
C HIS N 87 88.10 26.09 -42.01
N LEU N 88 87.44 27.19 -42.33
CA LEU N 88 85.98 27.29 -42.19
C LEU N 88 85.26 26.41 -43.23
N ALA N 89 85.74 26.45 -44.48
CA ALA N 89 85.20 25.60 -45.55
C ALA N 89 85.41 24.12 -45.24
N ASN N 90 86.59 23.79 -44.75
CA ASN N 90 86.94 22.41 -44.43
C ASN N 90 86.09 21.88 -43.26
N GLN N 91 85.94 22.70 -42.23
CA GLN N 91 85.11 22.35 -41.06
C GLN N 91 83.68 22.01 -41.51
N GLN N 92 83.08 22.90 -42.29
CA GLN N 92 81.72 22.71 -42.78
C GLN N 92 81.57 21.47 -43.67
N ALA N 93 82.54 21.24 -44.55
CA ALA N 93 82.47 20.11 -45.48
C ALA N 93 82.53 18.77 -44.74
N ILE N 94 83.41 18.67 -43.75
CA ILE N 94 83.54 17.46 -42.95
C ILE N 94 82.26 17.22 -42.15
N ASN N 95 81.74 18.28 -41.53
CA ASN N 95 80.52 18.14 -40.73
C ASN N 95 79.31 17.70 -41.55
N ARG N 96 79.18 18.23 -42.77
CA ARG N 96 78.11 17.79 -43.66
C ARG N 96 78.25 16.31 -43.99
N ALA N 97 79.46 15.90 -44.36
CA ALA N 97 79.71 14.52 -44.77
C ALA N 97 79.39 13.55 -43.65
N GLN N 98 79.84 13.88 -42.45
CA GLN N 98 79.63 13.06 -41.27
C GLN N 98 78.15 12.96 -40.92
N TYR N 99 77.46 14.09 -40.97
CA TYR N 99 76.04 14.13 -40.68
C TYR N 99 75.25 13.24 -41.66
N GLU N 100 75.54 13.37 -42.94
CA GLU N 100 74.79 12.67 -43.98
C GLU N 100 75.08 11.18 -44.00
N LEU N 101 76.35 10.81 -43.86
CA LEU N 101 76.72 9.39 -43.82
C LEU N 101 76.05 8.67 -42.65
N ALA N 102 76.06 9.30 -41.48
CA ALA N 102 75.48 8.70 -40.27
C ALA N 102 73.96 8.51 -40.36
N ARG N 103 73.32 9.29 -41.23
CA ARG N 103 71.87 9.24 -41.40
C ARG N 103 71.45 8.72 -42.77
N PHE N 104 72.34 7.98 -43.44
CA PHE N 104 72.01 7.34 -44.71
C PHE N 104 70.81 6.42 -44.50
N ARG N 105 69.88 6.39 -45.44
CA ARG N 105 68.60 5.73 -45.19
C ARG N 105 68.71 4.21 -44.96
N LEU N 106 69.68 3.57 -45.61
CA LEU N 106 69.89 2.12 -45.52
C LEU N 106 71.07 1.74 -44.61
N PRO N 107 71.15 0.45 -44.24
CA PRO N 107 72.31 -0.02 -43.50
C PRO N 107 73.63 0.30 -44.19
N THR N 108 74.61 0.70 -43.39
CA THR N 108 75.96 1.01 -43.86
C THR N 108 77.00 0.22 -43.06
N VAL N 109 78.04 -0.24 -43.75
CA VAL N 109 79.09 -1.02 -43.13
C VAL N 109 80.45 -0.48 -43.54
N ALA N 110 81.33 -0.25 -42.56
CA ALA N 110 82.73 0.10 -42.85
C ALA N 110 83.58 -1.17 -42.80
N MET N 111 84.30 -1.45 -43.88
CA MET N 111 85.24 -2.59 -43.93
C MET N 111 86.62 -2.02 -43.79
N VAL N 112 87.23 -2.21 -42.60
CA VAL N 112 88.52 -1.59 -42.28
C VAL N 112 89.65 -2.61 -42.31
N GLU N 113 90.62 -2.41 -43.19
CA GLU N 113 91.71 -3.37 -43.41
C GLU N 113 93.09 -2.84 -43.04
N GLY N 114 93.14 -1.62 -42.52
CA GLY N 114 94.41 -0.99 -42.18
C GLY N 114 94.16 0.22 -41.32
N ASP N 115 95.07 1.19 -41.40
CA ASP N 115 94.97 2.41 -40.60
C ASP N 115 93.67 3.17 -40.86
N CYS N 116 93.04 3.54 -39.76
CA CYS N 116 91.79 4.29 -39.77
C CYS N 116 91.95 5.39 -38.72
N ILE N 117 92.45 6.54 -39.17
CA ILE N 117 92.96 7.58 -38.27
C ILE N 117 92.25 8.91 -38.45
N GLY N 118 91.87 9.53 -37.33
CA GLY N 118 91.33 10.89 -37.30
C GLY N 118 90.02 11.03 -38.04
N GLY N 119 90.04 11.80 -39.13
CA GLY N 119 88.90 11.94 -40.02
C GLY N 119 88.48 10.62 -40.66
N GLY N 120 89.44 9.72 -40.85
CA GLY N 120 89.15 8.38 -41.32
C GLY N 120 88.32 7.62 -40.29
N CYS N 121 88.67 7.78 -39.02
CA CYS N 121 87.94 7.15 -37.94
C CYS N 121 86.52 7.70 -37.85
N GLY N 122 86.39 9.01 -38.10
CA GLY N 122 85.08 9.65 -38.18
C GLY N 122 84.18 9.01 -39.23
N ILE N 123 84.72 8.73 -40.41
CA ILE N 123 83.96 8.06 -41.47
C ILE N 123 83.48 6.69 -40.99
N ALA N 124 84.39 5.91 -40.42
CA ALA N 124 84.05 4.59 -39.87
C ALA N 124 82.99 4.68 -38.78
N LEU N 125 83.13 5.67 -37.90
CA LEU N 125 82.17 5.88 -36.81
C LEU N 125 80.78 6.24 -37.29
N ALA N 126 80.71 6.88 -38.46
CA ALA N 126 79.43 7.28 -39.03
C ALA N 126 78.69 6.11 -39.69
N CYS N 127 79.36 5.00 -39.97
CA CYS N 127 78.67 3.79 -40.46
C CYS N 127 77.92 3.09 -39.33
N ASP N 128 76.94 2.25 -39.69
CA ASP N 128 76.13 1.53 -38.71
C ASP N 128 76.92 0.49 -37.94
N MET N 129 77.85 -0.15 -38.67
CA MET N 129 78.67 -1.22 -38.06
C MET N 129 80.03 -1.25 -38.77
N ARG N 130 81.05 -1.78 -38.10
CA ARG N 130 82.40 -1.88 -38.63
C ARG N 130 82.91 -3.30 -38.50
N ILE N 131 83.58 -3.77 -39.54
CA ILE N 131 84.32 -5.04 -39.52
C ILE N 131 85.79 -4.71 -39.63
N ALA N 132 86.62 -5.30 -38.77
CA ALA N 132 88.05 -5.06 -38.78
C ALA N 132 88.80 -6.33 -39.16
N ALA N 133 89.63 -6.23 -40.20
CA ALA N 133 90.57 -7.29 -40.56
C ALA N 133 91.80 -7.21 -39.66
N PRO N 134 92.65 -8.26 -39.67
CA PRO N 134 93.74 -8.32 -38.68
C PRO N 134 94.72 -7.15 -38.68
N ALA N 135 94.91 -6.48 -39.81
CA ALA N 135 95.83 -5.34 -39.90
C ALA N 135 95.17 -3.99 -39.53
N ALA N 136 93.88 -3.98 -39.23
CA ALA N 136 93.19 -2.73 -38.93
C ALA N 136 93.78 -2.04 -37.70
N ARG N 137 93.94 -0.72 -37.79
CA ARG N 137 94.35 0.09 -36.64
C ARG N 137 93.53 1.37 -36.58
N PHE N 138 93.21 1.79 -35.36
CA PHE N 138 92.32 2.93 -35.13
C PHE N 138 92.96 3.94 -34.21
N GLY N 139 92.74 5.21 -34.52
CA GLY N 139 93.18 6.29 -33.67
C GLY N 139 92.54 7.60 -34.05
N ILE N 140 92.45 8.48 -33.07
CA ILE N 140 91.91 9.81 -33.25
C ILE N 140 92.95 10.76 -32.66
N THR N 141 93.59 11.56 -33.52
CA THR N 141 94.86 12.20 -33.19
C THR N 141 94.93 13.75 -33.14
N PRO N 142 93.78 14.44 -33.02
CA PRO N 142 93.89 15.91 -33.01
C PRO N 142 94.72 16.49 -31.85
N ALA N 143 94.73 15.82 -30.71
CA ALA N 143 95.49 16.33 -29.55
C ALA N 143 96.99 16.42 -29.81
N LYS N 144 97.49 15.71 -30.81
CA LYS N 144 98.90 15.79 -31.19
C LYS N 144 99.22 17.02 -32.05
N LEU N 145 98.20 17.73 -32.52
CA LEU N 145 98.39 18.98 -33.26
C LEU N 145 97.70 20.19 -32.62
N GLY N 146 97.20 20.05 -31.41
CA GLY N 146 96.50 21.16 -30.75
C GLY N 146 95.15 21.48 -31.35
N LEU N 147 94.50 20.47 -31.93
CA LEU N 147 93.19 20.64 -32.52
C LEU N 147 92.14 19.92 -31.67
N VAL N 148 90.88 20.09 -32.06
CA VAL N 148 89.74 19.51 -31.35
C VAL N 148 89.03 18.53 -32.31
N TYR N 149 88.17 17.67 -31.77
CA TYR N 149 87.33 16.78 -32.56
C TYR N 149 85.89 17.33 -32.59
N PRO N 150 85.19 17.25 -33.73
CA PRO N 150 83.81 17.79 -33.74
C PRO N 150 82.90 17.06 -32.73
N LEU N 151 82.02 17.81 -32.09
CA LEU N 151 81.12 17.23 -31.08
C LEU N 151 80.28 16.10 -31.67
N HIS N 152 79.80 16.27 -32.90
CA HIS N 152 79.06 15.22 -33.59
C HIS N 152 79.82 13.88 -33.54
N ASP N 153 81.12 13.94 -33.77
CA ASP N 153 81.95 12.74 -33.83
C ASP N 153 82.41 12.26 -32.45
N VAL N 154 82.55 13.18 -31.49
CA VAL N 154 82.74 12.79 -30.11
C VAL N 154 81.57 11.92 -29.67
N LYS N 155 80.36 12.34 -30.03
CA LYS N 155 79.17 11.58 -29.67
C LYS N 155 79.13 10.20 -30.33
N LEU N 156 79.45 10.12 -31.62
CA LEU N 156 79.53 8.82 -32.32
C LEU N 156 80.49 7.86 -31.60
N LEU N 157 81.60 8.39 -31.11
CA LEU N 157 82.58 7.58 -30.42
C LEU N 157 82.07 7.15 -29.06
N VAL N 158 81.54 8.09 -28.29
CA VAL N 158 81.05 7.79 -26.93
C VAL N 158 79.88 6.81 -26.99
N ASP N 159 79.02 6.96 -27.99
CA ASP N 159 77.90 6.03 -28.25
C ASP N 159 78.36 4.57 -28.25
N LEU N 160 79.53 4.31 -28.84
CA LEU N 160 80.02 2.95 -29.00
C LEU N 160 80.86 2.44 -27.84
N VAL N 161 81.78 3.27 -27.35
CA VAL N 161 82.79 2.79 -26.41
C VAL N 161 82.70 3.39 -25.01
N GLY N 162 81.78 4.33 -24.81
CA GLY N 162 81.66 5.03 -23.53
C GLY N 162 82.71 6.11 -23.34
N PRO N 163 82.55 6.93 -22.30
CA PRO N 163 83.42 8.10 -22.09
C PRO N 163 84.84 7.79 -21.65
N GLY N 164 85.02 6.68 -20.92
CA GLY N 164 86.35 6.28 -20.47
C GLY N 164 87.29 5.97 -21.62
N GLN N 165 86.85 5.09 -22.51
CA GLN N 165 87.65 4.71 -23.67
C GLN N 165 87.73 5.86 -24.67
N ALA N 166 86.66 6.62 -24.82
CA ALA N 166 86.65 7.78 -25.71
C ALA N 166 87.75 8.76 -25.32
N ARG N 167 87.85 9.06 -24.03
CA ARG N 167 88.89 9.96 -23.52
C ARG N 167 90.29 9.34 -23.63
N ARG N 168 90.41 8.05 -23.35
CA ARG N 168 91.69 7.34 -23.53
C ARG N 168 92.23 7.55 -24.94
N LEU N 169 91.36 7.34 -25.93
CA LEU N 169 91.79 7.44 -27.34
C LEU N 169 92.06 8.88 -27.75
N MET N 170 91.16 9.79 -27.40
CA MET N 170 91.26 11.18 -27.85
C MET N 170 92.29 11.99 -27.10
N PHE N 171 92.50 11.71 -25.82
CA PHE N 171 93.54 12.43 -25.07
C PHE N 171 94.96 12.00 -25.49
N THR N 172 95.17 10.71 -25.76
CA THR N 172 96.50 10.21 -26.08
C THR N 172 96.83 10.30 -27.58
N GLY N 173 95.81 10.13 -28.42
CA GLY N 173 96.05 9.99 -29.85
C GLY N 173 96.78 8.69 -30.19
N GLY N 174 96.75 7.72 -29.29
CA GLY N 174 97.46 6.46 -29.47
C GLY N 174 96.62 5.51 -30.29
N LEU N 175 97.28 4.68 -31.10
CA LEU N 175 96.58 3.71 -31.92
C LEU N 175 96.24 2.47 -31.13
N ILE N 176 95.13 1.82 -31.48
CA ILE N 176 94.80 0.51 -30.93
C ILE N 176 94.61 -0.46 -32.07
N ASP N 177 94.86 -1.75 -31.81
CA ASP N 177 94.78 -2.76 -32.87
C ASP N 177 93.35 -3.32 -33.02
N ALA N 178 93.17 -4.23 -33.98
CA ALA N 178 91.86 -4.77 -34.31
C ALA N 178 91.20 -5.45 -33.10
N ASN N 179 91.95 -6.27 -32.39
CA ASN N 179 91.42 -6.98 -31.22
C ASN N 179 90.97 -6.06 -30.09
N GLU N 180 91.73 -5.01 -29.83
CA GLU N 180 91.34 -4.04 -28.79
C GLU N 180 90.10 -3.25 -29.23
N ALA N 181 90.04 -2.86 -30.50
CA ALA N 181 88.86 -2.16 -31.03
C ALA N 181 87.60 -3.02 -30.92
N HIS N 182 87.76 -4.32 -31.18
CA HIS N 182 86.66 -5.28 -31.01
C HIS N 182 86.28 -5.40 -29.52
N ARG N 183 87.29 -5.49 -28.64
CA ARG N 183 87.05 -5.65 -27.22
C ARG N 183 86.28 -4.46 -26.59
N ILE N 184 86.59 -3.24 -27.02
CA ILE N 184 86.00 -2.05 -26.42
C ILE N 184 84.72 -1.56 -27.13
N GLY N 185 84.30 -2.27 -28.18
CA GLY N 185 83.08 -1.94 -28.89
C GLY N 185 83.23 -0.91 -30.00
N LEU N 186 84.45 -0.62 -30.42
CA LEU N 186 84.68 0.31 -31.52
C LEU N 186 84.32 -0.33 -32.86
N VAL N 187 84.58 -1.64 -32.98
CA VAL N 187 84.11 -2.43 -34.13
C VAL N 187 83.29 -3.60 -33.61
N GLU N 188 82.29 -3.99 -34.39
CA GLU N 188 81.34 -5.01 -33.96
C GLU N 188 81.80 -6.41 -34.32
N LEU N 189 82.63 -6.52 -35.37
CA LEU N 189 82.98 -7.81 -35.96
C LEU N 189 84.45 -7.84 -36.37
N LEU N 190 85.07 -9.00 -36.19
CA LEU N 190 86.38 -9.30 -36.78
C LEU N 190 86.19 -10.23 -37.96
N GLY N 191 86.90 -9.97 -39.05
CA GLY N 191 86.80 -10.82 -40.24
C GLY N 191 87.61 -10.27 -41.40
N GLU N 192 87.83 -11.12 -42.40
CA GLU N 192 88.64 -10.76 -43.57
C GLU N 192 87.82 -10.08 -44.66
N SER N 193 86.50 -10.28 -44.62
CA SER N 193 85.63 -9.85 -45.71
C SER N 193 84.26 -9.41 -45.19
N GLU N 194 83.65 -8.46 -45.90
CA GLU N 194 82.28 -8.01 -45.59
C GLU N 194 81.19 -8.89 -46.23
N ASP N 195 81.59 -9.84 -47.08
CA ASP N 195 80.65 -10.60 -47.92
C ASP N 195 79.51 -11.27 -47.16
N ALA N 196 79.84 -11.95 -46.06
CA ALA N 196 78.84 -12.68 -45.29
C ALA N 196 77.81 -11.73 -44.68
N LEU N 197 78.28 -10.65 -44.07
CA LEU N 197 77.36 -9.69 -43.46
C LEU N 197 76.48 -9.03 -44.50
N VAL N 198 77.09 -8.62 -45.62
CA VAL N 198 76.37 -7.96 -46.71
C VAL N 198 75.30 -8.88 -47.30
N GLY N 199 75.64 -10.17 -47.42
CA GLY N 199 74.67 -11.17 -47.83
C GLY N 199 73.46 -11.21 -46.92
N GLN N 200 73.69 -11.16 -45.61
CA GLN N 200 72.59 -11.19 -44.65
C GLN N 200 71.74 -9.92 -44.73
N LEU N 201 72.42 -8.77 -44.78
CA LEU N 201 71.74 -7.47 -44.84
C LEU N 201 70.91 -7.30 -46.11
N ALA N 202 71.42 -7.83 -47.22
CA ALA N 202 70.79 -7.65 -48.52
C ALA N 202 69.47 -8.40 -48.69
N THR N 203 69.27 -9.47 -47.90
CA THR N 203 68.11 -10.34 -48.04
C THR N 203 66.92 -10.05 -47.11
N VAL N 204 67.09 -9.19 -46.12
CA VAL N 204 65.98 -8.84 -45.21
C VAL N 204 65.15 -7.68 -45.78
N SER N 205 64.03 -7.36 -45.13
CA SER N 205 63.17 -6.26 -45.56
C SER N 205 63.82 -4.89 -45.43
N SER N 206 63.89 -4.15 -46.53
CA SER N 206 64.41 -2.78 -46.52
C SER N 206 63.43 -1.78 -45.91
N PHE N 207 62.14 -2.13 -45.85
CA PHE N 207 61.20 -1.37 -45.04
C PHE N 207 61.65 -1.45 -43.57
N SER N 208 61.87 -2.68 -43.11
CA SER N 208 62.25 -2.93 -41.73
C SER N 208 63.55 -2.23 -41.33
N THR N 209 64.61 -2.42 -42.12
CA THR N 209 65.92 -1.87 -41.76
C THR N 209 65.90 -0.36 -41.66
N GLN N 210 65.23 0.29 -42.61
CA GLN N 210 65.18 1.74 -42.63
C GLN N 210 64.39 2.29 -41.44
N ALA N 211 63.27 1.65 -41.12
CA ALA N 211 62.43 2.05 -39.98
C ALA N 211 63.12 1.80 -38.64
N ILE N 212 63.76 0.64 -38.51
CA ILE N 212 64.50 0.31 -37.29
C ILE N 212 65.68 1.26 -37.13
N LYS N 213 66.39 1.53 -38.22
CA LYS N 213 67.49 2.49 -38.18
C LYS N 213 67.04 3.85 -37.62
N SER N 214 65.89 4.34 -38.09
CA SER N 214 65.34 5.59 -37.56
C SER N 214 64.95 5.50 -36.08
N PHE N 215 64.39 4.37 -35.65
CA PHE N 215 64.10 4.16 -34.21
C PHE N 215 65.37 4.21 -33.35
N VAL N 216 66.44 3.59 -33.80
CA VAL N 216 67.70 3.60 -33.06
C VAL N 216 68.22 5.03 -32.94
N ARG N 217 68.15 5.79 -34.03
CA ARG N 217 68.55 7.19 -34.02
C ARG N 217 67.67 8.01 -33.07
N ARG N 218 66.37 7.76 -33.05
CA ARG N 218 65.48 8.45 -32.09
C ARG N 218 65.94 8.22 -30.64
N VAL N 219 66.29 6.99 -30.32
CA VAL N 219 66.78 6.64 -28.99
C VAL N 219 68.09 7.37 -28.69
N LEU N 220 69.01 7.37 -29.65
CA LEU N 220 70.27 8.09 -29.50
C LEU N 220 70.09 9.61 -29.34
N ASP N 221 69.03 10.14 -29.95
CA ASP N 221 68.69 11.55 -29.82
C ASP N 221 67.86 11.86 -28.57
N GLY N 222 67.61 10.88 -27.72
CA GLY N 222 67.02 11.11 -26.40
C GLY N 222 65.59 10.64 -26.20
N GLN N 223 65.00 9.98 -27.20
CA GLN N 223 63.64 9.46 -27.05
C GLN N 223 63.65 8.28 -26.08
N VAL N 224 62.79 8.35 -25.08
CA VAL N 224 62.75 7.38 -24.00
C VAL N 224 61.63 6.35 -24.15
N ALA N 225 60.43 6.79 -24.53
CA ALA N 225 59.28 5.90 -24.66
C ALA N 225 58.70 5.93 -26.07
N ASP N 226 57.91 4.92 -26.41
CA ASP N 226 57.09 4.96 -27.63
C ASP N 226 56.12 6.15 -27.51
N ASP N 227 55.84 6.79 -28.65
CA ASP N 227 54.82 7.85 -28.71
C ASP N 227 53.88 7.55 -29.88
N THR N 228 52.91 8.43 -30.14
CA THR N 228 51.91 8.14 -31.18
C THR N 228 52.56 7.86 -32.54
N LEU N 229 53.57 8.65 -32.90
CA LEU N 229 54.23 8.45 -34.19
C LEU N 229 54.95 7.11 -34.30
N SER N 230 55.67 6.68 -33.26
CA SER N 230 56.38 5.40 -33.33
C SER N 230 55.40 4.22 -33.30
N LEU N 231 54.27 4.39 -32.61
CA LEU N 231 53.22 3.37 -32.61
C LEU N 231 52.64 3.21 -34.02
N CYS N 232 52.46 4.34 -34.71
CA CYS N 232 51.93 4.35 -36.08
C CYS N 232 52.88 3.69 -37.06
N VAL N 233 54.17 4.03 -36.98
CA VAL N 233 55.18 3.44 -37.84
C VAL N 233 55.21 1.93 -37.67
N PHE N 234 55.20 1.50 -36.40
CA PHE N 234 55.15 0.07 -36.09
C PHE N 234 53.94 -0.59 -36.72
N ALA N 235 52.77 0.00 -36.51
CA ALA N 235 51.52 -0.53 -37.05
C ALA N 235 51.53 -0.60 -38.59
N SER N 236 52.07 0.43 -39.23
CA SER N 236 52.08 0.51 -40.71
C SER N 236 52.76 -0.69 -41.38
N ALA N 237 53.62 -1.39 -40.62
CA ALA N 237 54.32 -2.57 -41.14
C ALA N 237 53.33 -3.64 -41.64
N THR N 238 52.21 -3.78 -40.94
CA THR N 238 51.22 -4.82 -41.25
C THR N 238 50.39 -4.51 -42.49
N LEU N 239 50.46 -3.27 -42.98
CA LEU N 239 49.80 -2.84 -44.20
C LEU N 239 50.75 -2.85 -45.41
N GLY N 240 52.00 -3.25 -45.19
CA GLY N 240 53.04 -3.12 -46.20
C GLY N 240 53.26 -4.37 -47.04
N ALA N 241 53.77 -4.15 -48.25
CA ALA N 241 54.07 -5.22 -49.20
C ALA N 241 55.08 -6.23 -48.66
N ASP N 242 56.07 -5.76 -47.89
CA ASP N 242 57.09 -6.67 -47.38
C ASP N 242 56.50 -7.67 -46.38
N PHE N 243 55.62 -7.20 -45.49
CA PHE N 243 54.93 -8.11 -44.57
C PHE N 243 54.10 -9.16 -45.33
N ARG N 244 53.44 -8.74 -46.40
CA ARG N 244 52.66 -9.68 -47.22
C ARG N 244 53.57 -10.73 -47.87
N GLU N 245 54.75 -10.32 -48.33
CA GLU N 245 55.73 -11.26 -48.87
C GLU N 245 56.29 -12.20 -47.80
N GLY N 246 56.50 -11.66 -46.61
CA GLY N 246 56.98 -12.47 -45.48
C GLY N 246 56.02 -13.56 -45.07
N THR N 247 54.74 -13.22 -44.92
CA THR N 247 53.73 -14.20 -44.52
C THR N 247 53.41 -15.18 -45.65
N GLY N 248 53.36 -14.68 -46.88
CA GLY N 248 53.14 -15.54 -48.05
C GLY N 248 54.25 -16.58 -48.19
N ALA N 249 55.50 -16.12 -48.11
CA ALA N 249 56.66 -16.99 -48.13
C ALA N 249 56.64 -18.01 -46.99
N PHE N 250 56.23 -17.57 -45.81
CA PHE N 250 56.17 -18.49 -44.66
C PHE N 250 55.16 -19.62 -44.89
N LEU N 251 53.99 -19.27 -45.40
CA LEU N 251 52.97 -20.28 -45.69
C LEU N 251 53.41 -21.27 -46.76
N GLU N 252 54.18 -20.80 -47.75
CA GLU N 252 54.68 -21.65 -48.84
C GLU N 252 56.01 -22.35 -48.50
N LYS N 253 56.53 -22.08 -47.30
CA LYS N 253 57.79 -22.66 -46.82
C LYS N 253 58.94 -22.39 -47.78
N ARG N 254 59.04 -21.13 -48.21
CA ARG N 254 60.12 -20.67 -49.07
C ARG N 254 60.71 -19.40 -48.48
N PRO N 255 61.94 -19.05 -48.88
CA PRO N 255 62.53 -17.81 -48.37
C PRO N 255 61.80 -16.59 -48.93
N PRO N 256 61.60 -15.55 -48.11
CA PRO N 256 60.99 -14.35 -48.67
C PRO N 256 61.94 -13.67 -49.63
N VAL N 257 61.39 -13.05 -50.66
CA VAL N 257 62.16 -12.27 -51.61
C VAL N 257 61.74 -10.81 -51.44
N PHE N 258 62.58 -10.03 -50.76
CA PHE N 258 62.32 -8.61 -50.53
C PHE N 258 63.02 -7.80 -51.62
N MET O 1 15.21 8.90 -36.44
CA MET O 1 16.24 9.76 -37.06
C MET O 1 17.53 9.68 -36.26
N LYS O 2 18.51 8.94 -36.79
CA LYS O 2 19.80 8.77 -36.13
C LYS O 2 20.77 9.92 -36.43
N VAL O 3 21.25 10.57 -35.38
CA VAL O 3 22.16 11.70 -35.53
C VAL O 3 23.41 11.54 -34.66
N VAL O 4 24.58 11.65 -35.27
CA VAL O 4 25.81 11.58 -34.51
C VAL O 4 26.30 13.03 -34.42
N VAL O 5 26.34 13.55 -33.20
CA VAL O 5 26.72 14.92 -32.94
C VAL O 5 28.19 15.05 -32.50
N GLN O 6 28.90 16.01 -33.09
CA GLN O 6 30.29 16.24 -32.73
C GLN O 6 30.46 17.55 -31.98
N ILE O 7 31.27 17.53 -30.93
CA ILE O 7 31.59 18.74 -30.16
C ILE O 7 33.10 18.66 -29.92
N LYS O 8 33.84 19.66 -30.39
CA LYS O 8 35.29 19.64 -30.25
C LYS O 8 35.91 20.84 -29.54
N ASP O 9 35.21 21.96 -29.51
CA ASP O 9 35.73 23.16 -28.88
C ASP O 9 35.13 23.41 -27.50
N PHE O 10 35.98 23.34 -26.47
CA PHE O 10 35.52 23.54 -25.11
C PHE O 10 34.78 24.88 -24.91
N ASP O 11 35.30 25.95 -25.51
CA ASP O 11 34.67 27.25 -25.34
C ASP O 11 33.29 27.37 -25.98
N LYS O 12 32.91 26.38 -26.79
CA LYS O 12 31.61 26.40 -27.45
C LYS O 12 30.66 25.32 -26.93
N VAL O 13 31.08 24.61 -25.90
CA VAL O 13 30.24 23.56 -25.33
C VAL O 13 28.87 24.03 -24.86
N PRO O 14 28.82 25.14 -24.12
CA PRO O 14 27.49 25.60 -23.68
C PRO O 14 26.51 25.75 -24.84
N GLN O 15 26.93 26.44 -25.91
CA GLN O 15 26.05 26.62 -27.06
C GLN O 15 25.78 25.31 -27.78
N ALA O 16 26.78 24.44 -27.82
CA ALA O 16 26.60 23.14 -28.48
C ALA O 16 25.55 22.32 -27.76
N LEU O 17 25.62 22.30 -26.43
CA LEU O 17 24.64 21.55 -25.65
C LEU O 17 23.24 22.11 -25.84
N GLN O 18 23.12 23.43 -25.96
CA GLN O 18 21.79 24.00 -26.18
C GLN O 18 21.30 23.59 -27.56
N SER O 19 22.23 23.48 -28.50
CA SER O 19 21.88 23.05 -29.85
C SER O 19 21.38 21.61 -29.85
N VAL O 20 21.99 20.77 -29.02
CA VAL O 20 21.54 19.38 -28.92
C VAL O 20 20.12 19.36 -28.32
N LEU O 21 19.90 20.21 -27.33
CA LEU O 21 18.58 20.30 -26.71
C LEU O 21 17.59 20.73 -27.80
N ASN O 22 18.00 21.70 -28.62
CA ASN O 22 17.16 22.14 -29.74
C ASN O 22 16.86 20.98 -30.67
N LEU O 23 17.88 20.20 -31.01
CA LEU O 23 17.73 19.08 -31.93
C LEU O 23 16.68 18.11 -31.37
N PHE O 24 16.90 17.71 -30.12
CA PHE O 24 16.00 16.79 -29.43
C PHE O 24 14.56 17.31 -29.44
N LEU O 25 14.38 18.56 -29.06
CA LEU O 25 13.04 19.15 -29.03
C LEU O 25 12.38 19.24 -30.40
N ASP O 26 13.18 19.43 -31.45
CA ASP O 26 12.62 19.53 -32.79
C ASP O 26 12.38 18.23 -33.55
N LEU O 27 13.24 17.24 -33.36
CA LEU O 27 13.09 15.98 -34.07
C LEU O 27 12.51 14.89 -33.18
N GLY O 28 11.26 14.52 -33.47
CA GLY O 28 10.56 13.52 -32.69
C GLY O 28 11.27 12.18 -32.77
N ASN O 29 11.40 11.54 -31.61
CA ASN O 29 12.10 10.25 -31.51
C ASN O 29 13.51 10.25 -32.09
N ALA O 30 14.21 11.37 -31.98
CA ALA O 30 15.58 11.42 -32.46
C ALA O 30 16.43 10.44 -31.64
N GLU O 31 17.38 9.80 -32.30
CA GLU O 31 18.30 8.88 -31.63
C GLU O 31 19.62 9.63 -31.70
N ILE O 32 20.03 10.21 -30.59
CA ILE O 32 21.22 11.03 -30.56
C ILE O 32 22.41 10.50 -29.77
N GLU O 33 23.60 10.62 -30.37
CA GLU O 33 24.85 10.24 -29.73
C GLU O 33 25.75 11.46 -29.84
N VAL O 34 26.25 11.94 -28.71
CA VAL O 34 27.12 13.10 -28.73
C VAL O 34 28.54 12.67 -28.39
N VAL O 35 29.46 12.96 -29.30
CA VAL O 35 30.87 12.61 -29.13
C VAL O 35 31.72 13.85 -28.85
N LEU O 36 32.32 13.89 -27.66
CA LEU O 36 33.17 15.03 -27.31
C LEU O 36 34.64 14.66 -27.39
N HIS O 37 35.42 15.45 -28.14
CA HIS O 37 36.84 15.21 -28.26
C HIS O 37 37.64 16.50 -28.24
N GLN O 38 38.96 16.38 -28.36
CA GLN O 38 39.84 17.54 -28.27
C GLN O 38 39.55 18.21 -26.91
N SER O 39 39.60 19.53 -26.83
CA SER O 39 39.39 20.21 -25.56
C SER O 39 37.98 20.09 -24.98
N ALA O 40 37.00 19.79 -25.81
CA ALA O 40 35.64 19.67 -25.33
C ALA O 40 35.47 18.54 -24.30
N ILE O 41 36.40 17.60 -24.28
CA ILE O 41 36.31 16.48 -23.33
C ILE O 41 36.23 17.00 -21.89
N LYS O 42 36.80 18.16 -21.64
CA LYS O 42 36.79 18.72 -20.29
C LYS O 42 35.39 18.97 -19.76
N ALA O 43 34.42 19.09 -20.67
CA ALA O 43 33.05 19.33 -20.26
C ALA O 43 32.45 18.12 -19.56
N LEU O 44 33.10 16.96 -19.68
CA LEU O 44 32.56 15.74 -19.05
C LEU O 44 33.15 15.50 -17.66
N LEU O 45 33.90 16.46 -17.14
CA LEU O 45 34.47 16.32 -15.80
C LEU O 45 33.38 16.50 -14.75
N LEU O 46 33.52 15.82 -13.62
CA LEU O 46 32.56 15.95 -12.52
C LEU O 46 32.36 17.39 -12.04
N ASN O 47 33.40 18.22 -12.16
CA ASN O 47 33.32 19.59 -11.68
C ASN O 47 32.96 20.56 -12.81
N SER O 48 32.60 20.00 -13.96
CA SER O 48 32.28 20.78 -15.16
C SER O 48 31.13 21.76 -14.95
N PRO O 49 31.24 22.95 -15.51
CA PRO O 49 30.18 23.96 -15.39
C PRO O 49 28.93 23.55 -16.17
N THR O 50 29.07 22.64 -17.12
CA THR O 50 27.91 22.19 -17.87
C THR O 50 27.39 20.82 -17.42
N ARG O 51 27.87 20.34 -16.27
CA ARG O 51 27.44 19.04 -15.77
C ARG O 51 25.93 18.86 -15.71
N SER O 52 25.22 19.83 -15.14
CA SER O 52 23.77 19.72 -15.03
C SER O 52 23.09 19.61 -16.38
N ILE O 53 23.64 20.28 -17.39
CA ILE O 53 23.06 20.20 -18.72
C ILE O 53 23.32 18.82 -19.31
N ILE O 54 24.54 18.31 -19.15
CA ILE O 54 24.90 16.99 -19.64
C ILE O 54 24.02 15.93 -18.99
N GLU O 55 23.82 16.06 -17.68
CA GLU O 55 22.99 15.13 -16.93
C GLU O 55 21.55 15.16 -17.44
N GLU O 56 21.09 16.35 -17.83
CA GLU O 56 19.74 16.48 -18.37
C GLU O 56 19.62 15.80 -19.73
N LEU O 57 20.68 15.88 -20.53
CA LEU O 57 20.70 15.20 -21.83
C LEU O 57 20.62 13.69 -21.60
N ILE O 58 21.33 13.22 -20.58
CA ILE O 58 21.31 11.80 -20.23
C ILE O 58 19.89 11.40 -19.82
N LYS O 59 19.24 12.27 -19.08
CA LYS O 59 17.87 12.02 -18.64
C LYS O 59 16.96 11.87 -19.87
N LEU O 60 17.23 12.69 -20.88
CA LEU O 60 16.45 12.65 -22.12
C LEU O 60 16.85 11.47 -23.01
N ASN O 61 17.61 10.54 -22.43
CA ASN O 61 18.06 9.32 -23.13
C ASN O 61 19.04 9.57 -24.27
N ILE O 62 19.80 10.65 -24.17
CA ILE O 62 20.80 10.96 -25.18
C ILE O 62 22.12 10.29 -24.77
N LEU O 63 22.78 9.64 -25.71
CA LEU O 63 24.05 8.95 -25.42
C LEU O 63 25.21 9.95 -25.44
N ILE O 64 25.88 10.10 -24.30
CA ILE O 64 27.01 11.02 -24.19
C ILE O 64 28.30 10.21 -24.23
N VAL O 65 29.14 10.50 -25.22
CA VAL O 65 30.38 9.76 -25.41
C VAL O 65 31.65 10.62 -25.39
N GLY O 66 32.65 10.17 -24.65
CA GLY O 66 33.91 10.90 -24.57
C GLY O 66 35.04 10.14 -25.26
N CYS O 67 35.93 10.88 -25.93
CA CYS O 67 37.06 10.29 -26.64
C CYS O 67 38.23 9.94 -25.71
N GLU O 68 38.64 8.68 -25.71
CA GLU O 68 39.76 8.23 -24.87
C GLU O 68 41.06 8.93 -25.23
N HIS O 69 41.33 9.10 -26.53
CA HIS O 69 42.55 9.78 -26.94
C HIS O 69 42.59 11.17 -26.35
N SER O 70 41.44 11.84 -26.35
CA SER O 70 41.32 13.18 -25.79
C SER O 70 41.44 13.18 -24.27
N ILE O 71 40.84 12.17 -23.63
CA ILE O 71 40.94 12.06 -22.18
C ILE O 71 42.42 11.97 -21.81
N ARG O 72 43.17 11.16 -22.56
CA ARG O 72 44.60 10.99 -22.30
C ARG O 72 45.43 12.23 -22.54
N SER O 73 45.19 12.92 -23.66
CA SER O 73 45.95 14.13 -23.97
C SER O 73 45.64 15.30 -23.02
N GLN O 74 44.47 15.27 -22.38
CA GLN O 74 44.10 16.31 -21.43
C GLN O 74 44.44 15.88 -20.01
N ASN O 75 45.16 14.76 -19.90
CA ASN O 75 45.63 14.24 -18.62
C ASN O 75 44.50 14.07 -17.61
N LEU O 76 43.38 13.53 -18.07
CA LEU O 76 42.23 13.33 -17.19
C LEU O 76 42.09 11.85 -16.87
N ASP O 77 41.50 11.56 -15.71
CA ASP O 77 41.29 10.20 -15.24
C ASP O 77 39.82 9.87 -15.38
N HIS O 78 39.51 8.61 -15.71
CA HIS O 78 38.11 8.21 -15.86
C HIS O 78 37.36 8.43 -14.56
N ARG O 79 38.10 8.42 -13.47
CA ARG O 79 37.53 8.64 -12.14
C ARG O 79 37.00 10.07 -12.04
N GLN O 80 37.53 10.96 -12.86
CA GLN O 80 37.14 12.36 -12.87
C GLN O 80 35.91 12.70 -13.71
N LEU O 81 35.49 11.75 -14.53
CA LEU O 81 34.39 12.01 -15.46
C LEU O 81 33.01 11.77 -14.87
N ILE O 82 32.00 12.41 -15.47
CA ILE O 82 30.63 12.26 -15.03
C ILE O 82 30.21 10.79 -15.12
N ASP O 83 29.58 10.25 -14.07
CA ASP O 83 29.16 8.84 -14.10
C ASP O 83 28.13 8.58 -15.19
N GLY O 84 28.27 7.46 -15.89
CA GLY O 84 27.31 7.12 -16.93
C GLY O 84 27.76 7.56 -18.31
N ILE O 85 28.99 8.07 -18.38
CA ILE O 85 29.57 8.52 -19.64
C ILE O 85 30.22 7.32 -20.33
N LYS O 86 29.95 7.13 -21.62
CA LYS O 86 30.58 6.03 -22.35
C LYS O 86 31.82 6.62 -22.99
N ILE O 87 32.82 5.78 -23.21
CA ILE O 87 34.08 6.20 -23.82
C ILE O 87 34.40 5.34 -25.03
N VAL O 88 34.97 5.95 -26.07
CA VAL O 88 35.37 5.22 -27.26
C VAL O 88 36.86 5.47 -27.45
N ARG O 89 37.54 4.55 -28.14
CA ARG O 89 38.97 4.67 -28.35
C ARG O 89 39.32 5.98 -29.07
N SER O 90 38.49 6.36 -30.03
CA SER O 90 38.72 7.55 -30.83
C SER O 90 37.40 8.25 -31.12
N GLY O 91 37.33 9.53 -30.78
CA GLY O 91 36.12 10.29 -31.02
C GLY O 91 35.85 10.43 -32.51
N VAL O 92 36.91 10.72 -33.27
CA VAL O 92 36.77 10.86 -34.70
C VAL O 92 36.47 9.51 -35.37
N GLY O 93 37.03 8.44 -34.83
CA GLY O 93 36.77 7.12 -35.37
C GLY O 93 35.30 6.77 -35.16
N GLU O 94 34.75 7.14 -34.02
CA GLU O 94 33.35 6.87 -33.70
C GLU O 94 32.44 7.67 -34.64
N ILE O 95 32.77 8.94 -34.82
CA ILE O 95 31.99 9.83 -35.68
C ILE O 95 31.93 9.28 -37.09
N VAL O 96 33.07 8.85 -37.62
CA VAL O 96 33.12 8.29 -38.95
C VAL O 96 32.35 6.97 -39.04
N ARG O 97 32.58 6.07 -38.08
CA ARG O 97 31.89 4.78 -38.09
C ARG O 97 30.37 4.93 -37.96
N LYS O 98 29.90 5.78 -37.05
CA LYS O 98 28.46 5.96 -36.91
C LYS O 98 27.88 6.45 -38.23
N GLN O 99 28.58 7.36 -38.91
CA GLN O 99 28.08 7.84 -40.20
C GLN O 99 27.97 6.70 -41.21
N SER O 100 28.95 5.79 -41.19
CA SER O 100 28.92 4.67 -42.13
C SER O 100 27.75 3.75 -41.80
N GLU O 101 27.25 3.84 -40.57
CA GLU O 101 26.13 3.03 -40.14
C GLU O 101 24.80 3.74 -40.43
N GLY O 102 24.87 4.90 -41.08
CA GLY O 102 23.66 5.62 -41.44
C GLY O 102 23.28 6.79 -40.54
N TRP O 103 24.12 7.13 -39.58
CA TRP O 103 23.81 8.23 -38.69
C TRP O 103 24.12 9.55 -39.37
N ILE O 104 23.24 10.53 -39.21
CA ILE O 104 23.43 11.84 -39.80
C ILE O 104 24.37 12.67 -38.92
N TYR O 105 25.38 13.24 -39.57
CA TYR O 105 26.42 14.03 -38.91
C TYR O 105 26.07 15.49 -38.69
N LEU O 106 26.32 15.97 -37.48
CA LEU O 106 26.07 17.36 -37.11
C LEU O 106 27.27 17.85 -36.29
N ALA O 107 28.01 18.81 -36.84
CA ALA O 107 29.19 19.34 -36.14
C ALA O 107 28.82 20.61 -35.37
N LEU O 108 29.04 20.57 -34.05
CA LEU O 108 28.74 21.71 -33.21
C LEU O 108 30.00 22.18 -32.49
N MET P 10 16.28 -1.41 15.41
CA MET P 10 16.84 -0.03 15.26
C MET P 10 15.76 0.99 15.52
N SER P 11 16.16 2.13 16.07
CA SER P 11 15.20 3.20 16.40
C SER P 11 14.69 3.95 15.17
N LEU P 12 15.37 3.80 14.04
CA LEU P 12 14.90 4.33 12.75
C LEU P 12 15.16 3.26 11.69
N ARG P 13 14.11 2.80 11.02
CA ARG P 13 14.27 1.74 10.01
C ARG P 13 13.37 1.91 8.81
N LEU P 14 13.76 1.25 7.72
CA LEU P 14 13.03 1.32 6.45
C LEU P 14 12.36 -0.02 6.18
N GLU P 15 11.08 0.02 5.81
CA GLU P 15 10.37 -1.17 5.33
C GLU P 15 9.96 -0.95 3.89
N ARG P 16 10.33 -1.87 3.02
CA ARG P 16 10.00 -1.77 1.60
C ARG P 16 8.97 -2.83 1.23
N ASP P 17 7.82 -2.37 0.74
CA ASP P 17 6.69 -3.25 0.43
C ASP P 17 6.19 -2.94 -0.98
N GLY P 18 7.03 -3.22 -1.97
CA GLY P 18 6.68 -3.04 -3.38
C GLY P 18 6.65 -1.57 -3.78
N ALA P 19 5.47 -1.07 -4.13
CA ALA P 19 5.32 0.32 -4.52
C ALA P 19 5.46 1.28 -3.34
N VAL P 20 5.28 0.78 -2.13
CA VAL P 20 5.30 1.62 -0.92
C VAL P 20 6.50 1.29 -0.04
N ALA P 21 7.19 2.34 0.41
CA ALA P 21 8.20 2.21 1.46
C ALA P 21 7.75 3.01 2.66
N ARG P 22 8.18 2.55 3.84
CA ARG P 22 7.84 3.20 5.10
C ARG P 22 9.12 3.52 5.85
N LEU P 23 9.30 4.80 6.18
CA LEU P 23 10.34 5.24 7.09
C LEU P 23 9.69 5.28 8.49
N LEU P 24 10.09 4.34 9.34
CA LEU P 24 9.44 4.15 10.64
C LEU P 24 10.29 4.68 11.79
N ILE P 25 9.68 5.50 12.63
CA ILE P 25 10.32 6.00 13.85
C ILE P 25 9.82 5.13 15.03
N ASP P 26 10.74 4.43 15.68
CA ASP P 26 10.38 3.38 16.64
C ASP P 26 11.16 3.53 17.95
N ARG P 27 10.78 4.54 18.72
CA ARG P 27 11.41 4.81 20.01
C ARG P 27 10.35 5.33 20.98
N ALA P 28 9.33 4.51 21.22
CA ALA P 28 8.13 4.92 21.97
C ALA P 28 8.40 5.42 23.39
N ASP P 29 9.41 4.86 24.05
CA ASP P 29 9.72 5.25 25.44
C ASP P 29 10.37 6.63 25.57
N ARG P 30 10.79 7.22 24.44
CA ARG P 30 11.27 8.61 24.43
C ARG P 30 10.41 9.47 23.50
N ARG P 31 9.17 9.05 23.28
CA ARG P 31 8.23 9.76 22.41
C ARG P 31 8.82 10.05 21.03
N ASN P 32 9.52 9.06 20.49
CA ASN P 32 10.14 9.14 19.17
C ASN P 32 11.16 10.28 18.98
N ALA P 33 11.81 10.67 20.07
CA ALA P 33 12.86 11.69 20.01
C ALA P 33 14.07 11.19 19.24
N PHE P 34 14.66 12.09 18.44
CA PHE P 34 15.81 11.76 17.60
C PHE P 34 17.12 11.99 18.34
N SER P 35 17.98 10.98 18.28
CA SER P 35 19.36 11.09 18.73
C SER P 35 20.22 11.42 17.53
N LEU P 36 21.50 11.70 17.77
CA LEU P 36 22.43 12.02 16.70
C LEU P 36 22.57 10.86 15.71
N ASP P 37 22.66 9.64 16.22
CA ASP P 37 22.83 8.47 15.33
C ASP P 37 21.64 8.27 14.39
N MET P 38 20.44 8.58 14.87
CA MET P 38 19.22 8.48 14.06
C MET P 38 19.24 9.46 12.91
N TRP P 39 19.61 10.72 13.20
CA TRP P 39 19.78 11.74 12.16
C TRP P 39 20.79 11.29 11.09
N GLN P 40 21.91 10.74 11.54
CA GLN P 40 22.96 10.26 10.64
C GLN P 40 22.51 9.02 9.84
N ARG P 41 21.62 8.23 10.42
CA ARG P 41 21.09 7.03 9.80
C ARG P 41 20.07 7.31 8.69
N LEU P 42 19.32 8.40 8.82
CA LEU P 42 18.20 8.69 7.93
C LEU P 42 18.58 8.77 6.43
N PRO P 43 19.67 9.47 6.08
CA PRO P 43 20.10 9.49 4.67
C PRO P 43 20.42 8.12 4.07
N GLU P 44 20.96 7.21 4.89
CA GLU P 44 21.30 5.86 4.44
C GLU P 44 20.03 5.10 4.05
N LEU P 45 19.00 5.27 4.85
CA LEU P 45 17.72 4.62 4.59
C LEU P 45 17.03 5.20 3.36
N LEU P 46 17.15 6.52 3.17
CA LEU P 46 16.64 7.16 1.96
C LEU P 46 17.33 6.62 0.69
N ALA P 47 18.63 6.43 0.78
CA ALA P 47 19.41 5.87 -0.34
C ALA P 47 18.96 4.46 -0.67
N GLU P 48 18.73 3.63 0.36
CA GLU P 48 18.22 2.28 0.18
C GLU P 48 16.87 2.28 -0.54
N ALA P 49 15.96 3.14 -0.08
CA ALA P 49 14.64 3.25 -0.69
C ALA P 49 14.73 3.74 -2.13
N SER P 50 15.57 4.75 -2.36
CA SER P 50 15.68 5.35 -3.68
C SER P 50 16.22 4.38 -4.74
N GLY P 51 17.05 3.44 -4.32
CA GLY P 51 17.61 2.42 -5.23
C GLY P 51 16.63 1.36 -5.72
N ASP P 52 15.42 1.33 -5.14
CA ASP P 52 14.38 0.36 -5.52
C ASP P 52 13.51 0.90 -6.67
N ASP P 53 13.66 0.30 -7.86
CA ASP P 53 12.93 0.72 -9.06
C ASP P 53 11.41 0.54 -8.95
N ALA P 54 10.97 -0.38 -8.10
CA ALA P 54 9.53 -0.64 -7.91
C ALA P 54 8.83 0.43 -7.06
N LEU P 55 9.59 1.20 -6.30
CA LEU P 55 9.02 2.18 -5.38
C LEU P 55 8.23 3.27 -6.13
N ARG P 56 7.10 3.66 -5.55
CA ARG P 56 6.27 4.76 -6.06
C ARG P 56 6.02 5.86 -5.02
N VAL P 57 6.09 5.53 -3.74
CA VAL P 57 5.80 6.49 -2.68
C VAL P 57 6.48 6.07 -1.38
N LEU P 58 7.00 7.05 -0.65
CA LEU P 58 7.60 6.85 0.65
C LEU P 58 6.73 7.49 1.73
N VAL P 59 6.34 6.67 2.70
CA VAL P 59 5.56 7.15 3.83
C VAL P 59 6.47 7.27 5.06
N VAL P 60 6.41 8.42 5.72
CA VAL P 60 7.13 8.64 6.96
C VAL P 60 6.10 8.62 8.09
N LYS P 61 6.33 7.79 9.09
CA LYS P 61 5.36 7.62 10.17
C LYS P 61 5.97 7.01 11.41
N SER P 62 5.23 7.08 12.51
CA SER P 62 5.61 6.38 13.72
C SER P 62 5.37 4.89 13.54
N ALA P 63 6.27 4.07 14.09
CA ALA P 63 6.09 2.63 14.07
C ALA P 63 4.93 2.17 14.97
N ASN P 64 4.62 2.98 15.99
CA ASN P 64 3.67 2.59 17.05
C ASN P 64 2.53 3.59 17.25
N GLY P 65 2.16 4.33 16.21
CA GLY P 65 1.20 5.43 16.38
C GLY P 65 1.69 6.44 17.41
N GLY P 66 0.76 7.11 18.08
CA GLY P 66 1.10 8.09 19.10
C GLY P 66 1.94 9.22 18.53
N ALA P 67 2.89 9.70 19.32
CA ALA P 67 3.75 10.81 18.91
C ALA P 67 4.51 10.50 17.62
N PHE P 68 4.54 11.47 16.72
CA PHE P 68 5.28 11.35 15.48
C PHE P 68 6.77 11.47 15.77
N CYS P 69 7.15 12.57 16.42
CA CYS P 69 8.52 12.83 16.82
C CYS P 69 8.54 14.05 17.72
N ALA P 70 8.90 13.83 18.98
CA ALA P 70 8.91 14.90 19.98
C ALA P 70 10.13 15.84 19.84
N GLY P 71 10.98 15.59 18.83
CA GLY P 71 12.08 16.49 18.52
C GLY P 71 13.40 15.93 19.01
N ALA P 72 14.18 16.79 19.68
CA ALA P 72 15.51 16.43 20.13
C ALA P 72 15.47 15.53 21.37
N ASP P 73 16.36 14.55 21.38
CA ASP P 73 16.61 13.72 22.55
C ASP P 73 17.12 14.63 23.67
N ILE P 74 16.30 14.88 24.68
CA ILE P 74 16.63 15.87 25.71
C ILE P 74 17.83 15.46 26.58
N ALA P 75 17.91 14.18 26.92
CA ALA P 75 19.07 13.66 27.67
C ALA P 75 20.37 13.88 26.89
N GLU P 76 20.32 13.67 25.58
CA GLU P 76 21.47 13.90 24.71
C GLU P 76 21.81 15.39 24.63
N LEU P 77 20.78 16.23 24.47
CA LEU P 77 20.99 17.69 24.43
C LEU P 77 21.67 18.20 25.69
N LEU P 78 21.16 17.80 26.85
CA LEU P 78 21.67 18.29 28.13
C LEU P 78 23.07 17.74 28.44
N ALA P 79 23.29 16.46 28.15
CA ALA P 79 24.61 15.85 28.35
C ALA P 79 25.71 16.53 27.54
N ASN P 80 25.34 17.04 26.36
CA ASN P 80 26.31 17.64 25.43
C ASN P 80 26.22 19.16 25.30
N LYS P 81 25.53 19.81 26.23
CA LYS P 81 25.28 21.25 26.12
C LYS P 81 26.54 22.11 26.09
N ASP P 82 27.67 21.59 26.58
CA ASP P 82 28.95 22.31 26.53
C ASP P 82 29.95 21.68 25.55
N ASP P 83 29.47 20.86 24.61
CA ASP P 83 30.35 20.11 23.71
C ASP P 83 30.24 20.65 22.27
N ALA P 84 31.18 21.52 21.91
CA ALA P 84 31.16 22.18 20.59
C ALA P 84 31.20 21.19 19.43
N ALA P 85 31.95 20.10 19.60
CA ALA P 85 32.05 19.05 18.58
C ALA P 85 30.69 18.38 18.31
N PHE P 86 29.95 18.10 19.38
CA PHE P 86 28.62 17.53 19.25
C PHE P 86 27.67 18.50 18.54
N HIS P 87 27.70 19.77 18.93
CA HIS P 87 26.79 20.75 18.33
C HIS P 87 27.04 20.91 16.83
N LEU P 88 28.31 20.91 16.42
CA LEU P 88 28.66 21.06 15.01
C LEU P 88 28.29 19.79 14.22
N ALA P 89 28.58 18.63 14.78
CA ALA P 89 28.22 17.34 14.17
C ALA P 89 26.70 17.19 14.06
N ASN P 90 26.00 17.58 15.12
CA ASN P 90 24.55 17.47 15.16
C ASN P 90 23.89 18.41 14.15
N GLN P 91 24.38 19.64 14.07
CA GLN P 91 23.89 20.63 13.10
C GLN P 91 24.01 20.10 11.68
N GLN P 92 25.19 19.60 11.34
CA GLN P 92 25.44 19.06 10.00
C GLN P 92 24.58 17.84 9.68
N ALA P 93 24.42 16.94 10.65
CA ALA P 93 23.64 15.72 10.43
C ALA P 93 22.16 16.02 10.16
N ILE P 94 21.60 16.95 10.94
CA ILE P 94 20.21 17.35 10.76
C ILE P 94 20.02 18.01 9.40
N ASN P 95 20.93 18.92 9.05
CA ASN P 95 20.83 19.64 7.77
C ASN P 95 20.91 18.70 6.56
N ARG P 96 21.79 17.70 6.64
CA ARG P 96 21.87 16.70 5.58
C ARG P 96 20.54 15.94 5.45
N ALA P 97 20.01 15.48 6.58
CA ALA P 97 18.79 14.68 6.59
C ALA P 97 17.62 15.45 5.99
N GLN P 98 17.49 16.71 6.42
CA GLN P 98 16.42 17.58 5.96
C GLN P 98 16.53 17.86 4.45
N TYR P 99 17.75 18.13 4.01
CA TYR P 99 18.01 18.42 2.61
C TYR P 99 17.62 17.21 1.74
N GLU P 100 18.05 16.01 2.15
CA GLU P 100 17.86 14.81 1.35
C GLU P 100 16.40 14.35 1.36
N LEU P 101 15.76 14.38 2.51
CA LEU P 101 14.35 14.00 2.59
C LEU P 101 13.48 14.90 1.70
N ALA P 102 13.72 16.20 1.75
CA ALA P 102 12.93 17.17 0.97
C ALA P 102 13.10 17.00 -0.55
N ARG P 103 14.21 16.40 -0.96
CA ARG P 103 14.52 16.19 -2.37
C ARG P 103 14.51 14.72 -2.77
N PHE P 104 13.84 13.88 -1.99
CA PHE P 104 13.67 12.47 -2.34
C PHE P 104 13.00 12.38 -3.71
N ARG P 105 13.44 11.45 -4.57
CA ARG P 105 13.02 11.48 -5.97
C ARG P 105 11.51 11.24 -6.17
N LEU P 106 10.90 10.45 -5.29
CA LEU P 106 9.48 10.10 -5.38
C LEU P 106 8.61 10.87 -4.37
N PRO P 107 7.28 10.84 -4.57
CA PRO P 107 6.38 11.42 -3.59
C PRO P 107 6.60 10.88 -2.18
N THR P 108 6.54 11.78 -1.19
CA THR P 108 6.69 11.43 0.21
C THR P 108 5.51 11.99 1.01
N VAL P 109 5.06 11.21 1.99
CA VAL P 109 3.92 11.58 2.82
C VAL P 109 4.26 11.36 4.29
N ALA P 110 4.01 12.38 5.12
CA ALA P 110 4.14 12.24 6.57
C ALA P 110 2.76 11.92 7.16
N MET P 111 2.65 10.81 7.89
CA MET P 111 1.41 10.43 8.59
C MET P 111 1.61 10.77 10.04
N VAL P 112 0.97 11.84 10.51
CA VAL P 112 1.19 12.37 11.86
C VAL P 112 -0.01 12.04 12.77
N GLU P 113 0.24 11.27 13.83
CA GLU P 113 -0.82 10.79 14.73
C GLU P 113 -0.71 11.32 16.15
N GLY P 114 0.25 12.19 16.41
CA GLY P 114 0.48 12.72 17.73
C GLY P 114 1.41 13.90 17.66
N ASP P 115 2.15 14.13 18.75
CA ASP P 115 3.07 15.25 18.83
C ASP P 115 4.13 15.21 17.73
N CYS P 116 4.30 16.37 17.09
CA CYS P 116 5.25 16.56 16.01
C CYS P 116 5.95 17.89 16.32
N ILE P 117 7.05 17.82 17.06
CA ILE P 117 7.65 19.00 17.69
C ILE P 117 9.10 19.21 17.27
N GLY P 118 9.43 20.46 16.93
CA GLY P 118 10.80 20.88 16.68
C GLY P 118 11.43 20.21 15.48
N GLY P 119 12.45 19.40 15.74
CA GLY P 119 13.08 18.57 14.70
C GLY P 119 12.12 17.56 14.09
N GLY P 120 11.14 17.12 14.86
CA GLY P 120 10.08 16.27 14.35
C GLY P 120 9.25 17.00 13.32
N CYS P 121 8.96 18.28 13.60
CA CYS P 121 8.20 19.11 12.67
C CYS P 121 8.99 19.33 11.39
N GLY P 122 10.30 19.49 11.53
CA GLY P 122 11.20 19.58 10.39
C GLY P 122 11.10 18.38 9.45
N ILE P 123 11.07 17.17 10.03
CA ILE P 123 10.91 15.95 9.23
C ILE P 123 9.59 16.00 8.45
N ALA P 124 8.51 16.33 9.15
CA ALA P 124 7.19 16.44 8.52
C ALA P 124 7.17 17.49 7.41
N LEU P 125 7.82 18.62 7.67
CA LEU P 125 7.90 19.72 6.70
C LEU P 125 8.66 19.34 5.44
N ALA P 126 9.60 18.43 5.58
CA ALA P 126 10.42 17.98 4.47
C ALA P 126 9.67 16.99 3.55
N CYS P 127 8.58 16.40 4.02
CA CYS P 127 7.75 15.56 3.15
C CYS P 127 6.91 16.42 2.18
N ASP P 128 6.44 15.81 1.10
CA ASP P 128 5.65 16.52 0.09
C ASP P 128 4.29 16.94 0.60
N MET P 129 3.71 16.07 1.43
CA MET P 129 2.36 16.34 1.99
C MET P 129 2.25 15.68 3.36
N ARG P 130 1.35 16.18 4.20
CA ARG P 130 1.14 15.66 5.54
C ARG P 130 -0.35 15.37 5.75
N ILE P 131 -0.63 14.24 6.40
CA ILE P 131 -1.96 13.90 6.87
C ILE P 131 -1.93 13.91 8.39
N ALA P 132 -2.90 14.57 9.02
CA ALA P 132 -2.98 14.65 10.46
C ALA P 132 -4.22 13.92 10.99
N ALA P 133 -3.98 12.97 11.89
CA ALA P 133 -5.07 12.32 12.63
C ALA P 133 -5.52 13.23 13.78
N PRO P 134 -6.68 12.92 14.41
CA PRO P 134 -7.24 13.85 15.39
C PRO P 134 -6.36 14.22 16.58
N ALA P 135 -5.44 13.34 16.98
CA ALA P 135 -4.54 13.62 18.10
C ALA P 135 -3.26 14.36 17.70
N ALA P 136 -3.06 14.63 16.41
CA ALA P 136 -1.84 15.28 15.95
C ALA P 136 -1.66 16.67 16.58
N ARG P 137 -0.44 16.99 17.00
CA ARG P 137 -0.11 18.33 17.46
C ARG P 137 1.25 18.75 16.91
N PHE P 138 1.35 20.04 16.59
CA PHE P 138 2.54 20.58 15.92
C PHE P 138 3.08 21.78 16.66
N GLY P 139 4.40 21.86 16.73
CA GLY P 139 5.07 23.01 17.31
C GLY P 139 6.53 23.02 16.96
N ILE P 140 7.10 24.22 16.97
CA ILE P 140 8.50 24.44 16.72
C ILE P 140 9.00 25.30 17.87
N THR P 141 9.85 24.73 18.72
CA THR P 141 10.10 25.26 20.07
C THR P 141 11.52 25.76 20.43
N PRO P 142 12.37 26.08 19.43
CA PRO P 142 13.71 26.53 19.82
C PRO P 142 13.76 27.81 20.65
N ALA P 143 12.79 28.70 20.46
CA ALA P 143 12.76 29.97 21.20
C ALA P 143 12.61 29.79 22.70
N LYS P 144 12.14 28.61 23.13
CA LYS P 144 12.03 28.30 24.56
C LYS P 144 13.35 27.86 25.18
N LEU P 145 14.37 27.60 24.35
CA LEU P 145 15.71 27.27 24.85
C LEU P 145 16.80 28.23 24.36
N GLY P 146 16.43 29.34 23.74
CA GLY P 146 17.41 30.29 23.23
C GLY P 146 18.17 29.80 22.02
N LEU P 147 17.54 28.93 21.23
CA LEU P 147 18.14 28.40 20.02
C LEU P 147 17.43 28.97 18.78
N VAL P 148 17.97 28.63 17.61
CA VAL P 148 17.46 29.13 16.34
C VAL P 148 16.98 27.91 15.53
N TYR P 149 16.20 28.15 14.47
CA TYR P 149 15.77 27.11 13.55
C TYR P 149 16.59 27.24 12.25
N PRO P 150 17.00 26.11 11.63
CA PRO P 150 17.78 26.23 10.39
C PRO P 150 17.00 26.97 9.29
N LEU P 151 17.70 27.80 8.51
CA LEU P 151 17.06 28.57 7.45
C LEU P 151 16.34 27.66 6.44
N HIS P 152 16.97 26.53 6.10
CA HIS P 152 16.33 25.54 5.23
C HIS P 152 14.92 25.19 5.71
N ASP P 153 14.77 25.02 7.02
CA ASP P 153 13.49 24.63 7.59
C ASP P 153 12.54 25.80 7.84
N VAL P 154 13.09 26.99 8.09
CA VAL P 154 12.28 28.20 8.09
C VAL P 154 11.60 28.34 6.73
N LYS P 155 12.34 28.09 5.66
CA LYS P 155 11.78 28.20 4.33
C LYS P 155 10.68 27.14 4.08
N LEU P 156 10.92 25.90 4.48
CA LEU P 156 9.89 24.84 4.35
C LEU P 156 8.58 25.26 5.03
N LEU P 157 8.71 25.90 6.20
CA LEU P 157 7.55 26.33 6.94
C LEU P 157 6.86 27.49 6.25
N VAL P 158 7.61 28.50 5.86
CA VAL P 158 7.05 29.70 5.22
C VAL P 158 6.39 29.33 3.88
N ASP P 159 7.01 28.41 3.15
CA ASP P 159 6.45 27.88 1.89
C ASP P 159 4.98 27.44 2.07
N LEU P 160 4.67 26.81 3.20
CA LEU P 160 3.33 26.25 3.43
C LEU P 160 2.36 27.22 4.07
N VAL P 161 2.80 27.95 5.09
CA VAL P 161 1.86 28.72 5.92
C VAL P 161 2.03 30.24 5.83
N GLY P 162 3.04 30.69 5.10
CA GLY P 162 3.35 32.12 5.01
C GLY P 162 4.10 32.65 6.24
N PRO P 163 4.59 33.89 6.17
CA PRO P 163 5.45 34.45 7.22
C PRO P 163 4.72 34.80 8.52
N GLY P 164 3.44 35.16 8.43
CA GLY P 164 2.65 35.49 9.62
C GLY P 164 2.50 34.31 10.56
N GLN P 165 2.03 33.19 10.02
CA GLN P 165 1.85 31.98 10.83
C GLN P 165 3.20 31.37 11.21
N ALA P 166 4.17 31.45 10.31
CA ALA P 166 5.51 30.95 10.60
C ALA P 166 6.08 31.63 11.85
N ARG P 167 5.98 32.96 11.89
CA ARG P 167 6.45 33.71 13.05
C ARG P 167 5.61 33.46 14.30
N ARG P 168 4.29 33.33 14.15
CA ARG P 168 3.42 32.96 15.28
C ARG P 168 3.92 31.69 15.95
N LEU P 169 4.19 30.67 15.15
CA LEU P 169 4.60 29.37 15.68
C LEU P 169 6.00 29.41 16.27
N MET P 170 6.94 30.00 15.53
CA MET P 170 8.36 29.99 15.94
C MET P 170 8.67 30.96 17.05
N PHE P 171 8.00 32.11 17.10
CA PHE P 171 8.24 33.05 18.20
C PHE P 171 7.67 32.54 19.53
N THR P 172 6.50 31.91 19.50
CA THR P 172 5.84 31.46 20.74
C THR P 172 6.28 30.07 21.19
N GLY P 173 6.58 29.20 20.22
CA GLY P 173 6.81 27.79 20.53
C GLY P 173 5.56 27.09 21.02
N GLY P 174 4.40 27.67 20.74
CA GLY P 174 3.11 27.13 21.20
C GLY P 174 2.63 26.04 20.26
N LEU P 175 1.97 25.04 20.80
CA LEU P 175 1.44 23.94 20.00
C LEU P 175 0.12 24.33 19.36
N ILE P 176 -0.15 23.78 18.18
CA ILE P 176 -1.46 23.91 17.55
C ILE P 176 -2.00 22.52 17.27
N ASP P 177 -3.32 22.39 17.24
CA ASP P 177 -3.96 21.08 17.04
C ASP P 177 -4.13 20.74 15.55
N ALA P 178 -4.67 19.55 15.28
CA ALA P 178 -4.80 19.07 13.91
C ALA P 178 -5.65 20.00 13.04
N ASN P 179 -6.78 20.45 13.57
CA ASN P 179 -7.67 21.34 12.80
C ASN P 179 -7.05 22.69 12.46
N GLU P 180 -6.29 23.26 13.39
CA GLU P 180 -5.61 24.53 13.12
C GLU P 180 -4.48 24.33 12.09
N ALA P 181 -3.74 23.23 12.21
CA ALA P 181 -2.69 22.93 11.24
C ALA P 181 -3.27 22.75 9.83
N HIS P 182 -4.43 22.12 9.75
CA HIS P 182 -5.16 21.98 8.47
C HIS P 182 -5.62 23.35 7.96
N ARG P 183 -6.16 24.18 8.85
CA ARG P 183 -6.67 25.50 8.49
C ARG P 183 -5.58 26.42 7.92
N ILE P 184 -4.39 26.39 8.50
CA ILE P 184 -3.32 27.31 8.10
C ILE P 184 -2.41 26.76 7.00
N GLY P 185 -2.66 25.55 6.54
CA GLY P 185 -1.89 24.94 5.45
C GLY P 185 -0.64 24.19 5.88
N LEU P 186 -0.51 23.89 7.17
CA LEU P 186 0.64 23.13 7.66
C LEU P 186 0.49 21.65 7.28
N VAL P 187 -0.74 21.16 7.30
CA VAL P 187 -1.05 19.82 6.77
C VAL P 187 -2.12 19.94 5.70
N GLU P 188 -2.06 19.07 4.71
CA GLU P 188 -2.94 19.17 3.55
C GLU P 188 -4.23 18.41 3.76
N LEU P 189 -4.20 17.39 4.61
CA LEU P 189 -5.31 16.45 4.76
C LEU P 189 -5.52 16.06 6.21
N LEU P 190 -6.79 15.89 6.59
CA LEU P 190 -7.17 15.27 7.85
C LEU P 190 -7.65 13.86 7.57
N GLY P 191 -7.24 12.91 8.41
CA GLY P 191 -7.67 11.51 8.24
C GLY P 191 -6.99 10.58 9.22
N GLU P 192 -7.54 9.38 9.35
CA GLU P 192 -7.04 8.39 10.30
C GLU P 192 -5.91 7.53 9.71
N SER P 193 -5.83 7.49 8.38
CA SER P 193 -4.93 6.58 7.70
C SER P 193 -4.39 7.17 6.39
N GLU P 194 -3.17 6.78 6.04
CA GLU P 194 -2.56 7.19 4.77
C GLU P 194 -2.96 6.30 3.58
N ASP P 195 -3.69 5.21 3.85
CA ASP P 195 -3.96 4.16 2.85
C ASP P 195 -4.57 4.66 1.54
N ALA P 196 -5.58 5.52 1.65
CA ALA P 196 -6.28 6.03 0.47
C ALA P 196 -5.36 6.87 -0.40
N LEU P 197 -4.62 7.78 0.23
CA LEU P 197 -3.71 8.64 -0.53
C LEU P 197 -2.60 7.82 -1.19
N VAL P 198 -2.03 6.90 -0.43
CA VAL P 198 -0.95 6.04 -0.92
C VAL P 198 -1.41 5.19 -2.09
N GLY P 199 -2.64 4.70 -2.01
CA GLY P 199 -3.26 3.98 -3.11
C GLY P 199 -3.32 4.83 -4.38
N GLN P 200 -3.70 6.09 -4.25
CA GLN P 200 -3.78 6.99 -5.41
C GLN P 200 -2.38 7.28 -5.97
N LEU P 201 -1.45 7.59 -5.09
CA LEU P 201 -0.07 7.91 -5.49
C LEU P 201 0.64 6.74 -6.16
N ALA P 202 0.35 5.52 -5.69
CA ALA P 202 1.04 4.33 -6.18
C ALA P 202 0.64 3.92 -7.60
N THR P 203 -0.52 4.36 -8.06
CA THR P 203 -1.06 3.93 -9.36
C THR P 203 -0.81 4.89 -10.54
N VAL P 204 -0.33 6.11 -10.27
CA VAL P 204 -0.02 7.06 -11.35
C VAL P 204 1.39 6.85 -11.91
N SER P 205 1.73 7.54 -12.98
CA SER P 205 3.07 7.45 -13.59
C SER P 205 4.17 8.00 -12.68
N SER P 206 5.17 7.17 -12.40
CA SER P 206 6.34 7.61 -11.61
C SER P 206 7.29 8.47 -12.44
N PHE P 207 7.22 8.39 -13.75
CA PHE P 207 7.89 9.39 -14.59
C PHE P 207 7.30 10.76 -14.28
N SER P 208 5.97 10.85 -14.35
CA SER P 208 5.26 12.10 -14.12
C SER P 208 5.52 12.70 -12.74
N THR P 209 5.35 11.91 -11.67
CA THR P 209 5.48 12.44 -10.31
C THR P 209 6.87 12.99 -10.06
N GLN P 210 7.90 12.26 -10.51
CA GLN P 210 9.26 12.68 -10.28
C GLN P 210 9.60 13.97 -11.03
N ALA P 211 9.14 14.06 -12.28
CA ALA P 211 9.37 15.25 -13.11
C ALA P 211 8.60 16.47 -12.59
N ILE P 212 7.34 16.26 -12.20
CA ILE P 212 6.52 17.33 -11.62
C ILE P 212 7.12 17.79 -10.30
N LYS P 213 7.54 16.84 -9.48
CA LYS P 213 8.19 17.18 -8.22
C LYS P 213 9.40 18.12 -8.44
N SER P 214 10.24 17.80 -9.42
CA SER P 214 11.36 18.67 -9.76
C SER P 214 10.92 20.05 -10.26
N PHE P 215 9.86 20.11 -11.07
CA PHE P 215 9.30 21.42 -11.51
C PHE P 215 8.85 22.28 -10.33
N VAL P 216 8.16 21.68 -9.36
CA VAL P 216 7.70 22.41 -8.18
C VAL P 216 8.90 22.96 -7.41
N ARG P 217 9.93 22.15 -7.26
CA ARG P 217 11.15 22.57 -6.57
C ARG P 217 11.83 23.72 -7.35
N ARG P 218 11.86 23.64 -8.68
CA ARG P 218 12.41 24.75 -9.48
C ARG P 218 11.68 26.06 -9.19
N VAL P 219 10.36 26.01 -9.11
CA VAL P 219 9.54 27.18 -8.79
C VAL P 219 9.87 27.71 -7.40
N LEU P 220 9.97 26.80 -6.43
CA LEU P 220 10.33 27.18 -5.07
C LEU P 220 11.73 27.78 -4.97
N ASP P 221 12.62 27.35 -5.85
CA ASP P 221 13.98 27.89 -5.91
C ASP P 221 14.08 29.17 -6.76
N GLY P 222 12.97 29.67 -7.26
CA GLY P 222 12.93 30.99 -7.89
C GLY P 222 12.73 31.02 -9.40
N GLN P 223 12.52 29.86 -10.02
CA GLN P 223 12.28 29.84 -11.47
C GLN P 223 10.89 30.40 -11.76
N VAL P 224 10.85 31.37 -12.66
CA VAL P 224 9.63 32.11 -12.98
C VAL P 224 8.95 31.63 -14.27
N ALA P 225 9.73 31.38 -15.31
CA ALA P 225 9.17 30.98 -16.62
C ALA P 225 9.73 29.63 -17.07
N ASP P 226 9.04 29.00 -18.01
CA ASP P 226 9.61 27.84 -18.72
C ASP P 226 10.88 28.28 -19.43
N ASP P 227 11.87 27.39 -19.49
CA ASP P 227 13.09 27.63 -20.28
C ASP P 227 13.35 26.41 -21.17
N THR P 228 14.44 26.41 -21.93
CA THR P 228 14.69 25.32 -22.88
C THR P 228 14.69 23.95 -22.20
N LEU P 229 15.32 23.85 -21.03
CA LEU P 229 15.37 22.58 -20.32
C LEU P 229 14.00 22.08 -19.86
N SER P 230 13.15 22.96 -19.32
CA SER P 230 11.82 22.52 -18.89
C SER P 230 10.91 22.18 -20.07
N LEU P 231 11.10 22.86 -21.20
CA LEU P 231 10.38 22.54 -22.42
C LEU P 231 10.76 21.15 -22.92
N CYS P 232 12.05 20.82 -22.82
CA CYS P 232 12.58 19.52 -23.23
C CYS P 232 12.04 18.39 -22.35
N VAL P 233 12.07 18.59 -21.03
CA VAL P 233 11.56 17.61 -20.09
C VAL P 233 10.09 17.32 -20.38
N PHE P 234 9.31 18.39 -20.56
CA PHE P 234 7.91 18.27 -20.91
C PHE P 234 7.73 17.45 -22.18
N ALA P 235 8.46 17.81 -23.22
CA ALA P 235 8.37 17.12 -24.50
C ALA P 235 8.76 15.63 -24.39
N SER P 236 9.79 15.32 -23.62
CA SER P 236 10.29 13.95 -23.48
C SER P 236 9.22 12.96 -22.99
N ALA P 237 8.17 13.49 -22.35
CA ALA P 237 7.08 12.64 -21.86
C ALA P 237 6.42 11.84 -22.99
N THR P 238 6.33 12.44 -24.17
CA THR P 238 5.65 11.81 -25.31
C THR P 238 6.47 10.71 -25.97
N LEU P 239 7.76 10.63 -25.62
CA LEU P 239 8.66 9.58 -26.09
C LEU P 239 8.80 8.44 -25.08
N GLY P 240 8.10 8.55 -23.95
CA GLY P 240 8.29 7.63 -22.83
C GLY P 240 7.33 6.46 -22.79
N ALA P 241 7.79 5.38 -22.15
CA ALA P 241 6.99 4.17 -22.01
C ALA P 241 5.68 4.39 -21.24
N ASP P 242 5.69 5.28 -20.25
CA ASP P 242 4.48 5.52 -19.47
C ASP P 242 3.38 6.15 -20.32
N PHE P 243 3.74 7.13 -21.16
CA PHE P 243 2.76 7.73 -22.08
C PHE P 243 2.18 6.67 -23.02
N ARG P 244 3.02 5.77 -23.51
CA ARG P 244 2.54 4.70 -24.40
C ARG P 244 1.56 3.76 -23.66
N GLU P 245 1.83 3.48 -22.39
CA GLU P 245 0.91 2.69 -21.58
C GLU P 245 -0.40 3.43 -21.30
N GLY P 246 -0.29 4.74 -21.07
CA GLY P 246 -1.46 5.58 -20.85
C GLY P 246 -2.40 5.62 -22.03
N THR P 247 -1.86 5.86 -23.22
CA THR P 247 -2.68 5.93 -24.44
C THR P 247 -3.21 4.56 -24.85
N GLY P 248 -2.38 3.53 -24.71
CA GLY P 248 -2.79 2.15 -25.00
C GLY P 248 -3.94 1.72 -24.11
N ALA P 249 -3.80 1.96 -22.82
CA ALA P 249 -4.86 1.69 -21.83
C ALA P 249 -6.13 2.47 -22.15
N PHE P 250 -5.98 3.73 -22.55
CA PHE P 250 -7.16 4.55 -22.87
C PHE P 250 -7.93 3.97 -24.06
N LEU P 251 -7.22 3.58 -25.11
CA LEU P 251 -7.86 2.98 -26.28
C LEU P 251 -8.57 1.66 -25.96
N GLU P 252 -8.00 0.88 -25.04
CA GLU P 252 -8.59 -0.41 -24.63
C GLU P 252 -9.61 -0.28 -23.49
N LYS P 253 -9.82 0.96 -23.02
CA LYS P 253 -10.76 1.26 -21.94
C LYS P 253 -10.47 0.44 -20.68
N ARG P 254 -9.19 0.41 -20.31
CA ARG P 254 -8.74 -0.25 -19.10
C ARG P 254 -7.85 0.71 -18.31
N PRO P 255 -7.66 0.45 -17.02
CA PRO P 255 -6.77 1.30 -16.24
C PRO P 255 -5.32 1.12 -16.67
N PRO P 256 -4.55 2.22 -16.73
CA PRO P 256 -3.14 2.04 -17.06
C PRO P 256 -2.41 1.33 -15.92
N VAL P 257 -1.42 0.53 -16.26
CA VAL P 257 -0.57 -0.13 -15.28
C VAL P 257 0.82 0.46 -15.42
N PHE P 258 1.18 1.36 -14.49
CA PHE P 258 2.49 2.00 -14.49
C PHE P 258 3.41 1.21 -13.57
#